data_5AZ4
#
_entry.id   5AZ4
#
_cell.length_a   75.457
_cell.length_b   173.541
_cell.length_c   147.086
_cell.angle_alpha   90.00
_cell.angle_beta   102.66
_cell.angle_gamma   90.00
#
_symmetry.space_group_name_H-M   'P 1 21 1'
#
loop_
_entity.id
_entity.type
_entity.pdbx_description
1 polymer 'Flagellar hook subunit protein'
2 water water
#
_entity_poly.entity_id   1
_entity_poly.type   'polypeptide(L)'
_entity_poly.pdbx_seq_one_letter_code
;NTDVAINGDGFFMVSDDGGLTNYLTRSGDFKLDAYGNFVNNAGFVVQGWNINWDDQTIDSSRTPQNIFIDPGMHIPAAKS
TEVAIKANLNSGLNIGTSSRNLYALDSVHGWNTKTQRAEDENDTGTTQFYTTSKNSVEVTEKGVDAGSLFNAKGQGLNLR
DGQGIWVSYADATYSTNKVGVNAFDPNLQQNQTAAFWGTANQKVNLDITLNGVRIQNADIQSIDDAIAYINTFTAPTDTR
DGTGVKAVKNKDGSGIDFVNDNADGTTDNMKNINLVVANTNTAGELWNAVWNNNNQTFTFNNNGNGQAGTPTINKNGSSL
WTATNITFTPQPPQAATNVQLTGGLNAQIITAHKYIYSSNPVDIGPMYNPDGGPAFQPGANATTRPTEPGSAAYWDAVNG
GLLNTNVRTFRTTEDLRELLQRDARYGVDYDGSGTFAAADINQNIKVVVTADGHFAISNANEQSTVPPNAINGVGNATTT
DPKNMSFNITAYSNKQGTVSTNDAFTAIFKAFDGPLVIGNQIKESEQLKLSAFSAGLEIYDSLGSKHTLEVQFVKQSTTQ
DGGNEWQMIIRVPEPAEINTTGEGPNNIIVGTARFNNDGSLASYTPRTINFSPNNGAAPNQQIKLSFGTSGSNDGLVSSN
SASTLTGQATDGYTSGNLKPDAIRVDDKGNILGEFTNGKTFAVAKIAMASVANNSGLEEIGGNLFKVTANSGNIVVGEAG
TGGRGEMKTSALEMSNVDLSR
;
_entity_poly.pdbx_strand_id   A,B,C,D
#
# COMPACT_ATOMS: atom_id res chain seq x y z
N VAL A 4 1.14 -19.60 -71.35
CA VAL A 4 0.42 -20.86 -71.45
C VAL A 4 -0.46 -21.10 -70.22
N ALA A 5 -1.33 -20.14 -69.96
CA ALA A 5 -2.28 -20.22 -68.86
C ALA A 5 -3.39 -21.22 -69.17
N ILE A 6 -3.36 -22.39 -68.54
CA ILE A 6 -4.39 -23.39 -68.79
C ILE A 6 -5.36 -23.49 -67.62
N ASN A 7 -6.51 -24.13 -67.85
CA ASN A 7 -7.51 -24.35 -66.82
C ASN A 7 -8.32 -25.60 -67.10
N GLY A 8 -8.06 -26.67 -66.34
CA GLY A 8 -8.87 -27.87 -66.41
C GLY A 8 -10.16 -27.59 -65.67
N ASP A 9 -9.99 -27.06 -64.47
CA ASP A 9 -11.08 -26.68 -63.59
C ASP A 9 -11.58 -25.27 -63.90
N GLY A 10 -12.86 -25.14 -64.21
CA GLY A 10 -13.41 -23.83 -64.55
C GLY A 10 -13.31 -23.64 -66.04
N PHE A 11 -14.30 -22.98 -66.64
CA PHE A 11 -14.39 -23.00 -68.09
C PHE A 11 -14.27 -21.64 -68.81
N PHE A 12 -13.55 -21.69 -69.93
CA PHE A 12 -13.58 -20.70 -71.01
C PHE A 12 -13.13 -19.26 -70.77
N MET A 13 -11.96 -18.94 -71.33
CA MET A 13 -11.46 -17.58 -71.36
C MET A 13 -12.24 -16.78 -72.40
N VAL A 14 -12.33 -15.47 -72.23
CA VAL A 14 -12.97 -14.63 -73.23
C VAL A 14 -11.88 -14.15 -74.20
N SER A 15 -12.24 -13.87 -75.45
CA SER A 15 -11.29 -13.34 -76.42
C SER A 15 -12.02 -12.47 -77.41
N ASP A 16 -11.32 -11.50 -77.98
CA ASP A 16 -11.98 -10.49 -78.80
C ASP A 16 -11.01 -9.82 -79.77
N ASP A 17 -11.52 -9.46 -80.94
CA ASP A 17 -10.76 -8.67 -81.91
C ASP A 17 -11.64 -7.48 -82.31
N GLY A 18 -11.12 -6.27 -82.14
CA GLY A 18 -11.96 -5.09 -82.24
C GLY A 18 -12.83 -5.01 -81.01
N GLY A 19 -13.70 -4.01 -80.94
CA GLY A 19 -14.64 -3.92 -79.83
C GLY A 19 -15.74 -4.95 -79.95
N LEU A 20 -16.61 -5.03 -78.94
CA LEU A 20 -17.75 -5.96 -78.92
C LEU A 20 -17.31 -7.40 -79.22
N THR A 21 -18.15 -8.13 -79.94
CA THR A 21 -17.91 -9.51 -80.40
C THR A 21 -16.87 -10.31 -79.62
N ASN A 22 -17.30 -10.86 -78.48
CA ASN A 22 -16.42 -11.70 -77.68
C ASN A 22 -16.48 -13.15 -78.18
N TYR A 23 -15.45 -13.92 -77.85
CA TYR A 23 -15.44 -15.35 -78.21
C TYR A 23 -14.86 -16.15 -77.05
N LEU A 24 -14.96 -17.48 -77.13
CA LEU A 24 -14.50 -18.32 -76.04
C LEU A 24 -13.51 -19.38 -76.49
N THR A 25 -12.53 -19.65 -75.63
CA THR A 25 -11.50 -20.63 -75.93
C THR A 25 -10.98 -21.21 -74.61
N ARG A 26 -10.71 -22.51 -74.61
CA ARG A 26 -10.07 -23.12 -73.45
C ARG A 26 -8.55 -23.18 -73.69
N SER A 27 -8.16 -22.77 -74.88
CA SER A 27 -6.74 -22.66 -75.26
C SER A 27 -6.15 -21.47 -74.52
N GLY A 28 -4.97 -21.66 -73.93
CA GLY A 28 -4.37 -20.63 -73.10
C GLY A 28 -3.04 -20.07 -73.58
N ASP A 29 -2.64 -20.42 -74.80
CA ASP A 29 -1.37 -19.98 -75.35
C ASP A 29 -1.31 -18.46 -75.50
N PHE A 30 -0.93 -17.79 -74.42
CA PHE A 30 -0.98 -16.34 -74.34
C PHE A 30 0.39 -15.70 -74.24
N LYS A 31 0.54 -14.54 -74.87
CA LYS A 31 1.77 -13.77 -74.76
C LYS A 31 1.48 -12.29 -74.88
N LEU A 32 2.51 -11.49 -74.69
CA LEU A 32 2.40 -10.04 -74.80
C LEU A 32 3.02 -9.67 -76.14
N ASP A 33 2.42 -8.72 -76.85
CA ASP A 33 2.99 -8.29 -78.11
C ASP A 33 3.93 -7.12 -77.89
N ALA A 34 4.51 -6.59 -78.96
CA ALA A 34 5.43 -5.47 -78.81
C ALA A 34 4.71 -4.13 -78.71
N TYR A 35 3.38 -4.18 -78.68
CA TYR A 35 2.59 -2.96 -78.61
C TYR A 35 1.76 -2.91 -77.32
N GLY A 36 1.91 -3.90 -76.46
CA GLY A 36 1.27 -3.85 -75.15
C GLY A 36 -0.01 -4.65 -74.98
N ASN A 37 -0.48 -5.29 -76.04
CA ASN A 37 -1.72 -6.06 -75.94
C ASN A 37 -1.45 -7.52 -75.61
N PHE A 38 -2.19 -8.02 -74.62
CA PHE A 38 -2.05 -9.41 -74.22
C PHE A 38 -2.95 -10.23 -75.14
N VAL A 39 -2.34 -11.12 -75.93
CA VAL A 39 -3.05 -11.77 -77.01
C VAL A 39 -2.76 -13.26 -77.08
N ASN A 40 -3.47 -13.94 -77.96
CA ASN A 40 -3.16 -15.32 -78.29
C ASN A 40 -2.43 -15.30 -79.62
N ASN A 41 -1.99 -16.47 -80.08
CA ASN A 41 -1.26 -16.55 -81.34
C ASN A 41 -2.08 -16.08 -82.54
N ALA A 42 -3.40 -16.19 -82.44
CA ALA A 42 -4.30 -15.72 -83.49
C ALA A 42 -4.49 -14.22 -83.44
N GLY A 43 -3.83 -13.57 -82.49
CA GLY A 43 -3.89 -12.12 -82.38
C GLY A 43 -5.15 -11.60 -81.74
N PHE A 44 -5.83 -12.45 -80.98
CA PHE A 44 -7.06 -12.05 -80.31
C PHE A 44 -6.66 -11.57 -78.93
N VAL A 45 -7.10 -10.38 -78.54
CA VAL A 45 -6.67 -9.83 -77.27
C VAL A 45 -7.57 -10.38 -76.16
N VAL A 46 -6.94 -10.96 -75.15
CA VAL A 46 -7.67 -11.57 -74.04
C VAL A 46 -8.44 -10.49 -73.30
N GLN A 47 -9.60 -10.85 -72.76
CA GLN A 47 -10.41 -9.88 -72.05
C GLN A 47 -10.27 -10.07 -70.55
N GLY A 48 -10.20 -8.95 -69.84
CA GLY A 48 -10.04 -8.96 -68.40
C GLY A 48 -10.14 -7.54 -67.88
N TRP A 49 -9.48 -7.30 -66.76
CA TRP A 49 -9.52 -5.98 -66.16
C TRP A 49 -8.10 -5.45 -66.01
N ASN A 50 -7.95 -4.14 -66.16
CA ASN A 50 -6.63 -3.52 -66.06
C ASN A 50 -6.48 -2.88 -64.70
N ILE A 51 -5.23 -2.70 -64.27
CA ILE A 51 -4.99 -2.05 -62.99
C ILE A 51 -5.25 -0.57 -63.17
N ASN A 52 -5.80 0.05 -62.12
CA ASN A 52 -5.87 1.49 -62.05
C ASN A 52 -4.72 1.99 -61.20
N TRP A 53 -3.74 2.63 -61.84
CA TRP A 53 -2.51 3.01 -61.15
C TRP A 53 -2.74 4.10 -60.12
N ASP A 54 -3.86 4.81 -60.25
CA ASP A 54 -4.18 5.88 -59.34
C ASP A 54 -4.42 5.33 -57.92
N ASP A 55 -4.95 4.10 -57.83
CA ASP A 55 -5.11 3.47 -56.52
C ASP A 55 -4.54 2.05 -56.48
N GLN A 56 -3.97 1.61 -57.60
CA GLN A 56 -3.39 0.27 -57.73
C GLN A 56 -4.39 -0.83 -57.38
N THR A 57 -5.60 -0.68 -57.88
CA THR A 57 -6.67 -1.65 -57.64
C THR A 57 -7.17 -2.20 -58.98
N ILE A 58 -7.70 -3.41 -58.96
CA ILE A 58 -8.31 -3.98 -60.16
C ILE A 58 -9.79 -4.18 -59.86
N ASP A 59 -10.64 -3.41 -60.56
CA ASP A 59 -12.08 -3.49 -60.39
C ASP A 59 -12.74 -4.51 -61.32
N SER A 60 -12.98 -5.71 -60.78
CA SER A 60 -13.60 -6.77 -61.55
C SER A 60 -15.09 -6.55 -61.80
N SER A 61 -15.65 -5.50 -61.20
CA SER A 61 -17.06 -5.21 -61.37
C SER A 61 -17.34 -4.54 -62.71
N ARG A 62 -16.32 -3.85 -63.23
CA ARG A 62 -16.45 -3.14 -64.50
C ARG A 62 -16.58 -4.09 -65.69
N THR A 63 -17.00 -3.56 -66.83
CA THR A 63 -17.13 -4.36 -68.04
C THR A 63 -15.74 -4.78 -68.54
N PRO A 64 -15.56 -6.08 -68.81
CA PRO A 64 -14.29 -6.58 -69.34
C PRO A 64 -13.90 -5.97 -70.67
N GLN A 65 -12.64 -5.57 -70.79
CA GLN A 65 -12.13 -4.97 -72.02
C GLN A 65 -10.74 -5.52 -72.35
N ASN A 66 -10.06 -4.92 -73.31
CA ASN A 66 -8.73 -5.37 -73.69
C ASN A 66 -7.69 -5.22 -72.59
N ILE A 67 -6.97 -6.31 -72.31
CA ILE A 67 -5.88 -6.26 -71.36
C ILE A 67 -4.67 -5.57 -71.99
N PHE A 68 -4.32 -4.39 -71.48
CA PHE A 68 -3.21 -3.61 -72.03
C PHE A 68 -2.08 -3.37 -71.04
N ILE A 69 -0.90 -3.87 -71.39
CA ILE A 69 0.30 -3.76 -70.55
C ILE A 69 1.46 -3.13 -71.33
N ASP A 70 1.66 -1.82 -71.14
CA ASP A 70 2.80 -1.12 -71.73
C ASP A 70 4.10 -1.82 -71.36
N PRO A 71 4.85 -2.27 -72.37
CA PRO A 71 6.11 -3.01 -72.20
C PRO A 71 7.22 -2.14 -71.64
N GLY A 72 7.29 -0.89 -72.07
CA GLY A 72 8.31 0.03 -71.64
C GLY A 72 7.79 0.91 -70.51
N MET A 73 6.86 0.35 -69.74
CA MET A 73 6.21 1.08 -68.66
C MET A 73 7.12 1.41 -67.48
N HIS A 74 7.05 2.67 -67.05
CA HIS A 74 7.86 3.19 -65.96
C HIS A 74 6.95 3.48 -64.78
N ILE A 75 7.31 2.97 -63.60
CA ILE A 75 6.55 3.33 -62.41
C ILE A 75 7.38 4.29 -61.57
N PRO A 76 6.78 5.44 -61.22
CA PRO A 76 7.49 6.44 -60.43
C PRO A 76 7.71 5.97 -59.00
N ALA A 77 8.73 6.49 -58.34
CA ALA A 77 8.99 6.13 -56.95
C ALA A 77 7.82 6.54 -56.07
N ALA A 78 7.58 5.76 -55.02
CA ALA A 78 6.55 6.12 -54.05
C ALA A 78 7.18 6.16 -52.67
N LYS A 79 6.87 7.20 -51.92
CA LYS A 79 7.43 7.38 -50.58
C LYS A 79 6.70 6.53 -49.55
N SER A 80 7.41 6.15 -48.50
CA SER A 80 6.85 5.36 -47.43
C SER A 80 5.88 6.20 -46.59
N THR A 81 4.71 5.63 -46.29
CA THR A 81 3.75 6.27 -45.40
C THR A 81 3.62 5.46 -44.13
N GLU A 82 4.33 4.34 -44.11
CA GLU A 82 4.21 3.35 -43.04
C GLU A 82 5.37 2.38 -43.08
N VAL A 83 5.85 1.99 -41.91
CA VAL A 83 6.85 0.92 -41.83
C VAL A 83 6.45 0.02 -40.68
N ALA A 84 6.64 -1.28 -40.86
CA ALA A 84 6.19 -2.24 -39.87
C ALA A 84 7.33 -3.17 -39.53
N ILE A 85 7.27 -3.74 -38.33
CA ILE A 85 8.30 -4.65 -37.89
C ILE A 85 7.64 -5.87 -37.25
N LYS A 86 8.31 -7.01 -37.35
CA LYS A 86 7.90 -8.21 -36.65
C LYS A 86 9.14 -8.69 -35.92
N ALA A 87 9.10 -8.68 -34.60
CA ALA A 87 10.28 -9.01 -33.82
C ALA A 87 9.95 -9.36 -32.38
N ASN A 88 10.88 -10.09 -31.76
CA ASN A 88 10.79 -10.44 -30.35
C ASN A 88 11.87 -9.77 -29.54
N LEU A 89 11.48 -9.22 -28.39
CA LEU A 89 12.44 -8.63 -27.47
C LEU A 89 12.54 -9.56 -26.26
N ASN A 90 13.71 -10.18 -26.07
CA ASN A 90 13.87 -11.17 -25.01
C ASN A 90 13.54 -10.62 -23.63
N SER A 91 12.56 -11.25 -22.98
CA SER A 91 12.12 -10.82 -21.67
C SER A 91 12.72 -11.70 -20.58
N GLY A 92 13.46 -12.72 -20.99
CA GLY A 92 14.00 -13.71 -20.05
C GLY A 92 15.41 -13.44 -19.54
N LEU A 93 16.04 -14.47 -19.01
CA LEU A 93 17.31 -14.35 -18.30
C LEU A 93 18.54 -14.80 -19.10
N ASN A 94 18.35 -15.13 -20.37
CA ASN A 94 19.49 -15.42 -21.23
C ASN A 94 19.38 -14.64 -22.54
N ILE A 95 20.28 -13.68 -22.72
CA ILE A 95 20.20 -12.79 -23.86
C ILE A 95 21.45 -12.89 -24.73
N GLY A 96 22.39 -13.73 -24.31
CA GLY A 96 23.62 -13.92 -25.04
C GLY A 96 24.36 -12.63 -25.30
N THR A 97 24.55 -12.30 -26.58
CA THR A 97 25.23 -11.09 -26.98
C THR A 97 24.26 -10.01 -27.46
N SER A 98 22.97 -10.32 -27.48
CA SER A 98 21.97 -9.32 -27.84
C SER A 98 21.78 -8.38 -26.65
N SER A 99 22.81 -7.57 -26.39
CA SER A 99 22.87 -6.77 -25.18
C SER A 99 23.59 -5.46 -25.44
N ARG A 100 23.48 -4.54 -24.50
CA ARG A 100 24.32 -3.35 -24.51
C ARG A 100 24.84 -3.08 -23.10
N ASN A 101 25.94 -2.32 -23.01
CA ASN A 101 26.52 -2.01 -21.72
C ASN A 101 25.59 -1.13 -20.88
N LEU A 102 25.73 -1.23 -19.56
CA LEU A 102 25.02 -0.35 -18.65
C LEU A 102 25.45 1.10 -18.89
N TYR A 103 24.48 2.02 -18.86
CA TYR A 103 24.76 3.43 -19.11
C TYR A 103 25.71 4.01 -18.06
N ALA A 104 26.57 4.92 -18.48
CA ALA A 104 27.55 5.53 -17.58
C ALA A 104 26.88 6.50 -16.62
N LEU A 105 27.51 6.76 -15.49
CA LEU A 105 26.96 7.64 -14.47
C LEU A 105 27.98 8.59 -13.86
N ASP A 106 27.57 9.83 -13.71
CA ASP A 106 28.28 10.87 -12.94
C ASP A 106 28.68 10.40 -11.55
N SER A 107 29.56 11.15 -10.90
CA SER A 107 29.81 10.93 -9.48
C SER A 107 28.89 11.84 -8.65
N VAL A 108 28.07 12.63 -9.34
CA VAL A 108 27.20 13.60 -8.67
C VAL A 108 25.73 13.25 -8.88
N HIS A 109 25.04 12.91 -7.79
CA HIS A 109 23.65 12.50 -7.88
C HIS A 109 22.73 13.65 -8.25
N GLY A 110 21.85 13.42 -9.23
CA GLY A 110 20.88 14.41 -9.63
C GLY A 110 21.48 15.54 -10.45
N TRP A 111 22.62 15.29 -11.07
CA TRP A 111 23.38 16.34 -11.73
C TRP A 111 24.29 15.87 -12.86
N ASN A 112 24.13 16.44 -14.05
CA ASN A 112 25.04 16.13 -15.15
C ASN A 112 26.23 17.05 -15.07
N THR A 113 27.42 16.48 -14.88
CA THR A 113 28.63 17.27 -14.67
C THR A 113 29.17 17.92 -15.93
N LYS A 114 28.86 17.36 -17.10
CA LYS A 114 29.33 17.94 -18.35
C LYS A 114 28.47 19.11 -18.77
N THR A 115 27.15 18.94 -18.67
CA THR A 115 26.24 20.02 -19.01
C THR A 115 26.07 20.97 -17.82
N GLN A 116 26.55 20.53 -16.65
CA GLN A 116 26.41 21.32 -15.42
C GLN A 116 24.97 21.72 -15.17
N ARG A 117 24.06 20.76 -15.30
CA ARG A 117 22.66 21.02 -15.00
C ARG A 117 22.07 19.90 -14.13
N ALA A 118 20.99 20.23 -13.45
CA ALA A 118 20.25 19.26 -12.66
C ALA A 118 19.45 18.32 -13.55
N GLU A 119 19.75 17.03 -13.47
CA GLU A 119 19.00 16.03 -14.22
C GLU A 119 18.83 14.79 -13.35
N ASP A 120 17.62 14.25 -13.32
CA ASP A 120 17.33 13.05 -12.54
C ASP A 120 17.66 11.78 -13.31
N GLU A 121 18.73 11.11 -12.88
CA GLU A 121 19.21 9.91 -13.56
C GLU A 121 18.19 8.78 -13.60
N ASN A 122 17.27 8.78 -12.62
CA ASN A 122 16.27 7.72 -12.51
C ASN A 122 14.99 8.04 -13.26
N ASP A 123 14.82 9.28 -13.67
CA ASP A 123 13.64 9.68 -14.43
C ASP A 123 13.68 9.01 -15.79
N THR A 124 12.59 8.36 -16.14
CA THR A 124 12.51 7.65 -17.42
C THR A 124 12.11 8.64 -18.50
N GLY A 125 11.58 9.78 -18.06
CA GLY A 125 11.23 10.87 -18.97
C GLY A 125 12.41 11.69 -19.45
N THR A 126 13.52 11.59 -18.74
CA THR A 126 14.74 12.31 -19.12
C THR A 126 15.72 11.34 -19.77
N THR A 127 16.20 11.70 -20.95
CA THR A 127 17.21 10.93 -21.63
C THR A 127 18.25 11.89 -22.17
N GLN A 128 19.51 11.64 -21.79
CA GLN A 128 20.60 12.54 -22.11
C GLN A 128 21.62 11.86 -23.00
N PHE A 129 22.10 12.60 -23.98
CA PHE A 129 23.13 12.07 -24.88
C PHE A 129 24.44 12.81 -24.68
N TYR A 130 25.53 12.17 -25.10
CA TYR A 130 26.83 12.83 -25.13
C TYR A 130 27.56 12.32 -26.36
N THR A 131 28.49 13.10 -26.87
CA THR A 131 29.22 12.76 -28.07
C THR A 131 30.61 12.28 -27.72
N THR A 132 30.97 11.08 -28.17
CA THR A 132 32.28 10.51 -27.82
C THR A 132 33.37 11.05 -28.72
N SER A 133 34.61 10.65 -28.44
CA SER A 133 35.75 11.07 -29.24
C SER A 133 35.68 10.46 -30.64
N LYS A 134 35.04 9.31 -30.75
CA LYS A 134 34.86 8.64 -32.04
C LYS A 134 33.58 9.14 -32.70
N ASN A 135 33.16 10.36 -32.35
CA ASN A 135 31.94 10.97 -32.86
C ASN A 135 30.73 10.05 -32.79
N SER A 136 30.55 9.43 -31.62
CA SER A 136 29.37 8.58 -31.42
C SER A 136 28.44 9.23 -30.43
N VAL A 137 27.15 9.18 -30.72
CA VAL A 137 26.15 9.77 -29.85
C VAL A 137 25.53 8.67 -29.00
N GLU A 138 25.81 8.69 -27.71
CA GLU A 138 25.42 7.61 -26.81
C GLU A 138 24.54 8.14 -25.69
N VAL A 139 23.78 7.23 -25.08
CA VAL A 139 22.97 7.59 -23.93
C VAL A 139 23.88 7.53 -22.71
N THR A 140 23.77 8.52 -21.84
CA THR A 140 24.54 8.52 -20.61
C THR A 140 23.68 9.06 -19.49
N GLU A 141 24.17 8.95 -18.26
CA GLU A 141 23.49 9.53 -17.11
C GLU A 141 22.11 8.91 -16.90
N LYS A 142 22.02 7.59 -17.07
CA LYS A 142 20.75 6.91 -16.92
C LYS A 142 20.84 5.78 -15.89
N GLY A 143 20.12 5.95 -14.79
CA GLY A 143 20.05 4.90 -13.79
C GLY A 143 19.09 3.83 -14.26
N VAL A 144 19.45 2.57 -14.03
CA VAL A 144 18.63 1.45 -14.46
C VAL A 144 18.22 0.59 -13.28
N ASP A 145 16.95 0.21 -13.26
CA ASP A 145 16.44 -0.78 -12.30
C ASP A 145 17.37 -1.98 -12.24
N ALA A 146 17.85 -2.31 -11.04
CA ALA A 146 18.80 -3.38 -10.86
C ALA A 146 18.21 -4.75 -11.18
N GLY A 147 16.88 -4.82 -11.23
CA GLY A 147 16.19 -6.05 -11.59
C GLY A 147 16.32 -6.40 -13.07
N SER A 148 16.81 -5.45 -13.87
CA SER A 148 16.96 -5.67 -15.30
C SER A 148 18.42 -5.75 -15.71
N LEU A 149 19.28 -6.21 -14.80
CA LEU A 149 20.71 -6.25 -15.08
C LEU A 149 21.20 -7.63 -15.50
N PHE A 150 22.25 -7.64 -16.32
CA PHE A 150 22.85 -8.88 -16.80
C PHE A 150 24.36 -8.82 -16.61
N ASN A 151 25.02 -9.97 -16.64
CA ASN A 151 26.48 -9.99 -16.62
C ASN A 151 27.00 -10.03 -18.04
N ALA A 152 28.30 -10.22 -18.22
CA ALA A 152 28.89 -10.16 -19.54
C ALA A 152 28.47 -11.33 -20.43
N LYS A 153 28.09 -12.43 -19.80
CA LYS A 153 27.68 -13.62 -20.54
C LYS A 153 26.26 -13.53 -21.10
N GLY A 154 25.51 -12.51 -20.68
CA GLY A 154 24.12 -12.38 -21.10
C GLY A 154 23.20 -13.11 -20.15
N GLN A 155 23.72 -13.43 -18.97
CA GLN A 155 22.94 -14.11 -17.95
C GLN A 155 22.31 -13.10 -17.00
N GLY A 156 21.00 -13.23 -16.79
CA GLY A 156 20.29 -12.34 -15.90
C GLY A 156 20.68 -12.56 -14.46
N LEU A 157 20.86 -11.47 -13.72
CA LEU A 157 21.30 -11.56 -12.35
C LEU A 157 20.12 -11.99 -11.49
N ASN A 158 18.92 -11.76 -12.02
CA ASN A 158 17.69 -12.23 -11.40
C ASN A 158 17.58 -11.70 -9.97
N LEU A 159 17.83 -10.41 -9.80
CA LEU A 159 17.78 -9.81 -8.48
C LEU A 159 16.35 -9.69 -7.99
N ARG A 160 16.14 -10.01 -6.72
CA ARG A 160 14.82 -9.99 -6.12
C ARG A 160 14.73 -9.05 -4.93
N ASP A 161 13.55 -8.48 -4.73
CA ASP A 161 13.27 -7.61 -3.61
C ASP A 161 13.67 -8.28 -2.28
N GLY A 162 14.49 -7.57 -1.51
CA GLY A 162 14.94 -8.08 -0.24
C GLY A 162 16.34 -8.67 -0.29
N GLN A 163 16.79 -9.04 -1.49
CA GLN A 163 18.15 -9.51 -1.67
C GLN A 163 19.13 -8.34 -1.63
N GLY A 164 20.40 -8.65 -1.42
CA GLY A 164 21.41 -7.62 -1.36
C GLY A 164 22.80 -8.13 -1.08
N ILE A 165 23.71 -7.21 -0.76
CA ILE A 165 25.11 -7.53 -0.52
C ILE A 165 25.67 -6.77 0.67
N TRP A 166 26.79 -7.25 1.18
CA TRP A 166 27.59 -6.50 2.15
C TRP A 166 28.76 -5.84 1.43
N VAL A 167 29.06 -4.61 1.80
CA VAL A 167 30.24 -3.93 1.32
C VAL A 167 31.03 -3.40 2.50
N SER A 168 32.21 -3.97 2.72
CA SER A 168 33.12 -3.47 3.74
C SER A 168 34.15 -2.57 3.09
N TYR A 169 34.32 -1.37 3.63
CA TYR A 169 35.22 -0.39 3.04
C TYR A 169 36.59 -0.42 3.68
N ALA A 170 36.66 -0.95 4.89
CA ALA A 170 37.91 -1.08 5.64
C ALA A 170 37.72 -2.11 6.74
N ASP A 171 38.81 -2.50 7.38
CA ASP A 171 38.71 -3.41 8.50
C ASP A 171 38.15 -2.69 9.73
N ALA A 172 37.24 -3.34 10.43
CA ALA A 172 36.77 -2.80 11.69
C ALA A 172 37.80 -3.16 12.75
N THR A 173 38.29 -2.15 13.46
CA THR A 173 39.30 -2.38 14.49
C THR A 173 38.89 -1.69 15.76
N TYR A 174 39.31 -2.23 16.90
CA TYR A 174 39.14 -1.56 18.17
C TYR A 174 40.20 -2.00 19.15
N SER A 175 40.75 -1.03 19.88
CA SER A 175 41.74 -1.31 20.90
C SER A 175 41.16 -0.98 22.27
N THR A 176 41.15 -1.97 23.15
CA THR A 176 40.70 -1.74 24.51
C THR A 176 41.79 -1.02 25.30
N ASN A 177 41.42 -0.47 26.45
CA ASN A 177 42.37 0.21 27.32
C ASN A 177 43.14 1.30 26.57
N LYS A 178 42.40 2.25 26.01
CA LYS A 178 43.00 3.37 25.30
C LYS A 178 43.55 4.39 26.31
N VAL A 179 43.10 4.26 27.55
CA VAL A 179 43.55 5.13 28.63
C VAL A 179 44.98 4.78 29.07
N GLY A 180 45.45 3.61 28.64
CA GLY A 180 46.84 3.27 28.80
C GLY A 180 47.31 2.83 30.18
N VAL A 181 46.39 2.34 31.00
CA VAL A 181 46.80 1.78 32.29
C VAL A 181 47.67 0.57 32.02
N ASN A 182 48.82 0.50 32.67
CA ASN A 182 49.75 -0.59 32.45
C ASN A 182 49.20 -1.91 32.98
N ALA A 183 49.69 -3.01 32.43
CA ALA A 183 49.32 -4.33 32.91
C ALA A 183 50.01 -4.64 34.24
N PHE A 184 49.38 -5.49 35.04
CA PHE A 184 49.96 -5.96 36.29
C PHE A 184 51.26 -6.71 36.04
N ASP A 185 52.29 -6.38 36.81
CA ASP A 185 53.59 -7.03 36.69
C ASP A 185 53.94 -7.77 37.96
N PRO A 186 53.96 -9.11 37.88
CA PRO A 186 54.30 -9.94 39.05
C PRO A 186 55.79 -9.84 39.39
N ASN A 187 56.59 -9.40 38.42
CA ASN A 187 58.01 -9.19 38.62
C ASN A 187 58.30 -7.82 39.23
N LEU A 188 57.30 -6.94 39.23
CA LEU A 188 57.41 -5.66 39.92
C LEU A 188 56.97 -5.83 41.36
N GLN A 189 57.94 -5.97 42.25
CA GLN A 189 57.66 -6.35 43.63
C GLN A 189 57.25 -5.14 44.48
N GLN A 190 56.10 -4.56 44.12
CA GLN A 190 55.48 -3.50 44.90
C GLN A 190 53.99 -3.45 44.57
N ASN A 191 53.25 -2.67 45.34
CA ASN A 191 51.82 -2.51 45.11
C ASN A 191 51.52 -1.90 43.75
N GLN A 192 50.51 -2.45 43.07
CA GLN A 192 50.13 -1.98 41.75
C GLN A 192 48.62 -1.83 41.64
N THR A 193 48.18 -0.78 40.95
CA THR A 193 46.79 -0.65 40.53
C THR A 193 46.80 -0.74 39.00
N ALA A 194 46.45 -1.90 38.47
CA ALA A 194 46.68 -2.18 37.06
C ALA A 194 45.61 -3.04 36.42
N ALA A 195 45.77 -3.29 35.12
CA ALA A 195 44.90 -4.21 34.41
C ALA A 195 45.28 -5.63 34.74
N PHE A 196 44.35 -6.38 35.33
CA PHE A 196 44.66 -7.71 35.86
C PHE A 196 43.91 -8.78 35.08
N TRP A 197 44.67 -9.76 34.57
CA TRP A 197 44.11 -10.82 33.74
C TRP A 197 44.26 -12.17 34.41
N GLY A 198 44.46 -12.17 35.72
CA GLY A 198 44.58 -13.42 36.46
C GLY A 198 46.01 -13.88 36.66
N THR A 199 46.20 -14.78 37.63
CA THR A 199 47.48 -15.43 37.84
C THR A 199 47.27 -16.93 37.80
N ALA A 200 48.32 -17.70 38.05
CA ALA A 200 48.17 -19.15 38.12
C ALA A 200 47.34 -19.54 39.34
N ASN A 201 47.28 -18.63 40.31
CA ASN A 201 46.54 -18.88 41.54
C ASN A 201 45.32 -17.98 41.77
N GLN A 202 45.01 -17.14 40.80
CA GLN A 202 43.87 -16.25 40.94
C GLN A 202 43.18 -16.05 39.60
N LYS A 203 41.89 -16.39 39.55
CA LYS A 203 41.12 -16.32 38.33
C LYS A 203 40.30 -15.03 38.24
N VAL A 204 40.06 -14.58 37.02
CA VAL A 204 39.20 -13.42 36.78
C VAL A 204 38.01 -13.81 35.92
N ASN A 205 36.98 -12.97 35.94
CA ASN A 205 35.73 -13.26 35.24
C ASN A 205 35.56 -12.47 33.95
N LEU A 206 35.72 -13.15 32.82
CA LEU A 206 35.44 -12.56 31.52
C LEU A 206 33.94 -12.60 31.24
N ASP A 207 33.35 -11.43 31.05
CA ASP A 207 31.92 -11.32 30.79
C ASP A 207 31.63 -10.20 29.79
N ILE A 208 31.57 -10.56 28.51
CA ILE A 208 31.26 -9.59 27.46
C ILE A 208 30.24 -10.13 26.48
N THR A 209 29.62 -9.22 25.73
CA THR A 209 28.78 -9.59 24.59
C THR A 209 29.42 -9.01 23.33
N LEU A 210 29.73 -9.87 22.37
CA LEU A 210 30.43 -9.46 21.17
C LEU A 210 29.62 -9.86 19.93
N ASN A 211 29.10 -8.86 19.23
CA ASN A 211 28.24 -9.08 18.07
C ASN A 211 27.06 -9.99 18.41
N GLY A 212 26.45 -9.73 19.56
CA GLY A 212 25.28 -10.46 20.00
C GLY A 212 25.61 -11.74 20.73
N VAL A 213 26.87 -12.17 20.66
CA VAL A 213 27.31 -13.39 21.31
C VAL A 213 27.92 -13.12 22.68
N ARG A 214 27.34 -13.75 23.70
CA ARG A 214 27.84 -13.59 25.06
C ARG A 214 29.03 -14.50 25.27
N ILE A 215 30.14 -13.94 25.73
CA ILE A 215 31.37 -14.71 25.93
C ILE A 215 31.73 -14.70 27.41
N GLN A 216 31.60 -15.85 28.06
CA GLN A 216 31.76 -15.91 29.50
C GLN A 216 32.73 -16.99 29.94
N ASN A 217 33.60 -16.61 30.86
CA ASN A 217 34.56 -17.54 31.44
C ASN A 217 35.04 -16.99 32.77
N ALA A 218 34.97 -17.83 33.80
CA ALA A 218 35.36 -17.44 35.15
C ALA A 218 36.66 -18.14 35.51
N ASP A 219 37.26 -18.80 34.53
CA ASP A 219 38.51 -19.53 34.75
C ASP A 219 39.66 -18.89 33.98
N ILE A 220 39.68 -17.56 33.91
CA ILE A 220 40.73 -16.85 33.19
C ILE A 220 41.92 -16.60 34.11
N GLN A 221 43.10 -17.06 33.70
CA GLN A 221 44.29 -16.97 34.53
C GLN A 221 45.39 -16.18 33.84
N SER A 222 45.14 -15.80 32.59
CA SER A 222 46.06 -14.99 31.82
C SER A 222 45.30 -14.34 30.68
N ILE A 223 45.86 -13.26 30.12
CA ILE A 223 45.21 -12.57 29.03
C ILE A 223 45.16 -13.46 27.79
N ASP A 224 46.14 -14.35 27.65
CA ASP A 224 46.18 -15.28 26.53
C ASP A 224 45.01 -16.26 26.59
N ASP A 225 44.55 -16.55 27.81
CA ASP A 225 43.36 -17.37 28.01
C ASP A 225 42.13 -16.65 27.47
N ALA A 226 42.00 -15.37 27.82
CA ALA A 226 40.88 -14.55 27.37
C ALA A 226 40.87 -14.45 25.84
N ILE A 227 42.02 -14.08 25.27
CA ILE A 227 42.17 -14.01 23.82
C ILE A 227 41.77 -15.31 23.14
N ALA A 228 42.30 -16.42 23.65
CA ALA A 228 42.08 -17.73 23.07
C ALA A 228 40.62 -18.14 23.16
N TYR A 229 39.98 -17.83 24.29
CA TYR A 229 38.59 -18.20 24.49
C TYR A 229 37.68 -17.37 23.59
N ILE A 230 37.96 -16.07 23.51
CA ILE A 230 37.24 -15.18 22.61
C ILE A 230 37.31 -15.67 21.17
N ASN A 231 38.50 -16.11 20.76
CA ASN A 231 38.72 -16.54 19.37
C ASN A 231 38.09 -17.88 19.04
N THR A 232 37.49 -18.54 20.03
CA THR A 232 36.71 -19.75 19.78
C THR A 232 35.36 -19.33 19.22
N PHE A 233 35.03 -18.06 19.39
CA PHE A 233 33.76 -17.51 18.95
C PHE A 233 33.88 -16.78 17.61
N THR A 234 35.11 -16.69 17.08
CA THR A 234 35.32 -15.99 15.82
C THR A 234 34.58 -16.70 14.70
N ALA A 235 34.90 -17.97 14.49
CA ALA A 235 34.16 -18.79 13.54
C ALA A 235 32.96 -19.42 14.21
N PRO A 236 31.87 -19.60 13.45
CA PRO A 236 30.67 -20.23 14.01
C PRO A 236 30.80 -21.74 14.09
N THR A 237 30.01 -22.35 14.97
CA THR A 237 29.85 -23.80 15.00
C THR A 237 28.45 -24.07 14.47
N ASP A 238 28.16 -25.32 14.11
CA ASP A 238 26.85 -25.67 13.57
C ASP A 238 25.69 -25.36 14.53
N THR A 239 26.02 -25.11 15.79
CA THR A 239 25.04 -24.76 16.81
C THR A 239 25.24 -23.38 17.41
N ARG A 240 26.33 -22.73 17.06
CA ARG A 240 26.68 -21.47 17.71
C ARG A 240 27.16 -20.44 16.70
N ASP A 241 26.76 -19.19 16.92
CA ASP A 241 27.11 -18.11 16.02
C ASP A 241 28.59 -17.79 16.10
N GLY A 242 29.11 -17.20 15.03
CA GLY A 242 30.47 -16.69 15.01
C GLY A 242 30.38 -15.20 15.27
N THR A 243 31.53 -14.54 15.41
CA THR A 243 31.56 -13.10 15.61
C THR A 243 32.23 -12.46 14.41
N GLY A 244 33.11 -13.22 13.76
CA GLY A 244 33.91 -12.70 12.67
C GLY A 244 35.05 -11.84 13.20
N VAL A 245 35.11 -11.72 14.52
CA VAL A 245 36.06 -10.83 15.17
C VAL A 245 37.20 -11.62 15.80
N LYS A 246 38.42 -11.39 15.31
CA LYS A 246 39.59 -12.03 15.89
C LYS A 246 40.21 -11.09 16.92
N ALA A 247 40.69 -11.66 18.02
CA ALA A 247 41.31 -10.87 19.08
C ALA A 247 42.80 -11.16 19.19
N VAL A 248 43.57 -10.12 19.50
CA VAL A 248 45.01 -10.25 19.72
C VAL A 248 45.43 -9.27 20.82
N LYS A 249 46.33 -9.69 21.68
CA LYS A 249 46.78 -8.83 22.77
C LYS A 249 47.68 -7.71 22.27
N ASN A 250 47.54 -6.53 22.87
CA ASN A 250 48.35 -5.39 22.49
C ASN A 250 49.79 -5.51 23.02
N LYS A 251 50.58 -4.47 22.84
CA LYS A 251 52.02 -4.51 23.13
C LYS A 251 52.35 -4.99 24.54
N ASP A 252 51.77 -4.37 25.56
CA ASP A 252 52.13 -4.67 26.93
C ASP A 252 51.21 -5.68 27.57
N GLY A 253 50.31 -6.25 26.78
CA GLY A 253 49.37 -7.23 27.29
C GLY A 253 48.42 -6.65 28.31
N SER A 254 48.13 -5.36 28.18
CA SER A 254 47.20 -4.68 29.09
C SER A 254 45.78 -4.75 28.56
N GLY A 255 45.66 -4.99 27.25
CA GLY A 255 44.37 -4.99 26.60
C GLY A 255 44.37 -5.80 25.32
N ILE A 256 43.31 -5.64 24.54
CA ILE A 256 43.08 -6.45 23.35
C ILE A 256 42.92 -5.60 22.09
N ASP A 257 43.46 -6.08 20.98
CA ASP A 257 43.21 -5.47 19.68
C ASP A 257 42.28 -6.36 18.86
N PHE A 258 41.08 -5.85 18.59
CA PHE A 258 40.07 -6.58 17.85
C PHE A 258 40.14 -6.22 16.37
N VAL A 259 39.80 -7.16 15.50
CA VAL A 259 39.76 -6.87 14.07
C VAL A 259 38.71 -7.72 13.38
N ASN A 260 37.84 -7.06 12.64
CA ASN A 260 36.91 -7.74 11.75
C ASN A 260 37.15 -7.25 10.33
N ASP A 261 37.64 -8.13 9.47
CA ASP A 261 37.88 -7.79 8.08
C ASP A 261 36.58 -7.85 7.30
N ASN A 262 35.53 -8.34 7.97
CA ASN A 262 34.19 -8.41 7.41
C ASN A 262 34.13 -9.26 6.14
N ALA A 263 35.09 -10.16 5.97
CA ALA A 263 35.16 -11.00 4.78
C ALA A 263 34.37 -12.29 4.96
N ASP A 264 34.01 -12.59 6.20
CA ASP A 264 33.34 -13.84 6.52
C ASP A 264 31.88 -13.63 6.91
N GLY A 265 31.04 -14.60 6.59
CA GLY A 265 29.65 -14.55 6.98
C GLY A 265 28.80 -13.78 6.00
N THR A 266 27.49 -13.81 6.21
CA THR A 266 26.54 -13.11 5.35
C THR A 266 25.49 -12.39 6.21
N THR A 267 25.69 -12.43 7.53
CA THR A 267 24.70 -11.91 8.46
C THR A 267 25.27 -10.79 9.34
N ASP A 268 24.38 -10.02 9.94
CA ASP A 268 24.75 -8.86 10.77
C ASP A 268 25.77 -9.20 11.85
N ASN A 269 25.62 -10.38 12.45
CA ASN A 269 26.45 -10.78 13.59
C ASN A 269 27.89 -11.09 13.18
N MET A 270 28.12 -11.29 11.88
CA MET A 270 29.45 -11.60 11.39
C MET A 270 30.17 -10.36 10.87
N LYS A 271 29.50 -9.21 10.93
CA LYS A 271 30.04 -7.98 10.37
C LYS A 271 30.34 -6.95 11.46
N ASN A 272 31.40 -6.19 11.27
CA ASN A 272 31.75 -5.08 12.15
C ASN A 272 32.10 -5.55 13.56
N ILE A 273 32.15 -4.62 14.49
CA ILE A 273 32.45 -4.92 15.88
C ILE A 273 31.45 -4.22 16.79
N ASN A 274 30.62 -5.02 17.46
CA ASN A 274 29.74 -4.47 18.48
C ASN A 274 30.07 -5.13 19.81
N LEU A 275 30.74 -4.37 20.67
CA LEU A 275 31.23 -4.91 21.93
C LEU A 275 30.50 -4.28 23.08
N VAL A 276 29.92 -5.12 23.93
CA VAL A 276 29.32 -4.66 25.17
C VAL A 276 29.97 -5.43 26.31
N VAL A 277 30.50 -4.71 27.30
CA VAL A 277 31.15 -5.34 28.44
C VAL A 277 30.21 -5.36 29.63
N ALA A 278 30.08 -6.50 30.27
CA ALA A 278 29.22 -6.59 31.45
C ALA A 278 29.92 -5.91 32.62
N ASN A 279 29.13 -5.28 33.49
CA ASN A 279 29.67 -4.66 34.68
C ASN A 279 30.20 -5.72 35.65
N THR A 280 29.83 -6.97 35.39
CA THR A 280 30.29 -8.08 36.20
C THR A 280 31.57 -8.67 35.60
N ASN A 281 32.05 -8.07 34.53
CA ASN A 281 33.33 -8.47 33.94
C ASN A 281 34.44 -7.98 34.86
N THR A 282 35.41 -8.85 35.13
CA THR A 282 36.54 -8.49 35.97
C THR A 282 37.84 -8.70 35.19
N ALA A 283 37.76 -9.49 34.14
CA ALA A 283 38.93 -9.79 33.32
C ALA A 283 39.44 -8.55 32.59
N GLY A 284 40.69 -8.18 32.87
CA GLY A 284 41.28 -7.00 32.25
C GLY A 284 40.78 -5.71 32.83
N GLU A 285 40.12 -5.78 33.97
CA GLU A 285 39.65 -4.57 34.64
C GLU A 285 40.68 -4.04 35.64
N LEU A 286 40.30 -3.00 36.37
CA LEU A 286 41.16 -2.43 37.39
C LEU A 286 41.17 -3.27 38.67
N TRP A 287 42.36 -3.72 39.04
CA TRP A 287 42.53 -4.40 40.31
C TRP A 287 43.59 -3.70 41.15
N ASN A 288 43.44 -3.77 42.47
CA ASN A 288 44.50 -3.36 43.38
C ASN A 288 45.34 -4.57 43.74
N ALA A 289 46.61 -4.56 43.36
CA ALA A 289 47.52 -5.65 43.69
C ALA A 289 48.41 -5.25 44.86
N VAL A 290 48.27 -5.94 45.98
CA VAL A 290 49.03 -5.60 47.18
C VAL A 290 50.16 -6.59 47.43
N TRP A 291 51.35 -6.04 47.66
CA TRP A 291 52.57 -6.83 47.84
C TRP A 291 52.95 -7.10 49.29
N ASN A 292 53.20 -8.37 49.61
CA ASN A 292 53.71 -8.74 50.92
C ASN A 292 55.19 -9.06 50.84
N ASN A 293 56.01 -8.18 51.40
CA ASN A 293 57.46 -8.32 51.33
C ASN A 293 57.97 -9.52 52.13
N ASN A 294 57.28 -9.84 53.22
CA ASN A 294 57.67 -10.95 54.08
C ASN A 294 57.53 -12.32 53.39
N ASN A 295 56.34 -12.57 52.86
CA ASN A 295 56.02 -13.86 52.23
C ASN A 295 56.38 -13.89 50.76
N GLN A 296 56.72 -12.73 50.22
CA GLN A 296 56.99 -12.56 48.79
C GLN A 296 55.79 -12.96 47.94
N THR A 297 54.60 -12.50 48.32
CA THR A 297 53.38 -12.85 47.61
C THR A 297 52.52 -11.63 47.28
N PHE A 298 51.56 -11.82 46.38
CA PHE A 298 50.57 -10.80 46.03
C PHE A 298 49.17 -11.17 46.49
N THR A 299 48.39 -10.18 46.89
CA THR A 299 46.95 -10.37 47.08
C THR A 299 46.22 -9.35 46.21
N PHE A 300 45.01 -9.68 45.78
CA PHE A 300 44.31 -8.85 44.80
C PHE A 300 42.89 -8.46 45.24
N ASN A 301 42.51 -7.22 44.93
CA ASN A 301 41.14 -6.76 45.14
C ASN A 301 40.78 -5.76 44.05
N ASN A 302 39.50 -5.72 43.68
CA ASN A 302 39.04 -4.77 42.68
C ASN A 302 38.00 -3.80 43.26
N ASN A 303 38.08 -3.58 44.57
CA ASN A 303 37.16 -2.68 45.24
C ASN A 303 37.89 -1.53 45.93
N GLY A 304 38.99 -1.84 46.62
CA GLY A 304 39.77 -0.82 47.30
C GLY A 304 39.11 -0.23 48.53
N ASN A 305 39.91 0.41 49.38
CA ASN A 305 39.41 0.94 50.64
C ASN A 305 39.59 2.44 50.83
N GLY A 306 40.10 3.12 49.81
CA GLY A 306 40.25 4.56 49.86
C GLY A 306 41.49 4.98 50.62
N GLN A 307 42.58 4.25 50.41
CA GLN A 307 43.83 4.49 51.09
C GLN A 307 45.00 4.23 50.14
N ALA A 308 46.10 4.96 50.31
CA ALA A 308 47.26 4.83 49.44
C ALA A 308 47.72 3.38 49.30
N GLY A 309 47.82 2.91 48.07
CA GLY A 309 48.19 1.54 47.79
C GLY A 309 46.96 0.70 47.46
N THR A 310 45.86 1.02 48.12
CA THR A 310 44.57 0.37 47.87
C THR A 310 43.44 1.39 47.72
N PRO A 311 43.50 2.21 46.65
CA PRO A 311 42.50 3.26 46.42
C PRO A 311 41.13 2.72 46.06
N THR A 312 40.07 3.51 46.28
CA THR A 312 38.74 3.09 45.88
C THR A 312 38.62 3.11 44.36
N ILE A 313 37.99 2.06 43.82
CA ILE A 313 37.87 1.92 42.38
C ILE A 313 36.42 2.15 41.97
N ASN A 314 36.17 3.28 41.31
CA ASN A 314 34.83 3.60 40.84
C ASN A 314 34.77 3.47 39.32
N LYS A 315 34.14 2.40 38.85
CA LYS A 315 33.95 2.20 37.43
C LYS A 315 33.03 3.29 36.86
N ASN A 316 32.10 3.75 37.68
CA ASN A 316 31.18 4.82 37.32
C ASN A 316 30.38 4.45 36.08
N GLY A 317 29.83 3.24 36.09
CA GLY A 317 29.03 2.76 34.98
C GLY A 317 29.82 2.51 33.71
N SER A 318 31.12 2.26 33.86
CA SER A 318 31.97 2.05 32.71
C SER A 318 32.94 0.88 32.91
N SER A 319 33.78 0.65 31.91
CA SER A 319 34.76 -0.41 31.95
C SER A 319 36.12 0.13 31.53
N LEU A 320 37.19 -0.53 31.96
CA LEU A 320 38.53 -0.12 31.61
C LEU A 320 38.76 -0.32 30.11
N TRP A 321 38.01 -1.25 29.55
CA TRP A 321 38.09 -1.58 28.13
C TRP A 321 37.64 -0.42 27.25
N THR A 322 36.59 0.26 27.70
CA THR A 322 35.87 1.20 26.85
C THR A 322 35.85 2.63 27.38
N ALA A 323 36.44 2.85 28.54
CA ALA A 323 36.43 4.17 29.16
C ALA A 323 37.17 5.19 28.29
N THR A 324 36.69 6.44 28.34
CA THR A 324 37.30 7.52 27.57
C THR A 324 38.22 8.38 28.44
N ASN A 325 37.98 8.34 29.74
CA ASN A 325 38.71 9.19 30.68
C ASN A 325 38.95 8.45 32.00
N ILE A 326 40.07 8.75 32.65
CA ILE A 326 40.37 8.19 33.96
C ILE A 326 40.85 9.29 34.90
N THR A 327 40.41 9.24 36.14
CA THR A 327 40.69 10.30 37.10
C THR A 327 41.16 9.77 38.44
N PHE A 328 42.39 10.13 38.81
CA PHE A 328 42.96 9.76 40.10
C PHE A 328 42.76 10.87 41.13
N THR A 329 42.23 10.51 42.29
CA THR A 329 42.15 11.46 43.40
C THR A 329 42.78 10.86 44.65
N PRO A 330 43.66 11.64 45.30
CA PRO A 330 44.03 12.98 44.85
C PRO A 330 45.10 12.97 43.75
N GLN A 331 45.40 14.16 43.23
CA GLN A 331 46.35 14.35 42.14
C GLN A 331 47.69 13.66 42.42
N PRO A 332 48.31 13.09 41.36
CA PRO A 332 49.58 12.34 41.40
C PRO A 332 50.68 12.82 42.37
N PRO A 333 50.82 14.13 42.65
CA PRO A 333 51.80 14.48 43.69
C PRO A 333 51.61 13.68 44.99
N GLN A 334 50.35 13.44 45.35
CA GLN A 334 50.03 12.58 46.48
C GLN A 334 49.43 11.28 45.93
N ALA A 335 49.64 10.17 46.64
CA ALA A 335 49.13 8.89 46.18
C ALA A 335 47.61 8.94 46.12
N ALA A 336 47.04 8.28 45.12
CA ALA A 336 45.60 8.36 44.92
C ALA A 336 44.86 7.48 45.90
N THR A 337 43.78 8.00 46.47
CA THR A 337 42.93 7.25 47.38
C THR A 337 41.69 6.80 46.65
N ASN A 338 41.52 7.34 45.45
CA ASN A 338 40.37 7.02 44.62
C ASN A 338 40.73 7.12 43.14
N VAL A 339 40.23 6.19 42.35
CA VAL A 339 40.39 6.23 40.91
C VAL A 339 39.02 6.00 40.29
N GLN A 340 38.65 6.86 39.35
CA GLN A 340 37.32 6.83 38.79
C GLN A 340 37.36 6.82 37.26
N LEU A 341 36.53 5.96 36.67
CA LEU A 341 36.46 5.86 35.22
C LEU A 341 35.33 6.74 34.67
N THR A 342 35.46 7.14 33.42
CA THR A 342 34.41 7.89 32.73
C THR A 342 34.19 7.31 31.34
N GLY A 343 32.92 7.09 30.99
CA GLY A 343 32.58 6.51 29.70
C GLY A 343 31.45 5.52 29.86
N GLY A 344 31.31 4.63 28.87
CA GLY A 344 30.25 3.63 28.90
C GLY A 344 30.80 2.23 28.85
N LEU A 345 29.95 1.28 28.47
CA LEU A 345 30.29 -0.13 28.51
C LEU A 345 30.32 -0.76 27.13
N ASN A 346 30.15 0.08 26.11
CA ASN A 346 30.01 -0.43 24.75
C ASN A 346 30.87 0.31 23.74
N ALA A 347 31.15 -0.37 22.64
CA ALA A 347 31.88 0.21 21.51
C ALA A 347 31.42 -0.48 20.24
N GLN A 348 30.96 0.32 19.28
CA GLN A 348 30.51 -0.22 18.00
C GLN A 348 31.34 0.35 16.87
N ILE A 349 32.05 -0.52 16.17
CA ILE A 349 32.92 -0.09 15.07
C ILE A 349 32.34 -0.52 13.74
N ILE A 350 31.97 0.46 12.92
CA ILE A 350 31.28 0.19 11.66
C ILE A 350 32.10 0.57 10.43
N THR A 351 32.38 -0.43 9.60
CA THR A 351 33.08 -0.21 8.33
C THR A 351 32.38 -0.92 7.17
N ALA A 352 31.33 -1.66 7.49
CA ALA A 352 30.60 -2.41 6.47
C ALA A 352 29.12 -2.09 6.52
N HIS A 353 28.49 -2.03 5.35
CA HIS A 353 27.07 -1.75 5.26
C HIS A 353 26.35 -2.74 4.34
N LYS A 354 25.05 -2.87 4.55
CA LYS A 354 24.23 -3.77 3.74
C LYS A 354 23.36 -2.97 2.77
N TYR A 355 23.35 -3.42 1.52
CA TYR A 355 22.62 -2.73 0.48
C TYR A 355 21.55 -3.67 -0.03
N ILE A 356 20.30 -3.29 0.19
CA ILE A 356 19.18 -4.16 -0.08
C ILE A 356 18.32 -3.62 -1.22
N TYR A 357 18.01 -4.50 -2.16
CA TYR A 357 17.24 -4.11 -3.34
C TYR A 357 15.76 -3.98 -3.06
N SER A 358 15.17 -2.97 -3.65
CA SER A 358 13.73 -2.79 -3.65
C SER A 358 13.25 -2.54 -5.07
N SER A 359 12.22 -3.27 -5.48
CA SER A 359 11.64 -3.07 -6.80
C SER A 359 10.69 -1.88 -6.77
N ASN A 360 10.37 -1.41 -5.57
CA ASN A 360 9.53 -0.24 -5.39
C ASN A 360 10.35 1.05 -5.47
N PRO A 361 9.67 2.19 -5.71
CA PRO A 361 10.37 3.48 -5.82
C PRO A 361 11.20 3.87 -4.60
N VAL A 362 12.42 4.31 -4.85
CA VAL A 362 13.35 4.72 -3.80
C VAL A 362 13.89 6.12 -4.08
N ASP A 363 13.82 7.00 -3.08
CA ASP A 363 14.44 8.32 -3.18
C ASP A 363 15.49 8.46 -2.09
N ILE A 364 16.75 8.30 -2.48
CA ILE A 364 17.86 8.37 -1.54
C ILE A 364 18.08 9.82 -1.13
N GLY A 365 17.56 10.74 -1.92
CA GLY A 365 17.64 12.15 -1.59
C GLY A 365 18.89 12.86 -2.07
N PRO A 366 18.82 14.19 -2.09
CA PRO A 366 19.96 15.04 -2.49
C PRO A 366 20.96 15.17 -1.34
N MET A 367 22.22 15.35 -1.67
CA MET A 367 23.24 15.67 -0.69
C MET A 367 24.29 16.54 -1.34
N TYR A 368 24.74 17.57 -0.62
CA TYR A 368 25.78 18.43 -1.15
C TYR A 368 27.01 17.61 -1.51
N ASN A 369 27.58 17.90 -2.68
CA ASN A 369 28.77 17.23 -3.16
C ASN A 369 29.76 18.25 -3.72
N PRO A 370 30.98 18.28 -3.17
CA PRO A 370 32.00 19.19 -3.70
C PRO A 370 32.35 18.91 -5.16
N ASP A 371 32.06 17.70 -5.63
CA ASP A 371 32.34 17.31 -7.01
C ASP A 371 31.59 18.22 -7.98
N GLY A 372 30.43 18.71 -7.56
CA GLY A 372 29.63 19.58 -8.38
C GLY A 372 28.19 19.67 -7.95
N GLY A 373 27.41 20.44 -8.70
CA GLY A 373 26.00 20.63 -8.38
C GLY A 373 25.81 21.82 -7.47
N PRO A 374 24.67 21.86 -6.79
CA PRO A 374 24.30 22.95 -5.87
C PRO A 374 25.33 23.17 -4.78
N ALA A 375 25.44 24.42 -4.32
CA ALA A 375 26.40 24.76 -3.27
C ALA A 375 25.81 24.42 -1.91
N PHE A 376 26.67 24.28 -0.90
CA PHE A 376 26.20 24.05 0.46
C PHE A 376 25.57 25.32 1.00
N GLN A 377 24.40 25.19 1.59
CA GLN A 377 23.67 26.33 2.14
C GLN A 377 23.41 26.13 3.62
N PRO A 378 24.28 26.69 4.47
CA PRO A 378 24.20 26.50 5.93
C PRO A 378 22.98 27.17 6.55
N GLY A 379 22.71 26.79 7.80
CA GLY A 379 21.66 27.41 8.59
C GLY A 379 22.14 28.73 9.16
N ALA A 380 21.34 29.32 10.05
CA ALA A 380 21.64 30.62 10.62
C ALA A 380 22.99 30.65 11.32
N ASN A 381 23.37 29.54 11.96
CA ASN A 381 24.66 29.44 12.64
C ASN A 381 25.29 28.05 12.54
N ALA A 382 26.41 27.87 13.23
CA ALA A 382 27.18 26.63 13.14
C ALA A 382 26.59 25.52 14.01
N THR A 383 25.56 25.86 14.78
CA THR A 383 24.87 24.87 15.59
C THR A 383 23.44 24.64 15.11
N THR A 384 23.14 25.08 13.90
CA THR A 384 21.80 24.98 13.34
C THR A 384 21.76 24.23 12.01
N ARG A 385 20.95 23.18 11.96
CA ARG A 385 20.79 22.35 10.78
C ARG A 385 20.20 23.18 9.62
N PRO A 386 20.77 23.02 8.42
CA PRO A 386 20.32 23.70 7.19
C PRO A 386 18.91 23.31 6.80
N THR A 387 18.23 24.19 6.05
CA THR A 387 16.89 23.89 5.58
C THR A 387 16.90 23.39 4.14
N GLU A 388 17.94 23.74 3.40
CA GLU A 388 18.11 23.25 2.05
C GLU A 388 18.41 21.76 2.12
N PRO A 389 17.57 20.94 1.47
CA PRO A 389 17.55 19.48 1.56
C PRO A 389 18.91 18.80 1.40
N GLY A 390 19.63 19.11 0.32
CA GLY A 390 20.94 18.53 0.09
C GLY A 390 21.95 18.95 1.14
N SER A 391 21.79 20.15 1.66
CA SER A 391 22.70 20.67 2.68
C SER A 391 22.39 20.03 4.04
N ALA A 392 21.10 19.84 4.32
CA ALA A 392 20.68 19.21 5.55
C ALA A 392 21.17 17.78 5.64
N ALA A 393 21.12 17.08 4.51
CA ALA A 393 21.58 15.71 4.46
C ALA A 393 23.09 15.66 4.59
N TYR A 394 23.75 16.69 4.06
CA TYR A 394 25.20 16.79 4.17
C TYR A 394 25.58 17.07 5.62
N TRP A 395 24.84 17.98 6.25
CA TRP A 395 25.01 18.25 7.67
C TRP A 395 24.86 16.98 8.49
N ASP A 396 23.84 16.19 8.19
CA ASP A 396 23.58 14.95 8.90
C ASP A 396 24.73 13.96 8.72
N ALA A 397 25.26 13.89 7.51
CA ALA A 397 26.33 12.93 7.21
C ALA A 397 27.62 13.25 7.95
N VAL A 398 28.05 14.50 7.90
CA VAL A 398 29.33 14.88 8.49
C VAL A 398 29.22 15.06 10.00
N ASN A 399 28.03 14.86 10.54
CA ASN A 399 27.85 14.85 11.99
C ASN A 399 27.53 13.45 12.49
N GLY A 400 27.76 12.46 11.64
CA GLY A 400 27.66 11.06 12.04
C GLY A 400 26.39 10.33 11.65
N GLY A 401 25.59 10.94 10.78
CA GLY A 401 24.28 10.40 10.44
C GLY A 401 24.27 9.14 9.60
N LEU A 402 25.43 8.73 9.09
CA LEU A 402 25.53 7.51 8.29
C LEU A 402 26.31 6.43 9.01
N LEU A 403 26.90 6.77 10.15
CA LEU A 403 27.68 5.79 10.90
C LEU A 403 26.74 4.97 11.79
N ASN A 404 26.04 4.03 11.16
CA ASN A 404 25.04 3.21 11.82
C ASN A 404 24.87 1.88 11.10
N THR A 405 23.93 1.06 11.56
CA THR A 405 23.69 -0.24 10.96
C THR A 405 22.40 -0.26 10.17
N ASN A 406 21.91 0.91 9.81
CA ASN A 406 20.68 1.01 9.04
C ASN A 406 20.83 0.39 7.66
N VAL A 407 19.74 -0.18 7.16
CA VAL A 407 19.71 -0.77 5.83
C VAL A 407 19.75 0.33 4.77
N ARG A 408 20.60 0.14 3.77
CA ARG A 408 20.62 1.05 2.64
C ARG A 408 19.79 0.46 1.50
N THR A 409 18.67 1.12 1.21
CA THR A 409 17.73 0.63 0.21
C THR A 409 17.95 1.33 -1.13
N PHE A 410 18.07 0.53 -2.19
CA PHE A 410 18.28 1.05 -3.54
C PHE A 410 17.40 0.31 -4.53
N ARG A 411 17.05 0.99 -5.63
CA ARG A 411 16.36 0.33 -6.74
C ARG A 411 17.23 0.34 -8.00
N THR A 412 17.76 1.51 -8.34
CA THR A 412 18.50 1.68 -9.59
C THR A 412 20.01 1.65 -9.39
N THR A 413 20.74 1.68 -10.51
CA THR A 413 22.19 1.68 -10.49
C THR A 413 22.74 3.01 -9.97
N GLU A 414 21.99 4.08 -10.19
CA GLU A 414 22.36 5.40 -9.69
C GLU A 414 22.18 5.48 -8.18
N ASP A 415 21.08 4.90 -7.70
CA ASP A 415 20.84 4.80 -6.27
C ASP A 415 22.01 4.12 -5.59
N LEU A 416 22.34 2.92 -6.06
CA LEU A 416 23.43 2.15 -5.48
C LEU A 416 24.79 2.84 -5.59
N ARG A 417 25.06 3.43 -6.75
CA ARG A 417 26.31 4.14 -6.97
C ARG A 417 26.53 5.24 -5.94
N GLU A 418 25.52 6.08 -5.76
CA GLU A 418 25.63 7.21 -4.84
C GLU A 418 25.67 6.74 -3.39
N LEU A 419 24.95 5.68 -3.07
CA LEU A 419 24.94 5.13 -1.72
C LEU A 419 26.30 4.56 -1.34
N LEU A 420 26.95 3.88 -2.28
CA LEU A 420 28.30 3.38 -2.05
C LEU A 420 29.26 4.54 -1.81
N GLN A 421 29.09 5.60 -2.59
CA GLN A 421 29.97 6.75 -2.50
C GLN A 421 29.79 7.48 -1.18
N ARG A 422 28.53 7.66 -0.77
CA ARG A 422 28.23 8.35 0.48
C ARG A 422 28.76 7.60 1.69
N ASP A 423 28.73 6.27 1.63
CA ASP A 423 29.18 5.45 2.76
C ASP A 423 30.70 5.43 2.86
N ALA A 424 31.37 5.44 1.71
CA ALA A 424 32.82 5.47 1.70
C ALA A 424 33.32 6.81 2.25
N ARG A 425 32.52 7.85 2.07
CA ARG A 425 32.90 9.18 2.48
C ARG A 425 32.57 9.46 3.95
N TYR A 426 31.39 9.04 4.38
CA TYR A 426 30.89 9.44 5.70
C TYR A 426 30.36 8.28 6.54
N GLY A 427 30.50 7.06 6.05
CA GLY A 427 29.87 5.94 6.75
C GLY A 427 30.82 4.94 7.35
N VAL A 428 32.10 5.29 7.40
CA VAL A 428 33.11 4.35 7.89
C VAL A 428 33.91 4.95 9.04
N ASP A 429 34.03 4.18 10.12
CA ASP A 429 34.89 4.56 11.24
C ASP A 429 36.32 4.11 10.97
N TYR A 430 37.06 4.95 10.26
CA TYR A 430 38.38 4.57 9.76
C TYR A 430 39.42 4.39 10.86
N ASP A 431 39.24 5.08 11.98
CA ASP A 431 40.23 5.02 13.06
C ASP A 431 39.81 4.12 14.21
N GLY A 432 38.61 3.54 14.10
CA GLY A 432 38.13 2.61 15.12
C GLY A 432 37.85 3.29 16.45
N SER A 433 37.34 4.51 16.40
CA SER A 433 37.08 5.27 17.61
C SER A 433 35.72 4.95 18.21
N GLY A 434 34.80 4.46 17.38
CA GLY A 434 33.44 4.19 17.82
C GLY A 434 32.59 5.44 17.74
N THR A 435 33.19 6.51 17.24
CA THR A 435 32.49 7.79 17.08
C THR A 435 32.83 8.37 15.72
N PHE A 436 32.02 9.29 15.24
CA PHE A 436 32.30 9.93 13.97
C PHE A 436 32.88 11.31 14.18
N ALA A 437 33.94 11.59 13.43
CA ALA A 437 34.57 12.90 13.43
C ALA A 437 35.08 13.22 12.04
N ALA A 438 35.60 14.44 11.86
CA ALA A 438 36.12 14.87 10.56
C ALA A 438 37.26 13.97 10.11
N ALA A 439 37.94 13.36 11.06
CA ALA A 439 39.04 12.45 10.78
C ALA A 439 38.58 11.22 10.00
N ASP A 440 37.29 10.91 10.11
CA ASP A 440 36.72 9.74 9.44
C ASP A 440 36.25 10.06 8.03
N ILE A 441 36.35 11.33 7.65
CA ILE A 441 35.84 11.77 6.35
C ILE A 441 36.81 11.51 5.21
N ASN A 442 36.34 10.73 4.23
CA ASN A 442 37.12 10.36 3.06
C ASN A 442 36.39 10.87 1.82
N GLN A 443 36.44 12.18 1.61
CA GLN A 443 35.49 12.85 0.71
C GLN A 443 35.88 12.85 -0.76
N ASN A 444 37.08 12.39 -1.10
CA ASN A 444 37.45 12.31 -2.51
C ASN A 444 37.26 10.93 -3.09
N ILE A 445 36.65 10.02 -2.32
CA ILE A 445 36.25 8.75 -2.88
C ILE A 445 35.15 9.00 -3.89
N LYS A 446 35.32 8.46 -5.09
CA LYS A 446 34.34 8.61 -6.15
C LYS A 446 33.92 7.25 -6.67
N VAL A 447 32.61 7.07 -6.80
CA VAL A 447 32.06 5.86 -7.40
C VAL A 447 31.32 6.28 -8.66
N VAL A 448 31.72 5.71 -9.79
CA VAL A 448 31.04 6.01 -11.05
C VAL A 448 30.73 4.73 -11.80
N VAL A 449 29.97 4.86 -12.89
CA VAL A 449 29.82 3.77 -13.83
C VAL A 449 30.42 4.22 -15.16
N THR A 450 31.31 3.41 -15.71
CA THR A 450 32.00 3.76 -16.95
C THR A 450 31.12 3.49 -18.16
N ALA A 451 31.56 3.92 -19.33
CA ALA A 451 30.81 3.69 -20.56
C ALA A 451 30.85 2.22 -20.95
N ASP A 452 31.82 1.50 -20.42
CA ASP A 452 31.98 0.08 -20.70
C ASP A 452 31.13 -0.77 -19.75
N GLY A 453 30.41 -0.09 -18.85
CA GLY A 453 29.46 -0.75 -17.97
C GLY A 453 29.99 -1.27 -16.65
N HIS A 454 31.11 -0.72 -16.18
CA HIS A 454 31.67 -1.14 -14.90
C HIS A 454 31.44 -0.10 -13.81
N PHE A 455 31.20 -0.59 -12.59
CA PHE A 455 31.28 0.27 -11.43
C PHE A 455 32.75 0.52 -11.17
N ALA A 456 33.12 1.77 -10.89
CA ALA A 456 34.52 2.09 -10.69
C ALA A 456 34.69 3.01 -9.49
N ILE A 457 35.67 2.68 -8.65
CA ILE A 457 35.95 3.45 -7.45
C ILE A 457 37.36 4.02 -7.51
N SER A 458 37.49 5.30 -7.19
CA SER A 458 38.79 5.97 -7.17
C SER A 458 39.11 6.50 -5.78
N ASN A 459 40.41 6.63 -5.48
CA ASN A 459 40.87 7.12 -4.19
C ASN A 459 42.05 8.07 -4.38
N ALA A 460 41.80 9.17 -5.07
CA ALA A 460 42.83 10.14 -5.40
C ALA A 460 43.49 10.71 -4.15
N ASN A 461 44.81 10.78 -4.14
CA ASN A 461 45.55 11.37 -3.03
C ASN A 461 45.44 12.88 -3.06
N GLU A 462 44.30 13.38 -2.58
CA GLU A 462 44.00 14.81 -2.56
C GLU A 462 43.20 15.12 -1.31
N GLN A 463 43.55 16.22 -0.65
CA GLN A 463 42.77 16.68 0.49
C GLN A 463 41.42 17.20 0.01
N SER A 464 40.51 17.42 0.95
CA SER A 464 39.20 17.96 0.61
C SER A 464 38.81 18.99 1.63
N THR A 465 37.65 19.62 1.43
CA THR A 465 37.23 20.69 2.31
C THR A 465 35.81 20.45 2.77
N VAL A 466 35.57 20.65 4.06
CA VAL A 466 34.23 20.71 4.60
C VAL A 466 33.92 22.17 4.87
N PRO A 467 32.90 22.70 4.18
CA PRO A 467 32.47 24.10 4.27
C PRO A 467 32.04 24.47 5.70
N PRO A 468 32.07 25.77 6.02
CA PRO A 468 31.65 26.29 7.33
C PRO A 468 30.22 25.91 7.72
N ASN A 469 29.97 25.74 9.01
CA ASN A 469 28.64 25.44 9.55
C ASN A 469 28.07 24.13 9.02
N ALA A 470 28.95 23.19 8.68
CA ALA A 470 28.51 21.88 8.24
C ALA A 470 28.69 20.89 9.39
N ILE A 471 29.84 20.95 10.05
CA ILE A 471 30.06 20.21 11.28
C ILE A 471 29.56 21.08 12.44
N ASN A 472 28.74 20.49 13.30
CA ASN A 472 28.13 21.21 14.41
C ASN A 472 29.14 21.92 15.30
N GLY A 473 29.01 23.24 15.41
CA GLY A 473 29.90 24.02 16.25
C GLY A 473 31.19 24.47 15.58
N VAL A 474 31.35 24.14 14.31
CA VAL A 474 32.55 24.51 13.57
C VAL A 474 32.20 25.56 12.52
N GLY A 475 32.58 26.81 12.77
CA GLY A 475 32.17 27.91 11.91
C GLY A 475 33.10 28.27 10.78
N ASN A 476 34.20 27.53 10.65
CA ASN A 476 35.13 27.72 9.54
C ASN A 476 35.42 26.42 8.80
N ALA A 477 36.06 26.55 7.65
CA ALA A 477 36.35 25.40 6.80
C ALA A 477 37.34 24.42 7.43
N THR A 478 37.18 23.15 7.05
CA THR A 478 37.99 22.07 7.60
C THR A 478 38.64 21.30 6.46
N THR A 479 39.95 21.15 6.52
CA THR A 479 40.64 20.35 5.52
C THR A 479 40.64 18.91 6.00
N THR A 480 40.17 18.00 5.15
CA THR A 480 40.10 16.60 5.50
C THR A 480 41.06 15.80 4.62
N ASP A 481 41.51 14.67 5.12
CA ASP A 481 42.54 13.89 4.43
C ASP A 481 42.00 12.57 3.87
N PRO A 482 42.61 12.09 2.78
CA PRO A 482 42.26 10.80 2.17
C PRO A 482 42.78 9.61 2.96
N LYS A 483 42.07 8.49 2.85
CA LYS A 483 42.41 7.29 3.61
C LYS A 483 42.43 6.08 2.70
N ASN A 484 43.36 5.17 2.94
CA ASN A 484 43.39 3.92 2.21
C ASN A 484 42.14 3.11 2.53
N MET A 485 41.71 2.29 1.59
CA MET A 485 40.52 1.48 1.79
C MET A 485 40.79 0.02 1.44
N SER A 486 40.15 -0.89 2.17
CA SER A 486 40.28 -2.32 1.92
C SER A 486 38.89 -2.95 1.80
N PHE A 487 38.57 -3.41 0.60
CA PHE A 487 37.22 -3.88 0.31
C PHE A 487 36.99 -5.37 0.58
N ASN A 488 35.86 -5.68 1.18
CA ASN A 488 35.38 -7.05 1.29
C ASN A 488 33.89 -7.12 1.02
N ILE A 489 33.52 -7.94 0.03
CA ILE A 489 32.16 -8.00 -0.44
C ILE A 489 31.55 -9.39 -0.23
N THR A 490 30.41 -9.44 0.45
CA THR A 490 29.71 -10.70 0.64
C THR A 490 28.22 -10.53 0.35
N ALA A 491 27.54 -11.66 0.17
CA ALA A 491 26.09 -11.66 -0.01
C ALA A 491 25.41 -11.35 1.31
N TYR A 492 24.16 -10.89 1.26
CA TYR A 492 23.41 -10.63 2.50
C TYR A 492 22.45 -11.78 2.77
N SER A 493 22.31 -12.13 4.05
CA SER A 493 21.26 -13.05 4.49
C SER A 493 20.92 -12.81 5.96
N ASN A 494 19.86 -13.45 6.45
CA ASN A 494 19.57 -13.43 7.88
C ASN A 494 19.85 -14.80 8.49
N LYS A 495 19.76 -14.92 9.81
CA LYS A 495 20.03 -16.19 10.47
C LYS A 495 18.89 -17.17 10.27
N GLN A 496 17.71 -16.65 9.97
CA GLN A 496 16.55 -17.51 9.78
C GLN A 496 16.58 -18.18 8.41
N GLY A 497 17.36 -17.62 7.50
CA GLY A 497 17.48 -18.18 6.16
C GLY A 497 16.30 -17.84 5.28
N THR A 498 15.61 -16.75 5.60
CA THR A 498 14.42 -16.36 4.86
C THR A 498 14.74 -15.43 3.68
N VAL A 499 15.98 -14.96 3.60
CA VAL A 499 16.42 -14.22 2.41
C VAL A 499 17.47 -15.02 1.66
N SER A 500 17.22 -15.29 0.39
CA SER A 500 18.15 -16.08 -0.41
C SER A 500 19.33 -15.22 -0.84
N THR A 501 20.49 -15.85 -1.02
CA THR A 501 21.66 -15.15 -1.54
C THR A 501 21.66 -15.20 -3.07
N ASN A 502 22.22 -14.16 -3.68
CA ASN A 502 22.30 -14.07 -5.14
C ASN A 502 23.77 -14.04 -5.55
N ASP A 503 24.28 -15.20 -5.99
CA ASP A 503 25.70 -15.33 -6.31
C ASP A 503 26.07 -14.56 -7.56
N ALA A 504 25.18 -14.57 -8.54
CA ALA A 504 25.43 -13.89 -9.80
C ALA A 504 25.55 -12.39 -9.57
N PHE A 505 24.62 -11.84 -8.80
CA PHE A 505 24.63 -10.42 -8.48
C PHE A 505 25.82 -10.06 -7.59
N THR A 506 26.12 -10.92 -6.62
CA THR A 506 27.19 -10.64 -5.68
C THR A 506 28.55 -10.67 -6.36
N ALA A 507 28.71 -11.58 -7.32
CA ALA A 507 29.97 -11.76 -8.02
C ALA A 507 30.36 -10.50 -8.79
N ILE A 508 29.36 -9.72 -9.17
CA ILE A 508 29.58 -8.45 -9.86
C ILE A 508 30.46 -7.52 -9.04
N PHE A 509 30.18 -7.45 -7.75
CA PHE A 509 30.85 -6.50 -6.89
C PHE A 509 31.96 -7.11 -6.04
N LYS A 510 32.13 -8.43 -6.12
CA LYS A 510 33.23 -9.08 -5.43
C LYS A 510 34.53 -8.75 -6.14
N ALA A 511 34.42 -8.15 -7.32
CA ALA A 511 35.58 -7.67 -8.05
C ALA A 511 36.19 -6.44 -7.37
N PHE A 512 35.43 -5.84 -6.45
CA PHE A 512 35.94 -4.74 -5.64
C PHE A 512 36.92 -5.23 -4.59
N ASP A 513 36.88 -6.53 -4.28
CA ASP A 513 37.68 -7.09 -3.20
C ASP A 513 39.16 -6.74 -3.32
N GLY A 514 39.76 -6.43 -2.18
CA GLY A 514 41.16 -6.05 -2.14
C GLY A 514 41.33 -4.62 -1.69
N PRO A 515 42.57 -4.22 -1.41
CA PRO A 515 42.93 -2.87 -0.96
C PRO A 515 42.85 -1.82 -2.06
N LEU A 516 42.41 -0.63 -1.72
CA LEU A 516 42.51 0.52 -2.61
C LEU A 516 43.22 1.63 -1.85
N VAL A 517 44.54 1.69 -2.03
CA VAL A 517 45.34 2.69 -1.34
C VAL A 517 45.14 4.04 -2.02
N ILE A 518 45.45 5.12 -1.31
CA ILE A 518 45.35 6.45 -1.90
C ILE A 518 46.33 6.59 -3.06
N GLY A 519 45.90 7.24 -4.12
CA GLY A 519 46.70 7.37 -5.32
C GLY A 519 45.85 7.33 -6.57
N ASN A 520 46.39 6.70 -7.62
CA ASN A 520 45.75 6.69 -8.93
C ASN A 520 45.12 5.36 -9.27
N GLN A 521 45.19 4.41 -8.35
CA GLN A 521 44.63 3.09 -8.58
C GLN A 521 43.11 3.15 -8.67
N ILE A 522 42.51 2.22 -9.41
CA ILE A 522 41.06 2.17 -9.56
C ILE A 522 40.52 0.75 -9.39
N LYS A 523 39.51 0.62 -8.53
CA LYS A 523 38.83 -0.66 -8.37
C LYS A 523 37.60 -0.68 -9.26
N GLU A 524 37.45 -1.73 -10.06
CA GLU A 524 36.28 -1.85 -10.92
C GLU A 524 35.47 -3.10 -10.60
N SER A 525 34.16 -3.02 -10.87
CA SER A 525 33.29 -4.17 -10.75
C SER A 525 33.35 -4.99 -12.02
N GLU A 526 32.58 -6.07 -12.06
CA GLU A 526 32.42 -6.83 -13.29
C GLU A 526 31.52 -6.05 -14.23
N GLN A 527 31.53 -6.40 -15.50
CA GLN A 527 30.76 -5.68 -16.51
C GLN A 527 29.25 -5.90 -16.34
N LEU A 528 28.48 -4.83 -16.50
CA LEU A 528 27.02 -4.94 -16.42
C LEU A 528 26.39 -4.69 -17.79
N LYS A 529 25.35 -5.46 -18.09
CA LYS A 529 24.73 -5.43 -19.41
C LYS A 529 23.22 -5.22 -19.32
N LEU A 530 22.61 -4.90 -20.45
CA LEU A 530 21.17 -4.74 -20.52
C LEU A 530 20.63 -5.50 -21.72
N SER A 531 19.39 -5.97 -21.64
CA SER A 531 18.79 -6.66 -22.76
C SER A 531 18.53 -5.62 -23.84
N ALA A 532 19.13 -5.83 -25.01
CA ALA A 532 19.04 -4.86 -26.09
C ALA A 532 18.76 -5.56 -27.42
N PHE A 533 18.04 -4.89 -28.30
CA PHE A 533 17.85 -5.39 -29.66
C PHE A 533 17.74 -4.25 -30.66
N SER A 534 18.50 -4.34 -31.74
CA SER A 534 18.52 -3.31 -32.76
C SER A 534 18.07 -3.84 -34.12
N ALA A 535 17.36 -2.99 -34.86
CA ALA A 535 16.90 -3.32 -36.20
C ALA A 535 16.97 -2.10 -37.11
N GLY A 536 17.27 -2.32 -38.39
CA GLY A 536 17.31 -1.25 -39.36
C GLY A 536 16.11 -1.29 -40.29
N LEU A 537 15.16 -0.37 -40.07
CA LEU A 537 13.93 -0.34 -40.86
C LEU A 537 14.09 0.52 -42.11
N GLU A 538 13.85 -0.09 -43.27
CA GLU A 538 14.03 0.59 -44.55
C GLU A 538 12.80 1.37 -44.96
N ILE A 539 13.02 2.59 -45.44
CA ILE A 539 11.97 3.45 -45.96
C ILE A 539 12.41 4.16 -47.24
N TYR A 540 11.49 4.86 -47.87
CA TYR A 540 11.77 5.54 -49.13
C TYR A 540 11.23 6.95 -49.09
N ASP A 541 12.01 7.90 -49.60
CA ASP A 541 11.56 9.29 -49.66
C ASP A 541 10.84 9.55 -50.98
N SER A 542 10.40 10.79 -51.18
CA SER A 542 9.62 11.15 -52.35
C SER A 542 10.36 10.91 -53.67
N LEU A 543 11.69 10.85 -53.62
CA LEU A 543 12.49 10.60 -54.80
C LEU A 543 12.93 9.15 -54.88
N GLY A 544 12.50 8.35 -53.91
CA GLY A 544 12.76 6.93 -53.92
C GLY A 544 14.15 6.53 -53.47
N SER A 545 14.80 7.41 -52.71
CA SER A 545 16.07 7.05 -52.09
C SER A 545 15.77 6.21 -50.85
N LYS A 546 16.65 5.25 -50.57
CA LYS A 546 16.43 4.35 -49.45
C LYS A 546 17.09 4.85 -48.18
N HIS A 547 16.29 5.01 -47.13
CA HIS A 547 16.82 5.42 -45.83
C HIS A 547 16.62 4.29 -44.82
N THR A 548 17.50 4.24 -43.82
CA THR A 548 17.41 3.20 -42.80
C THR A 548 17.18 3.79 -41.42
N LEU A 549 16.00 3.54 -40.85
CA LEU A 549 15.73 3.92 -39.47
C LEU A 549 16.48 2.98 -38.54
N GLU A 550 17.40 3.53 -37.76
CA GLU A 550 18.14 2.74 -36.80
C GLU A 550 17.30 2.65 -35.54
N VAL A 551 16.76 1.47 -35.26
CA VAL A 551 15.89 1.31 -34.10
C VAL A 551 16.51 0.37 -33.09
N GLN A 552 16.57 0.82 -31.84
CA GLN A 552 17.11 0.02 -30.75
C GLN A 552 16.13 -0.05 -29.60
N PHE A 553 15.99 -1.24 -29.03
CA PHE A 553 15.16 -1.43 -27.85
C PHE A 553 16.05 -1.89 -26.70
N VAL A 554 15.98 -1.20 -25.57
CA VAL A 554 16.71 -1.62 -24.38
C VAL A 554 15.74 -1.74 -23.23
N LYS A 555 15.76 -2.88 -22.54
CA LYS A 555 14.80 -3.13 -21.48
C LYS A 555 15.22 -2.37 -20.24
N GLN A 556 14.28 -1.63 -19.67
CA GLN A 556 14.59 -0.72 -18.56
C GLN A 556 14.11 -1.32 -17.24
N SER A 557 12.96 -1.97 -17.27
CA SER A 557 12.36 -2.52 -16.07
C SER A 557 11.49 -3.73 -16.40
N THR A 558 11.30 -4.61 -15.42
CA THR A 558 10.39 -5.74 -15.56
C THR A 558 9.61 -5.96 -14.27
N THR A 559 8.37 -6.43 -14.40
CA THR A 559 7.56 -6.77 -13.25
C THR A 559 7.29 -8.26 -13.33
N GLN A 560 7.05 -8.90 -12.19
CA GLN A 560 6.91 -10.36 -12.13
C GLN A 560 5.76 -10.93 -12.95
N ASP A 561 4.60 -10.28 -12.88
CA ASP A 561 3.45 -10.74 -13.65
C ASP A 561 2.68 -9.53 -14.14
N GLY A 562 3.41 -8.51 -14.55
CA GLY A 562 2.82 -7.24 -14.96
C GLY A 562 3.49 -6.72 -16.21
N GLY A 563 4.36 -7.53 -16.79
CA GLY A 563 5.00 -7.22 -18.04
C GLY A 563 6.33 -6.51 -17.87
N ASN A 564 6.79 -5.85 -18.92
CA ASN A 564 8.06 -5.13 -18.89
C ASN A 564 8.02 -3.86 -19.73
N GLU A 565 9.10 -3.09 -19.69
CA GLU A 565 9.14 -1.83 -20.40
C GLU A 565 10.51 -1.61 -21.03
N TRP A 566 10.49 -1.13 -22.27
CA TRP A 566 11.71 -0.96 -23.05
C TRP A 566 11.83 0.50 -23.46
N GLN A 567 13.06 0.98 -23.58
CA GLN A 567 13.29 2.28 -24.19
C GLN A 567 13.51 2.07 -25.68
N MET A 568 12.77 2.83 -26.48
CA MET A 568 12.92 2.75 -27.92
C MET A 568 13.62 3.99 -28.44
N ILE A 569 14.75 3.79 -29.10
CA ILE A 569 15.50 4.89 -29.68
C ILE A 569 15.63 4.72 -31.19
N ILE A 570 15.21 5.76 -31.91
CA ILE A 570 15.28 5.76 -33.36
C ILE A 570 16.26 6.82 -33.85
N ARG A 571 17.21 6.41 -34.67
CA ARG A 571 18.22 7.31 -35.20
C ARG A 571 18.19 7.33 -36.72
N VAL A 572 18.45 8.51 -37.28
CA VAL A 572 18.74 8.63 -38.71
C VAL A 572 20.10 9.27 -38.85
N PRO A 573 20.81 8.93 -39.93
CA PRO A 573 22.09 9.62 -40.14
C PRO A 573 21.85 11.07 -40.55
N GLU A 574 22.69 11.97 -40.08
CA GLU A 574 22.64 13.36 -40.50
C GLU A 574 22.95 13.43 -41.99
N PRO A 575 22.36 14.40 -42.71
CA PRO A 575 21.54 15.52 -42.24
C PRO A 575 20.04 15.24 -42.12
N ALA A 576 19.64 13.97 -42.12
CA ALA A 576 18.23 13.65 -42.03
C ALA A 576 17.71 13.99 -40.64
N GLU A 577 16.42 14.29 -40.54
CA GLU A 577 15.83 14.68 -39.26
C GLU A 577 14.51 13.94 -39.00
N ILE A 578 14.26 13.61 -37.73
CA ILE A 578 13.01 12.99 -37.32
C ILE A 578 12.50 13.65 -36.05
N ASN A 579 13.33 14.52 -35.50
CA ASN A 579 13.01 15.23 -34.26
C ASN A 579 13.42 16.69 -34.39
N THR A 580 12.86 17.38 -35.39
CA THR A 580 13.27 18.73 -35.70
C THR A 580 12.70 19.72 -34.68
N THR A 581 11.46 19.48 -34.27
CA THR A 581 10.74 20.42 -33.43
C THR A 581 10.72 20.01 -31.96
N GLY A 582 11.09 18.77 -31.68
CA GLY A 582 11.10 18.29 -30.32
C GLY A 582 12.45 18.52 -29.66
N GLU A 583 12.51 18.31 -28.35
CA GLU A 583 13.77 18.47 -27.62
C GLU A 583 14.74 17.34 -27.95
N GLY A 584 16.02 17.54 -27.67
CA GLY A 584 17.02 16.54 -28.02
C GLY A 584 17.49 16.72 -29.45
N PRO A 585 18.50 15.94 -29.86
CA PRO A 585 19.01 16.00 -31.24
C PRO A 585 17.91 15.82 -32.28
N ASN A 586 18.12 16.37 -33.47
CA ASN A 586 17.09 16.37 -34.50
C ASN A 586 17.03 15.08 -35.31
N ASN A 587 18.09 14.28 -35.24
CA ASN A 587 18.13 13.02 -35.97
C ASN A 587 17.85 11.83 -35.06
N ILE A 588 17.31 12.11 -33.87
CA ILE A 588 17.07 11.07 -32.88
C ILE A 588 15.73 11.24 -32.18
N ILE A 589 14.96 10.15 -32.13
CA ILE A 589 13.69 10.10 -31.41
C ILE A 589 13.79 9.11 -30.25
N VAL A 590 13.29 9.52 -29.09
CA VAL A 590 13.30 8.65 -27.91
C VAL A 590 11.87 8.29 -27.54
N GLY A 591 11.60 6.99 -27.46
CA GLY A 591 10.28 6.53 -27.10
C GLY A 591 10.29 5.30 -26.21
N THR A 592 9.12 4.71 -26.02
CA THR A 592 8.99 3.55 -25.15
C THR A 592 8.20 2.45 -25.84
N ALA A 593 8.42 1.22 -25.39
CA ALA A 593 7.62 0.08 -25.81
C ALA A 593 7.31 -0.76 -24.59
N ARG A 594 6.02 -0.89 -24.27
CA ARG A 594 5.62 -1.61 -23.07
C ARG A 594 4.89 -2.90 -23.44
N PHE A 595 5.11 -3.94 -22.65
CA PHE A 595 4.51 -5.24 -22.94
C PHE A 595 3.77 -5.85 -21.75
N ASN A 596 2.79 -6.70 -22.05
CA ASN A 596 2.03 -7.40 -21.03
C ASN A 596 2.73 -8.68 -20.57
N ASN A 597 2.20 -9.31 -19.53
CA ASN A 597 2.81 -10.51 -18.95
C ASN A 597 2.80 -11.69 -19.91
N ASP A 598 1.88 -11.68 -20.87
CA ASP A 598 1.80 -12.75 -21.85
C ASP A 598 2.73 -12.48 -23.01
N GLY A 599 3.39 -11.32 -22.98
CA GLY A 599 4.36 -10.98 -24.00
C GLY A 599 3.78 -10.10 -25.09
N SER A 600 2.46 -9.96 -25.10
CA SER A 600 1.78 -9.17 -26.11
C SER A 600 2.11 -7.69 -25.93
N LEU A 601 1.97 -6.93 -27.02
CA LEU A 601 2.20 -5.50 -26.98
C LEU A 601 1.15 -4.81 -26.12
N ALA A 602 1.58 -3.90 -25.27
CA ALA A 602 0.66 -3.10 -24.47
C ALA A 602 0.51 -1.73 -25.11
N SER A 603 1.64 -1.09 -25.36
CA SER A 603 1.67 0.23 -25.97
C SER A 603 3.08 0.56 -26.46
N TYR A 604 3.16 1.45 -27.44
CA TYR A 604 4.44 2.01 -27.86
C TYR A 604 4.21 3.45 -28.30
N THR A 605 5.24 4.27 -28.14
CA THR A 605 5.19 5.67 -28.52
C THR A 605 6.58 6.09 -28.98
N PRO A 606 6.65 6.96 -30.00
CA PRO A 606 5.50 7.51 -30.74
C PRO A 606 4.93 6.54 -31.76
N ARG A 607 3.77 6.87 -32.33
CA ARG A 607 3.10 6.00 -33.28
C ARG A 607 3.45 6.41 -34.71
N THR A 608 3.87 7.67 -34.86
CA THR A 608 4.27 8.19 -36.16
C THR A 608 5.53 9.01 -35.99
N ILE A 609 6.27 9.20 -37.08
CA ILE A 609 7.41 10.09 -37.08
C ILE A 609 7.26 11.09 -38.22
N ASN A 610 7.97 12.20 -38.12
CA ASN A 610 7.96 13.20 -39.18
C ASN A 610 9.34 13.24 -39.81
N PHE A 611 9.46 12.68 -41.01
CA PHE A 611 10.75 12.46 -41.63
C PHE A 611 11.11 13.55 -42.63
N SER A 612 12.31 14.08 -42.47
CA SER A 612 12.86 15.08 -43.38
C SER A 612 14.26 14.66 -43.76
N PRO A 613 14.40 14.06 -44.95
CA PRO A 613 15.67 13.50 -45.42
C PRO A 613 16.71 14.56 -45.72
N ASN A 614 16.28 15.75 -46.08
CA ASN A 614 17.17 16.85 -46.42
C ASN A 614 18.24 16.43 -47.44
N ASN A 615 17.80 15.75 -48.49
CA ASN A 615 18.68 15.34 -49.58
C ASN A 615 18.10 15.72 -50.94
N GLY A 616 17.10 16.58 -50.93
CA GLY A 616 16.43 17.00 -52.15
C GLY A 616 14.95 16.65 -52.08
N ALA A 617 14.66 15.51 -51.47
CA ALA A 617 13.29 15.01 -51.34
C ALA A 617 12.43 15.92 -50.45
N ALA A 618 11.12 15.71 -50.51
CA ALA A 618 10.19 16.53 -49.72
C ALA A 618 10.36 16.28 -48.22
N PRO A 619 10.28 17.35 -47.43
CA PRO A 619 10.36 17.27 -45.96
C PRO A 619 9.04 16.89 -45.31
N ASN A 620 9.06 16.69 -44.00
CA ASN A 620 7.86 16.39 -43.23
C ASN A 620 7.09 15.21 -43.78
N GLN A 621 7.84 14.20 -44.23
CA GLN A 621 7.26 12.95 -44.70
C GLN A 621 6.77 12.16 -43.49
N GLN A 622 5.46 12.22 -43.24
CA GLN A 622 4.88 11.52 -42.10
C GLN A 622 4.90 10.01 -42.30
N ILE A 623 5.59 9.31 -41.41
CA ILE A 623 5.69 7.87 -41.49
C ILE A 623 5.07 7.21 -40.26
N LYS A 624 4.14 6.32 -40.53
CA LYS A 624 3.41 5.60 -39.48
C LYS A 624 4.23 4.41 -38.98
N LEU A 625 4.29 4.25 -37.66
CA LEU A 625 4.98 3.10 -37.07
C LEU A 625 3.96 2.02 -36.75
N SER A 626 4.02 0.92 -37.50
CA SER A 626 3.12 -0.20 -37.30
C SER A 626 3.83 -1.35 -36.63
N PHE A 627 3.87 -1.32 -35.30
CA PHE A 627 4.64 -2.30 -34.54
C PHE A 627 3.71 -3.27 -33.82
N GLY A 628 2.45 -3.30 -34.24
CA GLY A 628 1.48 -4.20 -33.66
C GLY A 628 0.34 -3.40 -33.07
N THR A 629 -0.74 -4.09 -32.72
CA THR A 629 -1.87 -3.44 -32.06
C THR A 629 -1.87 -3.91 -30.61
N SER A 630 -2.46 -3.10 -29.72
CA SER A 630 -2.43 -3.40 -28.30
C SER A 630 -3.13 -4.72 -28.01
N GLY A 631 -2.45 -5.60 -27.27
CA GLY A 631 -3.02 -6.85 -26.85
C GLY A 631 -2.71 -8.04 -27.75
N SER A 632 -2.07 -7.78 -28.89
CA SER A 632 -1.82 -8.84 -29.86
C SER A 632 -0.34 -9.19 -30.00
N ASN A 633 -0.05 -10.10 -30.91
CA ASN A 633 1.32 -10.54 -31.15
C ASN A 633 1.71 -10.34 -32.61
N ASP A 634 1.03 -9.42 -33.28
CA ASP A 634 1.18 -9.25 -34.72
C ASP A 634 2.43 -8.45 -35.10
N GLY A 635 2.93 -7.63 -34.17
CA GLY A 635 4.12 -6.85 -34.42
C GLY A 635 5.25 -7.10 -33.44
N LEU A 636 5.40 -6.19 -32.48
CA LEU A 636 6.42 -6.35 -31.44
C LEU A 636 5.91 -7.23 -30.30
N VAL A 637 6.74 -8.17 -29.88
CA VAL A 637 6.44 -8.98 -28.72
C VAL A 637 7.66 -9.07 -27.83
N SER A 638 7.45 -9.32 -26.55
CA SER A 638 8.55 -9.53 -25.63
C SER A 638 8.29 -10.81 -24.86
N SER A 639 8.99 -11.89 -25.23
CA SER A 639 8.76 -13.17 -24.60
C SER A 639 10.08 -13.84 -24.23
N ASN A 640 9.99 -14.98 -23.54
CA ASN A 640 11.16 -15.66 -23.01
C ASN A 640 11.87 -16.48 -24.08
N SER A 641 12.42 -15.78 -25.08
CA SER A 641 13.26 -16.39 -26.10
C SER A 641 14.12 -15.33 -26.76
N ALA A 642 15.16 -15.76 -27.47
CA ALA A 642 16.14 -14.88 -28.08
C ALA A 642 15.51 -13.68 -28.79
N SER A 643 16.09 -12.50 -28.58
CA SER A 643 15.65 -11.32 -29.30
C SER A 643 15.96 -11.55 -30.77
N THR A 644 14.97 -11.33 -31.62
CA THR A 644 15.15 -11.62 -33.04
C THR A 644 14.20 -10.84 -33.94
N LEU A 645 14.66 -10.60 -35.16
CA LEU A 645 13.84 -9.93 -36.16
C LEU A 645 13.21 -10.95 -37.10
N THR A 646 11.89 -10.97 -37.15
CA THR A 646 11.18 -11.90 -38.02
C THR A 646 11.01 -11.28 -39.40
N GLY A 647 10.62 -10.01 -39.43
CA GLY A 647 10.49 -9.30 -40.69
C GLY A 647 10.12 -7.84 -40.55
N GLN A 648 10.27 -7.11 -41.66
CA GLN A 648 9.87 -5.72 -41.73
C GLN A 648 9.23 -5.46 -43.09
N ALA A 649 8.50 -4.36 -43.20
CA ALA A 649 7.85 -4.02 -44.46
C ALA A 649 7.54 -2.54 -44.53
N THR A 650 7.48 -2.01 -45.74
CA THR A 650 7.05 -0.64 -45.96
C THR A 650 6.33 -0.53 -47.30
N ASP A 651 5.50 0.50 -47.43
CA ASP A 651 4.69 0.69 -48.63
C ASP A 651 5.37 1.58 -49.67
N GLY A 652 6.59 2.01 -49.38
CA GLY A 652 7.33 2.84 -50.30
C GLY A 652 8.24 2.01 -51.19
N TYR A 653 8.62 2.58 -52.32
CA TYR A 653 9.52 1.91 -53.25
C TYR A 653 10.18 2.94 -54.17
N THR A 654 11.34 2.60 -54.71
CA THR A 654 12.02 3.48 -55.64
C THR A 654 11.38 3.38 -57.01
N SER A 655 11.79 4.26 -57.92
CA SER A 655 11.26 4.23 -59.28
C SER A 655 11.73 2.96 -59.96
N GLY A 656 10.93 2.46 -60.91
CA GLY A 656 11.25 1.21 -61.55
C GLY A 656 10.62 1.04 -62.91
N ASN A 657 11.10 0.06 -63.67
CA ASN A 657 10.53 -0.25 -64.97
C ASN A 657 10.07 -1.69 -65.04
N LEU A 658 9.09 -1.96 -65.89
CA LEU A 658 8.63 -3.32 -66.12
C LEU A 658 9.58 -4.15 -66.96
N LYS A 659 9.96 -5.31 -66.43
CA LYS A 659 10.74 -6.26 -67.20
C LYS A 659 9.74 -7.17 -67.92
N PRO A 660 9.72 -7.10 -69.26
CA PRO A 660 8.75 -7.78 -70.11
C PRO A 660 8.70 -9.30 -69.94
N ASP A 661 9.86 -9.95 -69.91
CA ASP A 661 9.95 -11.41 -69.91
C ASP A 661 9.73 -12.07 -68.55
N ALA A 662 9.35 -11.27 -67.56
CA ALA A 662 9.16 -11.80 -66.21
C ALA A 662 7.67 -11.89 -65.90
N ILE A 663 6.86 -11.69 -66.93
CA ILE A 663 5.41 -11.76 -66.79
C ILE A 663 4.98 -13.20 -66.53
N ARG A 664 3.99 -13.36 -65.66
CA ARG A 664 3.38 -14.66 -65.39
C ARG A 664 1.97 -14.48 -64.85
N VAL A 665 1.26 -15.58 -64.64
CA VAL A 665 -0.11 -15.53 -64.15
C VAL A 665 -0.32 -16.48 -62.98
N ASP A 666 -0.99 -15.99 -61.94
CA ASP A 666 -1.27 -16.82 -60.77
C ASP A 666 -2.56 -17.61 -61.01
N ASP A 667 -2.94 -18.44 -60.05
CA ASP A 667 -4.12 -19.28 -60.19
C ASP A 667 -5.39 -18.46 -60.08
N LYS A 668 -5.26 -17.22 -59.63
CA LYS A 668 -6.40 -16.33 -59.48
C LYS A 668 -6.57 -15.46 -60.72
N GLY A 669 -5.83 -15.76 -61.77
CA GLY A 669 -6.02 -15.08 -63.03
C GLY A 669 -5.32 -13.73 -63.10
N ASN A 670 -4.50 -13.44 -62.08
CA ASN A 670 -3.81 -12.16 -62.04
C ASN A 670 -2.52 -12.21 -62.86
N ILE A 671 -2.34 -11.25 -63.74
CA ILE A 671 -1.10 -11.12 -64.50
C ILE A 671 -0.09 -10.35 -63.65
N LEU A 672 0.97 -11.05 -63.22
CA LEU A 672 1.94 -10.48 -62.31
C LEU A 672 3.11 -9.81 -63.03
N GLY A 673 3.24 -8.51 -62.84
CA GLY A 673 4.32 -7.73 -63.42
C GLY A 673 5.42 -7.45 -62.43
N GLU A 674 6.61 -7.99 -62.69
CA GLU A 674 7.78 -7.72 -61.86
C GLU A 674 8.52 -6.49 -62.37
N PHE A 675 8.97 -5.63 -61.44
CA PHE A 675 9.67 -4.41 -61.82
C PHE A 675 11.12 -4.37 -61.34
N THR A 676 11.86 -3.39 -61.85
CA THR A 676 13.27 -3.23 -61.52
C THR A 676 13.47 -2.73 -60.09
N ASN A 677 12.40 -2.19 -59.52
CA ASN A 677 12.44 -1.68 -58.16
C ASN A 677 12.22 -2.79 -57.12
N GLY A 678 12.05 -4.02 -57.58
CA GLY A 678 11.86 -5.14 -56.68
C GLY A 678 10.40 -5.44 -56.41
N LYS A 679 9.54 -4.48 -56.73
CA LYS A 679 8.10 -4.64 -56.52
C LYS A 679 7.46 -5.55 -57.56
N THR A 680 6.36 -6.18 -57.18
CA THR A 680 5.58 -7.03 -58.08
C THR A 680 4.11 -6.63 -57.99
N PHE A 681 3.54 -6.19 -59.11
CA PHE A 681 2.15 -5.75 -59.13
C PHE A 681 1.27 -6.64 -59.99
N ALA A 682 0.00 -6.74 -59.62
CA ALA A 682 -0.98 -7.35 -60.50
C ALA A 682 -1.45 -6.28 -61.46
N VAL A 683 -0.85 -6.25 -62.65
CA VAL A 683 -1.16 -5.21 -63.63
C VAL A 683 -2.46 -5.46 -64.37
N ALA A 684 -2.91 -6.71 -64.37
CA ALA A 684 -4.16 -7.07 -65.03
C ALA A 684 -4.71 -8.38 -64.48
N LYS A 685 -6.03 -8.52 -64.47
CA LYS A 685 -6.66 -9.78 -64.07
C LYS A 685 -7.49 -10.39 -65.21
N ILE A 686 -7.13 -11.60 -65.62
CA ILE A 686 -7.82 -12.31 -66.71
C ILE A 686 -9.26 -12.68 -66.36
N ALA A 687 -10.20 -12.22 -67.18
CA ALA A 687 -11.62 -12.52 -66.98
C ALA A 687 -11.94 -13.95 -67.35
N MET A 688 -12.60 -14.67 -66.44
CA MET A 688 -13.05 -16.03 -66.73
C MET A 688 -14.56 -16.10 -66.74
N ALA A 689 -15.10 -16.53 -67.87
CA ALA A 689 -16.54 -16.52 -68.09
C ALA A 689 -17.10 -17.87 -68.52
N SER A 690 -18.25 -18.23 -67.98
CA SER A 690 -18.84 -19.53 -68.27
C SER A 690 -20.22 -19.34 -68.91
N VAL A 691 -20.78 -20.41 -69.45
CA VAL A 691 -22.13 -20.36 -69.99
C VAL A 691 -23.04 -21.38 -69.33
N ALA A 692 -24.35 -21.22 -69.50
CA ALA A 692 -25.32 -22.09 -68.87
C ALA A 692 -25.17 -23.53 -69.39
N ASN A 693 -24.86 -23.64 -70.67
CA ASN A 693 -24.70 -24.94 -71.32
C ASN A 693 -23.42 -24.97 -72.16
N ASN A 694 -22.72 -26.10 -72.13
CA ASN A 694 -21.42 -26.21 -72.78
C ASN A 694 -21.50 -27.15 -73.98
N SER A 695 -22.68 -27.75 -74.16
CA SER A 695 -22.87 -28.75 -75.19
C SER A 695 -23.46 -28.07 -76.41
N GLY A 696 -23.81 -26.81 -76.23
CA GLY A 696 -24.44 -26.03 -77.27
C GLY A 696 -23.53 -24.89 -77.69
N LEU A 697 -22.42 -25.23 -78.30
CA LEU A 697 -21.42 -24.26 -78.70
C LEU A 697 -20.75 -24.77 -79.95
N GLU A 698 -20.36 -23.84 -80.81
CA GLU A 698 -19.88 -24.17 -82.15
C GLU A 698 -18.39 -23.89 -82.34
N GLU A 699 -17.69 -24.85 -82.91
CA GLU A 699 -16.30 -24.65 -83.27
C GLU A 699 -16.29 -23.77 -84.51
N ILE A 700 -15.77 -22.56 -84.36
CA ILE A 700 -15.67 -21.62 -85.47
C ILE A 700 -14.20 -21.49 -85.87
N GLY A 701 -13.42 -20.77 -85.09
CA GLY A 701 -11.99 -20.68 -85.31
C GLY A 701 -11.28 -21.85 -84.66
N GLY A 702 -9.96 -21.77 -84.60
CA GLY A 702 -9.15 -22.77 -83.93
C GLY A 702 -9.36 -22.80 -82.43
N ASN A 703 -10.20 -23.72 -81.98
CA ASN A 703 -10.61 -23.84 -80.57
C ASN A 703 -11.40 -22.64 -80.08
N LEU A 704 -11.94 -21.86 -81.01
CA LEU A 704 -12.83 -20.74 -80.67
C LEU A 704 -14.30 -21.18 -80.64
N PHE A 705 -15.07 -20.64 -79.72
CA PHE A 705 -16.48 -20.99 -79.61
C PHE A 705 -17.33 -19.73 -79.50
N LYS A 706 -18.48 -19.74 -80.16
CA LYS A 706 -19.38 -18.58 -80.14
C LYS A 706 -20.63 -18.99 -79.38
N VAL A 707 -21.30 -18.03 -78.75
CA VAL A 707 -22.52 -18.35 -78.00
C VAL A 707 -23.68 -18.63 -78.95
N THR A 708 -24.60 -19.47 -78.48
CA THR A 708 -25.84 -19.76 -79.19
C THR A 708 -27.03 -19.42 -78.32
N ALA A 709 -28.19 -19.91 -78.73
CA ALA A 709 -29.36 -19.86 -77.88
C ALA A 709 -29.32 -21.09 -76.99
N ASN A 710 -28.66 -22.14 -77.48
CA ASN A 710 -28.50 -23.37 -76.72
C ASN A 710 -27.50 -23.29 -75.59
N SER A 711 -26.51 -22.40 -75.70
CA SER A 711 -25.51 -22.23 -74.66
C SER A 711 -25.96 -21.31 -73.54
N GLY A 712 -26.73 -20.31 -73.91
CA GLY A 712 -27.16 -19.27 -72.99
C GLY A 712 -26.13 -18.16 -73.05
N ASN A 713 -26.48 -17.00 -72.51
CA ASN A 713 -25.59 -15.84 -72.49
C ASN A 713 -24.40 -16.04 -71.55
N ILE A 714 -23.38 -15.21 -71.72
CA ILE A 714 -22.14 -15.36 -70.96
C ILE A 714 -22.18 -14.65 -69.62
N VAL A 715 -21.88 -15.39 -68.55
CA VAL A 715 -21.69 -14.78 -67.25
C VAL A 715 -20.18 -14.72 -67.00
N VAL A 716 -19.68 -13.53 -66.69
CA VAL A 716 -18.25 -13.33 -66.49
C VAL A 716 -17.94 -13.20 -65.01
N GLY A 717 -16.88 -13.90 -64.57
CA GLY A 717 -16.49 -13.87 -63.18
C GLY A 717 -14.98 -13.91 -63.04
N GLU A 718 -14.52 -14.10 -61.81
CA GLU A 718 -13.10 -14.10 -61.53
C GLU A 718 -12.66 -15.46 -60.96
N ALA A 719 -11.54 -15.96 -61.46
CA ALA A 719 -11.04 -17.28 -61.07
C ALA A 719 -10.78 -17.38 -59.57
N GLY A 720 -11.19 -18.50 -58.99
CA GLY A 720 -11.01 -18.73 -57.56
C GLY A 720 -12.29 -18.44 -56.81
N THR A 721 -13.24 -17.79 -57.49
CA THR A 721 -14.56 -17.50 -56.92
C THR A 721 -15.66 -18.25 -57.67
N GLY A 722 -16.54 -18.94 -56.95
CA GLY A 722 -17.60 -19.69 -57.59
C GLY A 722 -17.35 -21.18 -57.73
N GLY A 723 -16.40 -21.53 -58.60
CA GLY A 723 -16.03 -22.92 -58.82
C GLY A 723 -15.23 -23.04 -60.11
N ARG A 724 -14.10 -22.35 -60.15
CA ARG A 724 -13.29 -22.24 -61.36
C ARG A 724 -11.76 -22.30 -61.09
N GLY A 725 -11.01 -21.34 -61.62
CA GLY A 725 -9.55 -21.31 -61.42
C GLY A 725 -8.65 -21.61 -62.62
N GLU A 726 -7.36 -21.28 -62.48
CA GLU A 726 -6.37 -21.41 -63.57
C GLU A 726 -5.07 -22.09 -63.13
N MET A 727 -4.28 -22.56 -64.11
CA MET A 727 -3.01 -23.22 -63.81
C MET A 727 -1.84 -22.91 -64.76
N LYS A 728 -0.64 -23.24 -64.29
CA LYS A 728 0.64 -23.18 -65.03
C LYS A 728 0.99 -21.75 -65.48
N THR A 729 2.13 -21.59 -66.13
CA THR A 729 2.62 -20.27 -66.51
C THR A 729 3.31 -20.29 -67.88
N VAL B 4 41.33 -36.13 49.95
CA VAL B 4 42.59 -35.48 50.30
C VAL B 4 42.73 -34.13 49.58
N ALA B 5 42.60 -33.05 50.35
CA ALA B 5 42.71 -31.70 49.81
C ALA B 5 44.12 -31.14 50.00
N ILE B 6 44.63 -30.43 48.99
CA ILE B 6 45.96 -29.83 49.08
C ILE B 6 45.99 -28.42 48.52
N ASN B 7 47.13 -27.76 48.72
CA ASN B 7 47.48 -26.54 48.02
C ASN B 7 48.96 -26.25 48.16
N GLY B 8 49.71 -26.41 47.07
CA GLY B 8 51.11 -26.02 47.04
C GLY B 8 51.15 -24.61 46.50
N ASP B 9 50.10 -23.85 46.81
CA ASP B 9 49.84 -22.59 46.17
C ASP B 9 48.74 -21.83 46.93
N GLY B 10 49.09 -21.45 48.15
CA GLY B 10 48.15 -20.90 49.10
C GLY B 10 48.75 -21.14 50.46
N PHE B 11 47.98 -20.99 51.53
CA PHE B 11 48.53 -21.12 52.87
C PHE B 11 47.55 -21.73 53.87
N PHE B 12 47.84 -22.96 54.31
CA PHE B 12 47.25 -23.55 55.52
C PHE B 12 45.72 -23.79 55.52
N MET B 13 45.29 -24.79 56.29
CA MET B 13 43.91 -25.25 56.26
C MET B 13 43.15 -25.02 57.58
N VAL B 14 43.90 -24.72 58.63
CA VAL B 14 43.34 -24.33 59.93
C VAL B 14 42.52 -25.43 60.61
N SER B 15 43.09 -26.04 61.65
CA SER B 15 42.42 -27.10 62.40
C SER B 15 42.27 -26.72 63.89
N ASP B 16 41.47 -27.49 64.62
CA ASP B 16 41.14 -27.14 66.00
C ASP B 16 40.44 -28.26 66.77
N ASP B 17 40.61 -28.26 68.10
CA ASP B 17 39.81 -29.07 69.00
C ASP B 17 38.96 -28.19 69.91
N GLY B 18 37.67 -28.50 70.03
CA GLY B 18 36.76 -27.68 70.81
C GLY B 18 36.45 -26.37 70.10
N GLY B 19 36.39 -25.29 70.86
CA GLY B 19 36.16 -23.96 70.30
C GLY B 19 37.36 -23.06 70.47
N LEU B 20 37.55 -22.13 69.54
CA LEU B 20 38.72 -21.25 69.52
C LEU B 20 40.00 -22.08 69.50
N THR B 21 41.14 -21.49 69.85
CA THR B 21 42.43 -22.19 69.85
C THR B 21 42.70 -22.92 68.53
N ASN B 22 42.97 -22.17 67.47
CA ASN B 22 43.17 -22.75 66.16
C ASN B 22 44.64 -22.99 65.82
N TYR B 23 44.90 -24.03 65.04
CA TYR B 23 46.24 -24.34 64.56
C TYR B 23 46.20 -24.42 63.04
N LEU B 24 47.36 -24.30 62.39
CA LEU B 24 47.43 -24.27 60.93
C LEU B 24 48.15 -25.48 60.38
N THR B 25 47.82 -25.88 59.16
CA THR B 25 48.48 -27.01 58.52
C THR B 25 48.26 -27.02 57.01
N ARG B 26 49.22 -27.59 56.29
CA ARG B 26 49.10 -27.73 54.84
C ARG B 26 48.85 -29.18 54.45
N SER B 27 48.74 -30.04 55.46
CA SER B 27 48.40 -31.45 55.23
C SER B 27 46.88 -31.62 55.18
N GLY B 28 46.38 -32.14 54.07
CA GLY B 28 44.94 -32.31 53.91
C GLY B 28 44.52 -33.76 53.81
N ASP B 29 45.05 -34.58 54.72
CA ASP B 29 44.67 -35.98 54.84
C ASP B 29 43.31 -36.10 55.52
N PHE B 30 42.29 -35.50 54.91
CA PHE B 30 41.01 -35.34 55.59
C PHE B 30 39.99 -36.42 55.20
N LYS B 31 39.01 -36.61 56.09
CA LYS B 31 37.93 -37.56 55.85
C LYS B 31 36.70 -37.15 56.64
N LEU B 32 35.59 -37.80 56.35
CA LEU B 32 34.35 -37.61 57.10
C LEU B 32 34.13 -38.86 57.95
N ASP B 33 33.95 -38.69 59.26
CA ASP B 33 33.74 -39.85 60.12
C ASP B 33 32.27 -40.23 60.19
N ALA B 34 31.87 -40.91 61.25
CA ALA B 34 30.49 -41.36 61.40
C ALA B 34 29.69 -40.42 62.29
N TYR B 35 30.37 -39.77 63.23
CA TYR B 35 29.71 -38.82 64.13
C TYR B 35 29.22 -37.62 63.33
N GLY B 36 29.87 -37.38 62.19
CA GLY B 36 29.55 -36.25 61.35
C GLY B 36 30.60 -35.17 61.46
N ASN B 37 31.86 -35.56 61.30
CA ASN B 37 32.96 -34.60 61.38
C ASN B 37 33.93 -34.71 60.21
N PHE B 38 34.31 -33.56 59.68
CA PHE B 38 35.34 -33.48 58.65
C PHE B 38 36.68 -33.28 59.32
N VAL B 39 37.47 -34.37 59.40
CA VAL B 39 38.67 -34.37 60.23
C VAL B 39 39.89 -34.96 59.54
N ASN B 40 41.06 -34.75 60.15
CA ASN B 40 42.30 -35.36 59.69
C ASN B 40 42.56 -36.69 60.38
N ASN B 41 43.81 -37.16 60.34
CA ASN B 41 44.16 -38.42 60.94
C ASN B 41 44.32 -38.32 62.47
N ALA B 42 44.88 -37.20 62.91
CA ALA B 42 45.08 -36.96 64.34
C ALA B 42 43.78 -36.60 65.04
N GLY B 43 42.69 -36.56 64.28
CA GLY B 43 41.37 -36.34 64.85
C GLY B 43 41.00 -34.89 65.09
N PHE B 44 41.61 -33.98 64.32
CA PHE B 44 41.28 -32.56 64.43
C PHE B 44 40.25 -32.16 63.38
N VAL B 45 39.27 -31.37 63.82
CA VAL B 45 38.20 -30.95 62.93
C VAL B 45 38.63 -29.72 62.12
N VAL B 46 38.53 -29.84 60.80
CA VAL B 46 38.87 -28.75 59.90
C VAL B 46 37.93 -27.57 60.11
N GLN B 47 38.47 -26.36 60.14
CA GLN B 47 37.65 -25.16 60.30
C GLN B 47 37.16 -24.66 58.95
N GLY B 48 35.91 -24.22 58.90
CA GLY B 48 35.32 -23.69 57.69
C GLY B 48 33.93 -23.16 57.94
N TRP B 49 33.16 -23.01 56.88
CA TRP B 49 31.79 -22.54 57.01
C TRP B 49 30.80 -23.62 56.59
N ASN B 50 29.57 -23.47 57.03
CA ASN B 50 28.55 -24.47 56.77
C ASN B 50 27.34 -23.88 56.07
N ILE B 51 26.73 -24.67 55.21
CA ILE B 51 25.56 -24.23 54.46
C ILE B 51 24.39 -23.96 55.39
N ASN B 52 23.73 -22.84 55.18
CA ASN B 52 22.48 -22.53 55.87
C ASN B 52 21.31 -23.02 55.01
N TRP B 53 20.68 -24.11 55.43
CA TRP B 53 19.59 -24.71 54.68
C TRP B 53 18.37 -23.79 54.52
N ASP B 54 18.36 -22.69 55.26
CA ASP B 54 17.27 -21.72 55.18
C ASP B 54 17.26 -21.02 53.82
N ASP B 55 18.43 -20.90 53.21
CA ASP B 55 18.56 -20.29 51.89
C ASP B 55 19.65 -20.96 51.05
N GLN B 56 20.19 -22.05 51.57
CA GLN B 56 21.24 -22.84 50.90
C GLN B 56 22.48 -22.00 50.58
N THR B 57 22.75 -21.01 51.42
CA THR B 57 23.93 -20.17 51.25
C THR B 57 24.98 -20.46 52.31
N ILE B 58 26.24 -20.26 51.95
CA ILE B 58 27.36 -20.40 52.88
C ILE B 58 28.01 -19.03 53.05
N ASP B 59 27.83 -18.43 54.22
CA ASP B 59 28.31 -17.06 54.45
C ASP B 59 29.74 -17.02 54.94
N SER B 60 30.63 -16.48 54.11
CA SER B 60 32.03 -16.34 54.44
C SER B 60 32.27 -15.14 55.35
N SER B 61 31.32 -14.21 55.35
CA SER B 61 31.36 -13.05 56.24
C SER B 61 31.34 -13.47 57.71
N ARG B 62 30.92 -14.71 57.96
CA ARG B 62 30.80 -15.23 59.32
C ARG B 62 32.10 -15.86 59.81
N THR B 63 32.37 -15.71 61.10
CA THR B 63 33.52 -16.34 61.74
C THR B 63 33.42 -17.86 61.61
N PRO B 64 34.54 -18.51 61.23
CA PRO B 64 34.61 -19.95 61.02
C PRO B 64 34.10 -20.78 62.19
N GLN B 65 33.95 -22.08 61.97
CA GLN B 65 33.28 -22.94 62.92
C GLN B 65 33.64 -24.40 62.67
N ASN B 66 33.54 -25.22 63.71
CA ASN B 66 33.82 -26.64 63.60
C ASN B 66 32.60 -27.44 63.15
N ILE B 67 31.74 -27.72 64.12
CA ILE B 67 30.71 -28.74 63.99
C ILE B 67 29.51 -28.36 63.12
N PHE B 68 29.15 -29.29 62.23
CA PHE B 68 27.88 -29.29 61.50
C PHE B 68 27.82 -30.60 60.74
N ILE B 69 27.32 -30.55 59.51
CA ILE B 69 27.06 -31.71 58.63
C ILE B 69 26.31 -32.85 59.35
N ASP B 70 25.96 -33.88 58.60
CA ASP B 70 25.14 -34.98 59.10
C ASP B 70 25.12 -36.08 58.05
N PRO B 71 25.78 -37.21 58.33
CA PRO B 71 25.95 -38.29 57.36
C PRO B 71 24.64 -38.94 56.91
N GLY B 72 23.61 -38.86 57.75
CA GLY B 72 22.30 -39.38 57.40
C GLY B 72 21.31 -38.27 57.13
N MET B 73 21.81 -37.16 56.58
CA MET B 73 21.00 -35.97 56.36
C MET B 73 19.94 -36.20 55.29
N HIS B 74 18.71 -35.79 55.60
CA HIS B 74 17.61 -35.84 54.66
C HIS B 74 17.22 -34.44 54.22
N ILE B 75 17.15 -34.21 52.92
CA ILE B 75 16.74 -32.91 52.39
C ILE B 75 15.31 -32.98 51.84
N PRO B 76 14.43 -32.10 52.35
CA PRO B 76 13.03 -32.06 51.94
C PRO B 76 12.88 -31.57 50.50
N ALA B 77 11.84 -32.02 49.81
CA ALA B 77 11.62 -31.62 48.42
C ALA B 77 11.32 -30.13 48.31
N ALA B 78 11.59 -29.56 47.14
CA ALA B 78 11.24 -28.17 46.86
C ALA B 78 10.47 -28.10 45.55
N LYS B 79 9.35 -27.38 45.55
CA LYS B 79 8.55 -27.25 44.34
C LYS B 79 9.24 -26.32 43.36
N SER B 80 8.99 -26.54 42.08
CA SER B 80 9.47 -25.65 41.04
C SER B 80 8.71 -24.33 41.07
N THR B 81 9.43 -23.23 40.91
CA THR B 81 8.80 -21.92 40.76
C THR B 81 9.08 -21.40 39.37
N GLU B 82 9.86 -22.18 38.63
CA GLU B 82 10.40 -21.75 37.35
C GLU B 82 10.97 -22.92 36.57
N VAL B 83 10.77 -22.90 35.26
CA VAL B 83 11.43 -23.85 34.36
C VAL B 83 11.98 -23.08 33.17
N ALA B 84 13.22 -23.38 32.81
CA ALA B 84 13.89 -22.65 31.75
C ALA B 84 14.26 -23.58 30.60
N ILE B 85 14.29 -23.05 29.39
CA ILE B 85 14.64 -23.86 28.24
C ILE B 85 15.64 -23.14 27.35
N LYS B 86 16.49 -23.93 26.68
CA LYS B 86 17.41 -23.43 25.68
C LYS B 86 17.26 -24.33 24.47
N ALA B 87 16.70 -23.81 23.37
CA ALA B 87 16.37 -24.65 22.24
C ALA B 87 16.25 -23.85 20.95
N ASN B 88 16.38 -24.55 19.83
CA ASN B 88 16.18 -23.94 18.52
C ASN B 88 14.98 -24.54 17.82
N LEU B 89 14.16 -23.68 17.22
CA LEU B 89 13.06 -24.11 16.38
C LEU B 89 13.45 -23.83 14.93
N ASN B 90 13.58 -24.88 14.12
CA ASN B 90 14.09 -24.73 12.77
C ASN B 90 13.27 -23.77 11.92
N SER B 91 13.90 -22.67 11.51
CA SER B 91 13.24 -21.66 10.69
C SER B 91 13.48 -21.90 9.21
N GLY B 92 14.27 -22.93 8.89
CA GLY B 92 14.68 -23.17 7.52
C GLY B 92 13.85 -24.19 6.74
N LEU B 93 14.39 -24.64 5.61
CA LEU B 93 13.66 -25.49 4.66
C LEU B 93 13.99 -26.98 4.77
N ASN B 94 14.79 -27.35 5.76
CA ASN B 94 15.15 -28.74 5.98
C ASN B 94 14.89 -29.16 7.42
N ILE B 95 13.71 -29.73 7.68
CA ILE B 95 13.30 -30.05 9.04
C ILE B 95 13.36 -31.55 9.32
N GLY B 96 13.57 -32.35 8.28
CA GLY B 96 13.69 -33.79 8.44
C GLY B 96 12.42 -34.45 8.95
N THR B 97 12.49 -35.03 10.15
CA THR B 97 11.33 -35.68 10.78
C THR B 97 10.82 -34.85 11.94
N SER B 98 11.48 -33.73 12.22
CA SER B 98 10.99 -32.81 13.24
C SER B 98 9.82 -32.03 12.65
N SER B 99 8.71 -32.73 12.47
CA SER B 99 7.57 -32.20 11.77
C SER B 99 6.27 -32.75 12.31
N ARG B 100 5.16 -32.19 11.87
CA ARG B 100 3.85 -32.74 12.15
C ARG B 100 2.99 -32.59 10.92
N ASN B 101 1.95 -33.42 10.81
CA ASN B 101 1.06 -33.35 9.67
C ASN B 101 0.29 -32.04 9.65
N LEU B 102 0.00 -31.55 8.45
CA LEU B 102 -0.89 -30.40 8.29
C LEU B 102 -2.24 -30.69 8.93
N TYR B 103 -2.84 -29.68 9.55
CA TYR B 103 -4.11 -29.86 10.24
C TYR B 103 -5.24 -30.20 9.29
N ALA B 104 -6.21 -30.97 9.78
CA ALA B 104 -7.35 -31.40 8.95
C ALA B 104 -8.36 -30.28 8.77
N LEU B 105 -9.13 -30.35 7.68
CA LEU B 105 -10.10 -29.32 7.36
C LEU B 105 -11.46 -29.86 6.92
N ASP B 106 -12.50 -29.35 7.56
CA ASP B 106 -13.90 -29.45 7.11
C ASP B 106 -14.07 -29.27 5.60
N SER B 107 -15.21 -29.70 5.07
CA SER B 107 -15.55 -29.35 3.71
C SER B 107 -16.30 -28.02 3.67
N VAL B 108 -16.60 -27.46 4.85
CA VAL B 108 -17.36 -26.22 4.95
C VAL B 108 -16.51 -25.06 5.46
N HIS B 109 -16.38 -24.01 4.66
CA HIS B 109 -15.57 -22.86 5.04
C HIS B 109 -16.18 -22.07 6.20
N GLY B 110 -15.35 -21.73 7.18
CA GLY B 110 -15.77 -20.93 8.31
C GLY B 110 -16.74 -21.63 9.26
N TRP B 111 -16.61 -22.95 9.38
CA TRP B 111 -17.59 -23.74 10.10
C TRP B 111 -17.07 -25.12 10.51
N ASN B 112 -17.11 -25.43 11.80
CA ASN B 112 -16.77 -26.77 12.26
C ASN B 112 -17.97 -27.69 12.17
N THR B 113 -17.87 -28.72 11.33
CA THR B 113 -19.00 -29.62 11.07
C THR B 113 -19.30 -30.56 12.23
N LYS B 114 -18.29 -30.88 13.03
CA LYS B 114 -18.48 -31.84 14.13
C LYS B 114 -19.09 -31.16 15.37
N THR B 115 -18.79 -29.87 15.55
CA THR B 115 -19.30 -29.12 16.67
C THR B 115 -20.50 -28.27 16.25
N GLN B 116 -20.66 -28.13 14.93
CA GLN B 116 -21.72 -27.32 14.34
C GLN B 116 -21.70 -25.91 14.92
N ARG B 117 -20.50 -25.33 14.98
CA ARG B 117 -20.29 -23.96 15.40
C ARG B 117 -19.58 -23.19 14.31
N ALA B 118 -19.80 -21.88 14.26
CA ALA B 118 -19.07 -21.03 13.32
C ALA B 118 -17.71 -20.69 13.89
N GLU B 119 -16.65 -21.19 13.26
CA GLU B 119 -15.28 -20.87 13.66
C GLU B 119 -14.44 -20.61 12.42
N ASP B 120 -13.59 -19.58 12.49
CA ASP B 120 -12.73 -19.23 11.37
C ASP B 120 -11.44 -20.05 11.39
N GLU B 121 -11.24 -20.88 10.37
CA GLU B 121 -10.09 -21.76 10.30
C GLU B 121 -8.78 -20.97 10.15
N ASN B 122 -8.87 -19.77 9.57
CA ASN B 122 -7.68 -18.97 9.32
C ASN B 122 -7.31 -18.03 10.49
N ASP B 123 -8.21 -17.90 11.45
CA ASP B 123 -7.94 -17.09 12.64
C ASP B 123 -6.89 -17.77 13.51
N THR B 124 -5.79 -17.07 13.75
CA THR B 124 -4.72 -17.62 14.59
C THR B 124 -5.11 -17.60 16.06
N GLY B 125 -6.10 -16.78 16.38
CA GLY B 125 -6.57 -16.64 17.74
C GLY B 125 -7.57 -17.70 18.16
N THR B 126 -8.02 -18.50 17.21
CA THR B 126 -8.92 -19.61 17.52
C THR B 126 -8.25 -20.95 17.25
N THR B 127 -8.19 -21.79 18.28
CA THR B 127 -7.63 -23.13 18.14
C THR B 127 -8.65 -24.17 18.60
N GLN B 128 -8.93 -25.14 17.73
CA GLN B 128 -9.97 -26.12 17.99
C GLN B 128 -9.41 -27.53 18.14
N PHE B 129 -10.05 -28.33 18.98
CA PHE B 129 -9.57 -29.67 19.25
C PHE B 129 -10.59 -30.74 18.88
N TYR B 130 -10.08 -31.97 18.71
CA TYR B 130 -10.93 -33.14 18.49
C TYR B 130 -10.23 -34.33 19.14
N THR B 131 -11.00 -35.38 19.41
CA THR B 131 -10.44 -36.55 20.07
C THR B 131 -10.26 -37.70 19.07
N THR B 132 -9.07 -38.28 19.06
CA THR B 132 -8.73 -39.33 18.12
C THR B 132 -9.23 -40.70 18.58
N SER B 133 -8.97 -41.72 17.76
CA SER B 133 -9.24 -43.10 18.12
C SER B 133 -8.38 -43.54 19.30
N LYS B 134 -7.18 -42.96 19.38
CA LYS B 134 -6.25 -43.23 20.46
C LYS B 134 -6.57 -42.37 21.68
N ASN B 135 -7.76 -41.77 21.66
CA ASN B 135 -8.22 -40.89 22.73
C ASN B 135 -7.21 -39.79 23.05
N SER B 136 -6.56 -39.28 22.02
CA SER B 136 -5.63 -38.16 22.18
C SER B 136 -6.27 -36.89 21.64
N VAL B 137 -6.07 -35.79 22.36
CA VAL B 137 -6.67 -34.51 22.00
C VAL B 137 -5.76 -33.74 21.05
N GLU B 138 -6.22 -33.52 19.82
CA GLU B 138 -5.38 -32.90 18.81
C GLU B 138 -6.04 -31.71 18.13
N VAL B 139 -5.22 -30.88 17.49
CA VAL B 139 -5.69 -29.69 16.78
C VAL B 139 -6.25 -30.06 15.41
N THR B 140 -7.40 -29.48 15.09
CA THR B 140 -8.01 -29.65 13.78
C THR B 140 -8.63 -28.34 13.36
N GLU B 141 -9.04 -28.25 12.09
CA GLU B 141 -9.74 -27.07 11.60
C GLU B 141 -8.89 -25.80 11.64
N LYS B 142 -7.61 -25.94 11.30
CA LYS B 142 -6.70 -24.81 11.31
C LYS B 142 -6.05 -24.61 9.95
N GLY B 143 -6.38 -23.51 9.30
CA GLY B 143 -5.73 -23.15 8.05
C GLY B 143 -4.32 -22.67 8.30
N VAL B 144 -3.38 -23.11 7.49
CA VAL B 144 -1.99 -22.71 7.64
C VAL B 144 -1.50 -21.98 6.41
N ASP B 145 -0.79 -20.87 6.61
CA ASP B 145 -0.12 -20.14 5.53
C ASP B 145 0.68 -21.12 4.67
N ALA B 146 0.46 -21.07 3.36
CA ALA B 146 1.07 -22.02 2.44
C ALA B 146 2.57 -21.81 2.31
N GLY B 147 3.06 -20.66 2.79
CA GLY B 147 4.48 -20.38 2.77
C GLY B 147 5.24 -21.21 3.78
N SER B 148 4.52 -21.80 4.72
CA SER B 148 5.12 -22.59 5.79
C SER B 148 4.85 -24.09 5.63
N LEU B 149 4.65 -24.53 4.40
CA LEU B 149 4.36 -25.94 4.13
C LEU B 149 5.61 -26.76 3.81
N PHE B 150 5.58 -28.03 4.20
CA PHE B 150 6.68 -28.96 3.93
C PHE B 150 6.12 -30.24 3.33
N ASN B 151 6.96 -30.99 2.60
CA ASN B 151 6.53 -32.29 2.11
C ASN B 151 6.91 -33.38 3.11
N ALA B 152 6.67 -34.63 2.76
CA ALA B 152 6.94 -35.75 3.64
C ALA B 152 8.43 -35.91 3.94
N LYS B 153 9.28 -35.39 3.05
CA LYS B 153 10.73 -35.47 3.23
C LYS B 153 11.22 -34.45 4.26
N GLY B 154 10.39 -33.45 4.55
CA GLY B 154 10.78 -32.38 5.45
C GLY B 154 11.39 -31.22 4.68
N GLN B 155 11.21 -31.23 3.37
CA GLN B 155 11.68 -30.16 2.51
C GLN B 155 10.61 -29.09 2.38
N GLY B 156 10.96 -27.84 2.70
CA GLY B 156 10.05 -26.74 2.51
C GLY B 156 9.72 -26.57 1.04
N LEU B 157 8.47 -26.26 0.74
CA LEU B 157 8.06 -26.07 -0.65
C LEU B 157 8.53 -24.71 -1.14
N ASN B 158 8.95 -23.87 -0.21
CA ASN B 158 9.47 -22.53 -0.50
C ASN B 158 8.57 -21.77 -1.48
N LEU B 159 7.26 -21.83 -1.23
CA LEU B 159 6.30 -21.17 -2.09
C LEU B 159 6.44 -19.66 -1.97
N ARG B 160 6.43 -18.98 -3.12
CA ARG B 160 6.61 -17.53 -3.15
C ARG B 160 5.37 -16.81 -3.67
N ASP B 161 5.27 -15.52 -3.37
CA ASP B 161 4.21 -14.69 -3.91
C ASP B 161 4.23 -14.73 -5.43
N GLY B 162 3.08 -15.00 -6.05
CA GLY B 162 2.98 -15.00 -7.50
C GLY B 162 3.10 -16.38 -8.11
N GLN B 163 3.62 -17.33 -7.34
CA GLN B 163 3.70 -18.71 -7.80
C GLN B 163 2.36 -19.40 -7.66
N GLY B 164 2.12 -20.41 -8.49
CA GLY B 164 0.89 -21.16 -8.40
C GLY B 164 0.83 -22.34 -9.34
N ILE B 165 -0.38 -22.87 -9.51
CA ILE B 165 -0.59 -24.06 -10.31
C ILE B 165 -1.83 -23.92 -11.18
N TRP B 166 -1.96 -24.82 -12.15
CA TRP B 166 -3.20 -25.00 -12.89
C TRP B 166 -3.92 -26.22 -12.34
N VAL B 167 -5.23 -26.15 -12.23
CA VAL B 167 -6.02 -27.32 -11.91
C VAL B 167 -7.12 -27.50 -12.95
N SER B 168 -6.97 -28.53 -13.78
CA SER B 168 -8.03 -28.88 -14.72
C SER B 168 -8.94 -29.90 -14.04
N TYR B 169 -10.24 -29.63 -14.04
CA TYR B 169 -11.19 -30.50 -13.36
C TYR B 169 -11.80 -31.51 -14.33
N ALA B 170 -11.75 -31.16 -15.60
CA ALA B 170 -12.24 -32.01 -16.68
C ALA B 170 -11.62 -31.56 -17.99
N ASP B 171 -11.78 -32.35 -19.05
CA ASP B 171 -11.26 -31.94 -20.33
C ASP B 171 -12.19 -30.89 -20.93
N ALA B 172 -11.61 -29.84 -21.47
CA ALA B 172 -12.39 -28.83 -22.18
C ALA B 172 -12.71 -29.34 -23.58
N THR B 173 -14.00 -29.42 -23.90
CA THR B 173 -14.42 -29.91 -25.19
C THR B 173 -15.37 -28.92 -25.86
N TYR B 174 -15.33 -28.86 -27.19
CA TYR B 174 -16.31 -28.08 -27.94
C TYR B 174 -16.56 -28.67 -29.31
N SER B 175 -17.82 -28.67 -29.73
CA SER B 175 -18.19 -29.15 -31.05
C SER B 175 -18.74 -28.00 -31.90
N THR B 176 -18.24 -27.88 -33.13
CA THR B 176 -18.77 -26.88 -34.06
C THR B 176 -20.03 -27.41 -34.73
N ASN B 177 -20.81 -26.50 -35.32
CA ASN B 177 -21.98 -26.88 -36.10
C ASN B 177 -22.95 -27.78 -35.32
N LYS B 178 -23.33 -27.34 -34.12
CA LYS B 178 -24.28 -28.07 -33.28
C LYS B 178 -25.67 -28.00 -33.86
N VAL B 179 -25.89 -27.02 -34.73
CA VAL B 179 -27.19 -26.84 -35.37
C VAL B 179 -27.45 -27.96 -36.38
N GLY B 180 -26.40 -28.70 -36.73
CA GLY B 180 -26.54 -29.92 -37.50
C GLY B 180 -26.73 -29.76 -38.99
N VAL B 181 -26.22 -28.67 -39.56
CA VAL B 181 -26.24 -28.50 -41.01
C VAL B 181 -25.38 -29.57 -41.66
N ASN B 182 -25.94 -30.27 -42.64
CA ASN B 182 -25.23 -31.35 -43.31
C ASN B 182 -24.00 -30.85 -44.05
N ALA B 183 -22.98 -31.70 -44.16
CA ALA B 183 -21.80 -31.37 -44.95
C ALA B 183 -22.19 -31.23 -46.42
N PHE B 184 -21.42 -30.46 -47.17
CA PHE B 184 -21.60 -30.40 -48.62
C PHE B 184 -21.32 -31.78 -49.21
N ASP B 185 -22.26 -32.30 -50.00
CA ASP B 185 -22.08 -33.60 -50.63
C ASP B 185 -21.82 -33.45 -52.12
N PRO B 186 -20.60 -33.80 -52.56
CA PRO B 186 -20.21 -33.74 -53.98
C PRO B 186 -21.05 -34.64 -54.87
N ASN B 187 -21.35 -35.85 -54.40
CA ASN B 187 -22.07 -36.83 -55.20
C ASN B 187 -23.59 -36.70 -55.10
N LEU B 188 -24.05 -35.69 -54.36
CA LEU B 188 -25.48 -35.38 -54.31
C LEU B 188 -25.79 -34.32 -55.37
N GLN B 189 -25.95 -34.78 -56.60
CA GLN B 189 -26.08 -33.90 -57.76
C GLN B 189 -27.39 -33.11 -57.74
N GLN B 190 -27.50 -32.21 -56.76
CA GLN B 190 -28.61 -31.27 -56.64
C GLN B 190 -28.19 -30.12 -55.74
N ASN B 191 -28.98 -29.06 -55.71
CA ASN B 191 -28.61 -27.85 -54.97
C ASN B 191 -28.59 -28.04 -53.45
N GLN B 192 -27.48 -27.68 -52.84
CA GLN B 192 -27.31 -27.80 -51.40
C GLN B 192 -26.93 -26.47 -50.76
N THR B 193 -27.63 -26.12 -49.68
CA THR B 193 -27.17 -25.07 -48.78
C THR B 193 -26.58 -25.78 -47.56
N ALA B 194 -25.26 -25.92 -47.54
CA ALA B 194 -24.61 -26.79 -46.58
C ALA B 194 -23.32 -26.22 -45.99
N ALA B 195 -22.72 -26.98 -45.08
CA ALA B 195 -21.40 -26.64 -44.54
C ALA B 195 -20.33 -26.93 -45.59
N PHE B 196 -19.72 -25.87 -46.12
CA PHE B 196 -18.79 -26.01 -47.24
C PHE B 196 -17.33 -25.85 -46.85
N TRP B 197 -16.54 -26.89 -47.10
CA TRP B 197 -15.14 -26.92 -46.71
C TRP B 197 -14.18 -26.88 -47.90
N GLY B 198 -14.72 -26.55 -49.07
CA GLY B 198 -13.91 -26.39 -50.27
C GLY B 198 -13.91 -27.59 -51.18
N THR B 199 -13.40 -27.42 -52.40
CA THR B 199 -13.23 -28.50 -53.34
C THR B 199 -11.79 -28.52 -53.85
N ALA B 200 -11.53 -29.35 -54.86
CA ALA B 200 -10.20 -29.40 -55.47
C ALA B 200 -10.00 -28.22 -56.43
N ASN B 201 -11.05 -27.45 -56.64
CA ASN B 201 -11.00 -26.32 -57.58
C ASN B 201 -11.48 -25.01 -56.94
N GLN B 202 -12.15 -25.10 -55.80
CA GLN B 202 -12.55 -23.92 -55.04
C GLN B 202 -12.01 -23.99 -53.62
N LYS B 203 -11.42 -22.90 -53.15
CA LYS B 203 -10.82 -22.87 -51.82
C LYS B 203 -11.63 -22.01 -50.86
N VAL B 204 -11.58 -22.34 -49.59
CA VAL B 204 -12.28 -21.58 -48.56
C VAL B 204 -11.28 -20.94 -47.61
N ASN B 205 -11.68 -19.80 -47.04
CA ASN B 205 -10.80 -19.06 -46.14
C ASN B 205 -10.97 -19.48 -44.70
N LEU B 206 -10.02 -20.28 -44.20
CA LEU B 206 -9.95 -20.57 -42.77
C LEU B 206 -9.33 -19.37 -42.08
N ASP B 207 -10.11 -18.69 -41.24
CA ASP B 207 -9.60 -17.55 -40.49
C ASP B 207 -10.20 -17.53 -39.09
N ILE B 208 -9.44 -18.05 -38.13
CA ILE B 208 -9.87 -18.10 -36.74
C ILE B 208 -8.77 -17.64 -35.81
N THR B 209 -9.10 -17.52 -34.53
CA THR B 209 -8.12 -17.32 -33.48
C THR B 209 -8.42 -18.31 -32.36
N LEU B 210 -7.48 -19.22 -32.13
CA LEU B 210 -7.67 -20.29 -31.15
C LEU B 210 -6.65 -20.14 -30.02
N ASN B 211 -7.15 -19.85 -28.82
CA ASN B 211 -6.30 -19.57 -27.65
C ASN B 211 -5.28 -18.46 -27.95
N GLY B 212 -5.73 -17.41 -28.62
CA GLY B 212 -4.88 -16.28 -28.93
C GLY B 212 -4.02 -16.44 -30.16
N VAL B 213 -3.97 -17.67 -30.68
CA VAL B 213 -3.17 -17.94 -31.88
C VAL B 213 -4.02 -17.81 -33.14
N ARG B 214 -3.61 -16.90 -34.02
CA ARG B 214 -4.33 -16.70 -35.28
C ARG B 214 -4.03 -17.84 -36.24
N ILE B 215 -5.02 -18.68 -36.48
CA ILE B 215 -4.89 -19.78 -37.43
C ILE B 215 -5.60 -19.39 -38.73
N GLN B 216 -4.82 -18.99 -39.72
CA GLN B 216 -5.37 -18.43 -40.94
C GLN B 216 -4.86 -19.14 -42.17
N ASN B 217 -5.77 -19.57 -43.04
CA ASN B 217 -5.42 -20.24 -44.27
C ASN B 217 -6.47 -19.97 -45.35
N ALA B 218 -5.99 -19.66 -46.57
CA ALA B 218 -6.89 -19.33 -47.67
C ALA B 218 -6.87 -20.41 -48.75
N ASP B 219 -6.05 -21.44 -48.54
CA ASP B 219 -5.95 -22.54 -49.50
C ASP B 219 -6.60 -23.83 -48.98
N ILE B 220 -7.69 -23.69 -48.25
CA ILE B 220 -8.39 -24.85 -47.68
C ILE B 220 -9.28 -25.53 -48.73
N GLN B 221 -9.05 -26.82 -48.94
CA GLN B 221 -9.78 -27.56 -49.97
C GLN B 221 -10.66 -28.66 -49.37
N SER B 222 -10.20 -29.28 -48.29
CA SER B 222 -11.01 -30.26 -47.58
C SER B 222 -11.12 -29.87 -46.11
N ILE B 223 -12.02 -30.53 -45.39
CA ILE B 223 -12.12 -30.28 -43.96
C ILE B 223 -10.90 -30.88 -43.27
N ASP B 224 -10.33 -31.92 -43.88
CA ASP B 224 -9.12 -32.55 -43.35
C ASP B 224 -7.92 -31.61 -43.44
N ASP B 225 -7.88 -30.83 -44.52
CA ASP B 225 -6.83 -29.82 -44.69
C ASP B 225 -6.84 -28.84 -43.52
N ALA B 226 -8.04 -28.38 -43.17
CA ALA B 226 -8.21 -27.45 -42.05
C ALA B 226 -7.86 -28.09 -40.71
N ILE B 227 -8.29 -29.34 -40.50
CA ILE B 227 -7.97 -30.07 -39.29
C ILE B 227 -6.46 -30.21 -39.10
N ALA B 228 -5.80 -30.71 -40.13
CA ALA B 228 -4.36 -30.90 -40.11
C ALA B 228 -3.64 -29.59 -39.80
N TYR B 229 -4.08 -28.52 -40.46
CA TYR B 229 -3.46 -27.20 -40.29
C TYR B 229 -3.64 -26.69 -38.86
N ILE B 230 -4.82 -26.89 -38.30
CA ILE B 230 -5.12 -26.48 -36.93
C ILE B 230 -4.24 -27.26 -35.94
N ASN B 231 -3.99 -28.53 -36.24
CA ASN B 231 -3.24 -29.40 -35.34
C ASN B 231 -1.72 -29.24 -35.44
N THR B 232 -1.27 -28.30 -36.28
CA THR B 232 0.14 -27.92 -36.29
C THR B 232 0.38 -26.85 -35.22
N PHE B 233 -0.72 -26.30 -34.71
CA PHE B 233 -0.67 -25.28 -33.67
C PHE B 233 -0.92 -25.85 -32.27
N THR B 234 -1.19 -27.15 -32.20
CA THR B 234 -1.44 -27.80 -30.90
C THR B 234 -0.22 -27.70 -29.99
N ALA B 235 0.91 -28.22 -30.46
CA ALA B 235 2.16 -28.12 -29.74
C ALA B 235 2.91 -26.85 -30.12
N PRO B 236 3.64 -26.26 -29.16
CA PRO B 236 4.42 -25.06 -29.47
C PRO B 236 5.70 -25.37 -30.23
N THR B 237 6.16 -24.42 -31.02
CA THR B 237 7.50 -24.48 -31.59
C THR B 237 8.39 -23.53 -30.80
N ASP B 238 9.69 -23.63 -30.97
CA ASP B 238 10.64 -22.75 -30.28
C ASP B 238 10.34 -21.28 -30.54
N THR B 239 9.78 -20.99 -31.71
CA THR B 239 9.49 -19.61 -32.11
C THR B 239 8.00 -19.26 -32.04
N ARG B 240 7.14 -20.28 -31.94
CA ARG B 240 5.69 -20.07 -32.01
C ARG B 240 4.92 -20.78 -30.90
N ASP B 241 3.89 -20.11 -30.39
CA ASP B 241 3.05 -20.68 -29.34
C ASP B 241 2.23 -21.86 -29.80
N GLY B 242 1.85 -22.71 -28.84
CA GLY B 242 0.89 -23.77 -29.08
C GLY B 242 -0.45 -23.37 -28.51
N THR B 243 -1.46 -24.21 -28.72
CA THR B 243 -2.79 -23.95 -28.19
C THR B 243 -3.14 -24.97 -27.12
N GLY B 244 -2.50 -26.13 -27.20
CA GLY B 244 -2.83 -27.24 -26.33
C GLY B 244 -4.08 -27.96 -26.79
N VAL B 245 -4.70 -27.43 -27.85
CA VAL B 245 -5.98 -27.91 -28.34
C VAL B 245 -5.82 -28.85 -29.53
N LYS B 246 -6.50 -29.99 -29.48
CA LYS B 246 -6.49 -30.96 -30.57
C LYS B 246 -7.79 -30.89 -31.34
N ALA B 247 -7.69 -31.00 -32.67
CA ALA B 247 -8.88 -30.95 -33.53
C ALA B 247 -9.18 -32.31 -34.13
N VAL B 248 -10.45 -32.70 -34.11
CA VAL B 248 -10.88 -33.92 -34.79
C VAL B 248 -12.22 -33.66 -35.47
N LYS B 249 -12.50 -34.42 -36.52
CA LYS B 249 -13.72 -34.25 -37.30
C LYS B 249 -14.88 -35.02 -36.68
N ASN B 250 -16.10 -34.47 -36.79
CA ASN B 250 -17.28 -35.18 -36.33
C ASN B 250 -17.67 -36.27 -37.33
N LYS B 251 -18.69 -37.06 -36.99
CA LYS B 251 -19.06 -38.23 -37.77
C LYS B 251 -19.29 -37.96 -39.26
N ASP B 252 -20.05 -36.91 -39.58
CA ASP B 252 -20.42 -36.64 -40.96
C ASP B 252 -19.53 -35.58 -41.63
N GLY B 253 -18.43 -35.23 -40.98
CA GLY B 253 -17.46 -34.31 -41.55
C GLY B 253 -17.98 -32.91 -41.85
N SER B 254 -18.94 -32.47 -41.05
CA SER B 254 -19.54 -31.15 -41.22
C SER B 254 -18.91 -30.13 -40.29
N GLY B 255 -18.28 -30.61 -39.22
CA GLY B 255 -17.69 -29.74 -38.22
C GLY B 255 -16.55 -30.37 -37.43
N ILE B 256 -16.07 -29.64 -36.43
CA ILE B 256 -14.88 -30.03 -35.69
C ILE B 256 -15.18 -30.30 -34.22
N ASP B 257 -14.58 -31.35 -33.68
CA ASP B 257 -14.64 -31.63 -32.25
C ASP B 257 -13.31 -31.25 -31.60
N PHE B 258 -13.33 -30.20 -30.79
CA PHE B 258 -12.12 -29.73 -30.12
C PHE B 258 -12.00 -30.34 -28.72
N VAL B 259 -10.76 -30.63 -28.32
CA VAL B 259 -10.49 -31.13 -26.98
C VAL B 259 -9.17 -30.58 -26.47
N ASN B 260 -9.19 -30.04 -25.26
CA ASN B 260 -7.98 -29.68 -24.53
C ASN B 260 -8.00 -30.34 -23.16
N ASP B 261 -7.09 -31.27 -22.94
CA ASP B 261 -7.00 -31.98 -21.67
C ASP B 261 -6.26 -31.14 -20.62
N ASN B 262 -5.78 -29.97 -21.05
CA ASN B 262 -5.08 -29.04 -20.18
C ASN B 262 -3.86 -29.64 -19.47
N ALA B 263 -3.34 -30.74 -20.00
CA ALA B 263 -2.22 -31.43 -19.37
C ALA B 263 -0.86 -30.90 -19.85
N ASP B 264 -0.88 -30.12 -20.93
CA ASP B 264 0.35 -29.62 -21.53
C ASP B 264 0.54 -28.14 -21.29
N GLY B 265 1.79 -27.73 -21.08
CA GLY B 265 2.11 -26.32 -20.91
C GLY B 265 1.89 -25.79 -19.51
N THR B 266 2.21 -24.51 -19.32
CA THR B 266 2.11 -23.86 -18.01
C THR B 266 1.48 -22.48 -18.14
N THR B 267 1.09 -22.11 -19.35
CA THR B 267 0.61 -20.76 -19.63
C THR B 267 -0.85 -20.72 -20.06
N ASP B 268 -1.46 -19.54 -19.93
CA ASP B 268 -2.88 -19.33 -20.24
C ASP B 268 -3.27 -19.79 -21.64
N ASN B 269 -2.35 -19.61 -22.60
CA ASN B 269 -2.62 -19.94 -24.00
C ASN B 269 -2.67 -21.44 -24.27
N MET B 270 -2.21 -22.23 -23.30
CA MET B 270 -2.18 -23.68 -23.43
C MET B 270 -3.31 -24.35 -22.66
N LYS B 271 -4.12 -23.54 -21.99
CA LYS B 271 -5.21 -24.07 -21.17
C LYS B 271 -6.56 -23.76 -21.78
N ASN B 272 -7.51 -24.68 -21.61
CA ASN B 272 -8.89 -24.51 -22.04
C ASN B 272 -9.05 -24.29 -23.54
N ILE B 273 -10.25 -23.87 -23.94
CA ILE B 273 -10.55 -23.56 -25.32
C ILE B 273 -11.14 -22.17 -25.45
N ASN B 274 -10.44 -21.28 -26.15
CA ASN B 274 -10.98 -19.98 -26.49
C ASN B 274 -11.01 -19.81 -28.00
N LEU B 275 -12.19 -19.99 -28.58
CA LEU B 275 -12.35 -19.95 -30.03
C LEU B 275 -13.02 -18.66 -30.48
N VAL B 276 -12.33 -17.88 -31.31
CA VAL B 276 -12.93 -16.69 -31.92
C VAL B 276 -12.87 -16.80 -33.44
N VAL B 277 -14.03 -16.73 -34.08
CA VAL B 277 -14.12 -16.89 -35.53
C VAL B 277 -14.26 -15.54 -36.23
N ALA B 278 -13.41 -15.28 -37.22
CA ALA B 278 -13.47 -14.05 -37.99
C ALA B 278 -14.71 -14.03 -38.89
N ASN B 279 -15.31 -12.85 -39.05
CA ASN B 279 -16.46 -12.70 -39.94
C ASN B 279 -16.08 -12.93 -41.40
N THR B 280 -14.78 -12.98 -41.65
CA THR B 280 -14.24 -13.23 -42.98
C THR B 280 -13.90 -14.70 -43.20
N ASN B 281 -14.09 -15.51 -42.15
CA ASN B 281 -13.93 -16.96 -42.28
C ASN B 281 -15.02 -17.53 -43.19
N THR B 282 -14.62 -18.40 -44.11
CA THR B 282 -15.57 -19.02 -45.03
C THR B 282 -15.48 -20.54 -44.95
N ALA B 283 -14.37 -21.02 -44.41
CA ALA B 283 -14.18 -22.46 -44.24
C ALA B 283 -15.18 -23.04 -43.24
N GLY B 284 -16.00 -23.97 -43.72
CA GLY B 284 -16.98 -24.62 -42.87
C GLY B 284 -18.21 -23.78 -42.59
N GLU B 285 -18.29 -22.64 -43.25
CA GLU B 285 -19.45 -21.77 -43.16
C GLU B 285 -20.57 -22.27 -44.08
N LEU B 286 -21.67 -21.53 -44.12
CA LEU B 286 -22.81 -21.91 -44.96
C LEU B 286 -22.66 -21.40 -46.38
N TRP B 287 -22.65 -22.32 -47.34
CA TRP B 287 -22.60 -21.95 -48.75
C TRP B 287 -23.76 -22.54 -49.52
N ASN B 288 -24.29 -21.76 -50.47
CA ASN B 288 -25.22 -22.29 -51.44
C ASN B 288 -24.45 -22.97 -52.56
N ALA B 289 -24.58 -24.29 -52.64
CA ALA B 289 -24.05 -25.03 -53.79
C ALA B 289 -25.12 -25.11 -54.86
N VAL B 290 -24.73 -24.94 -56.11
CA VAL B 290 -25.68 -24.99 -57.22
C VAL B 290 -25.23 -25.97 -58.28
N TRP B 291 -26.12 -26.91 -58.63
CA TRP B 291 -25.80 -27.96 -59.58
C TRP B 291 -26.33 -27.65 -60.99
N ASN B 292 -25.50 -27.91 -61.98
CA ASN B 292 -25.86 -27.75 -63.38
C ASN B 292 -25.82 -29.11 -64.08
N ASN B 293 -26.98 -29.71 -64.34
CA ASN B 293 -27.05 -31.06 -64.89
C ASN B 293 -26.41 -31.17 -66.28
N ASN B 294 -26.43 -30.07 -67.02
CA ASN B 294 -25.82 -30.02 -68.34
C ASN B 294 -24.33 -30.31 -68.29
N ASN B 295 -23.57 -29.43 -67.64
CA ASN B 295 -22.12 -29.56 -67.53
C ASN B 295 -21.70 -30.49 -66.39
N GLN B 296 -22.67 -30.85 -65.54
CA GLN B 296 -22.43 -31.67 -64.36
C GLN B 296 -21.33 -31.08 -63.47
N THR B 297 -21.50 -29.81 -63.11
CA THR B 297 -20.54 -29.11 -62.27
C THR B 297 -21.25 -28.33 -61.17
N PHE B 298 -20.50 -27.90 -60.17
CA PHE B 298 -21.05 -27.13 -59.07
C PHE B 298 -20.60 -25.67 -59.10
N THR B 299 -21.52 -24.76 -58.79
CA THR B 299 -21.18 -23.37 -58.57
C THR B 299 -21.41 -23.07 -57.10
N PHE B 300 -20.59 -22.21 -56.53
CA PHE B 300 -20.69 -21.92 -55.10
C PHE B 300 -20.81 -20.43 -54.81
N ASN B 301 -21.68 -20.10 -53.87
CA ASN B 301 -21.77 -18.75 -53.32
C ASN B 301 -22.15 -18.84 -51.85
N ASN B 302 -21.90 -17.78 -51.11
CA ASN B 302 -22.26 -17.73 -49.70
C ASN B 302 -23.12 -16.52 -49.39
N ASN B 303 -23.70 -15.95 -50.44
CA ASN B 303 -24.58 -14.79 -50.30
C ASN B 303 -26.04 -15.14 -50.58
N GLY B 304 -26.28 -15.89 -51.64
CA GLY B 304 -27.63 -16.25 -52.03
C GLY B 304 -28.35 -15.07 -52.68
N ASN B 305 -29.47 -15.35 -53.34
CA ASN B 305 -30.23 -14.29 -54.00
C ASN B 305 -31.61 -14.07 -53.39
N GLY B 306 -31.88 -14.75 -52.29
CA GLY B 306 -33.19 -14.67 -51.66
C GLY B 306 -34.26 -15.34 -52.51
N GLN B 307 -33.84 -16.34 -53.28
CA GLN B 307 -34.75 -17.10 -54.12
C GLN B 307 -34.39 -18.59 -54.02
N ALA B 308 -35.38 -19.43 -53.76
CA ALA B 308 -35.19 -20.85 -53.44
C ALA B 308 -34.19 -21.59 -54.32
N GLY B 309 -33.52 -22.59 -53.74
CA GLY B 309 -32.41 -23.25 -54.39
C GLY B 309 -31.13 -22.51 -54.03
N THR B 310 -31.26 -21.20 -53.94
CA THR B 310 -30.19 -20.33 -53.45
C THR B 310 -30.76 -19.35 -52.44
N PRO B 311 -31.13 -19.83 -51.24
CA PRO B 311 -31.68 -18.91 -50.24
C PRO B 311 -30.66 -17.84 -49.85
N THR B 312 -31.12 -16.64 -49.54
CA THR B 312 -30.20 -15.61 -49.06
C THR B 312 -29.67 -16.05 -47.71
N ILE B 313 -28.39 -15.78 -47.47
CA ILE B 313 -27.71 -16.27 -46.28
C ILE B 313 -27.36 -15.14 -45.32
N ASN B 314 -27.91 -15.19 -44.11
CA ASN B 314 -27.68 -14.17 -43.10
C ASN B 314 -26.94 -14.73 -41.89
N LYS B 315 -25.63 -14.52 -41.85
CA LYS B 315 -24.82 -14.90 -40.70
C LYS B 315 -25.33 -14.26 -39.42
N ASN B 316 -25.87 -13.04 -39.56
CA ASN B 316 -26.43 -12.28 -38.45
C ASN B 316 -25.42 -12.08 -37.33
N GLY B 317 -24.16 -11.84 -37.69
CA GLY B 317 -23.10 -11.62 -36.73
C GLY B 317 -22.62 -12.90 -36.08
N SER B 318 -22.92 -14.03 -36.71
CA SER B 318 -22.52 -15.33 -36.19
C SER B 318 -21.74 -16.15 -37.21
N SER B 319 -21.37 -17.36 -36.80
CA SER B 319 -20.73 -18.34 -37.68
C SER B 319 -21.48 -19.66 -37.58
N LEU B 320 -21.32 -20.52 -38.58
CA LEU B 320 -21.93 -21.84 -38.55
C LEU B 320 -21.26 -22.69 -37.48
N TRP B 321 -20.02 -22.32 -37.16
CA TRP B 321 -19.25 -22.98 -36.11
C TRP B 321 -19.91 -22.83 -34.74
N THR B 322 -20.38 -21.61 -34.48
CA THR B 322 -20.73 -21.18 -33.14
C THR B 322 -22.21 -20.80 -32.96
N ALA B 323 -22.99 -20.91 -34.03
CA ALA B 323 -24.41 -20.56 -33.95
C ALA B 323 -25.18 -21.48 -33.03
N THR B 324 -25.99 -20.88 -32.15
CA THR B 324 -26.84 -21.64 -31.24
C THR B 324 -28.12 -22.09 -31.92
N ASN B 325 -28.56 -21.31 -32.92
CA ASN B 325 -29.81 -21.59 -33.60
C ASN B 325 -29.75 -21.22 -35.09
N ILE B 326 -30.49 -21.98 -35.91
CA ILE B 326 -30.58 -21.71 -37.34
C ILE B 326 -32.05 -21.72 -37.78
N THR B 327 -32.41 -20.80 -38.66
CA THR B 327 -33.80 -20.65 -39.07
C THR B 327 -33.95 -20.55 -40.58
N PHE B 328 -34.72 -21.47 -41.16
CA PHE B 328 -35.01 -21.44 -42.58
C PHE B 328 -36.37 -20.80 -42.85
N THR B 329 -36.39 -19.75 -43.65
CA THR B 329 -37.62 -19.13 -44.09
C THR B 329 -37.72 -19.21 -45.61
N PRO B 330 -38.86 -19.73 -46.11
CA PRO B 330 -39.98 -20.16 -45.26
C PRO B 330 -39.83 -21.60 -44.78
N GLN B 331 -40.81 -22.05 -44.01
CA GLN B 331 -40.85 -23.40 -43.43
C GLN B 331 -40.52 -24.48 -44.47
N PRO B 332 -39.78 -25.53 -44.07
CA PRO B 332 -39.38 -26.66 -44.92
C PRO B 332 -40.44 -27.25 -45.86
N PRO B 333 -41.75 -27.11 -45.56
CA PRO B 333 -42.77 -27.32 -46.59
C PRO B 333 -42.38 -26.77 -47.97
N GLN B 334 -41.82 -25.57 -48.02
CA GLN B 334 -41.19 -25.07 -49.24
C GLN B 334 -39.68 -25.03 -49.05
N ALA B 335 -38.94 -24.87 -50.15
CA ALA B 335 -37.50 -24.64 -50.05
C ALA B 335 -37.25 -23.29 -49.39
N ALA B 336 -36.05 -23.09 -48.86
CA ALA B 336 -35.73 -21.86 -48.17
C ALA B 336 -35.52 -20.69 -49.14
N THR B 337 -36.01 -19.52 -48.76
CA THR B 337 -35.73 -18.29 -49.47
C THR B 337 -34.77 -17.45 -48.62
N ASN B 338 -34.78 -17.75 -47.34
CA ASN B 338 -33.94 -17.07 -46.37
C ASN B 338 -33.50 -18.03 -45.27
N VAL B 339 -32.20 -18.06 -44.99
CA VAL B 339 -31.68 -18.84 -43.88
C VAL B 339 -30.88 -17.91 -42.97
N GLN B 340 -31.22 -17.91 -41.69
CA GLN B 340 -30.64 -16.98 -40.74
C GLN B 340 -29.99 -17.71 -39.58
N LEU B 341 -28.77 -17.31 -39.23
CA LEU B 341 -28.09 -17.87 -38.08
C LEU B 341 -28.37 -17.04 -36.84
N THR B 342 -28.23 -17.65 -35.66
CA THR B 342 -28.37 -16.95 -34.40
C THR B 342 -27.19 -17.26 -33.50
N GLY B 343 -26.61 -16.22 -32.90
CA GLY B 343 -25.48 -16.39 -32.01
C GLY B 343 -24.33 -15.48 -32.37
N GLY B 344 -23.13 -15.87 -31.97
CA GLY B 344 -21.96 -15.06 -32.18
C GLY B 344 -20.79 -15.77 -32.85
N LEU B 345 -19.59 -15.27 -32.60
CA LEU B 345 -18.39 -15.74 -33.27
C LEU B 345 -17.43 -16.42 -32.32
N ASN B 346 -17.77 -16.40 -31.04
CA ASN B 346 -16.86 -16.90 -30.01
C ASN B 346 -17.43 -18.03 -29.15
N ALA B 347 -16.55 -18.92 -28.72
CA ALA B 347 -16.90 -20.00 -27.80
C ALA B 347 -15.74 -20.25 -26.84
N GLN B 348 -15.94 -19.97 -25.57
CA GLN B 348 -14.89 -20.16 -24.57
C GLN B 348 -15.27 -21.27 -23.59
N ILE B 349 -14.57 -22.39 -23.67
CA ILE B 349 -14.84 -23.54 -22.81
C ILE B 349 -13.80 -23.60 -21.69
N ILE B 350 -14.26 -23.51 -20.45
CA ILE B 350 -13.36 -23.41 -19.30
C ILE B 350 -13.52 -24.55 -18.30
N THR B 351 -12.44 -25.30 -18.09
CA THR B 351 -12.44 -26.42 -17.14
C THR B 351 -11.21 -26.37 -16.24
N ALA B 352 -10.28 -25.47 -16.56
CA ALA B 352 -9.05 -25.35 -15.78
C ALA B 352 -8.89 -23.95 -15.21
N HIS B 353 -8.45 -23.87 -13.96
CA HIS B 353 -8.24 -22.58 -13.31
C HIS B 353 -6.84 -22.47 -12.71
N LYS B 354 -6.39 -21.25 -12.49
CA LYS B 354 -5.07 -20.99 -11.93
C LYS B 354 -5.20 -20.47 -10.50
N TYR B 355 -4.37 -20.99 -9.61
CA TYR B 355 -4.43 -20.62 -8.21
C TYR B 355 -3.11 -20.00 -7.82
N ILE B 356 -3.14 -18.74 -7.40
CA ILE B 356 -1.91 -18.01 -7.17
C ILE B 356 -1.76 -17.62 -5.69
N TYR B 357 -0.58 -17.85 -5.14
CA TYR B 357 -0.30 -17.59 -3.74
C TYR B 357 -0.04 -16.13 -3.46
N SER B 358 -0.61 -15.64 -2.36
CA SER B 358 -0.27 -14.33 -1.82
C SER B 358 0.06 -14.48 -0.34
N SER B 359 1.13 -13.84 0.11
CA SER B 359 1.46 -13.88 1.53
C SER B 359 0.74 -12.78 2.28
N ASN B 360 0.05 -11.93 1.54
CA ASN B 360 -0.76 -10.87 2.12
C ASN B 360 -2.11 -11.42 2.57
N PRO B 361 -2.76 -10.75 3.53
CA PRO B 361 -4.07 -11.18 4.02
C PRO B 361 -5.06 -11.45 2.88
N VAL B 362 -5.74 -12.59 2.94
CA VAL B 362 -6.71 -12.96 1.91
C VAL B 362 -8.04 -13.33 2.55
N ASP B 363 -9.12 -12.73 2.05
CA ASP B 363 -10.47 -13.11 2.42
C ASP B 363 -11.20 -13.60 1.18
N ILE B 364 -11.35 -14.91 1.05
CA ILE B 364 -12.02 -15.50 -0.10
C ILE B 364 -13.52 -15.35 0.03
N GLY B 365 -13.97 -15.04 1.24
CA GLY B 365 -15.37 -14.77 1.49
C GLY B 365 -16.22 -15.99 1.78
N PRO B 366 -17.40 -15.77 2.36
CA PRO B 366 -18.37 -16.83 2.65
C PRO B 366 -19.16 -17.21 1.41
N MET B 367 -19.59 -18.47 1.33
CA MET B 367 -20.53 -18.90 0.29
C MET B 367 -21.41 -19.99 0.87
N TYR B 368 -22.72 -19.91 0.62
CA TYR B 368 -23.65 -20.93 1.12
C TYR B 368 -23.21 -22.33 0.70
N ASN B 369 -23.24 -23.26 1.65
CA ASN B 369 -22.89 -24.65 1.41
C ASN B 369 -23.94 -25.58 1.99
N PRO B 370 -24.59 -26.37 1.13
CA PRO B 370 -25.57 -27.38 1.55
C PRO B 370 -24.99 -28.40 2.52
N ASP B 371 -23.67 -28.55 2.54
CA ASP B 371 -23.02 -29.52 3.43
C ASP B 371 -23.22 -29.18 4.90
N GLY B 372 -23.35 -27.89 5.21
CA GLY B 372 -23.56 -27.46 6.58
C GLY B 372 -23.29 -25.99 6.80
N GLY B 373 -23.55 -25.53 8.02
CA GLY B 373 -23.37 -24.13 8.33
C GLY B 373 -24.58 -23.29 7.97
N PRO B 374 -24.39 -21.96 7.90
CA PRO B 374 -25.44 -20.96 7.63
C PRO B 374 -26.36 -21.32 6.47
N ALA B 375 -27.66 -21.19 6.69
CA ALA B 375 -28.64 -21.47 5.65
C ALA B 375 -28.60 -20.40 4.57
N PHE B 376 -29.11 -20.74 3.39
CA PHE B 376 -29.23 -19.80 2.28
C PHE B 376 -30.29 -18.75 2.59
N GLN B 377 -29.93 -17.48 2.49
CA GLN B 377 -30.88 -16.39 2.66
C GLN B 377 -31.17 -15.74 1.31
N PRO B 378 -32.29 -16.14 0.69
CA PRO B 378 -32.64 -15.64 -0.65
C PRO B 378 -33.16 -14.21 -0.61
N GLY B 379 -33.15 -13.53 -1.75
CA GLY B 379 -33.76 -12.21 -1.84
C GLY B 379 -35.28 -12.35 -1.82
N ALA B 380 -35.98 -11.22 -1.86
CA ALA B 380 -37.44 -11.24 -1.79
C ALA B 380 -38.08 -11.87 -3.03
N ASN B 381 -37.29 -12.05 -4.08
CA ASN B 381 -37.77 -12.71 -5.30
C ASN B 381 -36.65 -13.42 -6.07
N ALA B 382 -37.00 -13.99 -7.22
CA ALA B 382 -36.08 -14.81 -7.99
C ALA B 382 -35.21 -14.01 -8.95
N THR B 383 -35.39 -12.69 -8.95
CA THR B 383 -34.62 -11.81 -9.83
C THR B 383 -33.75 -10.84 -9.05
N THR B 384 -33.82 -10.90 -7.72
CA THR B 384 -33.04 -10.00 -6.87
C THR B 384 -31.95 -10.75 -6.11
N ARG B 385 -30.71 -10.35 -6.37
CA ARG B 385 -29.54 -10.88 -5.68
C ARG B 385 -29.68 -10.75 -4.17
N PRO B 386 -29.30 -11.81 -3.43
CA PRO B 386 -29.35 -11.78 -1.96
C PRO B 386 -28.41 -10.73 -1.39
N THR B 387 -28.74 -10.21 -0.22
CA THR B 387 -27.93 -9.20 0.44
C THR B 387 -26.91 -9.86 1.38
N GLU B 388 -27.27 -11.03 1.89
CA GLU B 388 -26.38 -11.80 2.75
C GLU B 388 -25.19 -12.31 1.94
N PRO B 389 -23.97 -11.93 2.36
CA PRO B 389 -22.72 -12.20 1.64
C PRO B 389 -22.55 -13.64 1.18
N GLY B 390 -22.75 -14.60 2.08
CA GLY B 390 -22.62 -16.00 1.72
C GLY B 390 -23.65 -16.42 0.70
N SER B 391 -24.86 -15.90 0.83
CA SER B 391 -25.93 -16.16 -0.12
C SER B 391 -25.70 -15.43 -1.43
N ALA B 392 -25.16 -14.22 -1.35
CA ALA B 392 -24.86 -13.44 -2.53
C ALA B 392 -23.77 -14.09 -3.37
N ALA B 393 -22.74 -14.60 -2.69
CA ALA B 393 -21.66 -15.31 -3.35
C ALA B 393 -22.17 -16.59 -4.00
N TYR B 394 -23.11 -17.26 -3.34
CA TYR B 394 -23.71 -18.47 -3.90
C TYR B 394 -24.49 -18.14 -5.17
N TRP B 395 -25.34 -17.12 -5.10
CA TRP B 395 -26.08 -16.62 -6.25
C TRP B 395 -25.16 -16.34 -7.43
N ASP B 396 -24.08 -15.61 -7.18
CA ASP B 396 -23.10 -15.30 -8.21
C ASP B 396 -22.54 -16.58 -8.84
N ALA B 397 -22.26 -17.57 -8.00
CA ALA B 397 -21.68 -18.83 -8.47
C ALA B 397 -22.63 -19.63 -9.35
N VAL B 398 -23.87 -19.83 -8.90
CA VAL B 398 -24.82 -20.65 -9.64
C VAL B 398 -25.40 -19.93 -10.85
N ASN B 399 -24.98 -18.70 -11.08
CA ASN B 399 -25.37 -17.97 -12.29
C ASN B 399 -24.17 -17.72 -13.20
N GLY B 400 -23.09 -18.47 -12.99
CA GLY B 400 -21.94 -18.43 -13.89
C GLY B 400 -20.79 -17.54 -13.48
N GLY B 401 -20.82 -17.05 -12.24
CA GLY B 401 -19.85 -16.08 -11.77
C GLY B 401 -18.42 -16.57 -11.58
N LEU B 402 -18.24 -17.89 -11.60
CA LEU B 402 -16.90 -18.47 -11.44
C LEU B 402 -16.39 -19.06 -12.75
N LEU B 403 -17.27 -19.14 -13.74
CA LEU B 403 -16.90 -19.67 -15.05
C LEU B 403 -16.18 -18.57 -15.84
N ASN B 404 -14.89 -18.39 -15.53
CA ASN B 404 -14.08 -17.35 -16.14
C ASN B 404 -12.60 -17.70 -16.08
N THR B 405 -11.76 -16.72 -16.38
CA THR B 405 -10.31 -16.93 -16.34
C THR B 405 -9.65 -16.06 -15.29
N ASN B 406 -10.42 -15.61 -14.30
CA ASN B 406 -9.88 -14.82 -13.21
C ASN B 406 -8.87 -15.63 -12.40
N VAL B 407 -7.79 -14.98 -11.98
CA VAL B 407 -6.82 -15.61 -11.08
C VAL B 407 -7.49 -15.89 -9.73
N ARG B 408 -7.27 -17.09 -9.18
CA ARG B 408 -7.72 -17.37 -7.83
C ARG B 408 -6.55 -17.20 -6.87
N THR B 409 -6.73 -16.33 -5.88
CA THR B 409 -5.67 -16.01 -4.94
C THR B 409 -5.93 -16.68 -3.59
N PHE B 410 -4.91 -17.38 -3.07
CA PHE B 410 -5.01 -18.04 -1.78
C PHE B 410 -3.80 -17.71 -0.92
N ARG B 411 -3.97 -17.74 0.39
CA ARG B 411 -2.83 -17.63 1.29
C ARG B 411 -2.66 -18.95 2.05
N THR B 412 -3.74 -19.40 2.68
CA THR B 412 -3.69 -20.59 3.53
C THR B 412 -4.25 -21.84 2.85
N THR B 413 -4.10 -22.96 3.54
CA THR B 413 -4.62 -24.24 3.08
C THR B 413 -6.14 -24.26 3.06
N GLU B 414 -6.76 -23.57 4.02
CA GLU B 414 -8.22 -23.45 4.02
C GLU B 414 -8.71 -22.64 2.82
N ASP B 415 -8.02 -21.55 2.52
CA ASP B 415 -8.29 -20.76 1.33
C ASP B 415 -8.27 -21.65 0.10
N LEU B 416 -7.16 -22.33 -0.11
CA LEU B 416 -6.99 -23.20 -1.26
C LEU B 416 -8.04 -24.31 -1.31
N ARG B 417 -8.29 -24.92 -0.16
CA ARG B 417 -9.26 -26.02 -0.08
C ARG B 417 -10.64 -25.59 -0.57
N GLU B 418 -11.13 -24.48 -0.04
CA GLU B 418 -12.46 -24.00 -0.38
C GLU B 418 -12.54 -23.51 -1.82
N LEU B 419 -11.43 -22.99 -2.32
CA LEU B 419 -11.36 -22.48 -3.69
C LEU B 419 -11.40 -23.60 -4.72
N LEU B 420 -10.73 -24.71 -4.42
CA LEU B 420 -10.77 -25.88 -5.30
C LEU B 420 -12.17 -26.46 -5.31
N GLN B 421 -12.79 -26.52 -4.13
CA GLN B 421 -14.14 -27.04 -3.98
C GLN B 421 -15.15 -26.18 -4.73
N ARG B 422 -15.03 -24.86 -4.61
CA ARG B 422 -15.95 -23.97 -5.29
C ARG B 422 -15.86 -24.08 -6.80
N ASP B 423 -14.65 -24.26 -7.31
CA ASP B 423 -14.44 -24.33 -8.74
C ASP B 423 -14.89 -25.67 -9.32
N ALA B 424 -14.66 -26.74 -8.58
CA ALA B 424 -15.14 -28.05 -9.00
C ALA B 424 -16.66 -28.05 -9.08
N ARG B 425 -17.27 -27.30 -8.18
CA ARG B 425 -18.73 -27.24 -8.11
C ARG B 425 -19.33 -26.31 -9.16
N TYR B 426 -18.77 -25.10 -9.30
CA TYR B 426 -19.40 -24.06 -10.10
C TYR B 426 -18.50 -23.39 -11.14
N GLY B 427 -17.30 -23.92 -11.33
CA GLY B 427 -16.34 -23.26 -12.20
C GLY B 427 -15.94 -24.05 -13.43
N VAL B 428 -16.68 -25.11 -13.71
CA VAL B 428 -16.33 -26.01 -14.80
C VAL B 428 -17.46 -26.16 -15.82
N ASP B 429 -17.11 -26.04 -17.10
CA ASP B 429 -18.06 -26.28 -18.19
C ASP B 429 -18.05 -27.75 -18.57
N TYR B 430 -18.79 -28.56 -17.81
CA TYR B 430 -18.75 -30.01 -17.96
C TYR B 430 -19.29 -30.52 -19.29
N ASP B 431 -20.28 -29.83 -19.86
CA ASP B 431 -20.86 -30.27 -21.13
C ASP B 431 -20.22 -29.55 -22.32
N GLY B 432 -19.34 -28.59 -22.03
CA GLY B 432 -18.63 -27.84 -23.05
C GLY B 432 -19.53 -26.98 -23.91
N SER B 433 -20.46 -26.26 -23.27
CA SER B 433 -21.41 -25.43 -24.00
C SER B 433 -20.86 -24.04 -24.27
N GLY B 434 -19.89 -23.61 -23.47
CA GLY B 434 -19.38 -22.26 -23.56
C GLY B 434 -20.17 -21.34 -22.66
N THR B 435 -21.25 -21.88 -22.09
CA THR B 435 -22.12 -21.13 -21.19
C THR B 435 -22.30 -21.92 -19.90
N PHE B 436 -22.62 -21.22 -18.82
CA PHE B 436 -22.92 -21.87 -17.56
C PHE B 436 -24.42 -22.06 -17.37
N ALA B 437 -24.80 -23.25 -16.92
CA ALA B 437 -26.18 -23.54 -16.56
C ALA B 437 -26.23 -24.52 -15.39
N ALA B 438 -27.43 -24.81 -14.91
CA ALA B 438 -27.62 -25.72 -13.78
C ALA B 438 -27.04 -27.12 -14.05
N ALA B 439 -26.90 -27.46 -15.32
CA ALA B 439 -26.39 -28.76 -15.72
C ALA B 439 -24.89 -28.90 -15.47
N ASP B 440 -24.21 -27.77 -15.23
CA ASP B 440 -22.78 -27.76 -14.96
C ASP B 440 -22.47 -27.82 -13.47
N ILE B 441 -23.52 -27.73 -12.64
CA ILE B 441 -23.33 -27.70 -11.19
C ILE B 441 -23.04 -29.09 -10.63
N ASN B 442 -21.84 -29.23 -10.06
CA ASN B 442 -21.40 -30.49 -9.46
C ASN B 442 -21.24 -30.30 -7.96
N GLN B 443 -22.36 -30.19 -7.26
CA GLN B 443 -22.39 -29.63 -5.91
C GLN B 443 -21.98 -30.59 -4.78
N ASN B 444 -21.84 -31.87 -5.08
CA ASN B 444 -21.46 -32.82 -4.04
C ASN B 444 -19.97 -33.16 -4.05
N ILE B 445 -19.21 -32.44 -4.88
CA ILE B 445 -17.75 -32.51 -4.81
C ILE B 445 -17.31 -31.97 -3.45
N LYS B 446 -16.48 -32.73 -2.75
CA LYS B 446 -15.92 -32.27 -1.48
C LYS B 446 -14.40 -32.28 -1.52
N VAL B 447 -13.80 -31.18 -1.06
CA VAL B 447 -12.36 -31.11 -0.90
C VAL B 447 -12.06 -30.91 0.57
N VAL B 448 -11.27 -31.80 1.14
CA VAL B 448 -10.93 -31.72 2.56
C VAL B 448 -9.44 -31.91 2.75
N VAL B 449 -8.97 -31.71 3.97
CA VAL B 449 -7.63 -32.12 4.34
C VAL B 449 -7.77 -33.14 5.46
N THR B 450 -7.18 -34.32 5.26
CA THR B 450 -7.28 -35.40 6.25
C THR B 450 -6.40 -35.13 7.46
N ALA B 451 -6.53 -35.95 8.49
CA ALA B 451 -5.69 -35.81 9.68
C ALA B 451 -4.25 -36.26 9.40
N ASP B 452 -4.04 -36.87 8.25
CA ASP B 452 -2.71 -37.29 7.83
C ASP B 452 -2.06 -36.24 6.95
N GLY B 453 -2.76 -35.13 6.73
CA GLY B 453 -2.19 -34.01 5.99
C GLY B 453 -2.25 -34.10 4.48
N HIS B 454 -3.21 -34.87 3.97
CA HIS B 454 -3.44 -34.93 2.53
C HIS B 454 -4.66 -34.11 2.14
N PHE B 455 -4.62 -33.47 0.99
CA PHE B 455 -5.84 -32.94 0.40
C PHE B 455 -6.60 -34.13 -0.15
N ALA B 456 -7.91 -34.15 0.03
CA ALA B 456 -8.74 -35.27 -0.42
C ALA B 456 -10.01 -34.79 -1.12
N ILE B 457 -10.30 -35.42 -2.26
CA ILE B 457 -11.44 -35.04 -3.08
C ILE B 457 -12.40 -36.24 -3.27
N SER B 458 -13.67 -36.03 -2.96
CA SER B 458 -14.68 -37.07 -3.14
C SER B 458 -15.70 -36.65 -4.19
N ASN B 459 -16.31 -37.63 -4.86
CA ASN B 459 -17.28 -37.38 -5.91
C ASN B 459 -18.46 -38.31 -5.75
N ALA B 460 -19.11 -38.24 -4.59
CA ALA B 460 -20.21 -39.15 -4.25
C ALA B 460 -21.35 -39.11 -5.27
N ASN B 461 -21.84 -40.29 -5.63
CA ASN B 461 -22.98 -40.39 -6.55
C ASN B 461 -24.26 -40.01 -5.83
N GLU B 462 -24.46 -38.71 -5.64
CA GLU B 462 -25.68 -38.19 -5.03
C GLU B 462 -26.12 -36.96 -5.80
N GLN B 463 -27.42 -36.80 -5.97
CA GLN B 463 -27.94 -35.56 -6.51
C GLN B 463 -27.85 -34.48 -5.44
N SER B 464 -27.97 -33.22 -5.86
CA SER B 464 -27.99 -32.14 -4.90
C SER B 464 -29.13 -31.19 -5.23
N THR B 465 -29.35 -30.22 -4.35
CA THR B 465 -30.47 -29.30 -4.51
C THR B 465 -29.99 -27.86 -4.53
N VAL B 466 -30.38 -27.12 -5.58
CA VAL B 466 -30.19 -25.69 -5.61
C VAL B 466 -31.48 -25.03 -5.12
N PRO B 467 -31.42 -24.37 -3.96
CA PRO B 467 -32.57 -23.69 -3.31
C PRO B 467 -33.26 -22.68 -4.22
N PRO B 468 -34.52 -22.34 -3.91
CA PRO B 468 -35.27 -21.35 -4.69
C PRO B 468 -34.64 -19.96 -4.63
N ASN B 469 -34.83 -19.15 -5.66
CA ASN B 469 -34.31 -17.78 -5.73
C ASN B 469 -32.77 -17.70 -5.70
N ALA B 470 -32.12 -18.81 -6.00
CA ALA B 470 -30.66 -18.83 -6.12
C ALA B 470 -30.22 -18.62 -7.55
N ILE B 471 -30.87 -19.32 -8.49
CA ILE B 471 -30.65 -19.11 -9.91
C ILE B 471 -31.61 -18.04 -10.41
N ASN B 472 -31.07 -17.03 -11.09
CA ASN B 472 -31.84 -15.89 -11.58
C ASN B 472 -33.08 -16.30 -12.36
N GLY B 473 -34.26 -15.99 -11.81
CA GLY B 473 -35.51 -16.28 -12.48
C GLY B 473 -36.12 -17.62 -12.11
N VAL B 474 -35.42 -18.38 -11.26
CA VAL B 474 -35.91 -19.70 -10.86
C VAL B 474 -36.42 -19.66 -9.41
N GLY B 475 -37.73 -19.73 -9.25
CA GLY B 475 -38.36 -19.56 -7.95
C GLY B 475 -38.62 -20.84 -7.18
N ASN B 476 -38.38 -21.99 -7.80
CA ASN B 476 -38.50 -23.27 -7.10
C ASN B 476 -37.15 -23.97 -6.99
N ALA B 477 -37.12 -25.05 -6.22
CA ALA B 477 -35.88 -25.81 -6.03
C ALA B 477 -35.46 -26.54 -7.30
N THR B 478 -34.15 -26.65 -7.50
CA THR B 478 -33.60 -27.36 -8.66
C THR B 478 -32.80 -28.55 -8.17
N THR B 479 -32.96 -29.70 -8.84
CA THR B 479 -32.17 -30.88 -8.51
C THR B 479 -31.02 -31.01 -9.50
N THR B 480 -29.80 -31.14 -8.99
CA THR B 480 -28.62 -31.21 -9.83
C THR B 480 -27.92 -32.57 -9.70
N ASP B 481 -27.21 -32.96 -10.75
CA ASP B 481 -26.63 -34.30 -10.84
C ASP B 481 -25.10 -34.28 -10.81
N PRO B 482 -24.50 -35.35 -10.25
CA PRO B 482 -23.04 -35.47 -10.16
C PRO B 482 -22.39 -35.72 -11.51
N LYS B 483 -21.12 -35.37 -11.64
CA LYS B 483 -20.39 -35.55 -12.89
C LYS B 483 -19.01 -36.16 -12.66
N ASN B 484 -18.59 -37.01 -13.58
CA ASN B 484 -17.24 -37.55 -13.53
C ASN B 484 -16.22 -36.44 -13.70
N MET B 485 -15.02 -36.63 -13.16
CA MET B 485 -13.98 -35.62 -13.30
C MET B 485 -12.67 -36.24 -13.75
N SER B 486 -11.84 -35.42 -14.37
CA SER B 486 -10.55 -35.83 -14.88
C SER B 486 -9.53 -34.74 -14.56
N PHE B 487 -8.67 -35.00 -13.60
CA PHE B 487 -7.76 -33.99 -13.10
C PHE B 487 -6.46 -33.92 -13.88
N ASN B 488 -6.02 -32.70 -14.14
CA ASN B 488 -4.68 -32.46 -14.65
C ASN B 488 -4.09 -31.24 -13.97
N ILE B 489 -2.90 -31.41 -13.40
CA ILE B 489 -2.27 -30.38 -12.60
C ILE B 489 -0.94 -29.98 -13.21
N THR B 490 -0.73 -28.68 -13.40
CA THR B 490 0.56 -28.18 -13.90
C THR B 490 1.00 -26.96 -13.09
N ALA B 491 2.26 -26.60 -13.22
CA ALA B 491 2.76 -25.39 -12.61
C ALA B 491 2.22 -24.19 -13.36
N TYR B 492 2.15 -23.03 -12.70
CA TYR B 492 1.77 -21.80 -13.38
C TYR B 492 3.00 -21.03 -13.83
N SER B 493 2.90 -20.41 -15.01
CA SER B 493 3.92 -19.49 -15.49
C SER B 493 3.32 -18.54 -16.53
N ASN B 494 4.09 -17.54 -16.95
CA ASN B 494 3.68 -16.70 -18.07
C ASN B 494 4.68 -16.80 -19.21
N LYS B 495 4.41 -16.16 -20.33
CA LYS B 495 5.26 -16.28 -21.50
C LYS B 495 6.52 -15.43 -21.41
N GLN B 496 6.53 -14.47 -20.48
CA GLN B 496 7.73 -13.65 -20.29
C GLN B 496 8.76 -14.42 -19.49
N GLY B 497 8.32 -15.41 -18.73
CA GLY B 497 9.21 -16.20 -17.91
C GLY B 497 9.57 -15.49 -16.62
N THR B 498 8.74 -14.52 -16.24
CA THR B 498 9.00 -13.70 -15.07
C THR B 498 8.38 -14.29 -13.79
N VAL B 499 7.67 -15.40 -13.93
CA VAL B 499 7.23 -16.16 -12.76
C VAL B 499 7.89 -17.53 -12.74
N SER B 500 8.61 -17.84 -11.68
CA SER B 500 9.25 -19.14 -11.52
C SER B 500 8.23 -20.22 -11.18
N THR B 501 8.38 -21.40 -11.77
CA THR B 501 7.56 -22.54 -11.42
C THR B 501 8.13 -23.22 -10.17
N ASN B 502 7.25 -23.65 -9.27
CA ASN B 502 7.66 -24.35 -8.06
C ASN B 502 7.33 -25.82 -8.18
N ASP B 503 8.36 -26.66 -8.38
CA ASP B 503 8.17 -28.07 -8.65
C ASP B 503 7.72 -28.85 -7.42
N ALA B 504 8.27 -28.51 -6.27
CA ALA B 504 7.94 -29.20 -5.02
C ALA B 504 6.47 -28.98 -4.63
N PHE B 505 6.00 -27.75 -4.74
CA PHE B 505 4.61 -27.42 -4.44
C PHE B 505 3.67 -28.07 -5.43
N THR B 506 4.02 -28.02 -6.72
CA THR B 506 3.19 -28.57 -7.78
C THR B 506 3.06 -30.09 -7.67
N ALA B 507 4.14 -30.76 -7.27
CA ALA B 507 4.15 -32.21 -7.14
C ALA B 507 3.17 -32.70 -6.08
N ILE B 508 2.92 -31.86 -5.08
CA ILE B 508 1.95 -32.18 -4.04
C ILE B 508 0.56 -32.43 -4.65
N PHE B 509 0.22 -31.64 -5.66
CA PHE B 509 -1.13 -31.68 -6.21
C PHE B 509 -1.19 -32.41 -7.54
N LYS B 510 -0.05 -32.77 -8.11
CA LYS B 510 -0.03 -33.61 -9.29
C LYS B 510 -0.44 -35.05 -8.94
N ALA B 511 -0.52 -35.34 -7.65
CA ALA B 511 -1.05 -36.62 -7.18
C ALA B 511 -2.55 -36.74 -7.44
N PHE B 512 -3.19 -35.61 -7.72
CA PHE B 512 -4.60 -35.58 -8.08
C PHE B 512 -4.86 -36.11 -9.47
N ASP B 513 -3.82 -36.11 -10.29
CA ASP B 513 -3.95 -36.41 -11.72
C ASP B 513 -4.69 -37.70 -12.00
N GLY B 514 -5.57 -37.66 -12.99
CA GLY B 514 -6.35 -38.81 -13.37
C GLY B 514 -7.85 -38.60 -13.22
N PRO B 515 -8.63 -39.58 -13.69
CA PRO B 515 -10.09 -39.53 -13.61
C PRO B 515 -10.61 -39.77 -12.21
N LEU B 516 -11.69 -39.09 -11.85
CA LEU B 516 -12.42 -39.40 -10.63
C LEU B 516 -13.89 -39.53 -10.99
N VAL B 517 -14.36 -40.77 -11.11
CA VAL B 517 -15.74 -41.02 -11.48
C VAL B 517 -16.63 -40.97 -10.25
N ILE B 518 -17.94 -40.82 -10.46
CA ILE B 518 -18.87 -40.69 -9.35
C ILE B 518 -18.99 -42.01 -8.58
N GLY B 519 -19.09 -41.92 -7.27
CA GLY B 519 -19.13 -43.10 -6.42
C GLY B 519 -18.41 -42.91 -5.10
N ASN B 520 -17.70 -43.96 -4.67
CA ASN B 520 -17.06 -43.96 -3.36
C ASN B 520 -15.56 -43.71 -3.41
N GLN B 521 -15.00 -43.56 -4.61
CA GLN B 521 -13.57 -43.36 -4.75
C GLN B 521 -13.14 -41.95 -4.33
N ILE B 522 -11.85 -41.82 -3.98
CA ILE B 522 -11.32 -40.59 -3.42
C ILE B 522 -9.96 -40.27 -4.02
N LYS B 523 -9.76 -39.00 -4.40
CA LYS B 523 -8.48 -38.53 -4.93
C LYS B 523 -7.70 -37.81 -3.84
N GLU B 524 -6.39 -38.02 -3.80
CA GLU B 524 -5.59 -37.42 -2.74
C GLU B 524 -4.31 -36.76 -3.24
N SER B 525 -3.89 -35.74 -2.49
CA SER B 525 -2.62 -35.08 -2.74
C SER B 525 -1.52 -35.85 -2.05
N GLU B 526 -0.28 -35.40 -2.23
CA GLU B 526 0.81 -35.94 -1.45
C GLU B 526 0.70 -35.34 -0.05
N GLN B 527 1.41 -35.92 0.90
CA GLN B 527 1.30 -35.50 2.29
C GLN B 527 1.92 -34.12 2.50
N LEU B 528 1.33 -33.35 3.41
CA LEU B 528 1.84 -32.02 3.74
C LEU B 528 2.22 -31.94 5.21
N LYS B 529 3.32 -31.26 5.49
CA LYS B 529 3.90 -31.23 6.84
C LYS B 529 4.14 -29.82 7.32
N LEU B 530 4.30 -29.67 8.63
CA LEU B 530 4.66 -28.41 9.24
C LEU B 530 5.93 -28.59 10.06
N SER B 531 6.72 -27.53 10.19
CA SER B 531 7.92 -27.58 11.02
C SER B 531 7.54 -27.61 12.50
N ALA B 532 7.94 -28.65 13.21
CA ALA B 532 7.54 -28.81 14.60
C ALA B 532 8.66 -29.32 15.50
N PHE B 533 8.60 -28.96 16.78
CA PHE B 533 9.52 -29.48 17.78
C PHE B 533 8.81 -29.66 19.12
N SER B 534 9.05 -30.80 19.76
CA SER B 534 8.44 -31.11 21.05
C SER B 534 9.49 -31.28 22.14
N ALA B 535 9.13 -30.95 23.37
CA ALA B 535 10.04 -31.08 24.50
C ALA B 535 9.27 -31.33 25.79
N GLY B 536 9.82 -32.21 26.63
CA GLY B 536 9.21 -32.49 27.92
C GLY B 536 9.91 -31.78 29.05
N LEU B 537 9.33 -30.68 29.52
CA LEU B 537 9.95 -29.89 30.58
C LEU B 537 9.60 -30.47 31.94
N GLU B 538 10.62 -30.79 32.72
CA GLU B 538 10.43 -31.43 34.01
C GLU B 538 10.28 -30.41 35.14
N ILE B 539 9.26 -30.61 35.97
CA ILE B 539 9.00 -29.76 37.12
C ILE B 539 8.70 -30.61 38.34
N TYR B 540 8.65 -29.99 39.51
CA TYR B 540 8.39 -30.73 40.75
C TYR B 540 7.29 -30.06 41.57
N ASP B 541 6.41 -30.87 42.15
CA ASP B 541 5.33 -30.34 42.97
C ASP B 541 5.77 -30.15 44.42
N SER B 542 4.83 -29.75 45.27
CA SER B 542 5.12 -29.47 46.68
C SER B 542 5.54 -30.70 47.47
N LEU B 543 5.30 -31.89 46.90
CA LEU B 543 5.69 -33.13 47.54
C LEU B 543 6.87 -33.75 46.80
N GLY B 544 7.39 -33.02 45.81
CA GLY B 544 8.57 -33.45 45.08
C GLY B 544 8.34 -34.54 44.05
N SER B 545 7.08 -34.81 43.71
CA SER B 545 6.79 -35.72 42.61
C SER B 545 7.13 -35.00 41.31
N LYS B 546 7.65 -35.74 40.33
CA LYS B 546 8.09 -35.14 39.08
C LYS B 546 6.98 -35.07 38.05
N HIS B 547 6.88 -33.93 37.36
CA HIS B 547 5.90 -33.76 36.31
C HIS B 547 6.54 -33.28 35.02
N THR B 548 6.05 -33.76 33.89
CA THR B 548 6.60 -33.39 32.60
C THR B 548 5.64 -32.51 31.80
N LEU B 549 6.02 -31.25 31.63
CA LEU B 549 5.29 -30.34 30.76
C LEU B 549 5.56 -30.72 29.31
N GLU B 550 4.51 -31.17 28.63
CA GLU B 550 4.61 -31.53 27.23
C GLU B 550 4.45 -30.29 26.39
N VAL B 551 5.56 -29.82 25.82
CA VAL B 551 5.57 -28.56 25.07
C VAL B 551 5.84 -28.79 23.58
N GLN B 552 5.00 -28.23 22.73
CA GLN B 552 5.15 -28.40 21.29
C GLN B 552 5.11 -27.06 20.57
N PHE B 553 6.00 -26.88 19.61
CA PHE B 553 6.01 -25.68 18.78
C PHE B 553 5.78 -26.05 17.33
N VAL B 554 4.80 -25.41 16.69
CA VAL B 554 4.57 -25.61 15.26
C VAL B 554 4.60 -24.27 14.54
N LYS B 555 5.38 -24.17 13.47
CA LYS B 555 5.50 -22.91 12.74
C LYS B 555 4.25 -22.65 11.92
N GLN B 556 3.67 -21.47 12.12
CA GLN B 556 2.42 -21.11 11.44
C GLN B 556 2.69 -20.19 10.25
N SER B 557 3.67 -19.31 10.39
CA SER B 557 3.99 -18.35 9.34
C SER B 557 5.44 -17.90 9.39
N THR B 558 5.94 -17.36 8.27
CA THR B 558 7.28 -16.80 8.22
C THR B 558 7.32 -15.60 7.27
N THR B 559 8.13 -14.61 7.62
CA THR B 559 8.27 -13.39 6.82
C THR B 559 9.72 -13.25 6.35
N GLN B 560 9.91 -12.75 5.14
CA GLN B 560 11.22 -12.72 4.48
C GLN B 560 12.33 -12.08 5.31
N ASP B 561 12.01 -11.00 6.01
CA ASP B 561 12.97 -10.35 6.88
C ASP B 561 12.23 -9.77 8.08
N GLY B 562 11.07 -10.34 8.38
CA GLY B 562 10.25 -9.87 9.49
C GLY B 562 10.06 -10.90 10.57
N GLY B 563 10.63 -12.09 10.38
CA GLY B 563 10.60 -13.13 11.40
C GLY B 563 9.61 -14.24 11.13
N ASN B 564 9.37 -15.08 12.13
CA ASN B 564 8.37 -16.14 12.01
C ASN B 564 7.53 -16.28 13.28
N GLU B 565 6.51 -17.13 13.22
CA GLU B 565 5.57 -17.27 14.34
C GLU B 565 5.19 -18.73 14.56
N TRP B 566 5.23 -19.16 15.81
CA TRP B 566 4.96 -20.55 16.17
C TRP B 566 3.80 -20.65 17.14
N GLN B 567 2.99 -21.70 17.00
CA GLN B 567 2.00 -22.01 18.02
C GLN B 567 2.65 -22.88 19.10
N MET B 568 2.43 -22.51 20.35
CA MET B 568 2.98 -23.28 21.47
C MET B 568 1.86 -23.94 22.26
N ILE B 569 1.87 -25.27 22.30
CA ILE B 569 0.86 -26.02 23.02
C ILE B 569 1.48 -26.78 24.19
N ILE B 570 0.93 -26.56 25.38
CA ILE B 570 1.42 -27.21 26.59
C ILE B 570 0.39 -28.18 27.15
N ARG B 571 0.78 -29.44 27.34
CA ARG B 571 -0.13 -30.44 27.88
C ARG B 571 0.40 -31.06 29.17
N VAL B 572 -0.51 -31.50 30.01
CA VAL B 572 -0.19 -32.34 31.15
C VAL B 572 -1.21 -33.47 31.20
N PRO B 573 -0.82 -34.63 31.75
CA PRO B 573 -1.74 -35.77 31.82
C PRO B 573 -2.83 -35.61 32.87
N GLU B 574 -3.96 -36.30 32.67
CA GLU B 574 -4.97 -36.49 33.70
C GLU B 574 -4.30 -37.01 34.97
N PRO B 575 -4.67 -36.47 36.14
CA PRO B 575 -5.68 -35.43 36.38
C PRO B 575 -5.09 -34.05 36.60
N ALA B 576 -3.86 -33.81 36.19
CA ALA B 576 -3.23 -32.50 36.37
C ALA B 576 -3.95 -31.43 35.55
N GLU B 577 -3.92 -30.18 36.02
CA GLU B 577 -4.59 -29.09 35.34
C GLU B 577 -3.71 -27.84 35.25
N ILE B 578 -3.70 -27.22 34.08
CA ILE B 578 -2.92 -26.00 33.84
C ILE B 578 -3.79 -24.91 33.20
N ASN B 579 -5.06 -25.24 32.96
CA ASN B 579 -5.99 -24.34 32.30
C ASN B 579 -7.40 -24.45 32.86
N THR B 580 -7.57 -24.09 34.13
CA THR B 580 -8.85 -24.20 34.81
C THR B 580 -9.71 -22.97 34.58
N THR B 581 -9.12 -21.79 34.77
CA THR B 581 -9.84 -20.53 34.61
C THR B 581 -9.79 -20.05 33.17
N GLY B 582 -9.37 -20.94 32.27
CA GLY B 582 -9.33 -20.62 30.85
C GLY B 582 -10.27 -21.51 30.05
N GLU B 583 -10.47 -21.16 28.79
CA GLU B 583 -11.35 -21.93 27.90
C GLU B 583 -10.70 -23.24 27.49
N GLY B 584 -11.51 -24.18 27.02
CA GLY B 584 -11.01 -25.45 26.55
C GLY B 584 -10.57 -26.39 27.65
N PRO B 585 -9.87 -27.49 27.28
CA PRO B 585 -9.39 -28.53 28.19
C PRO B 585 -8.58 -27.95 29.36
N ASN B 586 -8.74 -28.54 30.54
CA ASN B 586 -8.06 -28.03 31.74
C ASN B 586 -6.59 -28.43 31.80
N ASN B 587 -6.20 -29.38 30.95
CA ASN B 587 -4.83 -29.88 30.93
C ASN B 587 -4.02 -29.39 29.73
N ILE B 588 -4.55 -28.41 29.00
CA ILE B 588 -3.88 -27.88 27.82
C ILE B 588 -3.84 -26.37 27.82
N ILE B 589 -2.66 -25.81 27.52
CA ILE B 589 -2.48 -24.37 27.35
C ILE B 589 -2.05 -24.09 25.91
N VAL B 590 -2.72 -23.15 25.26
CA VAL B 590 -2.40 -22.79 23.88
C VAL B 590 -1.77 -21.40 23.84
N GLY B 591 -0.56 -21.31 23.28
CA GLY B 591 0.16 -20.06 23.23
C GLY B 591 0.91 -19.83 21.94
N THR B 592 1.77 -18.80 21.93
CA THR B 592 2.53 -18.46 20.74
C THR B 592 3.99 -18.15 21.07
N ALA B 593 4.85 -18.27 20.06
CA ALA B 593 6.23 -17.81 20.16
C ALA B 593 6.60 -17.11 18.86
N ARG B 594 7.06 -15.87 18.94
CA ARG B 594 7.42 -15.12 17.75
C ARG B 594 8.90 -14.81 17.76
N PHE B 595 9.49 -14.73 16.58
CA PHE B 595 10.92 -14.50 16.49
C PHE B 595 11.25 -13.43 15.48
N ASN B 596 12.33 -12.69 15.75
CA ASN B 596 12.80 -11.67 14.83
C ASN B 596 13.58 -12.34 13.71
N ASN B 597 13.95 -11.56 12.69
CA ASN B 597 14.60 -12.13 11.51
C ASN B 597 16.02 -12.64 11.78
N ASP B 598 16.58 -12.23 12.91
CA ASP B 598 17.91 -12.72 13.29
C ASP B 598 17.81 -13.99 14.13
N GLY B 599 16.59 -14.47 14.33
CA GLY B 599 16.37 -15.69 15.10
C GLY B 599 16.15 -15.45 16.57
N SER B 600 16.33 -14.22 17.01
CA SER B 600 16.16 -13.88 18.42
C SER B 600 14.69 -13.89 18.82
N LEU B 601 14.43 -14.18 20.09
CA LEU B 601 13.06 -14.22 20.61
C LEU B 601 12.45 -12.82 20.65
N ALA B 602 11.30 -12.67 19.99
CA ALA B 602 10.57 -11.41 20.05
C ALA B 602 9.61 -11.43 21.23
N SER B 603 8.84 -12.51 21.34
CA SER B 603 7.88 -12.67 22.42
C SER B 603 7.38 -14.10 22.52
N TYR B 604 6.90 -14.48 23.71
CA TYR B 604 6.15 -15.71 23.89
C TYR B 604 5.06 -15.50 24.93
N THR B 605 3.91 -16.15 24.71
CA THR B 605 2.81 -16.14 25.68
C THR B 605 2.31 -17.57 25.81
N PRO B 606 1.93 -17.98 27.04
CA PRO B 606 2.03 -17.19 28.27
C PRO B 606 3.41 -17.27 28.92
N ARG B 607 3.65 -16.38 29.89
CA ARG B 607 4.94 -16.33 30.57
C ARG B 607 4.95 -17.18 31.83
N THR B 608 3.76 -17.41 32.40
CA THR B 608 3.62 -18.24 33.59
C THR B 608 2.45 -19.19 33.43
N ILE B 609 2.43 -20.27 34.20
CA ILE B 609 1.28 -21.17 34.22
C ILE B 609 0.81 -21.41 35.65
N ASN B 610 -0.46 -21.75 35.79
CA ASN B 610 -1.02 -22.15 37.07
C ASN B 610 -1.21 -23.67 37.07
N PHE B 611 -0.46 -24.36 37.92
CA PHE B 611 -0.38 -25.81 37.84
C PHE B 611 -0.95 -26.51 39.08
N SER B 612 -1.98 -27.31 38.87
CA SER B 612 -2.56 -28.13 39.92
C SER B 612 -2.43 -29.61 39.57
N PRO B 613 -1.46 -30.28 40.22
CA PRO B 613 -1.20 -31.70 39.94
C PRO B 613 -2.36 -32.60 40.34
N ASN B 614 -3.13 -32.16 41.32
CA ASN B 614 -4.31 -32.89 41.80
C ASN B 614 -3.98 -34.33 42.20
N ASN B 615 -2.78 -34.52 42.76
CA ASN B 615 -2.33 -35.84 43.20
C ASN B 615 -2.07 -35.87 44.70
N GLY B 616 -2.56 -34.84 45.40
CA GLY B 616 -2.33 -34.71 46.82
C GLY B 616 -1.43 -33.51 47.12
N ALA B 617 -0.66 -33.10 46.12
CA ALA B 617 0.24 -31.96 46.28
C ALA B 617 -0.51 -30.65 46.13
N ALA B 618 0.13 -29.55 46.50
CA ALA B 618 -0.51 -28.22 46.51
C ALA B 618 -1.00 -27.81 45.12
N PRO B 619 -2.22 -27.23 45.07
CA PRO B 619 -2.80 -26.72 43.83
C PRO B 619 -2.33 -25.31 43.52
N ASN B 620 -2.62 -24.83 42.32
CA ASN B 620 -2.29 -23.46 41.92
C ASN B 620 -0.82 -23.10 42.12
N GLN B 621 0.05 -24.03 41.74
CA GLN B 621 1.48 -23.81 41.78
C GLN B 621 1.91 -22.89 40.63
N GLN B 622 2.38 -21.70 40.97
CA GLN B 622 2.84 -20.76 39.96
C GLN B 622 4.19 -21.19 39.42
N ILE B 623 4.27 -21.35 38.10
CA ILE B 623 5.52 -21.74 37.47
C ILE B 623 5.87 -20.81 36.31
N LYS B 624 6.98 -20.11 36.46
CA LYS B 624 7.45 -19.17 35.45
C LYS B 624 7.99 -19.91 34.24
N LEU B 625 7.60 -19.46 33.05
CA LEU B 625 8.19 -19.98 31.82
C LEU B 625 9.32 -19.05 31.40
N SER B 626 10.55 -19.52 31.59
CA SER B 626 11.72 -18.72 31.24
C SER B 626 12.34 -19.24 29.96
N PHE B 627 11.86 -18.70 28.84
CA PHE B 627 12.30 -19.17 27.53
C PHE B 627 13.21 -18.13 26.88
N GLY B 628 13.51 -17.08 27.64
CA GLY B 628 14.41 -16.04 27.18
C GLY B 628 13.83 -14.64 27.32
N THR B 629 14.69 -13.64 27.17
CA THR B 629 14.28 -12.25 27.19
C THR B 629 14.06 -11.75 25.77
N SER B 630 13.24 -10.71 25.62
CA SER B 630 12.93 -10.16 24.31
C SER B 630 14.17 -9.60 23.62
N GLY B 631 14.53 -10.19 22.49
CA GLY B 631 15.64 -9.69 21.69
C GLY B 631 16.93 -10.47 21.80
N SER B 632 16.95 -11.52 22.62
CA SER B 632 18.18 -12.26 22.89
C SER B 632 18.21 -13.67 22.32
N ASN B 633 19.31 -14.38 22.59
CA ASN B 633 19.51 -15.74 22.11
C ASN B 633 19.79 -16.71 23.25
N ASP B 634 19.52 -16.25 24.48
CA ASP B 634 19.90 -16.99 25.69
C ASP B 634 19.07 -18.24 25.95
N GLY B 635 17.87 -18.30 25.38
CA GLY B 635 16.98 -19.43 25.58
C GLY B 635 16.35 -19.96 24.29
N LEU B 636 15.13 -19.51 24.01
CA LEU B 636 14.41 -19.95 22.82
C LEU B 636 14.78 -19.13 21.59
N VAL B 637 15.24 -19.81 20.55
CA VAL B 637 15.54 -19.16 19.27
C VAL B 637 14.91 -19.92 18.12
N SER B 638 14.84 -19.27 16.97
CA SER B 638 14.37 -19.90 15.74
C SER B 638 15.28 -19.51 14.59
N SER B 639 16.22 -20.38 14.24
CA SER B 639 17.19 -20.08 13.18
C SER B 639 17.32 -21.24 12.18
N ASN B 640 18.08 -21.00 11.12
CA ASN B 640 18.24 -21.97 10.03
C ASN B 640 19.13 -23.15 10.42
N SER B 641 18.67 -23.94 11.37
CA SER B 641 19.34 -25.17 11.77
C SER B 641 18.35 -26.09 12.45
N ALA B 642 18.68 -27.39 12.51
CA ALA B 642 17.77 -28.41 13.03
C ALA B 642 17.11 -28.00 14.34
N SER B 643 15.82 -28.30 14.48
CA SER B 643 15.15 -28.10 15.75
C SER B 643 15.80 -29.01 16.77
N THR B 644 16.18 -28.46 17.91
CA THR B 644 16.90 -29.25 18.90
C THR B 644 16.74 -28.66 20.30
N LEU B 645 16.78 -29.55 21.29
CA LEU B 645 16.79 -29.14 22.68
C LEU B 645 18.22 -29.10 23.19
N THR B 646 18.67 -27.93 23.62
CA THR B 646 20.02 -27.81 24.16
C THR B 646 20.02 -28.18 25.65
N GLY B 647 19.16 -27.52 26.42
CA GLY B 647 19.06 -27.81 27.83
C GLY B 647 17.81 -27.26 28.49
N GLN B 648 17.51 -27.77 29.68
CA GLN B 648 16.42 -27.26 30.50
C GLN B 648 16.82 -27.26 31.96
N ALA B 649 16.14 -26.44 32.76
CA ALA B 649 16.45 -26.33 34.18
C ALA B 649 15.25 -25.87 34.97
N THR B 650 15.10 -26.43 36.17
CA THR B 650 14.07 -25.97 37.09
C THR B 650 14.68 -25.89 38.49
N ASP B 651 14.12 -25.01 39.32
CA ASP B 651 14.67 -24.76 40.64
C ASP B 651 14.21 -25.78 41.68
N GLY B 652 13.27 -26.63 41.28
CA GLY B 652 12.71 -27.62 42.18
C GLY B 652 13.44 -28.94 42.16
N TYR B 653 13.21 -29.73 43.21
CA TYR B 653 13.81 -31.06 43.33
C TYR B 653 12.98 -31.94 44.25
N THR B 654 13.13 -33.25 44.10
CA THR B 654 12.45 -34.20 44.98
C THR B 654 13.23 -34.34 46.28
N SER B 655 12.72 -35.17 47.20
CA SER B 655 13.43 -35.41 48.45
C SER B 655 14.50 -36.47 48.26
N GLY B 656 15.50 -36.46 49.12
CA GLY B 656 16.59 -37.41 49.02
C GLY B 656 17.52 -37.36 50.21
N ASN B 657 18.47 -38.29 50.26
CA ASN B 657 19.45 -38.33 51.34
C ASN B 657 20.87 -38.19 50.81
N LEU B 658 21.78 -37.77 51.69
CA LEU B 658 23.18 -37.67 51.33
C LEU B 658 23.80 -39.04 51.13
N LYS B 659 24.60 -39.18 50.07
CA LYS B 659 25.42 -40.36 49.87
C LYS B 659 26.87 -40.00 50.22
N PRO B 660 27.26 -40.27 51.49
CA PRO B 660 28.51 -39.78 52.09
C PRO B 660 29.79 -40.26 51.40
N ASP B 661 29.77 -41.43 50.79
CA ASP B 661 30.96 -41.95 50.11
C ASP B 661 31.16 -41.25 48.78
N ALA B 662 30.16 -40.47 48.37
CA ALA B 662 30.25 -39.71 47.12
C ALA B 662 30.69 -38.27 47.38
N ILE B 663 30.82 -37.91 48.65
CA ILE B 663 31.20 -36.55 49.04
C ILE B 663 32.62 -36.24 48.55
N ARG B 664 32.88 -34.98 48.23
CA ARG B 664 34.18 -34.58 47.72
C ARG B 664 34.46 -33.08 47.89
N VAL B 665 35.71 -32.71 47.65
CA VAL B 665 36.14 -31.32 47.75
C VAL B 665 36.55 -30.81 46.37
N ASP B 666 36.15 -29.59 46.04
CA ASP B 666 36.57 -28.98 44.78
C ASP B 666 37.89 -28.23 45.00
N ASP B 667 38.30 -27.45 44.01
CA ASP B 667 39.53 -26.65 44.14
C ASP B 667 39.20 -25.25 44.64
N LYS B 668 37.96 -25.04 45.06
CA LYS B 668 37.53 -23.77 45.61
C LYS B 668 37.21 -23.93 47.09
N GLY B 669 37.48 -25.11 47.62
CA GLY B 669 37.30 -25.37 49.04
C GLY B 669 35.96 -26.00 49.39
N ASN B 670 35.01 -25.91 48.47
CA ASN B 670 33.66 -26.42 48.67
C ASN B 670 33.60 -27.93 48.90
N ILE B 671 32.93 -28.34 49.95
CA ILE B 671 32.61 -29.75 50.14
C ILE B 671 31.26 -30.01 49.45
N LEU B 672 31.25 -30.91 48.48
CA LEU B 672 30.06 -31.16 47.69
C LEU B 672 29.39 -32.46 48.12
N GLY B 673 28.10 -32.39 48.42
CA GLY B 673 27.35 -33.55 48.83
C GLY B 673 26.37 -34.00 47.76
N GLU B 674 26.54 -35.22 47.30
CA GLU B 674 25.62 -35.79 46.33
C GLU B 674 24.41 -36.33 47.08
N PHE B 675 23.23 -36.19 46.49
CA PHE B 675 22.02 -36.71 47.12
C PHE B 675 21.28 -37.66 46.17
N THR B 676 20.45 -38.53 46.73
CA THR B 676 19.70 -39.50 45.96
C THR B 676 18.65 -38.84 45.06
N ASN B 677 18.36 -37.57 45.35
CA ASN B 677 17.44 -36.79 44.54
C ASN B 677 18.11 -36.30 43.25
N GLY B 678 19.42 -36.48 43.16
CA GLY B 678 20.17 -36.08 41.98
C GLY B 678 20.76 -34.69 42.11
N LYS B 679 20.52 -34.05 43.26
CA LYS B 679 21.03 -32.71 43.49
C LYS B 679 22.40 -32.72 44.14
N THR B 680 23.13 -31.62 43.95
CA THR B 680 24.44 -31.44 44.56
C THR B 680 24.54 -30.04 45.16
N PHE B 681 24.92 -29.96 46.42
CA PHE B 681 25.07 -28.67 47.10
C PHE B 681 26.48 -28.56 47.65
N ALA B 682 26.99 -27.33 47.72
CA ALA B 682 28.14 -27.06 48.55
C ALA B 682 27.64 -27.11 49.99
N VAL B 683 27.80 -28.27 50.63
CA VAL B 683 27.33 -28.45 52.01
C VAL B 683 28.26 -27.75 52.98
N ALA B 684 29.48 -27.47 52.54
CA ALA B 684 30.48 -26.81 53.38
C ALA B 684 31.60 -26.22 52.55
N LYS B 685 32.23 -25.16 53.05
CA LYS B 685 33.39 -24.58 52.41
C LYS B 685 34.54 -24.48 53.42
N ILE B 686 35.68 -25.06 53.06
CA ILE B 686 36.85 -25.03 53.93
C ILE B 686 37.50 -23.66 53.92
N ALA B 687 37.83 -23.16 55.10
CA ALA B 687 38.45 -21.86 55.25
C ALA B 687 39.89 -21.84 54.72
N MET B 688 40.26 -20.74 54.10
CA MET B 688 41.65 -20.53 53.68
C MET B 688 42.23 -19.34 54.41
N ALA B 689 43.01 -19.61 55.46
CA ALA B 689 43.54 -18.54 56.30
C ALA B 689 45.06 -18.40 56.17
N SER B 690 45.55 -17.16 56.24
CA SER B 690 46.97 -16.90 56.01
C SER B 690 47.58 -15.99 57.08
N VAL B 691 48.91 -15.86 57.03
CA VAL B 691 49.64 -14.96 57.90
C VAL B 691 50.64 -14.16 57.06
N ALA B 692 50.97 -12.95 57.50
CA ALA B 692 51.90 -12.10 56.78
C ALA B 692 53.35 -12.45 57.08
N ASN B 693 53.58 -13.72 57.42
CA ASN B 693 54.86 -14.16 57.97
C ASN B 693 54.97 -15.66 58.20
N ASN B 694 54.93 -16.44 57.11
CA ASN B 694 55.04 -17.89 57.22
C ASN B 694 56.31 -18.34 57.95
N SER B 695 57.32 -17.47 57.95
CA SER B 695 58.57 -17.75 58.64
C SER B 695 58.45 -17.49 60.15
N GLY B 696 57.50 -16.64 60.53
CA GLY B 696 57.28 -16.33 61.93
C GLY B 696 56.34 -17.29 62.62
N LEU B 697 56.24 -18.51 62.09
CA LEU B 697 55.35 -19.53 62.63
C LEU B 697 56.11 -20.59 63.42
N GLU B 698 55.56 -20.97 64.56
CA GLU B 698 56.18 -21.97 65.42
C GLU B 698 55.64 -23.37 65.15
N GLU B 699 56.52 -24.27 64.71
CA GLU B 699 56.14 -25.67 64.54
C GLU B 699 55.83 -26.28 65.90
N ILE B 700 54.57 -26.17 66.33
CA ILE B 700 54.19 -26.72 67.62
C ILE B 700 53.89 -28.22 67.53
N GLY B 701 52.63 -28.57 67.30
CA GLY B 701 52.21 -29.96 67.26
C GLY B 701 52.71 -30.75 66.06
N GLY B 702 51.79 -31.37 65.33
CA GLY B 702 52.13 -32.09 64.12
C GLY B 702 51.84 -31.26 62.89
N ASN B 703 52.86 -30.59 62.36
CA ASN B 703 52.71 -29.63 61.28
C ASN B 703 51.67 -28.56 61.63
N LEU B 704 51.55 -28.26 62.92
CA LEU B 704 50.66 -27.21 63.38
C LEU B 704 51.48 -25.98 63.75
N PHE B 705 50.84 -24.82 63.72
CA PHE B 705 51.52 -23.55 63.94
C PHE B 705 50.64 -22.56 64.68
N LYS B 706 51.25 -21.55 65.32
CA LYS B 706 50.50 -20.46 65.94
C LYS B 706 51.21 -19.14 65.74
N VAL B 707 50.67 -18.09 66.35
CA VAL B 707 51.10 -16.73 66.06
C VAL B 707 51.91 -16.08 67.18
N THR B 708 52.42 -14.88 66.90
CA THR B 708 53.22 -14.12 67.85
C THR B 708 52.71 -12.69 67.97
N ALA B 709 53.64 -11.74 67.92
CA ALA B 709 53.32 -10.32 67.85
C ALA B 709 54.10 -9.71 66.69
N ASN B 710 55.15 -10.42 66.27
CA ASN B 710 55.83 -10.11 65.02
C ASN B 710 55.18 -10.93 63.91
N SER B 711 54.27 -11.82 64.32
CA SER B 711 53.56 -12.68 63.38
C SER B 711 52.20 -12.11 63.01
N GLY B 712 51.62 -11.33 63.91
CA GLY B 712 50.34 -10.67 63.65
C GLY B 712 49.15 -11.61 63.59
N ASN B 713 47.99 -11.11 63.96
CA ASN B 713 46.76 -11.90 64.00
C ASN B 713 46.39 -12.58 62.68
N ILE B 714 45.53 -13.58 62.76
CA ILE B 714 45.19 -14.42 61.62
C ILE B 714 44.07 -13.84 60.76
N VAL B 715 44.21 -13.96 59.43
CA VAL B 715 43.20 -13.52 58.49
C VAL B 715 42.66 -14.72 57.72
N VAL B 716 41.36 -14.75 57.45
CA VAL B 716 40.73 -15.88 56.78
C VAL B 716 39.81 -15.43 55.64
N GLY B 717 39.72 -16.25 54.59
CA GLY B 717 38.87 -15.94 53.45
C GLY B 717 38.67 -17.14 52.53
N GLU B 718 37.95 -16.94 51.43
CA GLU B 718 37.66 -18.03 50.49
C GLU B 718 38.84 -18.35 49.59
N ALA B 719 38.99 -19.64 49.28
CA ALA B 719 39.96 -20.08 48.28
C ALA B 719 39.48 -19.69 46.89
N GLY B 720 40.39 -19.14 46.08
CA GLY B 720 40.03 -18.66 44.76
C GLY B 720 39.69 -17.18 44.79
N THR B 721 39.74 -16.58 45.99
CA THR B 721 39.50 -15.15 46.15
C THR B 721 40.69 -14.49 46.81
N GLY B 722 41.03 -13.28 46.39
CA GLY B 722 42.12 -12.53 46.98
C GLY B 722 43.51 -12.87 46.44
N GLY B 723 43.87 -14.14 46.49
CA GLY B 723 45.17 -14.59 46.01
C GLY B 723 45.55 -15.92 46.64
N ARG B 724 44.58 -16.81 46.73
CA ARG B 724 44.70 -18.05 47.49
C ARG B 724 43.69 -19.07 47.00
N GLY B 725 44.15 -20.27 46.65
CA GLY B 725 43.26 -21.30 46.14
C GLY B 725 43.63 -22.70 46.60
N GLU B 726 42.73 -23.65 46.35
CA GLU B 726 42.95 -25.04 46.75
C GLU B 726 43.09 -25.96 45.54
N MET B 727 43.34 -27.24 45.80
CA MET B 727 43.65 -28.20 44.74
C MET B 727 43.27 -29.63 45.17
N LYS B 728 42.97 -30.47 44.19
CA LYS B 728 42.74 -31.91 44.37
C LYS B 728 41.37 -32.18 44.99
N THR B 729 40.79 -33.33 44.63
CA THR B 729 39.46 -33.70 45.08
C THR B 729 39.49 -34.97 45.92
N VAL C 4 15.76 18.58 79.77
CA VAL C 4 15.64 18.26 81.19
C VAL C 4 15.12 16.82 81.33
N ALA C 5 15.83 15.90 80.69
CA ALA C 5 15.47 14.49 80.75
C ALA C 5 15.81 13.87 82.09
N ILE C 6 14.79 13.70 82.93
CA ILE C 6 14.93 13.07 84.25
C ILE C 6 14.30 11.70 84.10
N ASN C 7 14.48 10.82 85.08
CA ASN C 7 13.91 9.49 84.93
C ASN C 7 13.49 8.87 86.26
N GLY C 8 12.18 8.79 86.47
CA GLY C 8 11.63 8.08 87.60
C GLY C 8 11.69 6.59 87.37
N ASP C 9 11.18 6.14 86.23
CA ASP C 9 11.23 4.72 85.87
C ASP C 9 12.54 4.40 85.15
N GLY C 10 13.30 3.48 85.71
CA GLY C 10 14.60 3.11 85.18
C GLY C 10 15.69 3.92 85.87
N PHE C 11 16.80 3.25 86.18
CA PHE C 11 17.81 3.80 87.09
C PHE C 11 18.99 4.60 86.48
N PHE C 12 19.36 5.65 87.21
CA PHE C 12 20.64 6.37 87.13
C PHE C 12 21.35 6.54 85.76
N MET C 13 21.32 7.76 85.26
CA MET C 13 22.02 8.15 84.03
C MET C 13 23.56 8.24 84.15
N VAL C 14 24.23 8.18 83.00
CA VAL C 14 25.70 8.27 82.93
C VAL C 14 26.24 9.70 82.84
N SER C 15 27.49 9.85 83.28
CA SER C 15 28.22 11.11 83.18
C SER C 15 29.72 10.85 83.14
N ASP C 16 30.51 11.76 82.55
CA ASP C 16 31.93 11.52 82.37
C ASP C 16 32.69 12.85 82.22
N ASP C 17 33.92 12.92 82.71
CA ASP C 17 34.77 14.09 82.50
C ASP C 17 36.11 13.65 81.93
N GLY C 18 36.46 14.18 80.77
CA GLY C 18 37.59 13.67 80.02
C GLY C 18 37.20 12.33 79.43
N GLY C 19 38.12 11.68 78.74
CA GLY C 19 37.86 10.34 78.24
C GLY C 19 37.88 9.36 79.40
N LEU C 20 37.58 8.10 79.12
CA LEU C 20 37.57 7.03 80.13
C LEU C 20 36.75 7.40 81.38
N THR C 21 37.22 6.92 82.54
CA THR C 21 36.65 7.18 83.88
C THR C 21 35.18 7.64 83.95
N ASN C 22 34.25 6.71 83.74
CA ASN C 22 32.81 6.99 83.82
C ASN C 22 32.18 6.82 85.21
N TYR C 23 31.04 7.48 85.43
CA TYR C 23 30.25 7.37 86.66
C TYR C 23 28.74 7.50 86.37
N LEU C 24 27.91 7.37 87.41
CA LEU C 24 26.44 7.38 87.25
C LEU C 24 25.74 8.49 88.05
N THR C 25 24.62 9.00 87.50
CA THR C 25 23.89 10.13 88.09
C THR C 25 22.37 10.06 87.84
N ARG C 26 21.58 10.50 88.81
CA ARG C 26 20.13 10.64 88.62
C ARG C 26 19.78 12.05 88.14
N SER C 27 20.78 12.91 88.04
CA SER C 27 20.53 14.28 87.61
C SER C 27 20.04 14.31 86.18
N GLY C 28 18.93 15.00 85.94
CA GLY C 28 18.33 15.04 84.62
C GLY C 28 18.19 16.43 84.03
N ASP C 29 18.63 17.44 84.76
CA ASP C 29 18.58 18.82 84.29
C ASP C 29 19.58 19.01 83.14
N PHE C 30 19.15 18.74 81.91
CA PHE C 30 20.07 18.69 80.78
C PHE C 30 19.87 19.82 79.79
N LYS C 31 20.96 20.30 79.22
CA LYS C 31 20.92 21.30 78.16
C LYS C 31 22.11 21.14 77.22
N LEU C 32 22.16 21.98 76.19
CA LEU C 32 23.22 21.90 75.18
C LEU C 32 24.28 22.98 75.38
N ASP C 33 25.54 22.62 75.14
CA ASP C 33 26.64 23.58 75.24
C ASP C 33 26.94 24.21 73.89
N ALA C 34 27.88 25.15 73.88
CA ALA C 34 28.34 25.75 72.64
C ALA C 34 29.53 24.96 72.07
N TYR C 35 29.91 23.88 72.76
CA TYR C 35 31.10 23.12 72.39
C TYR C 35 30.81 21.67 71.98
N GLY C 36 29.54 21.31 71.92
CA GLY C 36 29.09 20.04 71.40
C GLY C 36 28.71 18.92 72.35
N ASN C 37 28.92 19.12 73.65
CA ASN C 37 28.50 18.13 74.63
C ASN C 37 27.20 18.53 75.32
N PHE C 38 26.22 17.63 75.35
CA PHE C 38 24.97 17.96 76.04
C PHE C 38 25.18 17.67 77.53
N VAL C 39 24.97 18.70 78.35
CA VAL C 39 25.40 18.64 79.74
C VAL C 39 24.32 19.09 80.73
N ASN C 40 24.64 18.91 82.01
CA ASN C 40 23.83 19.42 83.10
C ASN C 40 24.45 20.68 83.70
N ASN C 41 23.82 21.22 84.74
CA ASN C 41 24.27 22.48 85.37
C ASN C 41 25.71 22.47 85.82
N ALA C 42 26.24 21.29 86.14
CA ALA C 42 27.64 21.19 86.54
C ALA C 42 28.57 21.26 85.33
N GLY C 43 27.99 21.41 84.14
CA GLY C 43 28.78 21.54 82.93
C GLY C 43 29.33 20.18 82.56
N PHE C 44 28.64 19.14 83.02
CA PHE C 44 29.13 17.78 82.87
C PHE C 44 28.63 16.97 81.68
N VAL C 45 29.59 16.41 80.93
CA VAL C 45 29.35 15.68 79.69
C VAL C 45 29.11 14.14 79.78
N VAL C 46 27.98 13.73 79.20
CA VAL C 46 27.54 12.33 79.07
C VAL C 46 28.41 11.50 78.09
N GLN C 47 28.48 10.19 78.27
CA GLN C 47 29.25 9.29 77.41
C GLN C 47 28.37 8.51 76.41
N GLY C 48 28.84 8.27 75.19
CA GLY C 48 28.04 7.57 74.18
C GLY C 48 28.70 7.11 72.88
N TRP C 49 27.92 6.94 71.81
CA TRP C 49 28.43 6.37 70.55
C TRP C 49 28.28 7.27 69.30
N ASN C 50 29.20 7.12 68.36
CA ASN C 50 29.19 7.90 67.12
C ASN C 50 28.62 7.21 65.88
N ILE C 51 28.05 8.02 64.98
CA ILE C 51 27.54 7.59 63.68
C ILE C 51 28.61 7.49 62.61
N ASN C 52 28.45 6.55 61.68
CA ASN C 52 29.16 6.66 60.41
C ASN C 52 28.16 7.33 59.46
N TRP C 53 28.42 8.60 59.13
CA TRP C 53 27.46 9.41 58.38
C TRP C 53 27.32 8.95 56.94
N ASP C 54 28.27 8.13 56.51
CA ASP C 54 28.33 7.64 55.14
C ASP C 54 27.09 6.80 54.80
N ASP C 55 26.55 6.13 55.82
CA ASP C 55 25.34 5.32 55.66
C ASP C 55 24.28 5.62 56.73
N GLN C 56 24.52 6.65 57.54
CA GLN C 56 23.65 7.02 58.66
C GLN C 56 23.50 5.88 59.66
N THR C 57 24.60 5.24 60.03
CA THR C 57 24.54 4.14 60.98
C THR C 57 25.38 4.38 62.24
N ILE C 58 24.91 3.80 63.34
CA ILE C 58 25.60 3.90 64.62
C ILE C 58 26.07 2.54 65.07
N ASP C 59 27.37 2.33 65.20
CA ASP C 59 27.76 1.06 65.78
C ASP C 59 27.78 1.28 67.27
N SER C 60 26.64 1.04 67.91
CA SER C 60 26.50 1.20 69.35
C SER C 60 27.17 0.02 70.05
N SER C 61 27.61 -0.94 69.26
CA SER C 61 28.30 -2.10 69.79
C SER C 61 29.73 -1.72 70.14
N ARG C 62 30.24 -0.71 69.46
CA ARG C 62 31.59 -0.23 69.73
C ARG C 62 31.60 0.47 71.08
N THR C 63 32.79 0.82 71.55
CA THR C 63 32.96 1.45 72.86
C THR C 63 32.29 2.82 72.96
N PRO C 64 31.48 3.01 74.01
CA PRO C 64 30.89 4.33 74.25
C PRO C 64 32.01 5.34 74.42
N GLN C 65 31.87 6.49 73.76
CA GLN C 65 32.90 7.52 73.80
C GLN C 65 32.25 8.89 73.99
N ASN C 66 33.01 9.93 73.73
CA ASN C 66 32.53 11.29 73.90
C ASN C 66 31.31 11.59 73.03
N ILE C 67 30.28 12.15 73.65
CA ILE C 67 29.09 12.58 72.94
C ILE C 67 29.46 13.78 72.09
N PHE C 68 29.36 13.62 70.77
CA PHE C 68 29.79 14.69 69.90
C PHE C 68 28.56 15.22 69.18
N ILE C 69 28.18 16.45 69.51
CA ILE C 69 27.00 17.04 68.89
C ILE C 69 27.29 18.39 68.27
N ASP C 70 27.69 18.39 67.01
CA ASP C 70 27.74 19.63 66.26
C ASP C 70 26.31 20.16 66.19
N PRO C 71 26.06 21.36 66.75
CA PRO C 71 24.68 21.87 66.69
C PRO C 71 24.33 22.20 65.25
N GLY C 72 25.32 22.71 64.54
CA GLY C 72 25.20 23.10 63.16
C GLY C 72 25.67 21.96 62.27
N MET C 73 25.45 20.74 62.75
CA MET C 73 25.88 19.55 62.05
C MET C 73 25.13 19.47 60.73
N HIS C 74 25.88 19.29 59.64
CA HIS C 74 25.25 19.34 58.33
C HIS C 74 25.28 18.00 57.64
N ILE C 75 24.10 17.54 57.22
CA ILE C 75 24.00 16.36 56.38
C ILE C 75 23.61 16.81 54.99
N PRO C 76 24.37 16.37 53.97
CA PRO C 76 24.10 16.78 52.60
C PRO C 76 22.80 16.19 52.07
N ALA C 77 22.21 16.84 51.08
CA ALA C 77 20.98 16.34 50.47
C ALA C 77 21.22 14.97 49.86
N ALA C 78 20.19 14.13 49.87
CA ALA C 78 20.28 12.82 49.25
C ALA C 78 19.18 12.63 48.23
N LYS C 79 19.53 12.06 47.10
CA LYS C 79 18.59 11.84 46.01
C LYS C 79 17.70 10.64 46.30
N SER C 80 16.50 10.67 45.76
CA SER C 80 15.56 9.57 45.92
C SER C 80 15.98 8.38 45.05
N THR C 81 15.94 7.18 45.64
CA THR C 81 16.19 5.96 44.87
C THR C 81 14.91 5.15 44.82
N GLU C 82 13.89 5.66 45.52
CA GLU C 82 12.63 4.95 45.67
C GLU C 82 11.54 5.90 46.16
N VAL C 83 10.32 5.71 45.65
CA VAL C 83 9.16 6.44 46.14
C VAL C 83 8.00 5.47 46.25
N ALA C 84 7.17 5.65 47.27
CA ALA C 84 6.08 4.73 47.54
C ALA C 84 4.78 5.48 47.70
N ILE C 85 3.67 4.81 47.44
CA ILE C 85 2.36 5.44 47.56
C ILE C 85 1.40 4.51 48.29
N LYS C 86 0.45 5.08 49.01
CA LYS C 86 -0.63 4.34 49.62
C LYS C 86 -1.93 5.03 49.23
N ALA C 87 -2.78 4.32 48.49
CA ALA C 87 -4.00 4.94 47.98
C ALA C 87 -5.03 3.90 47.56
N ASN C 88 -6.28 4.34 47.50
CA ASN C 88 -7.38 3.52 47.02
C ASN C 88 -7.90 4.08 45.71
N LEU C 89 -8.11 3.19 44.74
CA LEU C 89 -8.69 3.59 43.47
C LEU C 89 -10.12 3.04 43.37
N ASN C 90 -11.10 3.94 43.35
CA ASN C 90 -12.51 3.56 43.37
C ASN C 90 -12.87 2.63 42.22
N SER C 91 -13.30 1.42 42.57
CA SER C 91 -13.67 0.42 41.57
C SER C 91 -15.18 0.34 41.41
N GLY C 92 -15.90 1.11 42.23
CA GLY C 92 -17.35 1.02 42.26
C GLY C 92 -18.10 1.96 41.35
N LEU C 93 -19.39 2.14 41.66
CA LEU C 93 -20.30 2.83 40.73
C LEU C 93 -20.62 4.26 41.13
N ASN C 94 -19.98 4.77 42.17
CA ASN C 94 -20.09 6.19 42.51
C ASN C 94 -18.73 6.80 42.75
N ILE C 95 -18.33 7.72 41.86
CA ILE C 95 -17.01 8.31 41.89
C ILE C 95 -17.07 9.82 42.04
N GLY C 96 -18.30 10.35 42.10
CA GLY C 96 -18.49 11.78 42.24
C GLY C 96 -17.80 12.57 41.13
N THR C 97 -16.87 13.43 41.52
CA THR C 97 -16.14 14.26 40.57
C THR C 97 -14.73 13.72 40.33
N SER C 98 -14.37 12.64 41.03
CA SER C 98 -13.07 12.02 40.83
C SER C 98 -13.08 11.25 39.52
N SER C 99 -13.14 11.98 38.42
CA SER C 99 -13.35 11.40 37.10
C SER C 99 -12.63 12.19 36.01
N ARG C 100 -12.53 11.58 34.84
CA ARG C 100 -12.08 12.28 33.65
C ARG C 100 -12.97 11.90 32.47
N ASN C 101 -13.02 12.75 31.45
CA ASN C 101 -13.86 12.49 30.30
C ASN C 101 -13.42 11.27 29.52
N LEU C 102 -14.37 10.64 28.83
CA LEU C 102 -14.05 9.55 27.92
C LEU C 102 -13.13 10.04 26.81
N TYR C 103 -12.14 9.24 26.46
CA TYR C 103 -11.17 9.64 25.44
C TYR C 103 -11.81 9.82 24.07
N ALA C 104 -11.27 10.77 23.30
CA ALA C 104 -11.81 11.08 21.98
C ALA C 104 -11.47 9.97 21.00
N LEU C 105 -12.25 9.87 19.93
CA LEU C 105 -12.05 8.83 18.93
C LEU C 105 -12.20 9.34 17.50
N ASP C 106 -11.28 8.89 16.64
CA ASP C 106 -11.34 9.06 15.19
C ASP C 106 -12.68 8.64 14.60
N SER C 107 -12.92 9.01 13.34
CA SER C 107 -14.04 8.43 12.61
C SER C 107 -13.55 7.22 11.83
N VAL C 108 -12.26 6.90 11.96
CA VAL C 108 -11.66 5.81 11.20
C VAL C 108 -11.20 4.67 12.09
N HIS C 109 -11.84 3.52 11.95
CA HIS C 109 -11.51 2.35 12.77
C HIS C 109 -10.15 1.74 12.45
N GLY C 110 -9.34 1.51 13.48
CA GLY C 110 -8.04 0.88 13.29
C GLY C 110 -7.00 1.83 12.72
N TRP C 111 -7.21 3.13 12.89
CA TRP C 111 -6.35 4.13 12.25
C TRP C 111 -6.35 5.44 13.03
N ASN C 112 -5.17 5.89 13.42
CA ASN C 112 -5.03 7.17 14.10
C ASN C 112 -4.89 8.30 13.10
N THR C 113 -5.85 9.23 13.10
CA THR C 113 -5.83 10.31 12.10
C THR C 113 -4.77 11.35 12.42
N LYS C 114 -4.38 11.42 13.69
CA LYS C 114 -3.38 12.39 14.11
C LYS C 114 -1.95 11.90 13.79
N THR C 115 -1.64 10.66 14.11
CA THR C 115 -0.33 10.12 13.76
C THR C 115 -0.36 9.64 12.31
N GLN C 116 -1.57 9.59 11.75
CA GLN C 116 -1.82 9.20 10.37
C GLN C 116 -1.18 7.85 10.03
N ARG C 117 -1.29 6.92 10.98
CA ARG C 117 -0.84 5.55 10.79
C ARG C 117 -1.85 4.57 11.40
N ALA C 118 -1.74 3.30 11.05
CA ALA C 118 -2.61 2.28 11.61
C ALA C 118 -2.31 2.02 13.09
N GLU C 119 -3.31 2.24 13.93
CA GLU C 119 -3.22 1.97 15.37
C GLU C 119 -4.54 1.41 15.89
N ASP C 120 -4.45 0.37 16.73
CA ASP C 120 -5.64 -0.24 17.33
C ASP C 120 -6.07 0.54 18.57
N GLU C 121 -7.22 1.21 18.47
CA GLU C 121 -7.71 2.07 19.55
C GLU C 121 -7.91 1.32 20.86
N ASN C 122 -8.14 0.00 20.77
CA ASN C 122 -8.42 -0.79 21.95
C ASN C 122 -7.15 -1.38 22.55
N ASP C 123 -6.08 -1.40 21.76
CA ASP C 123 -4.80 -1.90 22.23
C ASP C 123 -4.22 -0.95 23.28
N THR C 124 -3.83 -1.54 24.42
CA THR C 124 -3.29 -0.78 25.55
C THR C 124 -1.79 -0.52 25.41
N GLY C 125 -1.15 -1.25 24.50
CA GLY C 125 0.26 -1.02 24.21
C GLY C 125 0.38 0.26 23.41
N THR C 126 -0.74 0.70 22.85
CA THR C 126 -0.79 1.92 22.08
C THR C 126 -1.38 3.03 22.93
N THR C 127 -0.62 4.11 23.11
CA THR C 127 -1.16 5.29 23.76
C THR C 127 -0.59 6.52 23.09
N GLN C 128 -1.48 7.38 22.60
CA GLN C 128 -1.03 8.55 21.87
C GLN C 128 -1.49 9.82 22.54
N PHE C 129 -0.61 10.81 22.57
CA PHE C 129 -0.95 12.10 23.13
C PHE C 129 -1.01 13.10 21.99
N TYR C 130 -1.73 14.19 22.20
CA TYR C 130 -1.78 15.25 21.22
C TYR C 130 -1.84 16.57 21.95
N THR C 131 -1.47 17.64 21.25
CA THR C 131 -1.42 18.95 21.87
C THR C 131 -2.68 19.70 21.51
N THR C 132 -3.41 20.13 22.54
CA THR C 132 -4.68 20.81 22.33
C THR C 132 -4.40 22.28 22.03
N SER C 133 -5.46 23.02 21.71
CA SER C 133 -5.33 24.45 21.44
C SER C 133 -4.90 25.23 22.69
N LYS C 134 -5.28 24.73 23.85
CA LYS C 134 -4.92 25.36 25.12
C LYS C 134 -3.58 24.89 25.66
N ASN C 135 -2.73 24.41 24.75
CA ASN C 135 -1.41 23.85 25.10
C ASN C 135 -1.50 22.86 26.27
N SER C 136 -2.46 21.96 26.20
CA SER C 136 -2.59 20.90 27.17
C SER C 136 -2.30 19.57 26.47
N VAL C 137 -1.54 18.70 27.12
CA VAL C 137 -1.20 17.41 26.52
C VAL C 137 -2.06 16.29 27.07
N GLU C 138 -2.94 15.78 26.23
CA GLU C 138 -3.93 14.80 26.67
C GLU C 138 -3.91 13.52 25.84
N VAL C 139 -4.52 12.46 26.38
CA VAL C 139 -4.64 11.19 25.68
C VAL C 139 -5.80 11.19 24.70
N THR C 140 -5.58 10.60 23.53
CA THR C 140 -6.60 10.50 22.51
C THR C 140 -6.54 9.12 21.84
N GLU C 141 -7.58 8.82 21.06
CA GLU C 141 -7.63 7.58 20.29
C GLU C 141 -7.59 6.33 21.14
N LYS C 142 -8.34 6.34 22.24
CA LYS C 142 -8.35 5.20 23.12
C LYS C 142 -9.76 4.66 23.36
N GLY C 143 -10.00 3.44 22.89
CA GLY C 143 -11.26 2.77 23.15
C GLY C 143 -11.28 2.25 24.57
N VAL C 144 -12.44 2.39 25.22
CA VAL C 144 -12.61 1.95 26.60
C VAL C 144 -13.74 0.94 26.75
N ASP C 145 -13.50 -0.07 27.58
CA ASP C 145 -14.56 -0.99 28.00
C ASP C 145 -15.82 -0.25 28.41
N ALA C 146 -16.93 -0.58 27.75
CA ALA C 146 -18.18 0.09 28.03
C ALA C 146 -18.70 -0.27 29.43
N GLY C 147 -18.16 -1.35 29.99
CA GLY C 147 -18.46 -1.75 31.34
C GLY C 147 -17.83 -0.83 32.38
N SER C 148 -16.94 0.04 31.91
CA SER C 148 -16.23 0.96 32.80
C SER C 148 -16.67 2.39 32.61
N LEU C 149 -17.91 2.59 32.17
CA LEU C 149 -18.37 3.92 31.85
C LEU C 149 -19.21 4.55 32.96
N PHE C 150 -19.13 5.88 33.04
CA PHE C 150 -19.88 6.64 34.03
C PHE C 150 -20.58 7.82 33.35
N ASN C 151 -21.61 8.36 33.98
CA ASN C 151 -22.25 9.58 33.48
C ASN C 151 -21.68 10.82 34.15
N ALA C 152 -22.31 11.97 33.92
CA ALA C 152 -21.80 13.24 34.43
C ALA C 152 -21.92 13.33 35.94
N LYS C 153 -22.85 12.57 36.52
CA LYS C 153 -23.05 12.59 37.96
C LYS C 153 -21.95 11.80 38.68
N GLY C 154 -21.18 11.05 37.91
CA GLY C 154 -20.16 10.18 38.48
C GLY C 154 -20.76 8.83 38.81
N GLN C 155 -21.93 8.56 38.24
CA GLN C 155 -22.62 7.30 38.47
C GLN C 155 -22.30 6.29 37.38
N GLY C 156 -21.90 5.09 37.80
CA GLY C 156 -21.59 4.02 36.88
C GLY C 156 -22.81 3.49 36.16
N LEU C 157 -22.66 3.20 34.87
CA LEU C 157 -23.79 2.75 34.08
C LEU C 157 -24.09 1.30 34.38
N ASN C 158 -23.11 0.61 34.95
CA ASN C 158 -23.28 -0.77 35.41
C ASN C 158 -23.73 -1.67 34.28
N LEU C 159 -23.07 -1.54 33.14
CA LEU C 159 -23.42 -2.32 31.96
C LEU C 159 -23.02 -3.77 32.17
N ARG C 160 -23.89 -4.69 31.75
CA ARG C 160 -23.66 -6.11 31.96
C ARG C 160 -23.62 -6.86 30.64
N ASP C 161 -22.82 -7.92 30.62
CA ASP C 161 -22.74 -8.78 29.45
C ASP C 161 -24.14 -9.23 29.03
N GLY C 162 -24.47 -8.99 27.76
CA GLY C 162 -25.78 -9.37 27.24
C GLY C 162 -26.75 -8.21 27.18
N GLN C 163 -26.45 -7.15 27.92
CA GLN C 163 -27.27 -5.94 27.86
C GLN C 163 -26.97 -5.16 26.58
N GLY C 164 -27.87 -4.25 26.23
CA GLY C 164 -27.68 -3.44 25.03
C GLY C 164 -28.82 -2.49 24.74
N ILE C 165 -28.80 -1.93 23.54
CA ILE C 165 -29.80 -0.94 23.13
C ILE C 165 -30.24 -1.17 21.70
N TRP C 166 -31.36 -0.56 21.35
CA TRP C 166 -31.78 -0.47 19.96
C TRP C 166 -31.44 0.92 19.45
N VAL C 167 -30.97 0.99 18.20
CA VAL C 167 -30.74 2.27 17.54
C VAL C 167 -31.47 2.29 16.22
N SER C 168 -32.48 3.14 16.12
CA SER C 168 -33.18 3.34 14.86
C SER C 168 -32.61 4.59 14.20
N TYR C 169 -32.20 4.46 12.94
CA TYR C 169 -31.58 5.56 12.22
C TYR C 169 -32.62 6.32 11.41
N ALA C 170 -33.72 5.64 11.11
CA ALA C 170 -34.83 6.20 10.36
C ALA C 170 -36.07 5.34 10.55
N ASP C 171 -37.22 5.85 10.12
CA ASP C 171 -38.44 5.05 10.17
C ASP C 171 -38.43 3.99 9.08
N ALA C 172 -38.84 2.78 9.43
CA ALA C 172 -39.02 1.75 8.43
C ALA C 172 -40.36 1.96 7.77
N THR C 173 -40.37 2.04 6.44
CA THR C 173 -41.60 2.26 5.72
C THR C 173 -41.71 1.22 4.62
N TYR C 174 -42.94 0.89 4.25
CA TYR C 174 -43.16 0.04 3.09
C TYR C 174 -44.49 0.34 2.47
N SER C 175 -44.49 0.43 1.15
CA SER C 175 -45.71 0.66 0.39
C SER C 175 -46.04 -0.55 -0.46
N THR C 176 -47.23 -1.09 -0.25
CA THR C 176 -47.72 -2.21 -1.04
C THR C 176 -48.19 -1.71 -2.40
N ASN C 177 -48.40 -2.62 -3.33
CA ASN C 177 -48.89 -2.29 -4.66
C ASN C 177 -48.01 -1.27 -5.39
N LYS C 178 -46.73 -1.60 -5.54
CA LYS C 178 -45.80 -0.73 -6.27
C LYS C 178 -46.01 -0.85 -7.77
N VAL C 179 -46.75 -1.88 -8.18
CA VAL C 179 -47.07 -2.05 -9.60
C VAL C 179 -48.13 -1.03 -10.03
N GLY C 180 -48.76 -0.39 -9.04
CA GLY C 180 -49.61 0.76 -9.30
C GLY C 180 -50.98 0.45 -9.88
N VAL C 181 -51.46 -0.77 -9.65
CA VAL C 181 -52.81 -1.15 -10.07
C VAL C 181 -53.84 -0.29 -9.34
N ASN C 182 -54.82 0.21 -10.07
CA ASN C 182 -55.81 1.09 -9.47
C ASN C 182 -56.68 0.36 -8.45
N ALA C 183 -57.20 1.10 -7.48
CA ALA C 183 -58.16 0.53 -6.55
C ALA C 183 -59.50 0.39 -7.26
N PHE C 184 -60.31 -0.58 -6.83
CA PHE C 184 -61.65 -0.71 -7.37
C PHE C 184 -62.48 0.52 -7.04
N ASP C 185 -63.16 1.07 -8.04
CA ASP C 185 -64.02 2.22 -7.84
C ASP C 185 -65.45 1.89 -8.20
N PRO C 186 -66.33 1.86 -7.18
CA PRO C 186 -67.75 1.55 -7.41
C PRO C 186 -68.44 2.69 -8.17
N ASN C 187 -67.81 3.85 -8.18
CA ASN C 187 -68.35 5.00 -8.91
C ASN C 187 -67.99 4.91 -10.39
N LEU C 188 -67.04 4.04 -10.72
CA LEU C 188 -66.74 3.77 -12.11
C LEU C 188 -67.61 2.60 -12.56
N GLN C 189 -68.75 2.92 -13.17
CA GLN C 189 -69.76 1.93 -13.46
C GLN C 189 -69.44 1.17 -14.75
N GLN C 190 -68.36 0.41 -14.68
CA GLN C 190 -67.96 -0.48 -15.77
C GLN C 190 -67.09 -1.59 -15.19
N ASN C 191 -66.81 -2.61 -15.99
CA ASN C 191 -65.97 -3.70 -15.54
C ASN C 191 -64.57 -3.24 -15.17
N GLN C 192 -64.05 -3.75 -14.07
CA GLN C 192 -62.72 -3.39 -13.60
C GLN C 192 -61.94 -4.61 -13.17
N THR C 193 -60.65 -4.60 -13.49
CA THR C 193 -59.71 -5.56 -12.92
C THR C 193 -58.78 -4.74 -12.05
N ALA C 194 -58.99 -4.77 -10.74
CA ALA C 194 -58.35 -3.80 -9.86
C ALA C 194 -58.01 -4.38 -8.50
N ALA C 195 -57.38 -3.57 -7.66
CA ALA C 195 -57.10 -3.95 -6.29
C ALA C 195 -58.39 -3.86 -5.50
N PHE C 196 -58.84 -4.99 -4.97
CA PHE C 196 -60.15 -5.06 -4.34
C PHE C 196 -60.06 -5.35 -2.86
N TRP C 197 -60.72 -4.52 -2.06
CA TRP C 197 -60.66 -4.66 -0.61
C TRP C 197 -62.02 -4.98 0.01
N GLY C 198 -62.94 -5.47 -0.80
CA GLY C 198 -64.24 -5.88 -0.31
C GLY C 198 -65.28 -4.78 -0.36
N THR C 199 -66.55 -5.18 -0.35
CA THR C 199 -67.67 -4.24 -0.23
C THR C 199 -68.56 -4.70 0.91
N ALA C 200 -69.68 -4.02 1.10
CA ALA C 200 -70.66 -4.45 2.09
C ALA C 200 -71.32 -5.77 1.70
N ASN C 201 -71.24 -6.11 0.41
CA ASN C 201 -71.85 -7.32 -0.11
C ASN C 201 -70.84 -8.36 -0.55
N GLN C 202 -69.56 -8.06 -0.35
CA GLN C 202 -68.50 -8.98 -0.72
C GLN C 202 -67.35 -8.86 0.27
N LYS C 203 -67.03 -9.96 0.93
CA LYS C 203 -65.97 -9.95 1.91
C LYS C 203 -64.70 -10.44 1.24
N VAL C 204 -63.56 -9.96 1.72
CA VAL C 204 -62.27 -10.45 1.22
C VAL C 204 -61.51 -11.06 2.39
N ASN C 205 -60.52 -11.88 2.08
CA ASN C 205 -59.77 -12.59 3.10
C ASN C 205 -58.40 -11.99 3.35
N LEU C 206 -58.27 -11.31 4.48
CA LEU C 206 -56.97 -10.80 4.91
C LEU C 206 -56.19 -11.90 5.60
N ASP C 207 -55.02 -12.24 5.06
CA ASP C 207 -54.18 -13.27 5.65
C ASP C 207 -52.70 -12.95 5.47
N ILE C 208 -52.11 -12.30 6.47
CA ILE C 208 -50.70 -11.93 6.42
C ILE C 208 -50.00 -12.28 7.73
N THR C 209 -48.68 -12.33 7.68
CA THR C 209 -47.86 -12.42 8.89
C THR C 209 -47.01 -11.17 8.99
N LEU C 210 -47.13 -10.44 10.09
CA LEU C 210 -46.42 -9.19 10.24
C LEU C 210 -45.57 -9.21 11.51
N ASN C 211 -44.25 -9.20 11.31
CA ASN C 211 -43.27 -9.28 12.40
C ASN C 211 -43.52 -10.48 13.29
N GLY C 212 -43.81 -11.62 12.67
CA GLY C 212 -44.01 -12.85 13.42
C GLY C 212 -45.44 -13.02 13.90
N VAL C 213 -46.20 -11.94 13.84
CA VAL C 213 -47.60 -11.95 14.28
C VAL C 213 -48.53 -12.23 13.12
N ARG C 214 -49.32 -13.29 13.23
CA ARG C 214 -50.27 -13.60 12.16
C ARG C 214 -51.54 -12.76 12.28
N ILE C 215 -51.88 -12.09 11.19
CA ILE C 215 -53.06 -11.24 11.15
C ILE C 215 -54.03 -11.79 10.11
N GLN C 216 -55.13 -12.36 10.58
CA GLN C 216 -56.08 -13.07 9.73
C GLN C 216 -57.48 -12.58 10.01
N ASN C 217 -58.23 -12.30 8.94
CA ASN C 217 -59.61 -11.84 9.05
C ASN C 217 -60.33 -12.10 7.74
N ALA C 218 -61.50 -12.75 7.84
CA ALA C 218 -62.26 -13.12 6.65
C ALA C 218 -63.51 -12.28 6.50
N ASP C 219 -63.67 -11.26 7.35
CA ASP C 219 -64.83 -10.38 7.28
C ASP C 219 -64.42 -8.96 6.91
N ILE C 220 -63.47 -8.83 5.99
CA ILE C 220 -62.99 -7.52 5.57
C ILE C 220 -63.86 -6.98 4.43
N GLN C 221 -64.42 -5.80 4.63
CA GLN C 221 -65.38 -5.24 3.68
C GLN C 221 -64.96 -3.88 3.11
N SER C 222 -63.82 -3.39 3.59
CA SER C 222 -63.22 -2.16 3.07
C SER C 222 -61.75 -2.14 3.47
N ILE C 223 -60.95 -1.34 2.79
CA ILE C 223 -59.53 -1.26 3.11
C ILE C 223 -59.35 -0.72 4.53
N ASP C 224 -60.27 0.15 4.94
CA ASP C 224 -60.25 0.71 6.28
C ASP C 224 -60.50 -0.37 7.34
N ASP C 225 -61.24 -1.41 6.98
CA ASP C 225 -61.42 -2.57 7.86
C ASP C 225 -60.07 -3.25 8.06
N ALA C 226 -59.37 -3.45 6.95
CA ALA C 226 -58.06 -4.08 6.97
C ALA C 226 -57.07 -3.25 7.77
N ILE C 227 -57.00 -1.95 7.44
CA ILE C 227 -56.13 -1.02 8.17
C ILE C 227 -56.40 -1.09 9.67
N ALA C 228 -57.68 -0.99 10.03
CA ALA C 228 -58.08 -0.94 11.43
C ALA C 228 -57.73 -2.23 12.16
N TYR C 229 -57.91 -3.38 11.49
CA TYR C 229 -57.64 -4.66 12.12
C TYR C 229 -56.14 -4.83 12.34
N ILE C 230 -55.36 -4.47 11.33
CA ILE C 230 -53.90 -4.50 11.41
C ILE C 230 -53.39 -3.66 12.58
N ASN C 231 -53.97 -2.47 12.74
CA ASN C 231 -53.52 -1.55 13.78
C ASN C 231 -53.92 -1.98 15.18
N THR C 232 -54.66 -3.07 15.30
CA THR C 232 -54.96 -3.65 16.60
C THR C 232 -53.75 -4.42 17.09
N PHE C 233 -52.84 -4.73 16.18
CA PHE C 233 -51.67 -5.52 16.51
C PHE C 233 -50.42 -4.64 16.72
N THR C 234 -50.56 -3.33 16.52
CA THR C 234 -49.42 -2.42 16.65
C THR C 234 -48.87 -2.42 18.07
N ALA C 235 -49.74 -2.07 19.02
CA ALA C 235 -49.37 -2.15 20.42
C ALA C 235 -49.69 -3.55 20.94
N PRO C 236 -48.89 -4.03 21.89
CA PRO C 236 -49.17 -5.37 22.42
C PRO C 236 -50.34 -5.35 23.40
N THR C 237 -50.95 -6.50 23.60
CA THR C 237 -51.93 -6.66 24.66
C THR C 237 -51.22 -7.45 25.75
N ASP C 238 -51.77 -7.46 26.96
CA ASP C 238 -51.15 -8.20 28.05
C ASP C 238 -51.06 -9.70 27.76
N THR C 239 -51.77 -10.15 26.72
CA THR C 239 -51.74 -11.54 26.30
C THR C 239 -51.19 -11.75 24.87
N ARG C 240 -50.94 -10.66 24.14
CA ARG C 240 -50.56 -10.77 22.73
C ARG C 240 -49.44 -9.79 22.37
N ASP C 241 -48.51 -10.24 21.52
CA ASP C 241 -47.40 -9.39 21.09
C ASP C 241 -47.88 -8.25 20.19
N GLY C 242 -47.10 -7.18 20.15
CA GLY C 242 -47.34 -6.07 19.23
C GLY C 242 -46.45 -6.20 18.01
N THR C 243 -46.64 -5.31 17.04
CA THR C 243 -45.80 -5.29 15.85
C THR C 243 -44.98 -4.01 15.81
N GLY C 244 -45.51 -2.95 16.43
CA GLY C 244 -44.88 -1.65 16.36
C GLY C 244 -45.17 -1.00 15.02
N VAL C 245 -45.94 -1.70 14.19
CA VAL C 245 -46.20 -1.27 12.83
C VAL C 245 -47.60 -0.68 12.66
N LYS C 246 -47.64 0.59 12.27
CA LYS C 246 -48.89 1.28 11.98
C LYS C 246 -49.20 1.17 10.50
N ALA C 247 -50.47 1.01 10.16
CA ALA C 247 -50.88 0.94 8.78
C ALA C 247 -51.67 2.18 8.40
N VAL C 248 -51.48 2.64 7.16
CA VAL C 248 -52.18 3.79 6.62
C VAL C 248 -52.47 3.49 5.16
N LYS C 249 -53.66 3.85 4.70
CA LYS C 249 -54.02 3.61 3.31
C LYS C 249 -53.26 4.58 2.42
N ASN C 250 -52.84 4.12 1.24
CA ASN C 250 -52.12 4.99 0.32
C ASN C 250 -53.07 5.96 -0.38
N LYS C 251 -52.56 6.70 -1.37
CA LYS C 251 -53.29 7.78 -2.00
C LYS C 251 -54.69 7.39 -2.49
N ASP C 252 -54.74 6.37 -3.33
CA ASP C 252 -56.00 5.99 -3.98
C ASP C 252 -56.71 4.84 -3.27
N GLY C 253 -56.20 4.48 -2.09
CA GLY C 253 -56.79 3.38 -1.34
C GLY C 253 -56.65 2.07 -2.07
N SER C 254 -55.58 1.94 -2.85
CA SER C 254 -55.31 0.70 -3.56
C SER C 254 -54.45 -0.20 -2.71
N GLY C 255 -53.76 0.40 -1.74
CA GLY C 255 -52.81 -0.32 -0.92
C GLY C 255 -52.54 0.36 0.42
N ILE C 256 -51.49 -0.09 1.10
CA ILE C 256 -51.18 0.34 2.45
C ILE C 256 -49.78 0.94 2.53
N ASP C 257 -49.64 1.99 3.33
CA ASP C 257 -48.33 2.51 3.67
C ASP C 257 -48.01 2.13 5.11
N PHE C 258 -47.01 1.27 5.27
CA PHE C 258 -46.62 0.80 6.59
C PHE C 258 -45.53 1.69 7.15
N VAL C 259 -45.50 1.84 8.47
CA VAL C 259 -44.44 2.60 9.12
C VAL C 259 -44.17 2.10 10.53
N ASN C 260 -42.90 1.81 10.81
CA ASN C 260 -42.44 1.56 12.17
C ASN C 260 -41.35 2.56 12.51
N ASP C 261 -41.64 3.43 13.47
CA ASP C 261 -40.69 4.42 13.94
C ASP C 261 -39.69 3.81 14.92
N ASN C 262 -39.95 2.56 15.30
CA ASN C 262 -39.06 1.78 16.16
C ASN C 262 -38.83 2.42 17.53
N ALA C 263 -39.75 3.29 17.95
CA ALA C 263 -39.62 3.99 19.22
C ALA C 263 -40.23 3.20 20.36
N ASP C 264 -41.01 2.18 20.02
CA ASP C 264 -41.73 1.40 21.02
C ASP C 264 -41.16 -0.01 21.13
N GLY C 265 -41.22 -0.58 22.34
CA GLY C 265 -40.80 -1.95 22.56
C GLY C 265 -39.31 -2.08 22.82
N THR C 266 -38.89 -3.30 23.14
CA THR C 266 -37.49 -3.59 23.42
C THR C 266 -37.08 -4.88 22.72
N THR C 267 -37.99 -5.45 21.95
CA THR C 267 -37.79 -6.75 21.35
C THR C 267 -37.86 -6.73 19.82
N ASP C 268 -37.31 -7.78 19.20
CA ASP C 268 -37.23 -7.89 17.75
C ASP C 268 -38.57 -7.69 17.04
N ASN C 269 -39.64 -8.20 17.65
CA ASN C 269 -40.95 -8.18 17.02
C ASN C 269 -41.54 -6.79 16.93
N MET C 270 -41.01 -5.87 17.73
CA MET C 270 -41.51 -4.50 17.76
C MET C 270 -40.69 -3.59 16.85
N LYS C 271 -39.67 -4.15 16.21
CA LYS C 271 -38.75 -3.34 15.41
C LYS C 271 -38.87 -3.70 13.93
N ASN C 272 -38.72 -2.68 13.09
CA ASN C 272 -38.68 -2.84 11.64
C ASN C 272 -39.98 -3.39 11.05
N ILE C 273 -39.93 -3.80 9.79
CA ILE C 273 -41.10 -4.36 9.14
C ILE C 273 -40.74 -5.66 8.44
N ASN C 274 -41.32 -6.75 8.92
CA ASN C 274 -41.19 -8.05 8.26
C ASN C 274 -42.57 -8.55 7.90
N LEU C 275 -42.89 -8.47 6.61
CA LEU C 275 -44.23 -8.79 6.13
C LEU C 275 -44.22 -10.02 5.23
N VAL C 276 -45.05 -10.99 5.57
CA VAL C 276 -45.27 -12.14 4.70
C VAL C 276 -46.76 -12.23 4.40
N VAL C 277 -47.08 -12.29 3.10
CA VAL C 277 -48.46 -12.40 2.67
C VAL C 277 -48.75 -13.85 2.32
N ALA C 278 -49.84 -14.38 2.86
CA ALA C 278 -50.23 -15.76 2.57
C ALA C 278 -50.80 -15.84 1.16
N ASN C 279 -50.60 -16.96 0.50
CA ASN C 279 -51.14 -17.15 -0.84
C ASN C 279 -52.67 -17.22 -0.85
N THR C 280 -53.24 -17.39 0.33
CA THR C 280 -54.68 -17.44 0.51
C THR C 280 -55.23 -16.05 0.86
N ASN C 281 -54.35 -15.06 0.89
CA ASN C 281 -54.81 -13.69 1.10
C ASN C 281 -55.51 -13.22 -0.15
N THR C 282 -56.69 -12.61 0.01
CA THR C 282 -57.44 -12.09 -1.11
C THR C 282 -57.67 -10.60 -0.93
N ALA C 283 -57.52 -10.15 0.31
CA ALA C 283 -57.72 -8.75 0.64
C ALA C 283 -56.66 -7.90 -0.05
N GLY C 284 -57.13 -6.96 -0.86
CA GLY C 284 -56.21 -6.09 -1.59
C GLY C 284 -55.54 -6.77 -2.75
N GLU C 285 -56.05 -7.93 -3.14
CA GLU C 285 -55.51 -8.62 -4.30
C GLU C 285 -56.27 -8.22 -5.57
N LEU C 286 -55.91 -8.85 -6.68
CA LEU C 286 -56.58 -8.60 -7.96
C LEU C 286 -57.93 -9.31 -8.04
N TRP C 287 -59.00 -8.53 -8.23
CA TRP C 287 -60.32 -9.08 -8.46
C TRP C 287 -60.88 -8.56 -9.77
N ASN C 288 -61.73 -9.36 -10.40
CA ASN C 288 -62.51 -8.89 -11.52
C ASN C 288 -63.85 -8.38 -11.02
N ALA C 289 -64.10 -7.09 -11.22
CA ALA C 289 -65.36 -6.50 -10.82
C ALA C 289 -66.24 -6.41 -12.04
N VAL C 290 -67.36 -7.14 -12.03
CA VAL C 290 -68.21 -7.19 -13.21
C VAL C 290 -69.45 -6.32 -13.02
N TRP C 291 -69.69 -5.45 -14.00
CA TRP C 291 -70.80 -4.51 -13.94
C TRP C 291 -72.00 -5.05 -14.70
N ASN C 292 -73.15 -5.08 -14.03
CA ASN C 292 -74.40 -5.49 -14.65
C ASN C 292 -75.27 -4.26 -14.90
N ASN C 293 -75.44 -3.88 -16.17
CA ASN C 293 -76.19 -2.67 -16.50
C ASN C 293 -77.66 -2.75 -16.13
N ASN C 294 -78.24 -3.94 -16.19
CA ASN C 294 -79.63 -4.13 -15.83
C ASN C 294 -79.85 -3.86 -14.35
N ASN C 295 -79.01 -4.46 -13.50
CA ASN C 295 -79.17 -4.35 -12.06
C ASN C 295 -78.49 -3.11 -11.49
N GLN C 296 -77.62 -2.51 -12.31
CA GLN C 296 -76.75 -1.42 -11.86
C GLN C 296 -75.98 -1.87 -10.63
N THR C 297 -75.44 -3.09 -10.67
CA THR C 297 -74.71 -3.65 -9.54
C THR C 297 -73.38 -4.27 -9.96
N PHE C 298 -72.55 -4.55 -8.96
CA PHE C 298 -71.28 -5.22 -9.20
C PHE C 298 -71.31 -6.64 -8.66
N THR C 299 -70.66 -7.56 -9.38
CA THR C 299 -70.35 -8.88 -8.85
C THR C 299 -68.85 -9.06 -8.97
N PHE C 300 -68.28 -9.86 -8.08
CA PHE C 300 -66.83 -9.96 -8.00
C PHE C 300 -66.33 -11.40 -8.07
N ASN C 301 -65.21 -11.59 -8.76
CA ASN C 301 -64.52 -12.87 -8.80
C ASN C 301 -63.02 -12.61 -8.90
N ASN C 302 -62.22 -13.50 -8.34
CA ASN C 302 -60.77 -13.34 -8.39
C ASN C 302 -60.10 -14.43 -9.18
N ASN C 303 -60.85 -15.03 -10.11
CA ASN C 303 -60.33 -16.10 -10.94
C ASN C 303 -60.38 -15.76 -12.43
N GLY C 304 -61.51 -15.24 -12.90
CA GLY C 304 -61.66 -14.90 -14.30
C GLY C 304 -61.78 -16.13 -15.19
N ASN C 305 -62.25 -15.93 -16.41
CA ASN C 305 -62.48 -17.04 -17.32
C ASN C 305 -61.68 -16.91 -18.61
N GLY C 306 -60.82 -15.90 -18.67
CA GLY C 306 -59.96 -15.71 -19.82
C GLY C 306 -60.65 -15.04 -20.98
N GLN C 307 -61.46 -14.03 -20.67
CA GLN C 307 -62.24 -13.32 -21.67
C GLN C 307 -62.27 -11.84 -21.32
N ALA C 308 -62.33 -10.97 -22.33
CA ALA C 308 -62.30 -9.53 -22.11
C ALA C 308 -63.34 -9.07 -21.09
N GLY C 309 -62.88 -8.35 -20.07
CA GLY C 309 -63.75 -7.91 -19.00
C GLY C 309 -63.63 -8.78 -17.77
N THR C 310 -63.42 -10.08 -18.00
CA THR C 310 -63.21 -11.04 -16.93
C THR C 310 -61.99 -11.90 -17.25
N PRO C 311 -60.79 -11.27 -17.29
CA PRO C 311 -59.60 -12.03 -17.65
C PRO C 311 -59.21 -13.03 -16.57
N THR C 312 -58.49 -14.08 -16.94
CA THR C 312 -57.99 -15.02 -15.94
C THR C 312 -56.88 -14.35 -15.14
N ILE C 313 -56.89 -14.55 -13.83
CA ILE C 313 -55.94 -13.89 -12.93
C ILE C 313 -54.93 -14.88 -12.35
N ASN C 314 -53.66 -14.77 -12.77
CA ASN C 314 -52.61 -15.64 -12.24
C ASN C 314 -51.67 -14.92 -11.28
N LYS C 315 -51.80 -15.22 -9.99
CA LYS C 315 -50.92 -14.66 -8.97
C LYS C 315 -49.49 -15.16 -9.14
N ASN C 316 -49.36 -16.39 -9.61
CA ASN C 316 -48.08 -17.00 -9.91
C ASN C 316 -47.15 -17.04 -8.70
N GLY C 317 -47.68 -17.49 -7.57
CA GLY C 317 -46.89 -17.59 -6.35
C GLY C 317 -46.49 -16.27 -5.75
N SER C 318 -47.26 -15.22 -6.06
CA SER C 318 -46.98 -13.89 -5.56
C SER C 318 -48.24 -13.17 -5.11
N SER C 319 -48.09 -11.93 -4.67
CA SER C 319 -49.22 -11.11 -4.24
C SER C 319 -49.15 -9.73 -4.87
N LEU C 320 -50.30 -9.07 -4.96
CA LEU C 320 -50.35 -7.72 -5.52
C LEU C 320 -49.63 -6.76 -4.59
N TRP C 321 -49.58 -7.12 -3.31
CA TRP C 321 -48.93 -6.32 -2.29
C TRP C 321 -47.43 -6.22 -2.56
N THR C 322 -46.85 -7.32 -3.01
CA THR C 322 -45.39 -7.47 -3.04
C THR C 322 -44.83 -7.71 -4.42
N ALA C 323 -45.71 -7.77 -5.43
CA ALA C 323 -45.28 -8.07 -6.79
C ALA C 323 -44.33 -7.02 -7.33
N THR C 324 -43.42 -7.45 -8.19
CA THR C 324 -42.46 -6.55 -8.82
C THR C 324 -42.95 -6.16 -10.21
N ASN C 325 -43.76 -7.04 -10.79
CA ASN C 325 -44.25 -6.87 -12.15
C ASN C 325 -45.68 -7.39 -12.31
N ILE C 326 -46.42 -6.76 -13.21
CA ILE C 326 -47.75 -7.25 -13.59
C ILE C 326 -47.82 -7.22 -15.12
N THR C 327 -48.43 -8.23 -15.71
CA THR C 327 -48.43 -8.36 -17.17
C THR C 327 -49.81 -8.68 -17.71
N PHE C 328 -50.35 -7.77 -18.52
CA PHE C 328 -51.62 -7.98 -19.18
C PHE C 328 -51.42 -8.55 -20.57
N THR C 329 -52.10 -9.65 -20.88
CA THR C 329 -52.08 -10.21 -22.22
C THR C 329 -53.52 -10.38 -22.72
N PRO C 330 -53.79 -9.92 -23.95
CA PRO C 330 -52.83 -9.27 -24.85
C PRO C 330 -52.57 -7.80 -24.51
N GLN C 331 -51.66 -7.19 -25.27
CA GLN C 331 -51.17 -5.83 -25.03
C GLN C 331 -52.27 -4.81 -24.79
N PRO C 332 -52.04 -3.86 -23.85
CA PRO C 332 -52.98 -2.82 -23.39
C PRO C 332 -53.89 -2.12 -24.43
N PRO C 333 -53.44 -1.87 -25.67
CA PRO C 333 -54.39 -1.35 -26.66
C PRO C 333 -55.64 -2.23 -26.77
N GLN C 334 -55.43 -3.54 -26.62
CA GLN C 334 -56.52 -4.51 -26.63
C GLN C 334 -56.81 -5.03 -25.22
N ALA C 335 -58.06 -5.36 -24.96
CA ALA C 335 -58.45 -5.83 -23.63
C ALA C 335 -57.74 -7.11 -23.26
N ALA C 336 -57.35 -7.23 -22.00
CA ALA C 336 -56.59 -8.39 -21.55
C ALA C 336 -57.50 -9.57 -21.27
N THR C 337 -57.07 -10.76 -21.71
CA THR C 337 -57.79 -11.99 -21.41
C THR C 337 -57.05 -12.71 -20.29
N ASN C 338 -55.86 -12.21 -20.00
CA ASN C 338 -55.02 -12.77 -18.95
C ASN C 338 -54.19 -11.70 -18.28
N VAL C 339 -54.06 -11.80 -16.96
CA VAL C 339 -53.20 -10.90 -16.20
C VAL C 339 -52.34 -11.72 -15.23
N GLN C 340 -51.04 -11.45 -15.23
CA GLN C 340 -50.08 -12.25 -14.47
C GLN C 340 -49.16 -11.41 -13.59
N LEU C 341 -48.96 -11.85 -12.36
CA LEU C 341 -48.06 -11.18 -11.43
C LEU C 341 -46.68 -11.80 -11.45
N THR C 342 -45.68 -11.02 -11.05
CA THR C 342 -44.32 -11.53 -10.91
C THR C 342 -43.73 -11.05 -9.59
N GLY C 343 -43.12 -11.96 -8.84
CA GLY C 343 -42.53 -11.61 -7.56
C GLY C 343 -42.77 -12.66 -6.50
N GLY C 344 -42.61 -12.26 -5.24
CA GLY C 344 -42.80 -13.16 -4.11
C GLY C 344 -43.86 -12.65 -3.17
N LEU C 345 -43.82 -13.13 -1.93
CA LEU C 345 -44.88 -12.84 -0.96
C LEU C 345 -44.39 -12.05 0.25
N ASN C 346 -43.13 -11.62 0.23
CA ASN C 346 -42.55 -11.00 1.41
C ASN C 346 -41.77 -9.71 1.14
N ALA C 347 -41.63 -8.91 2.18
CA ALA C 347 -40.83 -7.69 2.14
C ALA C 347 -40.30 -7.39 3.54
N GLN C 348 -38.99 -7.21 3.66
CA GLN C 348 -38.40 -6.89 4.95
C GLN C 348 -37.66 -5.55 4.90
N ILE C 349 -38.12 -4.61 5.71
CA ILE C 349 -37.56 -3.26 5.76
C ILE C 349 -36.80 -3.06 7.07
N ILE C 350 -35.50 -2.82 6.98
CA ILE C 350 -34.65 -2.71 8.16
C ILE C 350 -34.03 -1.32 8.32
N THR C 351 -34.33 -0.66 9.43
CA THR C 351 -33.74 0.64 9.75
C THR C 351 -33.21 0.71 11.17
N ALA C 352 -33.42 -0.35 11.95
CA ALA C 352 -33.00 -0.38 13.35
C ALA C 352 -32.15 -1.61 13.63
N HIS C 353 -31.14 -1.44 14.48
CA HIS C 353 -30.27 -2.55 14.85
C HIS C 353 -30.10 -2.65 16.36
N LYS C 354 -29.72 -3.83 16.83
CA LYS C 354 -29.48 -4.07 18.24
C LYS C 354 -27.99 -4.19 18.51
N TYR C 355 -27.54 -3.50 19.55
CA TYR C 355 -26.13 -3.49 19.90
C TYR C 355 -25.96 -4.10 21.28
N ILE C 356 -25.25 -5.22 21.36
CA ILE C 356 -25.16 -5.99 22.60
C ILE C 356 -23.75 -5.99 23.14
N TYR C 357 -23.63 -5.72 24.44
CA TYR C 357 -22.34 -5.65 25.10
C TYR C 357 -21.76 -7.03 25.40
N SER C 358 -20.46 -7.15 25.23
CA SER C 358 -19.73 -8.33 25.64
C SER C 358 -18.52 -7.89 26.44
N SER C 359 -18.32 -8.52 27.60
CA SER C 359 -17.17 -8.20 28.43
C SER C 359 -15.94 -8.93 27.88
N ASN C 360 -16.19 -9.84 26.95
CA ASN C 360 -15.17 -10.62 26.28
C ASN C 360 -14.57 -9.89 25.07
N PRO C 361 -13.40 -10.35 24.58
CA PRO C 361 -12.79 -9.72 23.42
C PRO C 361 -13.70 -9.70 22.18
N VAL C 362 -13.76 -8.55 21.51
CA VAL C 362 -14.60 -8.40 20.32
C VAL C 362 -13.77 -7.88 19.16
N ASP C 363 -13.89 -8.54 18.01
CA ASP C 363 -13.28 -8.05 16.78
C ASP C 363 -14.36 -7.78 15.75
N ILE C 364 -14.72 -6.51 15.59
CA ILE C 364 -15.78 -6.11 14.67
C ILE C 364 -15.32 -6.23 13.22
N GLY C 365 -14.01 -6.36 13.03
CA GLY C 365 -13.45 -6.55 11.71
C GLY C 365 -13.12 -5.25 11.00
N PRO C 366 -12.24 -5.34 9.99
CA PRO C 366 -11.80 -4.18 9.20
C PRO C 366 -12.82 -3.80 8.13
N MET C 367 -12.86 -2.51 7.79
CA MET C 367 -13.64 -2.11 6.62
C MET C 367 -13.03 -0.85 6.03
N TYR C 368 -12.94 -0.81 4.70
CA TYR C 368 -12.45 0.38 4.01
C TYR C 368 -13.32 1.60 4.34
N ASN C 369 -12.66 2.72 4.58
CA ASN C 369 -13.34 3.99 4.86
C ASN C 369 -12.74 5.08 4.01
N PRO C 370 -13.56 5.73 3.17
CA PRO C 370 -13.11 6.84 2.33
C PRO C 370 -12.59 8.01 3.13
N ASP C 371 -12.98 8.11 4.39
CA ASP C 371 -12.57 9.20 5.26
C ASP C 371 -11.05 9.28 5.40
N GLY C 372 -10.39 8.13 5.31
CA GLY C 372 -8.94 8.07 5.43
C GLY C 372 -8.46 6.67 5.76
N GLY C 373 -7.16 6.52 5.93
CA GLY C 373 -6.61 5.22 6.23
C GLY C 373 -6.24 4.43 5.00
N PRO C 374 -6.20 3.10 5.14
CA PRO C 374 -5.82 2.16 4.07
C PRO C 374 -6.62 2.35 2.80
N ALA C 375 -6.01 2.09 1.65
CA ALA C 375 -6.68 2.29 0.38
C ALA C 375 -7.57 1.11 0.03
N PHE C 376 -8.57 1.35 -0.80
CA PHE C 376 -9.43 0.28 -1.32
C PHE C 376 -8.68 -0.52 -2.37
N GLN C 377 -8.73 -1.85 -2.27
CA GLN C 377 -8.04 -2.69 -3.25
C GLN C 377 -9.05 -3.61 -3.93
N PRO C 378 -9.51 -3.20 -5.11
CA PRO C 378 -10.55 -3.94 -5.85
C PRO C 378 -10.04 -5.28 -6.38
N GLY C 379 -10.96 -6.14 -6.80
CA GLY C 379 -10.61 -7.37 -7.47
C GLY C 379 -10.28 -7.10 -8.92
N ALA C 380 -10.07 -8.15 -9.69
CA ALA C 380 -9.66 -8.01 -11.09
C ALA C 380 -10.67 -7.22 -11.92
N ASN C 381 -11.96 -7.41 -11.63
CA ASN C 381 -13.02 -6.68 -12.33
C ASN C 381 -14.19 -6.35 -11.40
N ALA C 382 -15.24 -5.76 -11.95
CA ALA C 382 -16.36 -5.27 -11.14
C ALA C 382 -17.31 -6.37 -10.70
N THR C 383 -17.07 -7.59 -11.18
CA THR C 383 -17.88 -8.72 -10.77
C THR C 383 -17.06 -9.68 -9.92
N THR C 384 -15.93 -9.20 -9.43
CA THR C 384 -15.04 -10.03 -8.63
C THR C 384 -14.79 -9.38 -7.27
N ARG C 385 -15.17 -10.10 -6.21
CA ARG C 385 -15.00 -9.65 -4.84
C ARG C 385 -13.53 -9.48 -4.45
N PRO C 386 -13.20 -8.38 -3.76
CA PRO C 386 -11.83 -8.16 -3.30
C PRO C 386 -11.37 -9.23 -2.32
N THR C 387 -10.07 -9.48 -2.25
CA THR C 387 -9.51 -10.44 -1.31
C THR C 387 -8.93 -9.74 -0.09
N GLU C 388 -8.59 -8.46 -0.25
CA GLU C 388 -8.11 -7.67 0.87
C GLU C 388 -9.27 -7.47 1.84
N PRO C 389 -9.09 -7.90 3.09
CA PRO C 389 -10.12 -7.99 4.13
C PRO C 389 -10.97 -6.72 4.29
N GLY C 390 -10.34 -5.57 4.46
CA GLY C 390 -11.08 -4.33 4.61
C GLY C 390 -11.84 -3.98 3.36
N SER C 391 -11.30 -4.37 2.21
CA SER C 391 -11.95 -4.12 0.94
C SER C 391 -13.09 -5.10 0.72
N ALA C 392 -12.88 -6.35 1.14
CA ALA C 392 -13.92 -7.37 1.01
C ALA C 392 -15.14 -7.02 1.85
N ALA C 393 -14.91 -6.49 3.04
CA ALA C 393 -16.00 -6.11 3.92
C ALA C 393 -16.75 -4.90 3.40
N TYR C 394 -16.02 -4.02 2.71
CA TYR C 394 -16.64 -2.84 2.11
C TYR C 394 -17.56 -3.28 0.97
N TRP C 395 -17.06 -4.20 0.16
CA TRP C 395 -17.82 -4.80 -0.93
C TRP C 395 -19.11 -5.41 -0.40
N ASP C 396 -18.98 -6.17 0.69
CA ASP C 396 -20.13 -6.81 1.31
C ASP C 396 -21.13 -5.76 1.79
N ALA C 397 -20.61 -4.68 2.36
CA ALA C 397 -21.43 -3.62 2.92
C ALA C 397 -22.23 -2.86 1.86
N VAL C 398 -21.56 -2.44 0.79
CA VAL C 398 -22.23 -1.63 -0.23
C VAL C 398 -23.07 -2.50 -1.15
N ASN C 399 -23.07 -3.80 -0.89
CA ASN C 399 -23.97 -4.71 -1.58
C ASN C 399 -25.04 -5.28 -0.64
N GLY C 400 -25.19 -4.67 0.53
CA GLY C 400 -26.28 -5.02 1.43
C GLY C 400 -25.91 -5.92 2.60
N GLY C 401 -24.62 -6.10 2.83
CA GLY C 401 -24.16 -7.06 3.83
C GLY C 401 -24.45 -6.67 5.27
N LEU C 402 -24.93 -5.46 5.48
CA LEU C 402 -25.28 -5.01 6.84
C LEU C 402 -26.78 -4.87 7.00
N LEU C 403 -27.51 -5.03 5.90
CA LEU C 403 -28.96 -4.89 5.95
C LEU C 403 -29.58 -6.21 6.40
N ASN C 404 -29.47 -6.47 7.70
CA ASN C 404 -29.94 -7.72 8.29
C ASN C 404 -30.31 -7.52 9.76
N THR C 405 -30.68 -8.60 10.43
CA THR C 405 -31.11 -8.53 11.82
C THR C 405 -30.09 -9.15 12.76
N ASN C 406 -28.84 -9.27 12.29
CA ASN C 406 -27.78 -9.81 13.12
C ASN C 406 -27.46 -8.92 14.30
N VAL C 407 -27.05 -9.54 15.40
CA VAL C 407 -26.64 -8.80 16.59
C VAL C 407 -25.31 -8.11 16.34
N ARG C 408 -25.21 -6.84 16.69
CA ARG C 408 -23.92 -6.16 16.64
C ARG C 408 -23.31 -6.19 18.03
N THR C 409 -22.22 -6.93 18.17
CA THR C 409 -21.59 -7.14 19.46
C THR C 409 -20.42 -6.17 19.65
N PHE C 410 -20.41 -5.48 20.79
CA PHE C 410 -19.34 -4.54 21.09
C PHE C 410 -18.85 -4.68 22.51
N ARG C 411 -17.58 -4.31 22.72
CA ARG C 411 -17.02 -4.23 24.06
C ARG C 411 -16.63 -2.80 24.41
N THR C 412 -15.86 -2.18 23.52
CA THR C 412 -15.31 -0.87 23.79
C THR C 412 -16.09 0.25 23.12
N THR C 413 -15.71 1.49 23.43
CA THR C 413 -16.35 2.64 22.85
C THR C 413 -16.03 2.79 21.37
N GLU C 414 -14.85 2.30 20.96
CA GLU C 414 -14.48 2.31 19.55
C GLU C 414 -15.27 1.28 18.76
N ASP C 415 -15.46 0.10 19.35
CA ASP C 415 -16.28 -0.94 18.75
C ASP C 415 -17.66 -0.37 18.45
N LEU C 416 -18.28 0.17 19.48
CA LEU C 416 -19.62 0.72 19.36
C LEU C 416 -19.64 1.90 18.42
N ARG C 417 -18.63 2.76 18.51
CA ARG C 417 -18.54 3.93 17.64
C ARG C 417 -18.55 3.53 16.18
N GLU C 418 -17.69 2.59 15.81
CA GLU C 418 -17.58 2.16 14.42
C GLU C 418 -18.79 1.38 13.94
N LEU C 419 -19.38 0.58 14.83
CA LEU C 419 -20.56 -0.20 14.48
C LEU C 419 -21.74 0.72 14.18
N LEU C 420 -21.88 1.78 14.97
CA LEU C 420 -22.93 2.77 14.73
C LEU C 420 -22.71 3.47 13.40
N GLN C 421 -21.46 3.78 13.09
CA GLN C 421 -21.14 4.50 11.86
C GLN C 421 -21.41 3.64 10.64
N ARG C 422 -21.02 2.37 10.71
CA ARG C 422 -21.21 1.46 9.59
C ARG C 422 -22.69 1.25 9.29
N ASP C 423 -23.51 1.21 10.33
CA ASP C 423 -24.93 0.95 10.17
C ASP C 423 -25.67 2.15 9.60
N ALA C 424 -25.27 3.35 10.01
CA ALA C 424 -25.89 4.56 9.49
C ALA C 424 -25.57 4.69 8.01
N ARG C 425 -24.42 4.16 7.61
CA ARG C 425 -23.96 4.27 6.24
C ARG C 425 -24.51 3.17 5.34
N TYR C 426 -24.54 1.93 5.83
CA TYR C 426 -24.85 0.78 4.97
C TYR C 426 -25.88 -0.20 5.53
N GLY C 427 -26.46 0.13 6.68
CA GLY C 427 -27.35 -0.84 7.32
C GLY C 427 -28.79 -0.40 7.37
N VAL C 428 -29.12 0.64 6.61
CA VAL C 428 -30.46 1.21 6.68
C VAL C 428 -31.13 1.25 5.30
N ASP C 429 -32.36 0.74 5.25
CA ASP C 429 -33.16 0.84 4.03
C ASP C 429 -33.89 2.18 4.04
N TYR C 430 -33.21 3.21 3.54
CA TYR C 430 -33.71 4.58 3.65
C TYR C 430 -34.94 4.82 2.78
N ASP C 431 -35.08 4.06 1.70
CA ASP C 431 -36.21 4.26 0.77
C ASP C 431 -37.33 3.23 0.95
N GLY C 432 -37.12 2.29 1.88
CA GLY C 432 -38.15 1.30 2.20
C GLY C 432 -38.44 0.32 1.07
N SER C 433 -37.41 -0.05 0.33
CA SER C 433 -37.58 -0.92 -0.83
C SER C 433 -37.57 -2.41 -0.45
N GLY C 434 -36.96 -2.74 0.68
CA GLY C 434 -36.81 -4.14 1.04
C GLY C 434 -35.57 -4.72 0.38
N THR C 435 -34.83 -3.85 -0.31
CA THR C 435 -33.62 -4.24 -1.00
C THR C 435 -32.53 -3.21 -0.73
N PHE C 436 -31.28 -3.59 -0.94
CA PHE C 436 -30.21 -2.62 -0.77
C PHE C 436 -29.71 -2.17 -2.14
N ALA C 437 -29.53 -0.87 -2.28
CA ALA C 437 -28.97 -0.29 -3.48
C ALA C 437 -28.13 0.92 -3.11
N ALA C 438 -27.45 1.51 -4.09
CA ALA C 438 -26.59 2.66 -3.84
C ALA C 438 -27.37 3.82 -3.24
N ALA C 439 -28.66 3.87 -3.54
CA ALA C 439 -29.53 4.93 -3.03
C ALA C 439 -29.63 4.92 -1.51
N ASP C 440 -29.35 3.77 -0.90
CA ASP C 440 -29.44 3.62 0.55
C ASP C 440 -28.13 3.97 1.23
N ILE C 441 -27.10 4.27 0.44
CA ILE C 441 -25.78 4.54 0.99
C ILE C 441 -25.66 5.99 1.47
N ASN C 442 -25.38 6.13 2.78
CA ASN C 442 -25.25 7.42 3.43
C ASN C 442 -23.86 7.54 4.04
N GLN C 443 -22.86 7.73 3.16
CA GLN C 443 -21.46 7.47 3.50
C GLN C 443 -20.71 8.62 4.18
N ASN C 444 -21.33 9.79 4.28
CA ASN C 444 -20.64 10.90 4.95
C ASN C 444 -21.11 11.06 6.39
N ILE C 445 -21.94 10.13 6.86
CA ILE C 445 -22.29 10.07 8.27
C ILE C 445 -21.03 9.74 9.06
N LYS C 446 -20.76 10.53 10.10
CA LYS C 446 -19.59 10.28 10.94
C LYS C 446 -19.99 10.15 12.40
N VAL C 447 -19.46 9.12 13.05
CA VAL C 447 -19.63 8.94 14.47
C VAL C 447 -18.27 9.03 15.12
N VAL C 448 -18.10 9.98 16.05
CA VAL C 448 -16.86 10.13 16.78
C VAL C 448 -17.16 10.30 18.26
N VAL C 449 -16.12 10.29 19.07
CA VAL C 449 -16.22 10.69 20.46
C VAL C 449 -15.39 11.96 20.65
N THR C 450 -15.99 12.97 21.24
CA THR C 450 -15.33 14.26 21.43
C THR C 450 -14.38 14.25 22.62
N ALA C 451 -13.62 15.33 22.79
CA ALA C 451 -12.72 15.46 23.92
C ALA C 451 -13.50 15.70 25.21
N ASP C 452 -14.75 16.14 25.06
CA ASP C 452 -15.62 16.37 26.21
C ASP C 452 -16.33 15.10 26.64
N GLY C 453 -16.07 13.99 25.95
CA GLY C 453 -16.60 12.71 26.34
C GLY C 453 -17.98 12.40 25.77
N HIS C 454 -18.33 13.07 24.67
CA HIS C 454 -19.62 12.84 24.05
C HIS C 454 -19.49 12.02 22.77
N PHE C 455 -20.45 11.14 22.51
CA PHE C 455 -20.60 10.57 21.18
C PHE C 455 -21.20 11.66 20.31
N ALA C 456 -20.68 11.83 19.10
CA ALA C 456 -21.14 12.90 18.23
C ALA C 456 -21.36 12.39 16.82
N ILE C 457 -22.51 12.74 16.26
CA ILE C 457 -22.87 12.31 14.92
C ILE C 457 -23.09 13.51 14.00
N SER C 458 -22.50 13.46 12.82
CA SER C 458 -22.62 14.53 11.84
C SER C 458 -23.27 14.02 10.56
N ASN C 459 -23.94 14.91 9.84
CA ASN C 459 -24.62 14.56 8.60
C ASN C 459 -24.40 15.67 7.58
N ALA C 460 -23.14 15.87 7.22
CA ALA C 460 -22.77 16.95 6.31
C ALA C 460 -23.47 16.81 4.97
N ASN C 461 -24.03 17.91 4.48
CA ASN C 461 -24.68 17.93 3.18
C ASN C 461 -23.64 17.94 2.06
N GLU C 462 -23.09 16.76 1.81
CA GLU C 462 -22.06 16.57 0.81
C GLU C 462 -22.28 15.22 0.19
N GLN C 463 -22.19 15.16 -1.14
CA GLN C 463 -22.30 13.87 -1.80
C GLN C 463 -21.05 13.05 -1.48
N SER C 464 -21.11 11.77 -1.80
CA SER C 464 -19.97 10.90 -1.57
C SER C 464 -19.78 9.98 -2.77
N THR C 465 -18.73 9.18 -2.74
CA THR C 465 -18.44 8.33 -3.88
C THR C 465 -18.16 6.90 -3.45
N VAL C 466 -18.69 5.95 -4.20
CA VAL C 466 -18.31 4.56 -4.06
C VAL C 466 -17.36 4.22 -5.19
N PRO C 467 -16.12 3.82 -4.85
CA PRO C 467 -15.07 3.51 -5.82
C PRO C 467 -15.47 2.38 -6.77
N PRO C 468 -14.82 2.32 -7.95
CA PRO C 468 -15.08 1.24 -8.91
C PRO C 468 -14.89 -0.15 -8.31
N ASN C 469 -15.64 -1.13 -8.82
CA ASN C 469 -15.52 -2.52 -8.41
C ASN C 469 -15.84 -2.78 -6.94
N ALA C 470 -16.66 -1.92 -6.35
CA ALA C 470 -17.11 -2.11 -4.97
C ALA C 470 -18.56 -2.61 -4.97
N ILE C 471 -19.39 -1.98 -5.80
CA ILE C 471 -20.74 -2.48 -6.04
C ILE C 471 -20.69 -3.48 -7.19
N ASN C 472 -21.28 -4.66 -6.97
CA ASN C 472 -21.22 -5.75 -7.94
C ASN C 472 -21.72 -5.33 -9.33
N GLY C 473 -20.83 -5.43 -10.32
CA GLY C 473 -21.17 -5.09 -11.69
C GLY C 473 -21.00 -3.63 -12.05
N VAL C 474 -20.54 -2.82 -11.10
CA VAL C 474 -20.33 -1.40 -11.36
C VAL C 474 -18.84 -1.08 -11.40
N GLY C 475 -18.33 -0.88 -12.61
CA GLY C 475 -16.91 -0.69 -12.84
C GLY C 475 -16.48 0.76 -12.82
N ASN C 476 -17.42 1.64 -12.51
CA ASN C 476 -17.13 3.06 -12.44
C ASN C 476 -17.50 3.64 -11.09
N ALA C 477 -17.02 4.85 -10.82
CA ALA C 477 -17.32 5.48 -9.54
C ALA C 477 -18.81 5.81 -9.48
N THR C 478 -19.38 5.77 -8.28
CA THR C 478 -20.81 5.98 -8.10
C THR C 478 -21.03 7.10 -7.10
N THR C 479 -21.80 8.10 -7.50
CA THR C 479 -22.12 9.21 -6.61
C THR C 479 -23.33 8.87 -5.75
N THR C 480 -23.17 9.00 -4.44
CA THR C 480 -24.22 8.69 -3.49
C THR C 480 -24.62 9.97 -2.77
N ASP C 481 -25.84 10.00 -2.25
CA ASP C 481 -26.39 11.21 -1.66
C ASP C 481 -26.52 11.11 -0.15
N PRO C 482 -26.40 12.25 0.54
CA PRO C 482 -26.64 12.27 1.98
C PRO C 482 -28.13 12.21 2.27
N LYS C 483 -28.52 11.64 3.40
CA LYS C 483 -29.93 11.45 3.72
C LYS C 483 -30.23 11.90 5.12
N ASN C 484 -31.40 12.50 5.32
CA ASN C 484 -31.83 12.86 6.65
C ASN C 484 -31.99 11.61 7.48
N MET C 485 -31.79 11.74 8.78
CA MET C 485 -31.92 10.61 9.69
C MET C 485 -32.85 10.99 10.83
N SER C 486 -33.61 10.02 11.31
CA SER C 486 -34.51 10.23 12.43
C SER C 486 -34.21 9.16 13.46
N PHE C 487 -33.65 9.57 14.59
CA PHE C 487 -33.16 8.63 15.58
C PHE C 487 -34.20 8.24 16.61
N ASN C 488 -34.25 6.95 16.92
CA ASN C 488 -35.02 6.46 18.06
C ASN C 488 -34.22 5.38 18.78
N ILE C 489 -33.99 5.61 20.06
CA ILE C 489 -33.14 4.75 20.87
C ILE C 489 -33.96 4.10 21.98
N THR C 490 -33.92 2.78 22.05
CA THR C 490 -34.59 2.08 23.13
C THR C 490 -33.67 1.05 23.74
N ALA C 491 -34.01 0.58 24.93
CA ALA C 491 -33.25 -0.47 25.57
C ALA C 491 -33.51 -1.79 24.86
N TYR C 492 -32.59 -2.73 24.98
CA TYR C 492 -32.76 -4.05 24.41
C TYR C 492 -33.19 -5.06 25.45
N SER C 493 -34.04 -5.99 25.03
CA SER C 493 -34.32 -7.18 25.82
C SER C 493 -34.66 -8.30 24.85
N ASN C 494 -34.80 -9.50 25.38
CA ASN C 494 -35.21 -10.63 24.55
C ASN C 494 -36.66 -10.95 24.81
N LYS C 495 -37.21 -11.89 24.05
CA LYS C 495 -38.63 -12.22 24.17
C LYS C 495 -38.89 -12.97 25.47
N GLN C 496 -37.84 -13.56 26.03
CA GLN C 496 -37.98 -14.30 27.28
C GLN C 496 -38.03 -13.34 28.46
N GLY C 497 -37.46 -12.16 28.27
CA GLY C 497 -37.40 -11.16 29.33
C GLY C 497 -36.32 -11.51 30.34
N THR C 498 -35.35 -12.33 29.91
CA THR C 498 -34.26 -12.78 30.78
C THR C 498 -33.06 -11.84 30.73
N VAL C 499 -33.11 -10.86 29.83
CA VAL C 499 -32.08 -9.84 29.78
C VAL C 499 -32.70 -8.56 30.29
N SER C 500 -32.08 -7.99 31.32
CA SER C 500 -32.59 -6.79 31.95
C SER C 500 -32.26 -5.56 31.12
N THR C 501 -33.10 -4.54 31.20
CA THR C 501 -32.82 -3.28 30.54
C THR C 501 -31.97 -2.40 31.46
N ASN C 502 -31.11 -1.58 30.85
CA ASN C 502 -30.24 -0.68 31.60
C ASN C 502 -30.61 0.75 31.22
N ASP C 503 -31.37 1.40 32.09
CA ASP C 503 -31.91 2.73 31.78
C ASP C 503 -30.79 3.77 31.73
N ALA C 504 -29.80 3.63 32.61
CA ALA C 504 -28.70 4.59 32.67
C ALA C 504 -27.88 4.58 31.40
N PHE C 505 -27.53 3.39 30.92
CA PHE C 505 -26.75 3.26 29.70
C PHE C 505 -27.54 3.75 28.49
N THR C 506 -28.83 3.43 28.48
CA THR C 506 -29.71 3.79 27.36
C THR C 506 -29.93 5.30 27.30
N ALA C 507 -30.03 5.91 28.48
CA ALA C 507 -30.31 7.34 28.55
C ALA C 507 -29.19 8.17 27.91
N ILE C 508 -27.99 7.61 27.92
CA ILE C 508 -26.83 8.22 27.29
C ILE C 508 -27.09 8.49 25.81
N PHE C 509 -27.68 7.51 25.14
CA PHE C 509 -27.85 7.57 23.70
C PHE C 509 -29.26 8.00 23.31
N LYS C 510 -30.16 8.15 24.28
CA LYS C 510 -31.48 8.68 23.99
C LYS C 510 -31.36 10.17 23.70
N ALA C 511 -30.19 10.73 23.98
CA ALA C 511 -29.90 12.11 23.63
C ALA C 511 -29.78 12.25 22.12
N PHE C 512 -29.60 11.11 21.46
CA PHE C 512 -29.60 11.04 19.99
C PHE C 512 -31.01 11.19 19.43
N ASP C 513 -32.03 10.93 20.26
CA ASP C 513 -33.42 10.92 19.79
C ASP C 513 -33.75 12.20 19.04
N GLY C 514 -34.46 12.06 17.93
CA GLY C 514 -34.82 13.19 17.12
C GLY C 514 -34.17 13.13 15.75
N PRO C 515 -34.58 14.05 14.87
CA PRO C 515 -34.10 14.15 13.49
C PRO C 515 -32.68 14.72 13.39
N LEU C 516 -31.90 14.16 12.47
CA LEU C 516 -30.62 14.75 12.10
C LEU C 516 -30.61 14.98 10.61
N VAL C 517 -30.99 16.19 10.21
CA VAL C 517 -31.07 16.55 8.80
C VAL C 517 -29.69 16.78 8.23
N ILE C 518 -29.58 16.71 6.90
CA ILE C 518 -28.33 16.99 6.23
C ILE C 518 -27.96 18.46 6.46
N GLY C 519 -26.69 18.71 6.73
CA GLY C 519 -26.23 20.06 7.02
C GLY C 519 -25.12 20.09 8.07
N ASN C 520 -25.14 21.13 8.90
CA ASN C 520 -24.04 21.35 9.83
C ASN C 520 -24.41 21.02 11.27
N GLN C 521 -25.63 20.54 11.47
CA GLN C 521 -26.10 20.19 12.80
C GLN C 521 -25.32 18.99 13.32
N ILE C 522 -25.20 18.88 14.64
CA ILE C 522 -24.50 17.75 15.24
C ILE C 522 -25.33 17.17 16.39
N LYS C 523 -25.53 15.86 16.35
CA LYS C 523 -26.20 15.15 17.44
C LYS C 523 -25.16 14.65 18.42
N GLU C 524 -25.37 14.94 19.69
CA GLU C 524 -24.46 14.43 20.71
C GLU C 524 -25.20 13.55 21.70
N SER C 525 -24.46 12.60 22.27
CA SER C 525 -24.97 11.77 23.34
C SER C 525 -24.79 12.53 24.64
N GLU C 526 -25.16 11.90 25.75
CA GLU C 526 -24.87 12.50 27.04
C GLU C 526 -23.39 12.35 27.32
N GLN C 527 -22.88 13.12 28.27
CA GLN C 527 -21.45 13.08 28.57
C GLN C 527 -21.09 11.74 29.20
N LEU C 528 -19.96 11.19 28.77
CA LEU C 528 -19.47 9.93 29.32
C LEU C 528 -18.20 10.17 30.12
N LYS C 529 -18.07 9.47 31.24
CA LYS C 529 -16.96 9.68 32.15
C LYS C 529 -16.23 8.40 32.49
N LEU C 530 -15.06 8.54 33.09
CA LEU C 530 -14.28 7.39 33.54
C LEU C 530 -13.80 7.63 34.97
N SER C 531 -13.61 6.56 35.72
CA SER C 531 -13.10 6.66 37.08
C SER C 531 -11.62 7.06 37.04
N ALA C 532 -11.28 8.16 37.69
CA ALA C 532 -9.92 8.68 37.63
C ALA C 532 -9.43 9.12 39.01
N PHE C 533 -8.14 8.97 39.25
CA PHE C 533 -7.52 9.50 40.46
C PHE C 533 -6.08 9.95 40.21
N SER C 534 -5.77 11.15 40.69
CA SER C 534 -4.45 11.73 40.50
C SER C 534 -3.75 11.99 41.83
N ALA C 535 -2.44 11.79 41.86
CA ALA C 535 -1.65 12.04 43.05
C ALA C 535 -0.29 12.63 42.66
N GLY C 536 0.22 13.53 43.50
CA GLY C 536 1.52 14.13 43.26
C GLY C 536 2.57 13.57 44.20
N LEU C 537 3.42 12.70 43.66
CA LEU C 537 4.45 12.06 44.47
C LEU C 537 5.73 12.88 44.48
N GLU C 538 6.18 13.24 45.67
CA GLU C 538 7.34 14.09 45.84
C GLU C 538 8.65 13.29 45.85
N ILE C 539 9.64 13.79 45.12
CA ILE C 539 10.98 13.20 45.09
C ILE C 539 12.04 14.28 45.18
N TYR C 540 13.30 13.87 45.31
CA TYR C 540 14.40 14.82 45.48
C TYR C 540 15.54 14.45 44.54
N ASP C 541 16.16 15.46 43.92
CA ASP C 541 17.31 15.23 43.06
C ASP C 541 18.61 15.29 43.84
N SER C 542 19.73 15.12 43.13
CA SER C 542 21.06 15.10 43.74
C SER C 542 21.41 16.38 44.49
N LEU C 543 20.76 17.48 44.11
CA LEU C 543 21.00 18.76 44.76
C LEU C 543 19.92 19.03 45.79
N GLY C 544 19.00 18.09 45.95
CA GLY C 544 17.98 18.18 46.96
C GLY C 544 16.83 19.09 46.60
N SER C 545 16.65 19.35 45.31
CA SER C 545 15.48 20.07 44.86
C SER C 545 14.29 19.11 44.85
N LYS C 546 13.12 19.60 45.21
CA LYS C 546 11.95 18.74 45.31
C LYS C 546 11.15 18.73 44.02
N HIS C 547 10.94 17.55 43.47
CA HIS C 547 10.13 17.39 42.28
C HIS C 547 8.87 16.60 42.59
N THR C 548 7.81 16.86 41.84
CA THR C 548 6.54 16.18 42.04
C THR C 548 6.18 15.34 40.83
N LEU C 549 6.18 14.02 41.01
CA LEU C 549 5.71 13.10 39.98
C LEU C 549 4.19 13.18 39.89
N GLU C 550 3.69 13.61 38.74
CA GLU C 550 2.25 13.66 38.55
C GLU C 550 1.75 12.29 38.12
N VAL C 551 1.02 11.62 38.99
CA VAL C 551 0.55 10.28 38.70
C VAL C 551 -0.97 10.26 38.60
N GLN C 552 -1.48 9.70 37.50
CA GLN C 552 -2.92 9.61 37.31
C GLN C 552 -3.32 8.18 37.00
N PHE C 553 -4.42 7.74 37.61
CA PHE C 553 -4.97 6.43 37.35
C PHE C 553 -6.36 6.56 36.74
N VAL C 554 -6.57 5.94 35.59
CA VAL C 554 -7.89 5.91 34.97
C VAL C 554 -8.27 4.46 34.71
N LYS C 555 -9.46 4.07 35.15
CA LYS C 555 -9.88 2.67 35.07
C LYS C 555 -10.30 2.30 33.64
N GLN C 556 -9.76 1.19 33.17
CA GLN C 556 -9.93 0.75 31.79
C GLN C 556 -10.92 -0.38 31.64
N SER C 557 -11.02 -1.24 32.64
CA SER C 557 -11.89 -2.39 32.54
C SER C 557 -12.47 -2.79 33.89
N THR C 558 -13.63 -3.45 33.85
CA THR C 558 -14.20 -4.03 35.06
C THR C 558 -14.71 -5.42 34.69
N THR C 559 -14.57 -6.34 35.63
CA THR C 559 -15.05 -7.70 35.46
C THR C 559 -16.02 -8.00 36.58
N GLN C 560 -16.92 -8.94 36.37
CA GLN C 560 -17.88 -9.26 37.40
C GLN C 560 -17.19 -9.83 38.64
N ASP C 561 -16.26 -10.76 38.40
CA ASP C 561 -15.53 -11.43 39.48
C ASP C 561 -14.06 -11.73 39.18
N GLY C 562 -13.38 -10.80 38.50
CA GLY C 562 -12.00 -11.04 38.10
C GLY C 562 -11.10 -9.83 38.28
N GLY C 563 -11.63 -8.79 38.90
CA GLY C 563 -10.87 -7.59 39.20
C GLY C 563 -10.98 -6.51 38.13
N ASN C 564 -10.01 -5.59 38.12
CA ASN C 564 -10.02 -4.48 37.18
C ASN C 564 -8.62 -4.06 36.73
N GLU C 565 -8.57 -3.10 35.80
CA GLU C 565 -7.32 -2.62 35.24
C GLU C 565 -7.35 -1.11 35.06
N TRP C 566 -6.25 -0.46 35.40
CA TRP C 566 -6.16 1.00 35.32
C TRP C 566 -5.01 1.41 34.42
N GLN C 567 -5.15 2.54 33.73
CA GLN C 567 -4.03 3.12 33.03
C GLN C 567 -3.31 4.09 33.95
N MET C 568 -2.00 3.93 34.06
CA MET C 568 -1.19 4.81 34.90
C MET C 568 -0.32 5.73 34.05
N ILE C 569 -0.50 7.04 34.25
CA ILE C 569 0.30 8.02 33.53
C ILE C 569 1.12 8.86 34.49
N ILE C 570 2.43 8.92 34.26
CA ILE C 570 3.31 9.71 35.10
C ILE C 570 3.91 10.87 34.30
N ARG C 571 3.76 12.09 34.83
CA ARG C 571 4.25 13.28 34.16
C ARG C 571 5.26 14.04 35.01
N VAL C 572 6.25 14.62 34.34
CA VAL C 572 7.11 15.62 34.97
C VAL C 572 7.05 16.89 34.13
N PRO C 573 7.15 18.05 34.78
CA PRO C 573 7.20 19.32 34.04
C PRO C 573 8.51 19.50 33.30
N GLU C 574 8.46 20.12 32.13
CA GLU C 574 9.68 20.46 31.39
C GLU C 574 10.51 21.43 32.22
N PRO C 575 11.85 21.38 32.09
CA PRO C 575 12.62 20.56 31.12
C PRO C 575 12.99 19.17 31.61
N ALA C 576 12.36 18.69 32.67
CA ALA C 576 12.68 17.37 33.19
C ALA C 576 12.19 16.28 32.24
N GLU C 577 12.88 15.13 32.25
CA GLU C 577 12.53 14.02 31.36
C GLU C 577 12.50 12.68 32.09
N ILE C 578 11.60 11.79 31.65
CA ILE C 578 11.51 10.44 32.17
C ILE C 578 11.36 9.38 31.07
N ASN C 579 11.23 9.84 29.82
CA ASN C 579 11.04 8.93 28.69
C ASN C 579 11.89 9.29 27.47
N THR C 580 13.21 9.25 27.64
CA THR C 580 14.13 9.68 26.59
C THR C 580 14.24 8.66 25.46
N THR C 581 14.24 7.37 25.81
CA THR C 581 14.50 6.33 24.82
C THR C 581 13.24 5.61 24.34
N GLY C 582 12.13 5.77 25.05
CA GLY C 582 10.89 5.14 24.67
C GLY C 582 10.05 6.03 23.78
N GLU C 583 9.01 5.47 23.16
CA GLU C 583 8.11 6.25 22.32
C GLU C 583 7.22 7.16 23.17
N GLY C 584 6.60 8.15 22.54
CA GLY C 584 5.80 9.11 23.26
C GLY C 584 6.65 10.24 23.79
N PRO C 585 6.01 11.27 24.37
CA PRO C 585 6.73 12.43 24.94
C PRO C 585 7.78 12.01 25.96
N ASN C 586 8.79 12.85 26.15
CA ASN C 586 9.93 12.51 26.99
C ASN C 586 9.65 12.74 28.48
N ASN C 587 8.60 13.52 28.75
CA ASN C 587 8.23 13.83 30.13
C ASN C 587 7.04 13.02 30.61
N ILE C 588 6.71 11.96 29.89
CA ILE C 588 5.53 11.16 30.22
C ILE C 588 5.79 9.66 30.11
N ILE C 589 5.43 8.92 31.15
CA ILE C 589 5.50 7.46 31.14
C ILE C 589 4.10 6.88 31.30
N VAL C 590 3.77 5.91 30.47
CA VAL C 590 2.46 5.26 30.50
C VAL C 590 2.55 3.80 30.94
N GLY C 591 1.79 3.45 31.97
CA GLY C 591 1.77 2.07 32.44
C GLY C 591 0.39 1.62 32.86
N THR C 592 0.32 0.46 33.49
CA THR C 592 -0.96 -0.10 33.92
C THR C 592 -0.89 -0.53 35.38
N ALA C 593 -2.06 -0.61 36.01
CA ALA C 593 -2.16 -1.17 37.35
C ALA C 593 -3.37 -2.07 37.39
N ARG C 594 -3.14 -3.35 37.66
CA ARG C 594 -4.20 -4.35 37.65
C ARG C 594 -4.45 -4.87 39.05
N PHE C 595 -5.71 -5.16 39.35
CA PHE C 595 -6.08 -5.59 40.68
C PHE C 595 -6.89 -6.88 40.67
N ASN C 596 -6.80 -7.63 41.76
CA ASN C 596 -7.55 -8.87 41.89
C ASN C 596 -8.96 -8.56 42.33
N ASN C 597 -9.83 -9.58 42.33
CA ASN C 597 -11.23 -9.40 42.64
C ASN C 597 -11.48 -8.92 44.07
N ASP C 598 -10.51 -9.20 44.95
CA ASP C 598 -10.60 -8.79 46.34
C ASP C 598 -10.10 -7.37 46.56
N GLY C 599 -9.60 -6.75 45.50
CA GLY C 599 -9.14 -5.37 45.58
C GLY C 599 -7.64 -5.26 45.78
N SER C 600 -7.00 -6.38 46.07
CA SER C 600 -5.56 -6.40 46.28
C SER C 600 -4.84 -6.13 44.98
N LEU C 601 -3.60 -5.65 45.07
CA LEU C 601 -2.81 -5.40 43.88
C LEU C 601 -2.43 -6.71 43.20
N ALA C 602 -2.55 -6.73 41.87
CA ALA C 602 -2.10 -7.90 41.12
C ALA C 602 -0.74 -7.62 40.51
N SER C 603 -0.64 -6.51 39.81
CA SER C 603 0.60 -6.12 39.15
C SER C 603 0.55 -4.65 38.70
N TYR C 604 1.72 -4.04 38.57
CA TYR C 604 1.81 -2.73 37.97
C TYR C 604 3.11 -2.63 37.17
N THR C 605 3.06 -1.80 36.13
CA THR C 605 4.20 -1.59 35.25
C THR C 605 4.15 -0.13 34.82
N PRO C 606 5.32 0.51 34.67
CA PRO C 606 6.65 -0.04 34.93
C PRO C 606 6.97 -0.06 36.43
N ARG C 607 8.06 -0.70 36.79
CA ARG C 607 8.46 -0.79 38.20
C ARG C 607 9.47 0.29 38.53
N THR C 608 10.14 0.82 37.51
CA THR C 608 11.15 1.85 37.70
C THR C 608 11.03 2.97 36.66
N ILE C 609 11.57 4.14 37.00
CA ILE C 609 11.67 5.26 36.06
C ILE C 609 13.11 5.77 36.00
N ASN C 610 13.42 6.49 34.92
CA ASN C 610 14.73 7.12 34.76
C ASN C 610 14.59 8.63 34.76
N PHE C 611 14.96 9.27 35.85
CA PHE C 611 14.67 10.68 36.02
C PHE C 611 15.87 11.56 35.68
N SER C 612 15.63 12.55 34.83
CA SER C 612 16.63 13.54 34.46
C SER C 612 16.02 14.92 34.58
N PRO C 613 16.29 15.61 35.68
CA PRO C 613 15.66 16.89 36.01
C PRO C 613 16.11 18.02 35.10
N ASN C 614 17.32 17.92 34.57
CA ASN C 614 17.90 18.93 33.70
C ASN C 614 17.81 20.33 34.32
N ASN C 615 18.17 20.43 35.60
CA ASN C 615 18.22 21.71 36.30
C ASN C 615 19.54 21.92 37.02
N GLY C 616 20.52 21.08 36.68
CA GLY C 616 21.83 21.15 37.32
C GLY C 616 22.13 19.81 37.98
N ALA C 617 21.08 19.18 38.51
CA ALA C 617 21.24 17.92 39.21
C ALA C 617 21.67 16.82 38.24
N ALA C 618 22.13 15.70 38.80
CA ALA C 618 22.59 14.59 37.96
C ALA C 618 21.43 13.99 37.21
N PRO C 619 21.67 13.64 35.93
CA PRO C 619 20.64 12.98 35.12
C PRO C 619 20.58 11.48 35.39
N ASN C 620 19.62 10.80 34.76
CA ASN C 620 19.49 9.36 34.85
C ASN C 620 19.38 8.86 36.30
N GLN C 621 18.64 9.60 37.11
CA GLN C 621 18.35 9.21 38.48
C GLN C 621 17.33 8.08 38.52
N GLN C 622 17.80 6.85 38.69
CA GLN C 622 16.92 5.68 38.72
C GLN C 622 16.07 5.65 39.99
N ILE C 623 14.75 5.67 39.80
CA ILE C 623 13.81 5.67 40.93
C ILE C 623 12.88 4.47 40.91
N LYS C 624 12.83 3.73 42.02
CA LYS C 624 11.96 2.58 42.16
C LYS C 624 10.53 2.98 42.51
N LEU C 625 9.56 2.31 41.87
CA LEU C 625 8.16 2.53 42.20
C LEU C 625 7.71 1.45 43.17
N SER C 626 7.46 1.86 44.42
CA SER C 626 6.97 0.93 45.43
C SER C 626 5.49 1.20 45.69
N PHE C 627 4.64 0.60 44.87
CA PHE C 627 3.22 0.89 44.92
C PHE C 627 2.46 -0.28 45.53
N GLY C 628 3.22 -1.14 46.20
CA GLY C 628 2.66 -2.30 46.88
C GLY C 628 3.27 -3.56 46.31
N THR C 629 3.07 -4.69 47.00
CA THR C 629 3.52 -5.97 46.51
C THR C 629 2.32 -6.79 46.07
N SER C 630 2.52 -7.71 45.14
CA SER C 630 1.42 -8.47 44.54
C SER C 630 0.70 -9.33 45.57
N GLY C 631 -0.62 -9.19 45.61
CA GLY C 631 -1.45 -10.01 46.48
C GLY C 631 -1.76 -9.35 47.81
N SER C 632 -1.14 -8.21 48.06
CA SER C 632 -1.25 -7.54 49.35
C SER C 632 -2.02 -6.22 49.27
N ASN C 633 -2.12 -5.52 50.39
CA ASN C 633 -2.82 -4.25 50.46
C ASN C 633 -1.93 -3.14 51.01
N ASP C 634 -0.62 -3.32 50.89
CA ASP C 634 0.35 -2.42 51.52
C ASP C 634 0.55 -1.12 50.74
N GLY C 635 0.26 -1.14 49.45
CA GLY C 635 0.40 0.06 48.63
C GLY C 635 -0.89 0.51 47.97
N LEU C 636 -1.04 0.18 46.68
CA LEU C 636 -2.24 0.50 45.93
C LEU C 636 -3.31 -0.56 46.10
N VAL C 637 -4.55 -0.12 46.31
CA VAL C 637 -5.68 -1.03 46.32
C VAL C 637 -6.80 -0.46 45.46
N SER C 638 -7.67 -1.32 44.96
CA SER C 638 -8.82 -0.89 44.18
C SER C 638 -10.09 -1.52 44.74
N SER C 639 -10.85 -0.72 45.48
CA SER C 639 -12.07 -1.23 46.08
C SER C 639 -13.22 -0.23 45.94
N ASN C 640 -14.40 -0.63 46.37
CA ASN C 640 -15.62 0.16 46.17
C ASN C 640 -15.82 1.28 47.19
N SER C 641 -14.94 2.27 47.16
CA SER C 641 -15.11 3.49 47.94
C SER C 641 -14.30 4.60 47.30
N ALA C 642 -14.58 5.83 47.67
CA ALA C 642 -13.97 7.00 47.06
C ALA C 642 -12.47 6.86 46.86
N SER C 643 -12.00 7.24 45.68
CA SER C 643 -10.57 7.26 45.40
C SER C 643 -9.92 8.30 46.29
N THR C 644 -8.84 7.90 46.96
CA THR C 644 -8.19 8.80 47.91
C THR C 644 -6.73 8.43 48.10
N LEU C 645 -5.94 9.42 48.46
CA LEU C 645 -4.53 9.20 48.75
C LEU C 645 -4.34 9.06 50.25
N THR C 646 -3.78 7.93 50.68
CA THR C 646 -3.58 7.67 52.09
C THR C 646 -2.23 8.22 52.55
N GLY C 647 -1.18 7.95 51.79
CA GLY C 647 0.13 8.48 52.10
C GLY C 647 1.21 8.15 51.08
N GLN C 648 2.34 8.85 51.19
CA GLN C 648 3.48 8.59 50.32
C GLN C 648 4.79 8.71 51.09
N ALA C 649 5.86 8.17 50.50
CA ALA C 649 7.18 8.21 51.13
C ALA C 649 8.28 8.05 50.08
N THR C 650 9.44 8.59 50.38
CA THR C 650 10.63 8.40 49.55
C THR C 650 11.87 8.41 50.44
N ASP C 651 12.95 7.83 49.94
CA ASP C 651 14.18 7.72 50.70
C ASP C 651 15.10 8.91 50.46
N GLY C 652 14.63 9.86 49.66
CA GLY C 652 15.40 11.05 49.37
C GLY C 652 15.05 12.18 50.32
N TYR C 653 15.95 13.14 50.45
CA TYR C 653 15.74 14.30 51.31
C TYR C 653 16.66 15.44 50.91
N THR C 654 16.26 16.66 51.26
CA THR C 654 17.10 17.82 50.99
C THR C 654 18.19 17.91 52.05
N SER C 655 19.13 18.83 51.85
CA SER C 655 20.20 19.02 52.82
C SER C 655 19.60 19.60 54.09
N GLY C 656 20.21 19.31 55.23
CA GLY C 656 19.67 19.80 56.47
C GLY C 656 20.65 19.89 57.62
N ASN C 657 20.28 20.69 58.61
CA ASN C 657 21.05 20.85 59.84
C ASN C 657 20.17 20.58 61.05
N LEU C 658 20.79 20.18 62.15
CA LEU C 658 20.05 20.02 63.39
C LEU C 658 19.73 21.42 63.89
N LYS C 659 18.45 21.69 64.12
CA LYS C 659 18.03 22.98 64.66
C LYS C 659 18.03 22.98 66.19
N PRO C 660 18.82 23.91 66.78
CA PRO C 660 19.13 23.96 68.22
C PRO C 660 17.94 23.98 69.17
N ASP C 661 16.92 24.80 68.93
CA ASP C 661 15.82 24.90 69.89
C ASP C 661 14.81 23.77 69.70
N ALA C 662 15.08 22.87 68.77
CA ALA C 662 14.17 21.77 68.48
C ALA C 662 14.74 20.43 68.93
N ILE C 663 15.87 20.47 69.63
CA ILE C 663 16.54 19.27 70.10
C ILE C 663 15.79 18.59 71.25
N ARG C 664 15.73 17.26 71.25
CA ARG C 664 15.18 16.50 72.36
C ARG C 664 15.64 15.03 72.40
N VAL C 665 15.21 14.29 73.42
CA VAL C 665 15.51 12.86 73.52
C VAL C 665 14.24 12.06 73.86
N ASP C 666 14.05 10.93 73.17
CA ASP C 666 12.88 10.07 73.36
C ASP C 666 13.07 9.03 74.47
N ASP C 667 12.06 8.18 74.66
CA ASP C 667 12.04 7.19 75.74
C ASP C 667 12.96 5.98 75.59
N LYS C 668 13.50 5.74 74.40
CA LYS C 668 14.37 4.60 74.16
C LYS C 668 15.85 4.99 74.29
N GLY C 669 16.07 6.16 74.88
CA GLY C 669 17.42 6.63 75.17
C GLY C 669 18.02 7.33 73.97
N ASN C 670 17.20 7.51 72.94
CA ASN C 670 17.62 8.22 71.74
C ASN C 670 17.40 9.71 71.84
N ILE C 671 18.42 10.49 71.50
CA ILE C 671 18.27 11.93 71.42
C ILE C 671 17.61 12.23 70.08
N LEU C 672 16.44 12.82 70.12
CA LEU C 672 15.66 13.03 68.91
C LEU C 672 16.21 14.28 68.26
N GLY C 673 16.80 14.10 67.09
CA GLY C 673 17.36 15.21 66.36
C GLY C 673 16.41 15.66 65.29
N GLU C 674 15.88 16.86 65.43
CA GLU C 674 15.06 17.43 64.39
C GLU C 674 16.00 18.15 63.46
N PHE C 675 15.82 17.95 62.16
CA PHE C 675 16.72 18.55 61.20
C PHE C 675 15.93 19.57 60.39
N THR C 676 16.65 20.42 59.67
CA THR C 676 15.99 21.42 58.84
C THR C 676 15.42 20.78 57.58
N ASN C 677 15.89 19.57 57.27
CA ASN C 677 15.43 18.87 56.07
C ASN C 677 14.10 18.16 56.29
N GLY C 678 13.61 18.23 57.52
CA GLY C 678 12.33 17.65 57.88
C GLY C 678 12.44 16.23 58.39
N LYS C 679 13.54 15.56 58.06
CA LYS C 679 13.75 14.20 58.54
C LYS C 679 14.22 14.27 59.98
N THR C 680 13.89 13.24 60.76
CA THR C 680 14.38 13.18 62.12
C THR C 680 14.95 11.79 62.39
N PHE C 681 16.24 11.75 62.63
CA PHE C 681 16.90 10.49 62.94
C PHE C 681 17.47 10.56 64.33
N ALA C 682 17.52 9.40 64.98
CA ALA C 682 18.24 9.30 66.23
C ALA C 682 19.69 9.09 65.85
N VAL C 683 20.44 10.19 65.85
CA VAL C 683 21.85 10.16 65.47
C VAL C 683 22.62 9.57 66.63
N ALA C 684 21.96 9.45 67.77
CA ALA C 684 22.60 8.87 68.93
C ALA C 684 21.60 8.25 69.88
N LYS C 685 22.06 7.23 70.58
CA LYS C 685 21.30 6.60 71.64
C LYS C 685 22.09 6.89 72.89
N ILE C 686 21.48 7.59 73.85
CA ILE C 686 22.21 7.91 75.06
C ILE C 686 22.48 6.60 75.76
N ALA C 687 23.76 6.27 75.91
CA ALA C 687 24.13 5.04 76.57
C ALA C 687 23.91 5.24 78.05
N MET C 688 23.10 4.39 78.66
CA MET C 688 22.92 4.44 80.11
C MET C 688 23.41 3.13 80.67
N ALA C 689 24.35 3.20 81.60
CA ALA C 689 24.99 2.00 82.12
C ALA C 689 24.75 1.97 83.62
N SER C 690 24.41 0.77 84.11
CA SER C 690 23.95 0.61 85.47
C SER C 690 24.76 -0.38 86.31
N VAL C 691 24.38 -0.44 87.58
CA VAL C 691 24.93 -1.39 88.54
C VAL C 691 23.79 -2.31 88.96
N ALA C 692 24.11 -3.43 89.59
CA ALA C 692 23.09 -4.43 89.90
C ALA C 692 22.72 -4.55 91.38
N ASN C 693 23.24 -3.67 92.24
CA ASN C 693 22.95 -3.77 93.66
C ASN C 693 22.48 -2.49 94.35
N ASN C 694 21.46 -2.62 95.19
CA ASN C 694 20.90 -1.49 95.92
C ASN C 694 21.04 -1.65 97.45
N SER C 695 21.40 -0.55 98.13
CA SER C 695 21.71 -0.47 99.57
C SER C 695 22.47 0.83 99.90
N GLY C 696 23.80 0.79 99.87
CA GLY C 696 24.61 1.94 100.23
C GLY C 696 25.51 2.48 99.14
N LEU C 697 25.73 3.79 99.12
CA LEU C 697 26.48 4.44 98.04
C LEU C 697 27.16 5.72 98.54
N GLU C 698 28.25 6.13 97.90
CA GLU C 698 29.04 7.24 98.44
C GLU C 698 28.81 8.53 97.65
N GLU C 699 28.53 9.59 98.40
CA GLU C 699 28.28 10.93 97.88
C GLU C 699 29.53 11.71 97.47
N ILE C 700 29.66 11.98 96.17
CA ILE C 700 30.79 12.79 95.68
C ILE C 700 30.31 14.15 95.15
N GLY C 701 29.72 14.17 93.95
CA GLY C 701 29.18 15.41 93.41
C GLY C 701 27.77 15.70 93.88
N GLY C 702 27.14 16.70 93.27
CA GLY C 702 25.76 17.04 93.59
C GLY C 702 24.87 15.91 93.11
N ASN C 703 24.58 14.98 94.00
CA ASN C 703 23.85 13.75 93.70
C ASN C 703 24.61 12.88 92.71
N LEU C 704 25.91 13.14 92.55
CA LEU C 704 26.78 12.31 91.73
C LEU C 704 27.37 11.20 92.60
N PHE C 705 27.48 10.00 92.06
CA PHE C 705 27.94 8.85 92.82
C PHE C 705 28.98 8.01 92.08
N LYS C 706 29.92 7.42 92.82
CA LYS C 706 30.99 6.64 92.19
C LYS C 706 30.88 5.14 92.42
N VAL C 707 31.33 4.38 91.43
CA VAL C 707 31.41 2.92 91.50
C VAL C 707 32.65 2.47 92.30
N THR C 708 32.55 1.30 92.94
CA THR C 708 33.71 0.67 93.58
C THR C 708 33.86 -0.71 92.96
N ALA C 709 34.69 -1.55 93.58
CA ALA C 709 34.75 -2.96 93.17
C ALA C 709 33.67 -3.74 93.91
N ASN C 710 33.32 -3.24 95.09
CA ASN C 710 32.26 -3.83 95.91
C ASN C 710 30.92 -3.48 95.30
N SER C 711 30.93 -2.46 94.44
CA SER C 711 29.72 -1.99 93.76
C SER C 711 29.36 -2.99 92.67
N GLY C 712 30.37 -3.66 92.12
CA GLY C 712 30.16 -4.63 91.07
C GLY C 712 30.31 -4.12 89.65
N ASN C 713 30.37 -5.06 88.72
CA ASN C 713 30.53 -4.76 87.30
C ASN C 713 29.30 -4.12 86.68
N ILE C 714 29.52 -3.42 85.56
CA ILE C 714 28.49 -2.66 84.88
C ILE C 714 27.78 -3.52 83.84
N VAL C 715 26.45 -3.50 83.86
CA VAL C 715 25.71 -4.18 82.80
C VAL C 715 25.25 -3.14 81.79
N VAL C 716 25.59 -3.37 80.52
CA VAL C 716 25.23 -2.43 79.48
C VAL C 716 24.07 -2.98 78.66
N GLY C 717 23.04 -2.15 78.50
CA GLY C 717 21.85 -2.52 77.75
C GLY C 717 21.28 -1.31 77.06
N GLU C 718 20.07 -1.47 76.52
CA GLU C 718 19.41 -0.38 75.83
C GLU C 718 18.09 -0.11 76.56
N ALA C 719 17.79 1.15 76.79
CA ALA C 719 16.59 1.53 77.54
C ALA C 719 15.35 1.02 76.85
N GLY C 720 14.42 0.48 77.63
CA GLY C 720 13.19 -0.07 77.10
C GLY C 720 13.27 -1.58 76.98
N THR C 721 14.49 -2.11 77.11
CA THR C 721 14.68 -3.56 77.11
C THR C 721 15.18 -3.95 78.49
N GLY C 722 14.49 -4.91 79.10
CA GLY C 722 14.81 -5.32 80.44
C GLY C 722 13.87 -4.58 81.38
N GLY C 723 14.09 -3.28 81.52
CA GLY C 723 13.25 -2.46 82.37
C GLY C 723 13.67 -1.01 82.60
N ARG C 724 13.56 -0.19 81.56
CA ARG C 724 13.96 1.22 81.65
C ARG C 724 12.96 2.12 80.93
N GLY C 725 13.44 2.98 80.05
CA GLY C 725 12.57 3.91 79.36
C GLY C 725 12.76 5.32 79.89
N GLU C 726 12.23 6.32 79.18
CA GLU C 726 12.43 7.70 79.57
C GLU C 726 11.10 8.46 79.56
N MET C 727 11.10 9.62 80.22
CA MET C 727 9.92 10.47 80.35
C MET C 727 10.30 11.94 80.21
N LYS C 728 9.29 12.78 79.99
CA LYS C 728 9.46 14.24 80.01
C LYS C 728 10.40 14.72 78.89
N THR C 729 10.66 16.02 78.88
CA THR C 729 11.41 16.67 77.81
C THR C 729 12.40 17.69 78.36
N VAL D 4 -41.49 14.57 -68.57
CA VAL D 4 -41.17 15.00 -69.93
C VAL D 4 -39.73 15.49 -70.05
N ALA D 5 -38.77 14.68 -69.60
CA ALA D 5 -37.36 15.04 -69.75
C ALA D 5 -36.96 14.83 -71.20
N ILE D 6 -36.88 15.91 -71.96
CA ILE D 6 -36.57 15.81 -73.39
C ILE D 6 -35.12 16.21 -73.63
N ASN D 7 -34.62 15.96 -74.83
CA ASN D 7 -33.23 16.21 -75.15
C ASN D 7 -32.95 16.59 -76.60
N GLY D 8 -32.55 17.85 -76.81
CA GLY D 8 -32.08 18.27 -78.11
C GLY D 8 -30.66 17.76 -78.35
N ASP D 9 -29.77 18.01 -77.38
CA ASP D 9 -28.38 17.57 -77.48
C ASP D 9 -28.14 16.17 -76.90
N GLY D 10 -27.60 15.26 -77.72
CA GLY D 10 -27.37 13.90 -77.27
C GLY D 10 -28.40 12.85 -77.63
N PHE D 11 -27.88 11.64 -77.87
CA PHE D 11 -28.60 10.54 -78.49
C PHE D 11 -30.04 10.30 -78.05
N PHE D 12 -30.85 9.87 -79.02
CA PHE D 12 -32.19 9.37 -78.80
C PHE D 12 -32.26 7.85 -78.54
N MET D 13 -32.56 7.53 -77.29
CA MET D 13 -32.60 6.16 -76.78
C MET D 13 -33.60 5.25 -77.45
N VAL D 14 -33.42 3.95 -77.19
CA VAL D 14 -34.27 2.93 -77.76
C VAL D 14 -35.57 2.77 -76.97
N SER D 15 -36.60 2.30 -77.66
CA SER D 15 -37.91 2.07 -77.07
C SER D 15 -38.53 0.87 -77.78
N ASP D 16 -39.42 0.17 -77.08
CA ASP D 16 -39.87 -1.13 -77.55
C ASP D 16 -41.22 -1.54 -76.97
N ASP D 17 -41.99 -2.30 -77.73
CA ASP D 17 -43.22 -2.90 -77.25
C ASP D 17 -43.17 -4.40 -77.51
N GLY D 18 -43.30 -5.19 -76.45
CA GLY D 18 -43.03 -6.62 -76.55
C GLY D 18 -41.53 -6.82 -76.67
N GLY D 19 -41.09 -8.07 -76.82
CA GLY D 19 -39.69 -8.33 -77.05
C GLY D 19 -39.33 -7.93 -78.47
N LEU D 20 -38.05 -8.01 -78.83
CA LEU D 20 -37.58 -7.65 -80.17
C LEU D 20 -38.06 -6.25 -80.58
N THR D 21 -38.38 -6.07 -81.86
CA THR D 21 -38.92 -4.83 -82.45
C THR D 21 -38.65 -3.55 -81.64
N ASN D 22 -37.38 -3.15 -81.59
CA ASN D 22 -36.97 -1.94 -80.89
C ASN D 22 -37.12 -0.72 -81.78
N TYR D 23 -37.18 0.48 -81.18
CA TYR D 23 -37.26 1.71 -81.95
C TYR D 23 -36.43 2.82 -81.35
N LEU D 24 -36.27 3.91 -82.09
CA LEU D 24 -35.49 5.07 -81.63
C LEU D 24 -36.43 6.28 -81.75
N THR D 25 -36.33 7.24 -80.83
CA THR D 25 -37.32 8.32 -80.74
C THR D 25 -36.76 9.68 -80.31
N ARG D 26 -37.34 10.77 -80.83
CA ARG D 26 -36.96 12.10 -80.36
C ARG D 26 -37.83 12.39 -79.15
N SER D 27 -38.71 11.45 -78.85
CA SER D 27 -39.59 11.58 -77.72
C SER D 27 -38.79 11.52 -76.42
N GLY D 28 -38.87 12.58 -75.61
CA GLY D 28 -38.18 12.63 -74.34
C GLY D 28 -39.28 12.92 -73.34
N ASP D 29 -40.47 13.08 -73.89
CA ASP D 29 -41.66 13.36 -73.12
C ASP D 29 -42.02 12.12 -72.32
N PHE D 30 -41.39 11.99 -71.16
CA PHE D 30 -41.51 10.77 -70.39
C PHE D 30 -42.23 11.01 -69.09
N LYS D 31 -43.07 10.05 -68.71
CA LYS D 31 -43.80 10.07 -67.45
C LYS D 31 -44.03 8.64 -66.99
N LEU D 32 -44.63 8.49 -65.82
CA LEU D 32 -44.91 7.17 -65.28
C LEU D 32 -46.38 6.82 -65.45
N ASP D 33 -46.67 5.56 -65.78
CA ASP D 33 -48.04 5.11 -65.90
C ASP D 33 -48.56 4.50 -64.59
N ALA D 34 -49.82 4.08 -64.61
CA ALA D 34 -50.42 3.41 -63.47
C ALA D 34 -50.14 1.91 -63.51
N TYR D 35 -49.33 1.50 -64.49
CA TYR D 35 -49.05 0.08 -64.67
C TYR D 35 -47.59 -0.24 -64.38
N GLY D 36 -46.81 0.79 -64.05
CA GLY D 36 -45.45 0.58 -63.60
C GLY D 36 -44.42 0.75 -64.70
N ASN D 37 -44.90 0.96 -65.92
CA ASN D 37 -44.01 1.09 -67.07
C ASN D 37 -43.67 2.53 -67.47
N PHE D 38 -42.39 2.79 -67.67
CA PHE D 38 -41.89 4.10 -68.07
C PHE D 38 -41.97 4.30 -69.59
N VAL D 39 -42.74 5.29 -70.02
CA VAL D 39 -43.07 5.42 -71.44
C VAL D 39 -42.97 6.84 -72.00
N ASN D 40 -43.14 6.94 -73.31
CA ASN D 40 -43.29 8.23 -74.01
C ASN D 40 -44.75 8.47 -74.35
N ASN D 41 -45.06 9.61 -74.97
CA ASN D 41 -46.45 9.92 -75.33
C ASN D 41 -47.07 8.88 -76.26
N ALA D 42 -46.23 8.21 -77.05
CA ALA D 42 -46.72 7.17 -77.95
C ALA D 42 -47.00 5.87 -77.19
N GLY D 43 -46.75 5.91 -75.88
CA GLY D 43 -47.01 4.78 -75.01
C GLY D 43 -45.99 3.68 -75.16
N PHE D 44 -44.82 4.02 -75.70
CA PHE D 44 -43.76 3.04 -75.91
C PHE D 44 -42.81 3.07 -74.73
N VAL D 45 -42.54 1.90 -74.16
CA VAL D 45 -41.72 1.85 -72.96
C VAL D 45 -40.26 1.84 -73.34
N VAL D 46 -39.52 2.78 -72.76
CA VAL D 46 -38.11 2.95 -73.03
C VAL D 46 -37.34 1.72 -72.57
N GLN D 47 -36.23 1.41 -73.25
CA GLN D 47 -35.44 0.26 -72.86
C GLN D 47 -34.20 0.74 -72.09
N GLY D 48 -33.87 -0.01 -71.05
CA GLY D 48 -32.75 0.30 -70.20
C GLY D 48 -32.58 -0.84 -69.22
N TRP D 49 -31.99 -0.55 -68.06
CA TRP D 49 -31.75 -1.61 -67.09
C TRP D 49 -32.38 -1.27 -65.74
N ASN D 50 -32.88 -2.29 -65.05
CA ASN D 50 -33.53 -2.11 -63.76
C ASN D 50 -32.60 -2.48 -62.60
N ILE D 51 -32.85 -1.91 -61.43
CA ILE D 51 -32.04 -2.21 -60.26
C ILE D 51 -32.41 -3.57 -59.64
N ASN D 52 -31.40 -4.30 -59.18
CA ASN D 52 -31.59 -5.49 -58.33
C ASN D 52 -31.29 -5.13 -56.88
N TRP D 53 -32.32 -5.19 -56.03
CA TRP D 53 -32.26 -4.66 -54.67
C TRP D 53 -31.36 -5.35 -53.66
N ASP D 54 -31.00 -6.61 -53.92
CA ASP D 54 -30.19 -7.34 -52.96
C ASP D 54 -28.82 -6.69 -52.81
N ASP D 55 -28.36 -6.06 -53.88
CA ASP D 55 -27.10 -5.33 -53.84
C ASP D 55 -27.28 -3.91 -54.37
N GLN D 56 -28.52 -3.58 -54.74
CA GLN D 56 -28.85 -2.26 -55.27
C GLN D 56 -27.95 -1.91 -56.45
N THR D 57 -27.76 -2.86 -57.36
CA THR D 57 -26.88 -2.65 -58.51
C THR D 57 -27.60 -2.78 -59.84
N ILE D 58 -27.10 -2.05 -60.83
CA ILE D 58 -27.61 -2.10 -62.18
C ILE D 58 -26.55 -2.61 -63.16
N ASP D 59 -26.81 -3.75 -63.78
CA ASP D 59 -25.91 -4.32 -64.77
C ASP D 59 -26.22 -3.78 -66.16
N SER D 60 -25.45 -2.78 -66.58
CA SER D 60 -25.66 -2.16 -67.89
C SER D 60 -25.23 -3.07 -69.04
N SER D 61 -24.60 -4.19 -68.71
CA SER D 61 -24.20 -5.16 -69.72
C SER D 61 -25.36 -6.06 -70.12
N ARG D 62 -26.32 -6.23 -69.22
CA ARG D 62 -27.47 -7.08 -69.47
C ARG D 62 -28.40 -6.54 -70.55
N THR D 63 -29.29 -7.39 -71.02
CA THR D 63 -30.24 -7.03 -72.06
C THR D 63 -31.26 -6.01 -71.57
N PRO D 64 -31.39 -4.89 -72.29
CA PRO D 64 -32.43 -3.91 -71.97
C PRO D 64 -33.83 -4.51 -72.10
N GLN D 65 -34.68 -4.25 -71.13
CA GLN D 65 -36.05 -4.73 -71.14
C GLN D 65 -36.94 -3.59 -70.67
N ASN D 66 -38.19 -3.90 -70.34
CA ASN D 66 -39.11 -2.86 -69.89
C ASN D 66 -38.59 -2.18 -68.63
N ILE D 67 -38.50 -0.86 -68.66
CA ILE D 67 -38.13 -0.10 -67.47
C ILE D 67 -39.33 -0.09 -66.53
N PHE D 68 -39.19 -0.77 -65.39
CA PHE D 68 -40.30 -0.90 -64.45
C PHE D 68 -40.03 -0.25 -63.10
N ILE D 69 -40.83 0.76 -62.79
CA ILE D 69 -40.71 1.46 -61.52
C ILE D 69 -42.08 1.44 -60.84
N ASP D 70 -42.31 0.40 -60.03
CA ASP D 70 -43.51 0.29 -59.20
C ASP D 70 -43.61 1.49 -58.26
N PRO D 71 -44.69 2.27 -58.42
CA PRO D 71 -44.88 3.53 -57.67
C PRO D 71 -45.16 3.44 -56.16
N GLY D 72 -46.00 2.52 -55.69
CA GLY D 72 -46.29 2.46 -54.27
C GLY D 72 -45.53 1.37 -53.54
N MET D 73 -44.42 0.97 -54.15
CA MET D 73 -43.55 -0.09 -53.67
C MET D 73 -42.67 0.36 -52.48
N HIS D 74 -42.49 -0.49 -51.48
CA HIS D 74 -41.77 -0.12 -50.25
C HIS D 74 -40.37 -0.72 -50.09
N ILE D 75 -39.42 0.15 -49.74
CA ILE D 75 -38.06 -0.28 -49.40
C ILE D 75 -37.81 -0.21 -47.89
N PRO D 76 -37.31 -1.32 -47.32
CA PRO D 76 -37.03 -1.46 -45.88
C PRO D 76 -35.85 -0.63 -45.38
N ALA D 77 -35.86 -0.33 -44.09
CA ALA D 77 -34.79 0.43 -43.44
C ALA D 77 -33.44 -0.27 -43.51
N ALA D 78 -32.37 0.52 -43.55
CA ALA D 78 -31.01 -0.01 -43.52
C ALA D 78 -30.19 0.63 -42.41
N LYS D 79 -29.44 -0.19 -41.68
CA LYS D 79 -28.64 0.30 -40.56
C LYS D 79 -27.37 0.99 -41.06
N SER D 80 -26.88 1.94 -40.29
CA SER D 80 -25.63 2.60 -40.63
C SER D 80 -24.47 1.63 -40.38
N THR D 81 -23.56 1.53 -41.34
CA THR D 81 -22.36 0.74 -41.17
C THR D 81 -21.19 1.69 -41.14
N GLU D 82 -21.51 2.96 -41.31
CA GLU D 82 -20.54 4.03 -41.43
C GLU D 82 -21.22 5.37 -41.23
N VAL D 83 -20.54 6.29 -40.56
CA VAL D 83 -21.02 7.66 -40.46
C VAL D 83 -19.83 8.58 -40.66
N ALA D 84 -20.06 9.70 -41.34
CA ALA D 84 -18.99 10.60 -41.69
C ALA D 84 -19.34 12.00 -41.25
N ILE D 85 -18.32 12.83 -41.00
CA ILE D 85 -18.56 14.18 -40.56
C ILE D 85 -17.64 15.15 -41.32
N LYS D 86 -18.15 16.36 -41.51
CA LYS D 86 -17.36 17.45 -42.05
C LYS D 86 -17.52 18.63 -41.11
N ALA D 87 -16.42 19.07 -40.51
CA ALA D 87 -16.48 20.12 -39.51
C ALA D 87 -15.11 20.77 -39.29
N ASN D 88 -15.12 22.00 -38.78
CA ASN D 88 -13.90 22.71 -38.43
C ASN D 88 -13.79 22.88 -36.93
N LEU D 89 -12.60 22.59 -36.40
CA LEU D 89 -12.32 22.78 -34.98
C LEU D 89 -11.37 23.95 -34.76
N ASN D 90 -11.87 25.00 -34.09
CA ASN D 90 -11.08 26.21 -33.88
C ASN D 90 -9.78 25.91 -33.15
N SER D 91 -8.66 26.17 -33.82
CA SER D 91 -7.34 25.93 -33.25
C SER D 91 -6.71 27.23 -32.77
N GLY D 92 -7.40 28.34 -33.00
CA GLY D 92 -6.84 29.65 -32.75
C GLY D 92 -7.12 30.23 -31.37
N LEU D 93 -7.00 31.55 -31.27
CA LEU D 93 -7.02 32.18 -29.97
C LEU D 93 -8.36 32.86 -29.64
N ASN D 94 -9.35 32.67 -30.50
CA ASN D 94 -10.70 33.10 -30.15
C ASN D 94 -11.74 32.04 -30.47
N ILE D 95 -12.40 31.55 -29.44
CA ILE D 95 -13.34 30.44 -29.55
C ILE D 95 -14.74 30.89 -29.17
N GLY D 96 -14.87 32.16 -28.80
CA GLY D 96 -16.15 32.72 -28.40
C GLY D 96 -16.81 31.96 -27.27
N THR D 97 -18.02 31.47 -27.53
CA THR D 97 -18.76 30.71 -26.53
C THR D 97 -18.72 29.21 -26.84
N SER D 98 -18.08 28.87 -27.95
CA SER D 98 -17.89 27.47 -28.32
C SER D 98 -16.80 26.89 -27.45
N SER D 99 -17.10 26.73 -26.16
CA SER D 99 -16.10 26.38 -25.17
C SER D 99 -16.70 25.53 -24.06
N ARG D 100 -15.83 24.91 -23.27
CA ARG D 100 -16.26 24.26 -22.04
C ARG D 100 -15.30 24.63 -20.91
N ASN D 101 -15.78 24.50 -19.69
CA ASN D 101 -15.01 24.85 -18.51
C ASN D 101 -13.77 23.99 -18.33
N LEU D 102 -12.77 24.54 -17.64
CA LEU D 102 -11.60 23.77 -17.25
C LEU D 102 -12.02 22.62 -16.33
N TYR D 103 -11.42 21.45 -16.53
CA TYR D 103 -11.77 20.29 -15.72
C TYR D 103 -11.41 20.52 -14.25
N ALA D 104 -12.24 19.96 -13.36
CA ALA D 104 -12.04 20.12 -11.94
C ALA D 104 -10.85 19.30 -11.47
N LEU D 105 -10.28 19.68 -10.32
CA LEU D 105 -9.12 18.98 -9.79
C LEU D 105 -9.22 18.76 -8.29
N ASP D 106 -8.86 17.55 -7.88
CA ASP D 106 -8.66 17.16 -6.48
C ASP D 106 -7.73 18.13 -5.74
N SER D 107 -7.68 17.99 -4.42
CA SER D 107 -6.64 18.67 -3.67
C SER D 107 -5.44 17.74 -3.50
N VAL D 108 -5.53 16.53 -4.05
CA VAL D 108 -4.48 15.54 -3.88
C VAL D 108 -3.78 15.20 -5.20
N HIS D 109 -2.50 15.52 -5.29
CA HIS D 109 -1.74 15.27 -6.52
C HIS D 109 -1.48 13.78 -6.73
N GLY D 110 -1.72 13.31 -7.94
CA GLY D 110 -1.46 11.92 -8.28
C GLY D 110 -2.48 10.94 -7.74
N TRP D 111 -3.69 11.43 -7.45
CA TRP D 111 -4.71 10.62 -6.79
C TRP D 111 -6.11 11.10 -7.07
N ASN D 112 -6.98 10.24 -7.61
CA ASN D 112 -8.37 10.62 -7.82
C ASN D 112 -9.20 10.33 -6.57
N THR D 113 -9.76 11.37 -5.97
CA THR D 113 -10.52 11.24 -4.74
C THR D 113 -11.88 10.62 -5.00
N LYS D 114 -12.34 10.69 -6.24
CA LYS D 114 -13.63 10.13 -6.60
C LYS D 114 -13.53 8.62 -6.76
N THR D 115 -12.54 8.17 -7.52
CA THR D 115 -12.33 6.75 -7.72
C THR D 115 -11.53 6.20 -6.57
N GLN D 116 -10.96 7.11 -5.76
CA GLN D 116 -10.17 6.73 -4.60
C GLN D 116 -9.06 5.77 -5.04
N ARG D 117 -8.41 6.15 -6.14
CA ARG D 117 -7.31 5.41 -6.73
C ARG D 117 -6.17 6.35 -7.08
N ALA D 118 -4.97 5.80 -7.25
CA ALA D 118 -3.84 6.57 -7.73
C ALA D 118 -4.05 6.81 -9.22
N GLU D 119 -4.13 8.08 -9.61
CA GLU D 119 -4.27 8.43 -11.02
C GLU D 119 -3.47 9.68 -11.37
N ASP D 120 -2.79 9.64 -12.51
CA ASP D 120 -2.03 10.79 -13.00
C ASP D 120 -2.96 11.76 -13.75
N GLU D 121 -3.21 12.92 -13.15
CA GLU D 121 -4.12 13.91 -13.72
C GLU D 121 -3.67 14.43 -15.08
N ASN D 122 -2.38 14.34 -15.35
CA ASN D 122 -1.82 14.88 -16.59
C ASN D 122 -1.77 13.87 -17.73
N ASP D 123 -1.90 12.59 -17.40
CA ASP D 123 -1.93 11.56 -18.44
C ASP D 123 -3.22 11.69 -19.24
N THR D 124 -3.08 11.76 -20.55
CA THR D 124 -4.23 11.89 -21.43
C THR D 124 -4.81 10.51 -21.69
N GLY D 125 -4.05 9.48 -21.36
CA GLY D 125 -4.52 8.12 -21.47
C GLY D 125 -5.51 7.78 -20.38
N THR D 126 -5.54 8.59 -19.32
CA THR D 126 -6.48 8.40 -18.23
C THR D 126 -7.63 9.40 -18.30
N THR D 127 -8.86 8.90 -18.33
CA THR D 127 -10.02 9.77 -18.25
C THR D 127 -11.12 9.15 -17.39
N GLN D 128 -11.54 9.89 -16.37
CA GLN D 128 -12.54 9.41 -15.43
C GLN D 128 -13.75 10.31 -15.42
N PHE D 129 -14.93 9.70 -15.34
CA PHE D 129 -16.17 10.47 -15.30
C PHE D 129 -16.81 10.34 -13.92
N TYR D 130 -17.65 11.32 -13.57
CA TYR D 130 -18.43 11.26 -12.35
C TYR D 130 -19.80 11.90 -12.54
N THR D 131 -20.72 11.56 -11.65
CA THR D 131 -22.10 12.03 -11.75
C THR D 131 -22.34 13.21 -10.81
N THR D 132 -22.80 14.32 -11.37
CA THR D 132 -23.03 15.53 -10.59
C THR D 132 -24.38 15.51 -9.90
N SER D 133 -24.64 16.55 -9.10
CA SER D 133 -25.91 16.71 -8.41
C SER D 133 -27.02 16.96 -9.43
N LYS D 134 -26.63 17.52 -10.59
CA LYS D 134 -27.59 17.81 -11.65
C LYS D 134 -27.75 16.55 -12.52
N ASN D 135 -27.38 15.41 -11.96
CA ASN D 135 -27.37 14.14 -12.69
C ASN D 135 -26.69 14.30 -14.05
N SER D 136 -25.56 14.99 -14.06
CA SER D 136 -24.77 15.17 -15.27
C SER D 136 -23.46 14.41 -15.15
N VAL D 137 -23.07 13.74 -16.22
CA VAL D 137 -21.84 12.96 -16.23
C VAL D 137 -20.72 13.73 -16.92
N GLU D 138 -19.73 14.17 -16.14
CA GLU D 138 -18.69 15.05 -16.65
C GLU D 138 -17.30 14.49 -16.42
N VAL D 139 -16.32 15.04 -17.15
CA VAL D 139 -14.93 14.64 -16.99
C VAL D 139 -14.33 15.38 -15.80
N THR D 140 -13.52 14.68 -15.02
CA THR D 140 -12.86 15.29 -13.87
C THR D 140 -11.43 14.79 -13.78
N GLU D 141 -10.65 15.45 -12.93
CA GLU D 141 -9.29 15.02 -12.65
C GLU D 141 -8.40 15.02 -13.89
N LYS D 142 -8.52 16.06 -14.70
CA LYS D 142 -7.74 16.14 -15.92
C LYS D 142 -6.95 17.44 -15.94
N GLY D 143 -5.63 17.33 -15.85
CA GLY D 143 -4.76 18.47 -15.95
C GLY D 143 -4.63 18.88 -17.41
N VAL D 144 -4.64 20.17 -17.66
CA VAL D 144 -4.55 20.67 -19.04
C VAL D 144 -3.33 21.55 -19.18
N ASP D 145 -2.59 21.37 -20.28
CA ASP D 145 -1.51 22.26 -20.67
C ASP D 145 -2.01 23.70 -20.57
N ALA D 146 -1.32 24.51 -19.76
CA ALA D 146 -1.75 25.88 -19.51
C ALA D 146 -1.64 26.74 -20.76
N GLY D 147 -0.88 26.27 -21.75
CA GLY D 147 -0.76 26.94 -23.02
C GLY D 147 -2.02 26.84 -23.87
N SER D 148 -2.96 25.98 -23.45
CA SER D 148 -4.19 25.78 -24.19
C SER D 148 -5.40 26.34 -23.44
N LEU D 149 -5.18 27.38 -22.65
CA LEU D 149 -6.22 27.94 -21.82
C LEU D 149 -6.86 29.18 -22.42
N PHE D 150 -8.12 29.40 -22.10
CA PHE D 150 -8.86 30.56 -22.56
C PHE D 150 -9.52 31.20 -21.35
N ASN D 151 -9.89 32.46 -21.46
CA ASN D 151 -10.66 33.09 -20.40
C ASN D 151 -12.15 32.95 -20.70
N ALA D 152 -13.00 33.62 -19.93
CA ALA D 152 -14.44 33.45 -20.09
C ALA D 152 -14.94 34.03 -21.41
N LYS D 153 -14.19 34.98 -21.95
CA LYS D 153 -14.58 35.62 -23.21
C LYS D 153 -14.27 34.75 -24.42
N GLY D 154 -13.51 33.69 -24.20
CA GLY D 154 -13.07 32.84 -25.30
C GLY D 154 -11.77 33.32 -25.89
N GLN D 155 -11.07 34.17 -25.13
CA GLN D 155 -9.78 34.71 -25.55
C GLN D 155 -8.63 33.86 -25.02
N GLY D 156 -7.71 33.51 -25.92
CA GLY D 156 -6.54 32.75 -25.55
C GLY D 156 -5.61 33.58 -24.70
N LEU D 157 -5.04 32.96 -23.67
CA LEU D 157 -4.19 33.65 -22.72
C LEU D 157 -2.80 33.85 -23.30
N ASN D 158 -2.48 33.08 -24.33
CA ASN D 158 -1.23 33.20 -25.08
C ASN D 158 -0.03 33.05 -24.15
N LEU D 159 -0.07 32.02 -23.32
CA LEU D 159 1.01 31.78 -22.37
C LEU D 159 2.25 31.29 -23.11
N ARG D 160 3.40 31.81 -22.72
CA ARG D 160 4.64 31.49 -23.41
C ARG D 160 5.67 30.91 -22.47
N ASP D 161 6.53 30.04 -23.00
CA ASP D 161 7.63 29.48 -22.22
C ASP D 161 8.41 30.58 -21.53
N GLY D 162 8.53 30.49 -20.21
CA GLY D 162 9.28 31.48 -19.46
C GLY D 162 8.39 32.52 -18.83
N GLN D 163 7.16 32.66 -19.33
CA GLN D 163 6.22 33.58 -18.72
C GLN D 163 5.73 33.00 -17.41
N GLY D 164 5.18 33.85 -16.55
CA GLY D 164 4.69 33.40 -15.27
C GLY D 164 4.14 34.49 -14.40
N ILE D 165 3.93 34.16 -13.12
CA ILE D 165 3.35 35.09 -12.17
C ILE D 165 4.05 35.04 -10.83
N TRP D 166 3.83 36.07 -10.02
CA TRP D 166 4.21 36.06 -8.62
C TRP D 166 2.97 35.76 -7.80
N VAL D 167 3.13 34.95 -6.76
CA VAL D 167 2.04 34.73 -5.82
C VAL D 167 2.52 35.00 -4.41
N SER D 168 1.98 36.05 -3.80
CA SER D 168 2.27 36.31 -2.40
C SER D 168 1.11 35.76 -1.58
N TYR D 169 1.43 34.95 -0.57
CA TYR D 169 0.42 34.29 0.24
C TYR D 169 0.16 35.14 1.48
N ALA D 170 1.14 35.97 1.80
CA ALA D 170 1.05 36.87 2.95
C ALA D 170 2.07 37.99 2.81
N ASP D 171 1.97 39.02 3.64
CA ASP D 171 2.95 40.08 3.65
C ASP D 171 4.23 39.60 4.31
N ALA D 172 5.37 39.93 3.70
CA ALA D 172 6.64 39.63 4.32
C ALA D 172 6.93 40.70 5.35
N THR D 173 7.20 40.29 6.59
CA THR D 173 7.46 41.23 7.66
C THR D 173 8.74 40.84 8.37
N TYR D 174 9.41 41.84 8.93
CA TYR D 174 10.55 41.58 9.80
C TYR D 174 10.71 42.72 10.78
N SER D 175 10.97 42.37 12.04
CA SER D 175 11.19 43.37 13.07
C SER D 175 12.63 43.30 13.53
N THR D 176 13.33 44.41 13.43
CA THR D 176 14.70 44.51 13.92
C THR D 176 14.69 44.65 15.44
N ASN D 177 15.84 44.43 16.05
CA ASN D 177 15.99 44.56 17.51
C ASN D 177 14.99 43.69 18.26
N LYS D 178 15.01 42.38 17.99
CA LYS D 178 14.15 41.44 18.70
C LYS D 178 14.68 41.16 20.09
N VAL D 179 15.94 41.53 20.32
CA VAL D 179 16.55 41.37 21.63
C VAL D 179 15.99 42.40 22.60
N GLY D 180 15.31 43.42 22.06
CA GLY D 180 14.55 44.33 22.88
C GLY D 180 15.36 45.37 23.61
N VAL D 181 16.55 45.66 23.11
CA VAL D 181 17.38 46.72 23.68
C VAL D 181 16.67 48.06 23.57
N ASN D 182 16.71 48.83 24.66
CA ASN D 182 16.00 50.10 24.70
C ASN D 182 16.57 51.10 23.69
N ALA D 183 15.72 52.03 23.27
CA ALA D 183 16.18 53.14 22.45
C ALA D 183 16.93 54.11 23.35
N PHE D 184 17.87 54.85 22.80
CA PHE D 184 18.57 55.88 23.56
C PHE D 184 17.55 56.93 24.02
N ASP D 185 17.61 57.32 25.29
CA ASP D 185 16.70 58.32 25.83
C ASP D 185 17.50 59.53 26.26
N PRO D 186 17.33 60.66 25.55
CA PRO D 186 18.06 61.89 25.88
C PRO D 186 17.58 62.57 27.16
N ASN D 187 16.35 62.27 27.58
CA ASN D 187 15.82 62.83 28.82
C ASN D 187 16.21 62.00 30.04
N LEU D 188 16.76 60.82 29.79
CA LEU D 188 17.29 59.98 30.87
C LEU D 188 18.76 60.33 31.08
N GLN D 189 19.02 61.20 32.05
CA GLN D 189 20.34 61.80 32.22
C GLN D 189 21.34 60.94 32.98
N GLN D 190 21.71 59.82 32.39
CA GLN D 190 22.79 58.98 32.91
C GLN D 190 23.33 58.14 31.77
N ASN D 191 24.43 57.43 32.01
CA ASN D 191 25.01 56.59 30.98
C ASN D 191 24.04 55.52 30.51
N GLN D 192 23.99 55.32 29.19
CA GLN D 192 23.11 54.35 28.57
C GLN D 192 23.86 53.53 27.54
N THR D 193 23.54 52.24 27.48
CA THR D 193 23.98 51.38 26.39
C THR D 193 22.74 50.97 25.62
N ALA D 194 22.51 51.59 24.47
CA ALA D 194 21.21 51.47 23.81
C ALA D 194 21.29 51.46 22.29
N ALA D 195 20.13 51.28 21.66
CA ALA D 195 20.03 51.39 20.21
C ALA D 195 20.04 52.86 19.84
N PHE D 196 21.06 53.28 19.10
CA PHE D 196 21.27 54.71 18.85
C PHE D 196 21.11 55.06 17.38
N TRP D 197 20.28 56.07 17.12
CA TRP D 197 19.98 56.46 15.76
C TRP D 197 20.44 57.89 15.45
N GLY D 198 21.35 58.39 16.26
CA GLY D 198 21.92 59.71 16.02
C GLY D 198 21.20 60.84 16.74
N THR D 199 21.90 61.95 16.91
CA THR D 199 21.33 63.19 17.45
C THR D 199 21.63 64.32 16.48
N ALA D 200 21.25 65.54 16.85
CA ALA D 200 21.60 66.71 16.05
C ALA D 200 23.10 66.98 16.13
N ASN D 201 23.74 66.44 17.16
CA ASN D 201 25.17 66.62 17.37
C ASN D 201 25.97 65.34 17.18
N GLN D 202 25.28 64.27 16.81
CA GLN D 202 25.97 63.00 16.57
C GLN D 202 25.29 62.21 15.45
N LYS D 203 26.05 61.90 14.42
CA LYS D 203 25.56 61.18 13.27
C LYS D 203 25.89 59.70 13.38
N VAL D 204 25.04 58.85 12.79
CA VAL D 204 25.33 57.42 12.74
C VAL D 204 25.39 56.99 11.28
N ASN D 205 26.02 55.84 11.02
CA ASN D 205 26.22 55.38 9.65
C ASN D 205 25.29 54.24 9.27
N LEU D 206 24.30 54.55 8.43
CA LEU D 206 23.41 53.54 7.89
C LEU D 206 24.07 52.84 6.70
N ASP D 207 24.26 51.53 6.83
CA ASP D 207 24.91 50.74 5.79
C ASP D 207 24.28 49.35 5.67
N ILE D 208 23.30 49.22 4.79
CA ILE D 208 22.64 47.94 4.58
C ILE D 208 22.44 47.59 3.11
N THR D 209 22.18 46.32 2.83
CA THR D 209 21.76 45.88 1.52
C THR D 209 20.36 45.29 1.63
N LEU D 210 19.43 45.84 0.87
CA LEU D 210 18.03 45.43 0.92
C LEU D 210 17.55 45.01 -0.45
N ASN D 211 17.27 43.72 -0.60
CA ASN D 211 16.83 43.14 -1.87
C ASN D 211 17.77 43.50 -3.02
N GLY D 212 19.06 43.39 -2.77
CA GLY D 212 20.07 43.63 -3.79
C GLY D 212 20.45 45.09 -3.93
N VAL D 213 19.65 45.96 -3.32
CA VAL D 213 19.90 47.39 -3.38
C VAL D 213 20.68 47.83 -2.15
N ARG D 214 21.87 48.41 -2.37
CA ARG D 214 22.67 48.86 -1.24
C ARG D 214 22.22 50.24 -0.78
N ILE D 215 21.97 50.36 0.51
CA ILE D 215 21.49 51.61 1.10
C ILE D 215 22.50 52.19 2.09
N GLN D 216 23.05 53.35 1.73
CA GLN D 216 24.17 53.94 2.44
C GLN D 216 23.89 55.38 2.84
N ASN D 217 24.19 55.72 4.09
CA ASN D 217 24.04 57.09 4.58
C ASN D 217 24.89 57.29 5.83
N ALA D 218 25.70 58.34 5.83
CA ALA D 218 26.57 58.62 6.97
C ALA D 218 26.10 59.87 7.69
N ASP D 219 24.97 60.40 7.25
CA ASP D 219 24.40 61.61 7.84
C ASP D 219 23.05 61.37 8.54
N ILE D 220 22.94 60.25 9.24
CA ILE D 220 21.71 59.89 9.94
C ILE D 220 21.71 60.50 11.34
N GLN D 221 20.67 61.25 11.66
CA GLN D 221 20.60 62.00 12.91
C GLN D 221 19.39 61.62 13.76
N SER D 222 18.55 60.74 13.23
CA SER D 222 17.40 60.20 13.95
C SER D 222 16.93 58.93 13.25
N ILE D 223 16.16 58.11 13.94
CA ILE D 223 15.65 56.89 13.34
C ILE D 223 14.70 57.28 12.21
N ASP D 224 14.02 58.41 12.39
CA ASP D 224 13.12 58.93 11.37
C ASP D 224 13.89 59.30 10.10
N ASP D 225 15.16 59.68 10.25
CA ASP D 225 16.01 59.94 9.11
C ASP D 225 16.24 58.65 8.32
N ALA D 226 16.60 57.60 9.05
CA ALA D 226 16.86 56.30 8.45
C ALA D 226 15.61 55.74 7.77
N ILE D 227 14.50 55.73 8.51
CA ILE D 227 13.23 55.27 7.98
C ILE D 227 12.87 55.99 6.68
N ALA D 228 12.96 57.32 6.70
CA ALA D 228 12.59 58.13 5.54
C ALA D 228 13.52 57.85 4.36
N TYR D 229 14.80 57.68 4.65
CA TYR D 229 15.79 57.42 3.60
C TYR D 229 15.62 56.01 3.02
N ILE D 230 15.38 55.04 3.88
CA ILE D 230 15.10 53.67 3.45
C ILE D 230 13.89 53.65 2.51
N ASN D 231 12.86 54.42 2.87
CA ASN D 231 11.62 54.45 2.11
C ASN D 231 11.74 55.20 0.77
N THR D 232 12.90 55.77 0.50
CA THR D 232 13.17 56.36 -0.81
C THR D 232 13.49 55.25 -1.80
N PHE D 233 13.79 54.07 -1.26
CA PHE D 233 14.18 52.91 -2.07
C PHE D 233 13.03 51.94 -2.35
N THR D 234 11.86 52.20 -1.80
CA THR D 234 10.70 51.32 -1.97
C THR D 234 10.31 51.26 -3.44
N ALA D 235 10.06 52.44 -4.02
CA ALA D 235 9.81 52.56 -5.44
C ALA D 235 11.16 52.67 -6.17
N PRO D 236 11.23 52.18 -7.41
CA PRO D 236 12.49 52.22 -8.15
C PRO D 236 12.84 53.60 -8.72
N THR D 237 14.13 53.84 -8.96
CA THR D 237 14.59 55.06 -9.63
C THR D 237 15.07 54.75 -11.05
N ASP D 238 15.12 55.79 -11.91
CA ASP D 238 15.58 55.63 -13.28
C ASP D 238 17.05 55.20 -13.37
N THR D 239 17.78 55.34 -12.26
CA THR D 239 19.18 54.92 -12.20
C THR D 239 19.37 53.82 -11.14
N ARG D 240 18.33 53.57 -10.36
CA ARG D 240 18.43 52.66 -9.22
C ARG D 240 17.19 51.78 -9.03
N ASP D 241 17.40 50.51 -8.70
CA ASP D 241 16.29 49.58 -8.48
C ASP D 241 15.51 49.88 -7.19
N GLY D 242 14.27 49.39 -7.13
CA GLY D 242 13.47 49.48 -5.94
C GLY D 242 13.53 48.22 -5.10
N THR D 243 12.90 48.27 -3.92
CA THR D 243 12.87 47.12 -3.02
C THR D 243 11.47 46.57 -2.78
N GLY D 244 10.46 47.42 -2.93
CA GLY D 244 9.10 47.03 -2.62
C GLY D 244 8.86 47.01 -1.12
N VAL D 245 9.90 47.39 -0.38
CA VAL D 245 9.93 47.27 1.07
C VAL D 245 9.71 48.60 1.79
N LYS D 246 8.65 48.64 2.59
CA LYS D 246 8.35 49.80 3.43
C LYS D 246 8.94 49.63 4.83
N ALA D 247 9.48 50.72 5.37
CA ALA D 247 10.03 50.70 6.72
C ALA D 247 9.19 51.58 7.63
N VAL D 248 9.02 51.16 8.88
CA VAL D 248 8.30 51.95 9.87
C VAL D 248 8.96 51.76 11.22
N LYS D 249 9.02 52.82 12.01
CA LYS D 249 9.64 52.74 13.32
C LYS D 249 8.74 51.97 14.29
N ASN D 250 9.35 51.16 15.14
CA ASN D 250 8.59 50.38 16.11
C ASN D 250 8.13 51.24 17.29
N LYS D 251 7.55 50.59 18.29
CA LYS D 251 6.90 51.28 19.41
C LYS D 251 7.80 52.31 20.10
N ASP D 252 8.97 51.87 20.53
CA ASP D 252 9.85 52.73 21.31
C ASP D 252 10.91 53.42 20.44
N GLY D 253 10.78 53.26 19.13
CA GLY D 253 11.72 53.86 18.19
C GLY D 253 13.11 53.29 18.36
N SER D 254 13.18 52.04 18.81
CA SER D 254 14.46 51.36 18.98
C SER D 254 14.86 50.59 17.72
N GLY D 255 13.88 50.30 16.87
CA GLY D 255 14.13 49.51 15.69
C GLY D 255 13.10 49.73 14.59
N ILE D 256 13.14 48.88 13.58
CA ILE D 256 12.31 49.06 12.39
C ILE D 256 11.41 47.85 12.17
N ASP D 257 10.19 48.11 11.73
CA ASP D 257 9.31 47.05 11.28
C ASP D 257 9.20 47.14 9.75
N PHE D 258 9.73 46.14 9.07
CA PHE D 258 9.70 46.12 7.62
C PHE D 258 8.48 45.36 7.12
N VAL D 259 7.97 45.76 5.97
CA VAL D 259 6.84 45.06 5.37
C VAL D 259 6.91 45.14 3.85
N ASN D 260 6.83 43.98 3.21
CA ASN D 260 6.65 43.93 1.77
C ASN D 260 5.36 43.17 1.48
N ASP D 261 4.39 43.89 0.95
CA ASP D 261 3.12 43.29 0.59
C ASP D 261 3.22 42.59 -0.75
N ASN D 262 4.37 42.76 -1.41
CA ASN D 262 4.67 42.10 -2.67
C ASN D 262 3.66 42.41 -3.79
N ALA D 263 2.96 43.53 -3.65
CA ALA D 263 1.95 43.91 -4.64
C ALA D 263 2.56 44.74 -5.77
N ASP D 264 3.80 45.19 -5.56
CA ASP D 264 4.47 46.06 -6.51
C ASP D 264 5.60 45.33 -7.22
N GLY D 265 5.86 45.70 -8.48
CA GLY D 265 6.97 45.15 -9.21
C GLY D 265 6.65 43.85 -9.91
N THR D 266 7.60 43.36 -10.71
CA THR D 266 7.45 42.11 -11.43
C THR D 266 8.72 41.27 -11.32
N THR D 267 9.68 41.76 -10.56
CA THR D 267 11.01 41.15 -10.47
C THR D 267 11.38 40.75 -9.05
N ASP D 268 12.40 39.90 -8.93
CA ASP D 268 12.85 39.36 -7.64
C ASP D 268 13.11 40.43 -6.58
N ASN D 269 13.67 41.55 -7.02
CA ASN D 269 14.10 42.61 -6.10
C ASN D 269 12.94 43.34 -5.45
N MET D 270 11.76 43.22 -6.05
CA MET D 270 10.58 43.89 -5.53
C MET D 270 9.75 42.95 -4.65
N LYS D 271 10.21 41.72 -4.50
CA LYS D 271 9.46 40.72 -3.76
C LYS D 271 10.20 40.29 -2.50
N ASN D 272 9.44 40.03 -1.44
CA ASN D 272 9.98 39.52 -0.19
C ASN D 272 10.94 40.49 0.47
N ILE D 273 11.67 39.99 1.46
CA ILE D 273 12.66 40.79 2.16
C ILE D 273 13.97 40.03 2.31
N ASN D 274 15.02 40.51 1.65
CA ASN D 274 16.36 39.99 1.88
C ASN D 274 17.23 41.12 2.36
N LEU D 275 17.52 41.10 3.66
CA LEU D 275 18.24 42.17 4.31
C LEU D 275 19.58 41.69 4.78
N VAL D 276 20.64 42.39 4.38
CA VAL D 276 21.97 42.13 4.89
C VAL D 276 22.52 43.42 5.47
N VAL D 277 22.98 43.36 6.72
CA VAL D 277 23.53 44.53 7.38
C VAL D 277 25.05 44.49 7.32
N ALA D 278 25.66 45.59 6.90
CA ALA D 278 27.11 45.67 6.84
C ALA D 278 27.68 45.78 8.25
N ASN D 279 28.86 45.21 8.46
CA ASN D 279 29.52 45.31 9.75
C ASN D 279 29.96 46.74 10.07
N THR D 280 29.94 47.58 9.04
CA THR D 280 30.27 48.99 9.18
C THR D 280 29.04 49.85 9.46
N ASN D 281 27.89 49.20 9.58
CA ASN D 281 26.67 49.92 9.95
C ASN D 281 26.71 50.32 11.42
N THR D 282 26.34 51.55 11.71
CA THR D 282 26.30 52.03 13.08
C THR D 282 24.90 52.54 13.44
N ALA D 283 24.11 52.83 12.40
CA ALA D 283 22.75 53.33 12.62
C ALA D 283 21.88 52.26 13.25
N GLY D 284 21.35 52.56 14.43
CA GLY D 284 20.51 51.61 15.13
C GLY D 284 21.31 50.49 15.76
N GLU D 285 22.62 50.67 15.84
CA GLU D 285 23.48 49.70 16.50
C GLU D 285 23.69 50.05 17.97
N LEU D 286 24.52 49.28 18.65
CA LEU D 286 24.82 49.53 20.05
C LEU D 286 25.80 50.68 20.21
N TRP D 287 25.37 51.71 20.94
CA TRP D 287 26.26 52.81 21.28
C TRP D 287 26.31 52.99 22.79
N ASN D 288 27.46 53.47 23.27
CA ASN D 288 27.56 53.91 24.65
C ASN D 288 27.29 55.40 24.72
N ALA D 289 26.23 55.77 25.41
CA ALA D 289 25.90 57.18 25.59
C ALA D 289 26.36 57.58 26.97
N VAL D 290 27.34 58.48 27.02
CA VAL D 290 27.92 58.86 28.30
C VAL D 290 27.44 60.24 28.71
N TRP D 291 26.96 60.35 29.95
CA TRP D 291 26.39 61.60 30.46
C TRP D 291 27.42 62.41 31.22
N ASN D 292 27.57 63.67 30.84
CA ASN D 292 28.45 64.59 31.55
C ASN D 292 27.61 65.54 32.38
N ASN D 293 27.67 65.38 33.70
CA ASN D 293 26.85 66.18 34.60
C ASN D 293 27.28 67.64 34.57
N ASN D 294 28.57 67.88 34.34
CA ASN D 294 29.11 69.24 34.27
C ASN D 294 28.55 70.00 33.07
N ASN D 295 28.62 69.40 31.90
CA ASN D 295 28.19 70.06 30.66
C ASN D 295 26.71 69.88 30.37
N GLN D 296 26.07 68.94 31.08
CA GLN D 296 24.69 68.54 30.82
C GLN D 296 24.52 68.11 29.37
N THR D 297 25.48 67.33 28.88
CA THR D 297 25.46 66.85 27.50
C THR D 297 25.77 65.35 27.44
N PHE D 298 25.53 64.78 26.28
CA PHE D 298 25.89 63.38 26.04
C PHE D 298 27.07 63.30 25.08
N THR D 299 27.91 62.30 25.30
CA THR D 299 28.93 61.95 24.32
C THR D 299 28.70 60.49 23.95
N PHE D 300 29.03 60.14 22.71
CA PHE D 300 28.69 58.83 22.20
C PHE D 300 29.90 58.09 21.63
N ASN D 301 29.95 56.79 21.90
CA ASN D 301 30.95 55.90 21.35
C ASN D 301 30.35 54.52 21.16
N ASN D 302 30.83 53.80 20.16
CA ASN D 302 30.32 52.45 19.89
C ASN D 302 31.42 51.40 20.07
N ASN D 303 32.39 51.70 20.93
CA ASN D 303 33.49 50.79 21.18
C ASN D 303 33.55 50.33 22.63
N GLY D 304 33.41 51.26 23.56
CA GLY D 304 33.46 50.95 24.98
C GLY D 304 34.86 50.58 25.47
N ASN D 305 35.07 50.67 26.77
CA ASN D 305 36.38 50.43 27.34
C ASN D 305 36.43 49.33 28.39
N GLY D 306 35.29 48.66 28.58
CA GLY D 306 35.23 47.55 29.52
C GLY D 306 35.07 47.98 30.97
N GLN D 307 34.25 49.00 31.18
CA GLN D 307 34.03 49.54 32.52
C GLN D 307 32.58 49.92 32.69
N ALA D 308 32.07 49.83 33.92
CA ALA D 308 30.67 50.15 34.20
C ALA D 308 30.32 51.53 33.65
N GLY D 309 29.29 51.59 32.82
CA GLY D 309 28.90 52.84 32.18
C GLY D 309 29.40 52.92 30.75
N THR D 310 30.59 52.37 30.50
CA THR D 310 31.15 52.31 29.16
C THR D 310 31.67 50.90 28.85
N PRO D 311 30.76 49.94 28.74
CA PRO D 311 31.14 48.54 28.51
C PRO D 311 31.73 48.31 27.12
N THR D 312 32.55 47.28 26.96
CA THR D 312 33.08 46.96 25.64
C THR D 312 31.94 46.39 24.80
N ILE D 313 31.87 46.84 23.55
CA ILE D 313 30.78 46.42 22.67
C ILE D 313 31.31 45.53 21.56
N ASN D 314 30.97 44.24 21.64
CA ASN D 314 31.36 43.27 20.62
C ASN D 314 30.16 42.83 19.79
N LYS D 315 30.10 43.26 18.53
CA LYS D 315 29.05 42.85 17.62
C LYS D 315 29.12 41.34 17.40
N ASN D 316 30.34 40.81 17.47
CA ASN D 316 30.58 39.38 17.39
C ASN D 316 30.06 38.79 16.09
N GLY D 317 30.38 39.47 14.98
CA GLY D 317 29.97 39.02 13.67
C GLY D 317 28.47 39.14 13.45
N SER D 318 27.84 40.02 14.22
CA SER D 318 26.41 40.23 14.13
C SER D 318 26.02 41.70 14.18
N SER D 319 24.73 41.96 14.13
CA SER D 319 24.20 43.30 14.21
C SER D 319 23.05 43.35 15.22
N LEU D 320 22.77 44.52 15.75
CA LEU D 320 21.66 44.66 16.71
C LEU D 320 20.32 44.44 16.00
N TRP D 321 20.32 44.71 14.69
CA TRP D 321 19.12 44.54 13.88
C TRP D 321 18.69 43.08 13.79
N THR D 322 19.67 42.19 13.70
CA THR D 322 19.41 40.81 13.30
C THR D 322 19.83 39.78 14.35
N ALA D 323 20.38 40.25 15.46
CA ALA D 323 20.86 39.33 16.49
C ALA D 323 19.73 38.51 17.08
N THR D 324 20.06 37.28 17.51
CA THR D 324 19.08 36.39 18.11
C THR D 324 19.21 36.41 19.63
N ASN D 325 20.40 36.79 20.11
CA ASN D 325 20.71 36.80 21.53
C ASN D 325 21.60 37.98 21.90
N ILE D 326 21.44 38.47 23.13
CA ILE D 326 22.31 39.50 23.67
C ILE D 326 22.71 39.14 25.10
N THR D 327 23.97 39.39 25.45
CA THR D 327 24.50 38.97 26.74
C THR D 327 25.28 40.06 27.45
N PHE D 328 24.80 40.45 28.62
CA PHE D 328 25.50 41.41 29.46
C PHE D 328 26.41 40.68 30.44
N THR D 329 27.69 41.06 30.44
CA THR D 329 28.63 40.57 31.44
C THR D 329 29.33 41.75 32.10
N PRO D 330 29.38 41.77 33.43
CA PRO D 330 28.83 40.72 34.30
C PRO D 330 27.32 40.83 34.48
N GLN D 331 26.77 39.84 35.17
CA GLN D 331 25.33 39.69 35.36
C GLN D 331 24.68 40.99 35.87
N PRO D 332 23.47 41.32 35.39
CA PRO D 332 22.69 42.52 35.71
C PRO D 332 22.68 43.05 37.16
N PRO D 333 22.73 42.18 38.20
CA PRO D 333 22.84 42.74 39.56
C PRO D 333 23.99 43.75 39.72
N GLN D 334 25.11 43.50 39.05
CA GLN D 334 26.21 44.45 39.02
C GLN D 334 26.25 45.07 37.62
N ALA D 335 26.74 46.31 37.52
CA ALA D 335 26.76 47.00 36.23
C ALA D 335 27.64 46.25 35.23
N ALA D 336 27.19 46.23 33.98
CA ALA D 336 27.88 45.46 32.95
C ALA D 336 29.12 46.16 32.42
N THR D 337 30.20 45.40 32.25
CA THR D 337 31.43 45.91 31.67
C THR D 337 31.58 45.43 30.23
N ASN D 338 30.73 44.48 29.85
CA ASN D 338 30.78 43.91 28.52
C ASN D 338 29.39 43.47 28.05
N VAL D 339 29.08 43.72 26.78
CA VAL D 339 27.84 43.25 26.19
C VAL D 339 28.18 42.58 24.86
N GLN D 340 27.65 41.39 24.64
CA GLN D 340 28.03 40.60 23.49
C GLN D 340 26.81 40.15 22.69
N LEU D 341 26.89 40.26 21.37
CA LEU D 341 25.80 39.85 20.50
C LEU D 341 26.00 38.43 20.01
N THR D 342 24.91 37.77 19.65
CA THR D 342 24.97 36.46 19.06
C THR D 342 24.04 36.42 17.85
N GLY D 343 24.54 35.92 16.72
CA GLY D 343 23.74 35.86 15.51
C GLY D 343 24.53 36.24 14.29
N GLY D 344 23.83 36.60 13.22
CA GLY D 344 24.47 36.96 11.97
C GLY D 344 24.10 38.36 11.52
N LEU D 345 24.28 38.63 10.23
CA LEU D 345 24.09 39.97 9.69
C LEU D 345 22.95 40.06 8.68
N ASN D 346 22.22 38.97 8.51
CA ASN D 346 21.19 38.90 7.47
C ASN D 346 19.87 38.29 7.93
N ALA D 347 18.80 38.64 7.21
CA ALA D 347 17.48 38.07 7.46
C ALA D 347 16.69 38.02 6.16
N GLN D 348 16.19 36.84 5.81
CA GLN D 348 15.41 36.69 4.58
C GLN D 348 14.00 36.16 4.87
N ILE D 349 12.99 36.97 4.52
CA ILE D 349 11.60 36.61 4.76
C ILE D 349 10.90 36.32 3.44
N ILE D 350 10.43 35.08 3.27
CA ILE D 350 9.85 34.67 2.00
C ILE D 350 8.37 34.34 2.15
N THR D 351 7.53 35.07 1.43
CA THR D 351 6.09 34.82 1.42
C THR D 351 5.55 34.80 -0.01
N ALA D 352 6.42 35.09 -0.97
CA ALA D 352 6.00 35.13 -2.36
C ALA D 352 6.88 34.22 -3.21
N HIS D 353 6.27 33.56 -4.18
CA HIS D 353 7.00 32.66 -5.05
C HIS D 353 6.67 32.96 -6.51
N LYS D 354 7.58 32.57 -7.40
CA LYS D 354 7.38 32.77 -8.83
C LYS D 354 7.08 31.44 -9.53
N TYR D 355 6.07 31.45 -10.38
CA TYR D 355 5.64 30.23 -11.06
C TYR D 355 5.79 30.39 -12.56
N ILE D 356 6.67 29.57 -13.15
CA ILE D 356 7.05 29.75 -14.55
C ILE D 356 6.57 28.62 -15.44
N TYR D 357 5.97 28.98 -16.57
CA TYR D 357 5.42 28.02 -17.52
C TYR D 357 6.48 27.37 -18.40
N SER D 358 6.29 26.08 -18.65
CA SER D 358 7.08 25.34 -19.63
C SER D 358 6.18 24.52 -20.53
N SER D 359 6.39 24.60 -21.84
CA SER D 359 5.60 23.79 -22.77
C SER D 359 6.17 22.39 -22.81
N ASN D 360 7.36 22.24 -22.24
CA ASN D 360 8.04 20.96 -22.16
C ASN D 360 7.57 20.15 -20.96
N PRO D 361 7.84 18.83 -20.96
CA PRO D 361 7.42 17.97 -19.85
C PRO D 361 7.93 18.39 -18.47
N VAL D 362 7.03 18.42 -17.49
CA VAL D 362 7.37 18.80 -16.12
C VAL D 362 6.89 17.73 -15.13
N ASP D 363 7.80 17.30 -14.26
CA ASP D 363 7.41 16.41 -13.15
C ASP D 363 7.72 17.10 -11.84
N ILE D 364 6.68 17.64 -11.21
CA ILE D 364 6.85 18.36 -9.95
C ILE D 364 7.17 17.39 -8.82
N GLY D 365 6.91 16.11 -9.06
CA GLY D 365 7.21 15.07 -8.10
C GLY D 365 6.07 14.84 -7.14
N PRO D 366 6.09 13.68 -6.48
CA PRO D 366 5.08 13.29 -5.49
C PRO D 366 5.32 13.92 -4.12
N MET D 367 4.26 14.14 -3.36
CA MET D 367 4.43 14.51 -1.97
C MET D 367 3.25 13.99 -1.17
N TYR D 368 3.55 13.44 0.01
CA TYR D 368 2.52 12.94 0.90
C TYR D 368 1.51 14.03 1.26
N ASN D 369 0.24 13.67 1.26
CA ASN D 369 -0.82 14.60 1.63
C ASN D 369 -1.78 13.97 2.61
N PRO D 370 -1.92 14.59 3.80
CA PRO D 370 -2.87 14.15 4.84
C PRO D 370 -4.31 14.20 4.36
N ASP D 371 -4.59 14.96 3.31
CA ASP D 371 -5.95 15.07 2.78
C ASP D 371 -6.49 13.72 2.32
N GLY D 372 -5.59 12.85 1.87
CA GLY D 372 -5.99 11.53 1.39
C GLY D 372 -4.90 10.95 0.50
N GLY D 373 -5.16 9.78 -0.06
CA GLY D 373 -4.18 9.14 -0.91
C GLY D 373 -3.22 8.24 -0.16
N PRO D 374 -2.04 8.02 -0.75
CA PRO D 374 -1.02 7.15 -0.17
C PRO D 374 -0.65 7.51 1.26
N ALA D 375 -0.29 6.52 2.06
CA ALA D 375 0.06 6.78 3.45
C ALA D 375 1.50 7.26 3.56
N PHE D 376 1.81 7.95 4.65
CA PHE D 376 3.19 8.36 4.93
C PHE D 376 3.99 7.16 5.36
N GLN D 377 5.18 6.98 4.79
CA GLN D 377 6.03 5.87 5.15
C GLN D 377 7.36 6.40 5.68
N PRO D 378 7.47 6.51 7.01
CA PRO D 378 8.66 7.07 7.67
C PRO D 378 9.88 6.16 7.54
N GLY D 379 11.06 6.69 7.85
CA GLY D 379 12.27 5.90 7.90
C GLY D 379 12.34 5.12 9.20
N ALA D 380 13.46 4.46 9.46
CA ALA D 380 13.62 3.61 10.63
C ALA D 380 13.42 4.38 11.94
N ASN D 381 13.86 5.63 11.96
CA ASN D 381 13.70 6.48 13.15
C ASN D 381 13.45 7.94 12.78
N ALA D 382 13.37 8.80 13.79
CA ALA D 382 12.99 10.20 13.57
C ALA D 382 14.14 11.05 13.05
N THR D 383 15.33 10.47 12.97
CA THR D 383 16.47 11.17 12.40
C THR D 383 16.89 10.55 11.08
N THR D 384 16.00 9.76 10.50
CA THR D 384 16.28 9.08 9.23
C THR D 384 15.25 9.44 8.18
N ARG D 385 15.73 10.01 7.08
CA ARG D 385 14.89 10.41 5.95
C ARG D 385 14.22 9.20 5.29
N PRO D 386 12.92 9.34 4.96
CA PRO D 386 12.20 8.27 4.27
C PRO D 386 12.77 7.97 2.88
N THR D 387 12.58 6.75 2.41
CA THR D 387 13.03 6.37 1.08
C THR D 387 11.85 6.40 0.11
N GLU D 388 10.64 6.26 0.64
CA GLU D 388 9.45 6.37 -0.18
C GLU D 388 9.33 7.81 -0.66
N PRO D 389 9.29 8.00 -1.99
CA PRO D 389 9.37 9.29 -2.68
C PRO D 389 8.44 10.37 -2.15
N GLY D 390 7.15 10.07 -2.03
CA GLY D 390 6.20 11.04 -1.53
C GLY D 390 6.42 11.42 -0.08
N SER D 391 6.91 10.47 0.71
CA SER D 391 7.18 10.71 2.12
C SER D 391 8.49 11.47 2.27
N ALA D 392 9.46 11.14 1.43
CA ALA D 392 10.75 11.82 1.43
C ALA D 392 10.58 13.29 1.07
N ALA D 393 9.69 13.56 0.14
CA ALA D 393 9.42 14.93 -0.29
C ALA D 393 8.68 15.69 0.80
N TYR D 394 7.85 14.98 1.56
CA TYR D 394 7.12 15.58 2.68
C TYR D 394 8.10 15.94 3.78
N TRP D 395 9.03 15.02 4.05
CA TRP D 395 10.10 15.22 5.02
C TRP D 395 10.91 16.48 4.73
N ASP D 396 11.29 16.65 3.47
CA ASP D 396 12.05 17.81 3.05
C ASP D 396 11.25 19.11 3.24
N ALA D 397 9.96 19.05 2.93
CA ALA D 397 9.11 20.23 3.01
C ALA D 397 8.93 20.72 4.44
N VAL D 398 8.62 19.80 5.35
CA VAL D 398 8.36 20.17 6.74
C VAL D 398 9.64 20.41 7.53
N ASN D 399 10.77 20.25 6.85
CA ASN D 399 12.06 20.60 7.43
C ASN D 399 12.67 21.83 6.75
N GLY D 400 11.84 22.56 6.00
CA GLY D 400 12.23 23.84 5.42
C GLY D 400 12.60 23.81 3.94
N GLY D 401 12.31 22.70 3.28
CA GLY D 401 12.74 22.51 1.90
C GLY D 401 12.05 23.33 0.83
N LEU D 402 10.98 24.03 1.19
CA LEU D 402 10.27 24.85 0.20
C LEU D 402 10.42 26.34 0.48
N LEU D 403 11.01 26.69 1.61
CA LEU D 403 11.20 28.09 1.97
C LEU D 403 12.46 28.63 1.30
N ASN D 404 12.35 28.95 0.02
CA ASN D 404 13.49 29.40 -0.78
C ASN D 404 13.03 30.30 -1.92
N THR D 405 13.98 30.72 -2.75
CA THR D 405 13.66 31.60 -3.86
C THR D 405 13.75 30.85 -5.19
N ASN D 406 13.69 29.52 -5.11
CA ASN D 406 13.72 28.70 -6.31
C ASN D 406 12.50 28.89 -7.19
N VAL D 407 12.71 28.73 -8.49
CA VAL D 407 11.65 28.83 -9.48
C VAL D 407 10.73 27.61 -9.41
N ARG D 408 9.43 27.85 -9.41
CA ARG D 408 8.46 26.76 -9.50
C ARG D 408 7.99 26.63 -10.94
N THR D 409 8.35 25.53 -11.58
CA THR D 409 8.06 25.31 -12.99
C THR D 409 6.80 24.46 -13.16
N PHE D 410 5.87 24.93 -13.99
CA PHE D 410 4.63 24.20 -14.23
C PHE D 410 4.33 24.13 -15.73
N ARG D 411 3.61 23.08 -16.13
CA ARG D 411 3.09 23.00 -17.48
C ARG D 411 1.57 22.98 -17.46
N THR D 412 1.00 22.10 -16.64
CA THR D 412 -0.44 21.90 -16.61
C THR D 412 -1.13 22.60 -15.45
N THR D 413 -2.46 22.53 -15.47
CA THR D 413 -3.27 23.11 -14.41
C THR D 413 -3.12 22.32 -13.11
N GLU D 414 -2.84 21.03 -13.22
CA GLU D 414 -2.59 20.22 -12.04
C GLU D 414 -1.23 20.55 -11.44
N ASP D 415 -0.26 20.76 -12.30
CA ASP D 415 1.06 21.21 -11.87
C ASP D 415 0.96 22.47 -11.04
N LEU D 416 0.32 23.49 -11.60
CA LEU D 416 0.19 24.78 -10.93
C LEU D 416 -0.61 24.68 -9.64
N ARG D 417 -1.69 23.92 -9.67
CA ARG D 417 -2.55 23.74 -8.49
C ARG D 417 -1.79 23.20 -7.30
N GLU D 418 -1.07 22.12 -7.50
CA GLU D 418 -0.35 21.48 -6.40
C GLU D 418 0.80 22.34 -5.91
N LEU D 419 1.45 23.06 -6.83
CA LEU D 419 2.55 23.93 -6.46
C LEU D 419 2.08 25.08 -5.58
N LEU D 420 0.93 25.66 -5.91
CA LEU D 420 0.36 26.71 -5.09
C LEU D 420 0.00 26.17 -3.71
N GLN D 421 -0.53 24.97 -3.67
CA GLN D 421 -0.97 24.38 -2.42
C GLN D 421 0.23 24.05 -1.53
N ARG D 422 1.28 23.49 -2.13
CA ARG D 422 2.48 23.16 -1.37
C ARG D 422 3.15 24.40 -0.78
N ASP D 423 3.12 25.50 -1.53
CA ASP D 423 3.77 26.72 -1.07
C ASP D 423 2.96 27.42 0.01
N ALA D 424 1.64 27.34 -0.10
CA ALA D 424 0.78 27.91 0.93
C ALA D 424 0.94 27.13 2.24
N ARG D 425 1.26 25.84 2.11
CA ARG D 425 1.40 24.97 3.27
C ARG D 425 2.79 25.01 3.89
N TYR D 426 3.83 25.00 3.06
CA TYR D 426 5.18 24.83 3.58
C TYR D 426 6.20 25.83 3.03
N GLY D 427 5.74 26.80 2.25
CA GLY D 427 6.66 27.70 1.59
C GLY D 427 6.60 29.15 2.03
N VAL D 428 5.88 29.41 3.13
CA VAL D 428 5.67 30.77 3.59
C VAL D 428 6.14 30.98 5.03
N ASP D 429 6.92 32.04 5.24
CA ASP D 429 7.33 32.48 6.57
C ASP D 429 6.26 33.37 7.19
N TYR D 430 5.27 32.75 7.82
CA TYR D 430 4.08 33.46 8.29
C TYR D 430 4.36 34.41 9.47
N ASP D 431 5.39 34.12 10.25
CA ASP D 431 5.69 34.93 11.43
C ASP D 431 6.86 35.88 11.18
N GLY D 432 7.43 35.82 9.98
CA GLY D 432 8.52 36.71 9.64
C GLY D 432 9.79 36.45 10.43
N SER D 433 10.08 35.17 10.68
CA SER D 433 11.23 34.81 11.50
C SER D 433 12.52 34.72 10.66
N GLY D 434 12.36 34.49 9.37
CA GLY D 434 13.52 34.30 8.51
C GLY D 434 14.00 32.87 8.51
N THR D 435 13.30 32.02 9.24
CA THR D 435 13.61 30.60 9.30
C THR D 435 12.30 29.81 9.24
N PHE D 436 12.41 28.52 8.94
CA PHE D 436 11.23 27.68 8.90
C PHE D 436 11.10 26.82 10.15
N ALA D 437 9.89 26.79 10.69
CA ALA D 437 9.56 25.94 11.83
C ALA D 437 8.15 25.41 11.67
N ALA D 438 7.73 24.52 12.57
CA ALA D 438 6.41 23.93 12.50
C ALA D 438 5.31 24.97 12.58
N ALA D 439 5.61 26.10 13.21
CA ALA D 439 4.66 27.19 13.36
C ALA D 439 4.24 27.77 12.02
N ASP D 440 5.08 27.59 11.01
CA ASP D 440 4.84 28.16 9.68
C ASP D 440 4.00 27.22 8.83
N ILE D 441 3.69 26.05 9.36
CA ILE D 441 2.95 25.06 8.59
C ILE D 441 1.46 25.35 8.62
N ASN D 442 0.90 25.56 7.43
CA ASN D 442 -0.51 25.87 7.22
C ASN D 442 -1.11 24.78 6.35
N GLN D 443 -1.28 23.61 6.93
CA GLN D 443 -1.46 22.37 6.17
C GLN D 443 -2.89 22.09 5.71
N ASN D 444 -3.84 22.88 6.18
CA ASN D 444 -5.22 22.67 5.76
C ASN D 444 -5.64 23.62 4.63
N ILE D 445 -4.67 24.36 4.10
CA ILE D 445 -4.91 25.12 2.89
C ILE D 445 -5.14 24.14 1.75
N LYS D 446 -6.23 24.32 1.00
CA LYS D 446 -6.52 23.47 -0.14
C LYS D 446 -6.69 24.31 -1.38
N VAL D 447 -6.02 23.89 -2.46
CA VAL D 447 -6.16 24.53 -3.75
C VAL D 447 -6.77 23.51 -4.70
N VAL D 448 -7.92 23.86 -5.27
CA VAL D 448 -8.58 22.98 -6.22
C VAL D 448 -9.03 23.76 -7.44
N VAL D 449 -9.51 23.05 -8.45
CA VAL D 449 -10.22 23.65 -9.54
C VAL D 449 -11.66 23.15 -9.48
N THR D 450 -12.60 24.08 -9.51
CA THR D 450 -14.01 23.72 -9.39
C THR D 450 -14.55 23.22 -10.72
N ALA D 451 -15.79 22.75 -10.71
CA ALA D 451 -16.42 22.25 -11.92
C ALA D 451 -16.76 23.40 -12.87
N ASP D 452 -16.82 24.62 -12.34
CA ASP D 452 -17.12 25.78 -13.16
C ASP D 452 -15.86 26.36 -13.80
N GLY D 453 -14.72 25.72 -13.54
CA GLY D 453 -13.48 26.11 -14.17
C GLY D 453 -12.71 27.18 -13.43
N HIS D 454 -12.99 27.29 -12.12
CA HIS D 454 -12.28 28.26 -11.30
C HIS D 454 -11.24 27.58 -10.43
N PHE D 455 -10.10 28.25 -10.23
CA PHE D 455 -9.20 27.85 -9.17
C PHE D 455 -9.84 28.30 -7.87
N ALA D 456 -9.80 27.45 -6.85
CA ALA D 456 -10.46 27.76 -5.59
C ALA D 456 -9.54 27.41 -4.42
N ILE D 457 -9.43 28.35 -3.48
CA ILE D 457 -8.58 28.18 -2.31
C ILE D 457 -9.42 28.24 -1.05
N SER D 458 -9.18 27.29 -0.13
CA SER D 458 -9.91 27.27 1.13
C SER D 458 -8.94 27.39 2.30
N ASN D 459 -9.42 27.95 3.40
CA ASN D 459 -8.61 28.15 4.60
C ASN D 459 -9.43 27.81 5.84
N ALA D 460 -9.86 26.56 5.94
CA ALA D 460 -10.70 26.09 7.03
C ALA D 460 -10.02 26.29 8.38
N ASN D 461 -10.76 26.83 9.35
CA ASN D 461 -10.24 27.01 10.69
C ASN D 461 -10.20 25.67 11.41
N GLU D 462 -9.18 24.89 11.10
CA GLU D 462 -9.02 23.57 11.68
C GLU D 462 -7.55 23.31 11.87
N GLN D 463 -7.18 22.74 13.02
CA GLN D 463 -5.80 22.36 13.23
C GLN D 463 -5.46 21.18 12.34
N SER D 464 -4.17 20.90 12.21
CA SER D 464 -3.72 19.77 11.43
C SER D 464 -2.58 19.11 12.18
N THR D 465 -2.08 18.01 11.65
CA THR D 465 -1.04 17.28 12.35
C THR D 465 0.09 16.91 11.41
N VAL D 466 1.31 17.03 11.90
CA VAL D 466 2.47 16.48 11.20
C VAL D 466 2.83 15.17 11.89
N PRO D 467 2.76 14.07 11.13
CA PRO D 467 3.01 12.70 11.62
C PRO D 467 4.41 12.52 12.19
N PRO D 468 4.59 11.50 13.06
CA PRO D 468 5.90 11.16 13.63
C PRO D 468 6.96 10.89 12.56
N ASN D 469 8.22 11.21 12.88
CA ASN D 469 9.35 10.95 11.99
C ASN D 469 9.26 11.69 10.66
N ALA D 470 8.56 12.81 10.64
CA ALA D 470 8.46 13.64 9.45
C ALA D 470 9.38 14.86 9.59
N ILE D 471 9.33 15.47 10.76
CA ILE D 471 10.27 16.53 11.13
C ILE D 471 11.49 15.88 11.80
N ASN D 472 12.69 16.25 11.37
CA ASN D 472 13.91 15.64 11.87
C ASN D 472 14.04 15.71 13.39
N GLY D 473 14.15 14.54 14.03
CA GLY D 473 14.31 14.45 15.46
C GLY D 473 13.01 14.43 16.25
N VAL D 474 11.89 14.46 15.53
CA VAL D 474 10.58 14.47 16.19
C VAL D 474 9.85 13.15 15.98
N GLY D 475 9.81 12.34 17.03
CA GLY D 475 9.26 11.00 16.98
C GLY D 475 7.78 10.99 17.33
N ASN D 476 7.22 12.18 17.55
CA ASN D 476 5.82 12.30 17.90
C ASN D 476 5.06 13.20 16.93
N ALA D 477 3.74 13.13 16.99
CA ALA D 477 2.90 13.96 16.13
C ALA D 477 2.99 15.42 16.56
N THR D 478 2.83 16.33 15.60
CA THR D 478 2.94 17.75 15.89
C THR D 478 1.66 18.43 15.43
N THR D 479 1.01 19.15 16.34
CA THR D 479 -0.21 19.86 16.00
C THR D 479 0.13 21.23 15.44
N THR D 480 -0.41 21.52 14.26
CA THR D 480 -0.16 22.79 13.58
C THR D 480 -1.44 23.59 13.47
N ASP D 481 -1.31 24.90 13.37
CA ASP D 481 -2.46 25.79 13.40
C ASP D 481 -2.70 26.45 12.04
N PRO D 482 -3.96 26.79 11.75
CA PRO D 482 -4.29 27.51 10.52
C PRO D 482 -3.88 28.97 10.61
N LYS D 483 -3.58 29.58 9.47
CA LYS D 483 -3.11 30.96 9.44
C LYS D 483 -3.85 31.77 8.39
N ASN D 484 -4.12 33.03 8.72
CA ASN D 484 -4.72 33.94 7.75
C ASN D 484 -3.78 34.16 6.58
N MET D 485 -4.33 34.41 5.41
CA MET D 485 -3.52 34.65 4.23
C MET D 485 -3.97 35.91 3.52
N SER D 486 -3.01 36.62 2.94
CA SER D 486 -3.29 37.84 2.19
C SER D 486 -2.62 37.71 0.84
N PHE D 487 -3.42 37.61 -0.22
CA PHE D 487 -2.88 37.31 -1.54
C PHE D 487 -2.54 38.56 -2.34
N ASN D 488 -1.38 38.52 -3.00
CA ASN D 488 -1.02 39.54 -3.97
C ASN D 488 -0.39 38.88 -5.18
N ILE D 489 -0.98 39.14 -6.34
CA ILE D 489 -0.59 38.48 -7.58
C ILE D 489 -0.06 39.49 -8.60
N THR D 490 1.15 39.26 -9.11
CA THR D 490 1.71 40.13 -10.12
C THR D 490 2.28 39.31 -11.25
N ALA D 491 2.53 39.96 -12.38
CA ALA D 491 3.19 39.31 -13.50
C ALA D 491 4.66 39.10 -13.17
N TYR D 492 5.30 38.14 -13.83
CA TYR D 492 6.73 37.92 -13.64
C TYR D 492 7.56 38.47 -14.81
N SER D 493 8.73 39.00 -14.49
CA SER D 493 9.75 39.26 -15.50
C SER D 493 11.13 39.19 -14.85
N ASN D 494 12.17 39.19 -15.67
CA ASN D 494 13.54 39.24 -15.18
C ASN D 494 14.23 40.59 -15.43
N LYS D 495 15.43 40.75 -14.91
CA LYS D 495 16.17 42.01 -15.00
C LYS D 495 16.70 42.31 -16.40
N GLN D 496 16.93 41.26 -17.16
CA GLN D 496 17.46 41.39 -18.50
C GLN D 496 16.37 41.74 -19.51
N GLY D 497 15.12 41.52 -19.14
CA GLY D 497 14.00 41.87 -20.01
C GLY D 497 13.73 40.89 -21.12
N THR D 498 14.15 39.63 -20.93
CA THR D 498 13.96 38.62 -21.96
C THR D 498 12.63 37.90 -21.78
N VAL D 499 11.97 38.15 -20.66
CA VAL D 499 10.64 37.59 -20.42
C VAL D 499 9.57 38.65 -20.43
N SER D 500 8.60 38.48 -21.32
CA SER D 500 7.48 39.41 -21.45
C SER D 500 6.47 39.17 -20.34
N THR D 501 5.75 40.21 -19.94
CA THR D 501 4.67 40.02 -18.99
C THR D 501 3.41 39.65 -19.77
N ASN D 502 2.55 38.85 -19.15
CA ASN D 502 1.31 38.40 -19.78
C ASN D 502 0.09 38.86 -18.98
N ASP D 503 -0.56 39.92 -19.43
CA ASP D 503 -1.67 40.51 -18.69
C ASP D 503 -2.90 39.61 -18.65
N ALA D 504 -3.18 38.95 -19.76
CA ALA D 504 -4.36 38.10 -19.86
C ALA D 504 -4.26 36.90 -18.91
N PHE D 505 -3.12 36.24 -18.92
CA PHE D 505 -2.89 35.10 -18.05
C PHE D 505 -2.84 35.51 -16.57
N THR D 506 -2.21 36.64 -16.31
CA THR D 506 -2.02 37.10 -14.93
C THR D 506 -3.34 37.53 -14.30
N ALA D 507 -4.21 38.13 -15.10
CA ALA D 507 -5.48 38.65 -14.59
C ALA D 507 -6.36 37.52 -14.04
N ILE D 508 -6.16 36.32 -14.57
CA ILE D 508 -6.89 35.15 -14.10
C ILE D 508 -6.69 34.92 -12.60
N PHE D 509 -5.44 35.08 -12.16
CA PHE D 509 -5.10 34.75 -10.80
C PHE D 509 -5.04 35.99 -9.91
N LYS D 510 -5.20 37.16 -10.50
CA LYS D 510 -5.29 38.39 -9.72
C LYS D 510 -6.62 38.48 -8.98
N ALA D 511 -7.55 37.61 -9.34
CA ALA D 511 -8.83 37.52 -8.62
C ALA D 511 -8.62 36.92 -7.24
N PHE D 512 -7.44 36.32 -7.04
CA PHE D 512 -7.05 35.81 -5.73
C PHE D 512 -6.72 36.94 -4.77
N ASP D 513 -6.43 38.12 -5.31
CA ASP D 513 -5.99 39.25 -4.51
C ASP D 513 -6.92 39.51 -3.32
N GLY D 514 -6.33 39.82 -2.18
CA GLY D 514 -7.10 40.06 -0.97
C GLY D 514 -6.84 39.03 0.10
N PRO D 515 -7.34 39.30 1.31
CA PRO D 515 -7.19 38.45 2.49
C PRO D 515 -8.05 37.20 2.44
N LEU D 516 -7.50 36.08 2.90
CA LEU D 516 -8.30 34.88 3.13
C LEU D 516 -8.09 34.43 4.56
N VAL D 517 -8.98 34.88 5.44
CA VAL D 517 -8.88 34.56 6.85
C VAL D 517 -9.32 33.12 7.08
N ILE D 518 -8.93 32.57 8.22
CA ILE D 518 -9.34 31.22 8.59
C ILE D 518 -10.86 31.18 8.77
N GLY D 519 -11.48 30.10 8.29
CA GLY D 519 -12.92 29.99 8.33
C GLY D 519 -13.47 29.30 7.10
N ASN D 520 -14.62 29.78 6.65
CA ASN D 520 -15.37 29.12 5.57
C ASN D 520 -15.29 29.85 4.25
N GLN D 521 -14.57 30.98 4.22
CA GLN D 521 -14.44 31.76 3.00
C GLN D 521 -13.63 31.00 1.95
N ILE D 522 -13.88 31.30 0.68
CA ILE D 522 -13.16 30.66 -0.41
C ILE D 522 -12.68 31.72 -1.42
N LYS D 523 -11.40 31.66 -1.76
CA LYS D 523 -10.86 32.54 -2.79
C LYS D 523 -10.91 31.84 -4.12
N GLU D 524 -11.47 32.51 -5.13
CA GLU D 524 -11.55 31.93 -6.46
C GLU D 524 -10.80 32.75 -7.49
N SER D 525 -10.30 32.07 -8.52
CA SER D 525 -9.68 32.74 -9.65
C SER D 525 -10.75 33.12 -10.64
N GLU D 526 -10.35 33.72 -11.76
CA GLU D 526 -11.28 33.96 -12.85
C GLU D 526 -11.57 32.64 -13.55
N GLN D 527 -12.65 32.61 -14.32
CA GLN D 527 -13.06 31.39 -14.99
C GLN D 527 -12.11 30.99 -16.11
N LEU D 528 -11.82 29.70 -16.20
CA LEU D 528 -10.96 29.18 -17.26
C LEU D 528 -11.75 28.30 -18.22
N LYS D 529 -11.43 28.42 -19.50
CA LYS D 529 -12.18 27.72 -20.54
C LYS D 529 -11.27 26.92 -21.46
N LEU D 530 -11.88 26.05 -22.25
CA LEU D 530 -11.18 25.26 -23.25
C LEU D 530 -11.93 25.32 -24.56
N SER D 531 -11.21 25.16 -25.66
CA SER D 531 -11.85 25.16 -26.98
C SER D 531 -12.68 23.90 -27.12
N ALA D 532 -13.98 24.06 -27.38
CA ALA D 532 -14.87 22.93 -27.43
C ALA D 532 -15.79 23.00 -28.64
N PHE D 533 -16.14 21.85 -29.17
CA PHE D 533 -17.15 21.75 -30.22
C PHE D 533 -17.95 20.47 -30.10
N SER D 534 -19.26 20.62 -30.14
CA SER D 534 -20.16 19.48 -30.02
C SER D 534 -21.02 19.35 -31.26
N ALA D 535 -21.27 18.12 -31.67
CA ALA D 535 -22.12 17.85 -32.83
C ALA D 535 -22.94 16.59 -32.60
N GLY D 536 -24.17 16.59 -33.12
CA GLY D 536 -25.03 15.44 -33.01
C GLY D 536 -25.13 14.67 -34.31
N LEU D 537 -24.44 13.53 -34.39
CA LEU D 537 -24.41 12.74 -35.61
C LEU D 537 -25.56 11.75 -35.65
N GLU D 538 -26.37 11.83 -36.70
CA GLU D 538 -27.53 10.96 -36.82
C GLU D 538 -27.13 9.65 -37.50
N ILE D 539 -27.59 8.54 -36.91
CA ILE D 539 -27.41 7.21 -37.49
C ILE D 539 -28.69 6.42 -37.37
N TYR D 540 -28.72 5.24 -37.97
CA TYR D 540 -29.93 4.42 -37.99
C TYR D 540 -29.64 2.98 -37.60
N ASP D 541 -30.54 2.41 -36.81
CA ASP D 541 -30.42 1.00 -36.41
C ASP D 541 -31.14 0.11 -37.42
N SER D 542 -31.11 -1.19 -37.18
CA SER D 542 -31.72 -2.18 -38.08
C SER D 542 -33.23 -1.98 -38.21
N LEU D 543 -33.84 -1.32 -37.22
CA LEU D 543 -35.28 -1.09 -37.23
C LEU D 543 -35.58 0.28 -37.79
N GLY D 544 -34.52 1.01 -38.14
CA GLY D 544 -34.67 2.31 -38.78
C GLY D 544 -35.01 3.42 -37.82
N SER D 545 -34.74 3.21 -36.54
CA SER D 545 -34.86 4.28 -35.56
C SER D 545 -33.65 5.18 -35.64
N LYS D 546 -33.85 6.46 -35.45
CA LYS D 546 -32.76 7.43 -35.54
C LYS D 546 -32.13 7.67 -34.19
N HIS D 547 -30.82 7.44 -34.10
CA HIS D 547 -30.09 7.72 -32.88
C HIS D 547 -29.10 8.85 -33.13
N THR D 548 -28.80 9.61 -32.09
CA THR D 548 -27.87 10.72 -32.21
C THR D 548 -26.63 10.49 -31.37
N LEU D 549 -25.50 10.27 -32.02
CA LEU D 549 -24.23 10.19 -31.33
C LEU D 549 -23.81 11.59 -30.92
N GLU D 550 -23.74 11.82 -29.61
CA GLU D 550 -23.29 13.11 -29.13
C GLU D 550 -21.78 13.10 -29.08
N VAL D 551 -21.16 13.87 -29.97
CA VAL D 551 -19.71 13.90 -30.09
C VAL D 551 -19.19 15.27 -29.69
N GLN D 552 -18.19 15.27 -28.82
CA GLN D 552 -17.60 16.52 -28.34
C GLN D 552 -16.08 16.49 -28.53
N PHE D 553 -15.54 17.61 -28.97
CA PHE D 553 -14.10 17.76 -29.12
C PHE D 553 -13.60 18.84 -28.17
N VAL D 554 -12.60 18.51 -27.36
CA VAL D 554 -11.98 19.50 -26.49
C VAL D 554 -10.48 19.51 -26.75
N LYS D 555 -9.94 20.69 -26.99
CA LYS D 555 -8.53 20.81 -27.36
C LYS D 555 -7.65 20.69 -26.12
N GLN D 556 -6.65 19.82 -26.19
CA GLN D 556 -5.83 19.54 -25.03
C GLN D 556 -4.45 20.19 -25.08
N SER D 557 -3.84 20.19 -26.27
CA SER D 557 -2.47 20.69 -26.42
C SER D 557 -2.15 21.23 -27.80
N THR D 558 -1.15 22.10 -27.86
CA THR D 558 -0.63 22.63 -29.12
C THR D 558 0.90 22.71 -29.09
N THR D 559 1.51 22.61 -30.26
CA THR D 559 2.97 22.72 -30.38
C THR D 559 3.32 23.94 -31.23
N GLN D 560 4.53 24.47 -31.04
CA GLN D 560 4.96 25.65 -31.78
C GLN D 560 5.01 25.35 -33.27
N ASP D 561 5.47 24.15 -33.60
CA ASP D 561 5.61 23.73 -34.99
C ASP D 561 5.11 22.30 -35.17
N GLY D 562 4.04 21.95 -34.47
CA GLY D 562 3.56 20.58 -34.51
C GLY D 562 2.05 20.34 -34.53
N GLY D 563 1.25 21.39 -34.61
CA GLY D 563 -0.19 21.18 -34.71
C GLY D 563 -0.85 21.14 -33.34
N ASN D 564 -2.01 20.47 -33.26
CA ASN D 564 -2.72 20.37 -32.00
C ASN D 564 -3.40 19.01 -31.79
N GLU D 565 -3.95 18.82 -30.59
CA GLU D 565 -4.56 17.53 -30.24
C GLU D 565 -5.82 17.73 -29.41
N TRP D 566 -6.85 16.95 -29.72
CA TRP D 566 -8.15 17.09 -29.09
C TRP D 566 -8.58 15.79 -28.43
N GLN D 567 -9.36 15.90 -27.36
CA GLN D 567 -10.02 14.73 -26.80
C GLN D 567 -11.40 14.58 -27.43
N MET D 568 -11.69 13.38 -27.92
CA MET D 568 -12.98 13.12 -28.54
C MET D 568 -13.84 12.23 -27.65
N ILE D 569 -15.01 12.72 -27.29
CA ILE D 569 -15.93 11.97 -26.44
C ILE D 569 -17.24 11.69 -27.15
N ILE D 570 -17.62 10.42 -27.21
CA ILE D 570 -18.85 10.01 -27.85
C ILE D 570 -19.83 9.44 -26.82
N ARG D 571 -21.02 10.01 -26.78
CA ARG D 571 -22.06 9.60 -25.83
C ARG D 571 -23.32 9.12 -26.54
N VAL D 572 -23.97 8.12 -25.94
CA VAL D 572 -25.32 7.76 -26.33
C VAL D 572 -26.20 7.84 -25.10
N PRO D 573 -27.48 8.18 -25.28
CA PRO D 573 -28.40 8.19 -24.15
C PRO D 573 -28.69 6.77 -23.70
N GLU D 574 -28.88 6.55 -22.40
CA GLU D 574 -29.29 5.24 -21.93
C GLU D 574 -30.66 4.92 -22.53
N PRO D 575 -30.95 3.64 -22.77
CA PRO D 575 -30.18 2.44 -22.41
C PRO D 575 -29.15 1.98 -23.44
N ALA D 576 -28.80 2.83 -24.39
CA ALA D 576 -27.85 2.43 -25.44
C ALA D 576 -26.44 2.26 -24.89
N GLU D 577 -25.66 1.39 -25.54
CA GLU D 577 -24.28 1.14 -25.13
C GLU D 577 -23.33 1.13 -26.31
N ILE D 578 -22.10 1.62 -26.08
CA ILE D 578 -21.04 1.58 -27.09
C ILE D 578 -19.71 1.16 -26.45
N ASN D 579 -19.73 1.03 -25.12
CA ASN D 579 -18.54 0.66 -24.37
C ASN D 579 -18.89 -0.40 -23.31
N THR D 580 -19.43 -1.52 -23.76
CA THR D 580 -19.92 -2.55 -22.86
C THR D 580 -18.77 -3.37 -22.27
N THR D 581 -17.75 -3.64 -23.08
CA THR D 581 -16.66 -4.51 -22.66
C THR D 581 -15.41 -3.73 -22.25
N GLY D 582 -15.37 -2.45 -22.61
CA GLY D 582 -14.24 -1.61 -22.27
C GLY D 582 -14.46 -0.91 -20.94
N GLU D 583 -13.41 -0.28 -20.43
CA GLU D 583 -13.52 0.48 -19.17
C GLU D 583 -14.33 1.75 -19.40
N GLY D 584 -14.79 2.34 -18.31
CA GLY D 584 -15.62 3.52 -18.40
C GLY D 584 -17.08 3.16 -18.57
N PRO D 585 -17.96 4.17 -18.54
CA PRO D 585 -19.41 3.96 -18.72
C PRO D 585 -19.70 3.21 -20.01
N ASN D 586 -20.85 2.53 -20.06
CA ASN D 586 -21.16 1.65 -21.17
C ASN D 586 -21.66 2.46 -22.35
N ASN D 587 -22.07 3.69 -22.07
CA ASN D 587 -22.60 4.58 -23.10
C ASN D 587 -21.61 5.69 -23.54
N ILE D 588 -20.33 5.54 -23.20
CA ILE D 588 -19.35 6.58 -23.50
C ILE D 588 -18.01 6.01 -23.99
N ILE D 589 -17.54 6.54 -25.11
CA ILE D 589 -16.22 6.19 -25.66
C ILE D 589 -15.33 7.43 -25.67
N VAL D 590 -14.09 7.27 -25.24
CA VAL D 590 -13.13 8.37 -25.22
C VAL D 590 -12.02 8.11 -26.21
N GLY D 591 -11.79 9.08 -27.11
CA GLY D 591 -10.74 8.94 -28.10
C GLY D 591 -10.02 10.25 -28.33
N THR D 592 -9.17 10.29 -29.36
CA THR D 592 -8.38 11.47 -29.66
C THR D 592 -8.47 11.88 -31.12
N ALA D 593 -8.19 13.15 -31.39
CA ALA D 593 -8.07 13.64 -32.76
C ALA D 593 -6.87 14.57 -32.87
N ARG D 594 -5.92 14.20 -33.72
CA ARG D 594 -4.70 14.99 -33.86
C ARG D 594 -4.65 15.65 -35.22
N PHE D 595 -4.09 16.86 -35.27
CA PHE D 595 -4.03 17.61 -36.51
C PHE D 595 -2.62 18.09 -36.81
N ASN D 596 -2.33 18.27 -38.09
CA ASN D 596 -1.03 18.76 -38.53
C ASN D 596 -0.98 20.28 -38.46
N ASN D 597 0.20 20.84 -38.63
CA ASN D 597 0.41 22.28 -38.49
C ASN D 597 -0.35 23.09 -39.54
N ASP D 598 -0.66 22.46 -40.67
CA ASP D 598 -1.41 23.12 -41.72
C ASP D 598 -2.92 23.02 -41.49
N GLY D 599 -3.30 22.31 -40.44
CA GLY D 599 -4.70 22.18 -40.09
C GLY D 599 -5.29 20.90 -40.61
N SER D 600 -4.56 20.22 -41.48
CA SER D 600 -5.05 18.98 -42.06
C SER D 600 -5.11 17.90 -41.00
N LEU D 601 -5.94 16.89 -41.23
CA LEU D 601 -6.07 15.80 -40.28
C LEU D 601 -4.80 14.95 -40.23
N ALA D 602 -4.37 14.63 -39.02
CA ALA D 602 -3.25 13.73 -38.83
C ALA D 602 -3.75 12.33 -38.48
N SER D 603 -4.59 12.25 -37.47
CA SER D 603 -5.13 10.97 -37.02
C SER D 603 -6.31 11.14 -36.07
N TYR D 604 -7.16 10.13 -36.00
CA TYR D 604 -8.20 10.06 -34.98
C TYR D 604 -8.45 8.62 -34.57
N THR D 605 -8.86 8.44 -33.32
CA THR D 605 -9.12 7.12 -32.76
C THR D 605 -10.26 7.26 -31.76
N PRO D 606 -11.14 6.26 -31.67
CA PRO D 606 -11.13 5.03 -32.47
C PRO D 606 -11.69 5.24 -33.88
N ARG D 607 -11.54 4.24 -34.74
CA ARG D 607 -12.00 4.34 -36.12
C ARG D 607 -13.40 3.73 -36.27
N THR D 608 -13.75 2.85 -35.35
CA THR D 608 -15.04 2.18 -35.37
C THR D 608 -15.64 2.14 -33.99
N ILE D 609 -16.96 1.98 -33.91
CA ILE D 609 -17.62 1.76 -32.64
C ILE D 609 -18.46 0.49 -32.70
N ASN D 610 -18.80 -0.05 -31.52
CA ASN D 610 -19.67 -1.21 -31.45
C ASN D 610 -20.98 -0.78 -30.81
N PHE D 611 -22.01 -0.65 -31.62
CA PHE D 611 -23.26 -0.03 -31.16
C PHE D 611 -24.29 -1.06 -30.77
N SER D 612 -24.86 -0.87 -29.58
CA SER D 612 -25.91 -1.72 -29.06
C SER D 612 -27.04 -0.86 -28.53
N PRO D 613 -28.08 -0.65 -29.33
CA PRO D 613 -29.17 0.26 -29.00
C PRO D 613 -30.07 -0.25 -27.88
N ASN D 614 -30.20 -1.57 -27.78
CA ASN D 614 -31.04 -2.22 -26.78
C ASN D 614 -32.46 -1.63 -26.73
N ASN D 615 -33.06 -1.48 -27.92
CA ASN D 615 -34.43 -1.04 -28.05
C ASN D 615 -35.17 -2.02 -28.94
N GLY D 616 -34.55 -3.18 -29.13
CA GLY D 616 -35.09 -4.22 -29.98
C GLY D 616 -34.16 -4.57 -31.11
N ALA D 617 -33.48 -3.55 -31.64
CA ALA D 617 -32.58 -3.75 -32.78
C ALA D 617 -31.39 -4.62 -32.39
N ALA D 618 -30.68 -5.11 -33.39
CA ALA D 618 -29.54 -5.98 -33.14
C ALA D 618 -28.40 -5.22 -32.46
N PRO D 619 -27.75 -5.87 -31.48
CA PRO D 619 -26.57 -5.29 -30.83
C PRO D 619 -25.33 -5.50 -31.69
N ASN D 620 -24.20 -4.96 -31.25
CA ASN D 620 -22.93 -5.11 -31.97
C ASN D 620 -22.96 -4.64 -33.41
N GLN D 621 -23.67 -3.54 -33.67
CA GLN D 621 -23.66 -2.90 -34.98
C GLN D 621 -22.35 -2.17 -35.19
N GLN D 622 -21.45 -2.76 -35.97
CA GLN D 622 -20.15 -2.14 -36.21
C GLN D 622 -20.35 -0.90 -37.08
N ILE D 623 -19.97 0.26 -36.56
CA ILE D 623 -20.12 1.50 -37.31
C ILE D 623 -18.77 2.15 -37.57
N LYS D 624 -18.50 2.41 -38.85
CA LYS D 624 -17.25 3.00 -39.27
C LYS D 624 -17.30 4.51 -39.06
N LEU D 625 -16.24 5.06 -38.50
CA LEU D 625 -16.14 6.50 -38.32
C LEU D 625 -15.31 7.08 -39.46
N SER D 626 -15.96 7.82 -40.35
CA SER D 626 -15.26 8.43 -41.47
C SER D 626 -15.10 9.91 -41.22
N PHE D 627 -14.04 10.27 -40.51
CA PHE D 627 -13.85 11.64 -40.07
C PHE D 627 -12.73 12.30 -40.88
N GLY D 628 -12.37 11.67 -41.99
CA GLY D 628 -11.35 12.20 -42.87
C GLY D 628 -10.18 11.26 -43.01
N THR D 629 -9.33 11.51 -43.99
CA THR D 629 -8.10 10.74 -44.15
C THR D 629 -6.90 11.59 -43.76
N SER D 630 -5.82 10.93 -43.35
CA SER D 630 -4.64 11.62 -42.82
C SER D 630 -3.96 12.53 -43.84
N GLY D 631 -3.71 13.78 -43.45
CA GLY D 631 -2.99 14.70 -44.30
C GLY D 631 -3.88 15.61 -45.12
N SER D 632 -5.19 15.37 -45.06
CA SER D 632 -6.13 16.07 -45.93
C SER D 632 -7.07 17.03 -45.20
N ASN D 633 -7.98 17.63 -45.94
CA ASN D 633 -8.96 18.56 -45.39
C ASN D 633 -10.39 18.14 -45.72
N ASP D 634 -10.57 16.86 -46.03
CA ASP D 634 -11.84 16.35 -46.55
C ASP D 634 -12.90 16.06 -45.48
N GLY D 635 -12.47 15.83 -44.26
CA GLY D 635 -13.39 15.55 -43.17
C GLY D 635 -13.26 16.54 -42.03
N LEU D 636 -12.55 16.13 -40.99
CA LEU D 636 -12.29 17.00 -39.84
C LEU D 636 -11.06 17.85 -40.13
N VAL D 637 -11.16 19.14 -39.84
CA VAL D 637 -10.02 20.03 -39.95
C VAL D 637 -9.91 20.87 -38.69
N SER D 638 -8.71 21.38 -38.42
CA SER D 638 -8.49 22.26 -37.30
C SER D 638 -7.82 23.51 -37.82
N SER D 639 -8.59 24.58 -37.96
CA SER D 639 -8.08 25.82 -38.52
C SER D 639 -8.50 27.01 -37.69
N ASN D 640 -7.96 28.18 -38.04
CA ASN D 640 -8.20 29.39 -37.28
C ASN D 640 -9.53 30.03 -37.66
N SER D 641 -10.63 29.34 -37.34
CA SER D 641 -11.95 29.92 -37.52
C SER D 641 -12.94 29.23 -36.59
N ALA D 642 -14.10 29.86 -36.40
CA ALA D 642 -15.11 29.37 -35.47
C ALA D 642 -15.36 27.87 -35.67
N SER D 643 -15.43 27.13 -34.58
CA SER D 643 -15.76 25.71 -34.67
C SER D 643 -17.16 25.56 -35.20
N THR D 644 -17.33 24.74 -36.23
CA THR D 644 -18.63 24.61 -36.87
C THR D 644 -18.78 23.29 -37.60
N LEU D 645 -20.03 22.86 -37.74
CA LEU D 645 -20.34 21.65 -38.47
C LEU D 645 -20.68 22.02 -39.89
N THR D 646 -19.95 21.45 -40.84
CA THR D 646 -20.15 21.75 -42.25
C THR D 646 -21.23 20.84 -42.82
N GLY D 647 -21.13 19.57 -42.48
CA GLY D 647 -22.11 18.59 -42.88
C GLY D 647 -21.78 17.25 -42.28
N GLN D 648 -22.74 16.35 -42.33
CA GLN D 648 -22.53 14.99 -41.85
C GLN D 648 -23.21 14.03 -42.82
N ALA D 649 -22.87 12.77 -42.73
CA ALA D 649 -23.43 11.77 -43.62
C ALA D 649 -23.37 10.39 -43.02
N THR D 650 -24.29 9.54 -43.44
CA THR D 650 -24.29 8.14 -43.07
C THR D 650 -24.85 7.33 -44.24
N ASP D 651 -24.45 6.07 -44.32
CA ASP D 651 -24.90 5.23 -45.43
C ASP D 651 -26.14 4.45 -45.02
N GLY D 652 -26.60 4.69 -43.80
CA GLY D 652 -27.79 4.06 -43.28
C GLY D 652 -29.00 4.92 -43.50
N TYR D 653 -30.18 4.30 -43.44
CA TYR D 653 -31.43 5.03 -43.62
C TYR D 653 -32.64 4.30 -43.05
N THR D 654 -33.68 5.04 -42.73
CA THR D 654 -34.91 4.46 -42.23
C THR D 654 -35.71 3.90 -43.40
N SER D 655 -36.80 3.20 -43.10
CA SER D 655 -37.66 2.67 -44.13
C SER D 655 -38.33 3.83 -44.84
N GLY D 656 -38.64 3.65 -46.12
CA GLY D 656 -39.21 4.72 -46.90
C GLY D 656 -39.97 4.23 -48.11
N ASN D 657 -40.76 5.11 -48.69
CA ASN D 657 -41.49 4.81 -49.91
C ASN D 657 -41.19 5.82 -51.01
N LEU D 658 -41.37 5.39 -52.25
CA LEU D 658 -41.22 6.27 -53.41
C LEU D 658 -42.34 7.28 -53.55
N LYS D 659 -41.95 8.55 -53.63
CA LYS D 659 -42.90 9.63 -53.92
C LYS D 659 -42.99 9.80 -55.43
N PRO D 660 -44.20 9.64 -55.97
CA PRO D 660 -44.51 9.59 -57.40
C PRO D 660 -44.01 10.80 -58.19
N ASP D 661 -44.20 12.00 -57.66
CA ASP D 661 -43.88 13.23 -58.39
C ASP D 661 -42.41 13.69 -58.33
N ALA D 662 -41.52 12.88 -57.72
CA ALA D 662 -40.14 13.33 -57.53
C ALA D 662 -39.09 12.66 -58.43
N ILE D 663 -39.53 11.87 -59.41
CA ILE D 663 -38.61 11.19 -60.31
C ILE D 663 -37.97 12.18 -61.28
N ARG D 664 -36.69 11.95 -61.61
CA ARG D 664 -36.02 12.71 -62.65
C ARG D 664 -34.90 11.85 -63.23
N VAL D 665 -34.25 12.39 -64.27
CA VAL D 665 -33.14 11.70 -64.92
C VAL D 665 -31.98 12.68 -65.04
N ASP D 666 -30.77 12.21 -64.77
CA ASP D 666 -29.62 13.09 -64.84
C ASP D 666 -29.15 13.21 -66.29
N ASP D 667 -28.18 14.08 -66.53
CA ASP D 667 -27.70 14.29 -67.89
C ASP D 667 -26.85 13.12 -68.33
N LYS D 668 -26.46 12.29 -67.37
CA LYS D 668 -25.65 11.12 -67.67
C LYS D 668 -26.52 9.87 -67.80
N GLY D 669 -27.83 10.07 -67.90
CA GLY D 669 -28.75 8.99 -68.21
C GLY D 669 -29.28 8.07 -67.13
N ASN D 670 -28.98 8.37 -65.87
CA ASN D 670 -29.47 7.54 -64.77
C ASN D 670 -30.85 8.04 -64.29
N ILE D 671 -31.82 7.14 -64.16
CA ILE D 671 -33.11 7.53 -63.59
C ILE D 671 -33.04 7.56 -62.07
N LEU D 672 -33.18 8.76 -61.52
CA LEU D 672 -33.01 9.00 -60.09
C LEU D 672 -34.33 8.89 -59.31
N GLY D 673 -34.41 7.93 -58.40
CA GLY D 673 -35.60 7.76 -57.59
C GLY D 673 -35.43 8.32 -56.18
N GLU D 674 -36.20 9.37 -55.88
CA GLU D 674 -36.20 9.98 -54.54
C GLU D 674 -37.26 9.35 -53.63
N PHE D 675 -36.89 9.08 -52.39
CA PHE D 675 -37.79 8.43 -51.44
C PHE D 675 -38.16 9.33 -50.26
N THR D 676 -39.13 8.89 -49.48
CA THR D 676 -39.59 9.62 -48.30
C THR D 676 -38.57 9.52 -47.16
N ASN D 677 -37.65 8.55 -47.25
CA ASN D 677 -36.63 8.39 -46.22
C ASN D 677 -35.47 9.35 -46.43
N GLY D 678 -35.57 10.13 -47.50
CA GLY D 678 -34.56 11.12 -47.83
C GLY D 678 -33.51 10.61 -48.79
N LYS D 679 -33.38 9.29 -48.90
CA LYS D 679 -32.40 8.70 -49.82
C LYS D 679 -32.87 8.74 -51.27
N THR D 680 -31.91 8.77 -52.19
CA THR D 680 -32.19 8.77 -53.62
C THR D 680 -31.36 7.71 -54.35
N PHE D 681 -32.03 6.79 -55.02
CA PHE D 681 -31.37 5.72 -55.74
C PHE D 681 -31.54 5.84 -57.24
N ALA D 682 -30.56 5.35 -58.00
CA ALA D 682 -30.69 5.22 -59.44
C ALA D 682 -31.42 3.92 -59.75
N VAL D 683 -32.72 4.02 -60.03
CA VAL D 683 -33.54 2.85 -60.28
C VAL D 683 -33.38 2.31 -61.71
N ALA D 684 -32.91 3.15 -62.62
CA ALA D 684 -32.74 2.73 -64.01
C ALA D 684 -31.73 3.56 -64.79
N LYS D 685 -31.12 2.91 -65.77
CA LYS D 685 -30.19 3.57 -66.69
C LYS D 685 -30.72 3.55 -68.13
N ILE D 686 -30.94 4.72 -68.70
CA ILE D 686 -31.44 4.80 -70.07
C ILE D 686 -30.38 4.31 -71.06
N ALA D 687 -30.73 3.28 -71.83
CA ALA D 687 -29.82 2.72 -72.82
C ALA D 687 -29.73 3.61 -74.07
N MET D 688 -28.51 3.97 -74.44
CA MET D 688 -28.30 4.72 -75.68
C MET D 688 -27.47 3.90 -76.66
N ALA D 689 -28.03 3.60 -77.82
CA ALA D 689 -27.36 2.73 -78.78
C ALA D 689 -27.29 3.34 -80.19
N SER D 690 -26.12 3.28 -80.84
CA SER D 690 -25.96 4.00 -82.10
C SER D 690 -25.61 3.12 -83.30
N VAL D 691 -25.70 3.70 -84.51
CA VAL D 691 -25.30 3.02 -85.74
C VAL D 691 -24.31 3.84 -86.61
N ALA D 692 -24.62 3.98 -87.91
CA ALA D 692 -23.74 4.67 -88.87
C ALA D 692 -24.53 5.20 -90.08
N ASN D 693 -24.00 6.26 -90.72
CA ASN D 693 -24.60 6.96 -91.89
C ASN D 693 -25.77 7.87 -91.48
N ASN D 694 -25.88 9.05 -92.08
CA ASN D 694 -26.84 10.08 -91.63
C ASN D 694 -28.33 9.76 -91.42
N SER D 695 -29.17 10.29 -92.31
CA SER D 695 -30.63 10.34 -92.10
C SER D 695 -31.61 9.33 -92.74
N GLY D 696 -31.18 8.47 -93.65
CA GLY D 696 -32.14 7.60 -94.34
C GLY D 696 -32.97 6.78 -93.39
N LEU D 697 -34.17 7.28 -93.10
CA LEU D 697 -35.02 6.67 -92.09
C LEU D 697 -36.50 7.11 -92.16
N GLU D 698 -37.41 6.28 -91.67
CA GLU D 698 -38.86 6.51 -91.85
C GLU D 698 -39.64 6.98 -90.60
N GLU D 699 -40.46 8.00 -90.76
CA GLU D 699 -41.31 8.48 -89.67
C GLU D 699 -42.50 7.53 -89.50
N ILE D 700 -42.53 6.80 -88.39
CA ILE D 700 -43.67 5.92 -88.12
C ILE D 700 -44.45 6.41 -86.88
N GLY D 701 -43.90 6.19 -85.70
CA GLY D 701 -44.50 6.68 -84.47
C GLY D 701 -44.09 8.12 -84.25
N GLY D 702 -44.37 8.66 -83.06
CA GLY D 702 -43.97 10.01 -82.74
C GLY D 702 -42.46 10.14 -82.69
N ASN D 703 -41.88 10.55 -83.82
CA ASN D 703 -40.43 10.62 -83.99
C ASN D 703 -39.80 9.24 -83.87
N LEU D 704 -40.58 8.19 -84.11
CA LEU D 704 -40.06 6.83 -84.04
C LEU D 704 -39.39 6.45 -85.35
N PHE D 705 -38.28 5.75 -85.21
CA PHE D 705 -37.43 5.35 -86.34
C PHE D 705 -37.00 3.87 -86.28
N LYS D 706 -36.90 3.24 -87.44
CA LYS D 706 -36.57 1.81 -87.55
C LYS D 706 -35.19 1.53 -88.13
N VAL D 707 -34.55 0.45 -87.69
CA VAL D 707 -33.26 0.12 -88.26
C VAL D 707 -33.41 -0.49 -89.66
N THR D 708 -32.40 -0.27 -90.49
CA THR D 708 -32.35 -0.89 -91.82
C THR D 708 -31.05 -1.68 -91.97
N ALA D 709 -30.75 -2.08 -93.20
CA ALA D 709 -29.45 -2.66 -93.50
C ALA D 709 -28.48 -1.53 -93.84
N ASN D 710 -29.03 -0.43 -94.36
CA ASN D 710 -28.24 0.75 -94.68
C ASN D 710 -27.87 1.47 -93.39
N SER D 711 -28.63 1.19 -92.34
CA SER D 711 -28.37 1.80 -91.04
C SER D 711 -27.18 1.12 -90.38
N GLY D 712 -27.04 -0.17 -90.62
CA GLY D 712 -25.97 -0.93 -90.01
C GLY D 712 -26.42 -1.50 -88.68
N ASN D 713 -25.63 -2.43 -88.13
CA ASN D 713 -25.96 -3.03 -86.85
C ASN D 713 -25.79 -2.02 -85.71
N ILE D 714 -26.44 -2.29 -84.58
CA ILE D 714 -26.51 -1.33 -83.48
C ILE D 714 -25.39 -1.48 -82.43
N VAL D 715 -24.67 -0.38 -82.18
CA VAL D 715 -23.69 -0.30 -81.08
C VAL D 715 -24.22 0.60 -79.95
N VAL D 716 -24.12 0.13 -78.71
CA VAL D 716 -24.66 0.86 -77.55
C VAL D 716 -23.59 1.63 -76.78
N GLY D 717 -23.94 2.82 -76.29
CA GLY D 717 -23.02 3.65 -75.54
C GLY D 717 -23.66 4.35 -74.35
N GLU D 718 -22.93 5.26 -73.71
CA GLU D 718 -23.41 5.91 -72.49
C GLU D 718 -23.53 7.44 -72.55
N ALA D 719 -24.62 7.97 -72.01
CA ALA D 719 -24.94 9.39 -72.01
C ALA D 719 -23.88 10.24 -71.30
N GLY D 720 -23.57 11.41 -71.87
CA GLY D 720 -22.58 12.29 -71.29
C GLY D 720 -21.25 12.21 -72.02
N THR D 721 -21.14 11.23 -72.90
CA THR D 721 -19.94 11.03 -73.72
C THR D 721 -20.24 11.29 -75.19
N GLY D 722 -19.37 12.05 -75.85
CA GLY D 722 -19.59 12.42 -77.24
C GLY D 722 -20.10 13.85 -77.42
N GLY D 723 -21.32 14.09 -76.98
CA GLY D 723 -21.92 15.42 -77.07
C GLY D 723 -23.38 15.25 -76.71
N ARG D 724 -23.67 15.22 -75.42
CA ARG D 724 -25.02 14.87 -74.98
C ARG D 724 -25.52 15.79 -73.88
N GLY D 725 -26.07 15.21 -72.80
CA GLY D 725 -26.62 16.01 -71.74
C GLY D 725 -28.14 15.95 -71.82
N GLU D 726 -28.84 16.40 -70.79
CA GLU D 726 -30.30 16.34 -70.78
C GLU D 726 -30.90 17.66 -70.32
N MET D 727 -32.19 17.88 -70.60
CA MET D 727 -32.89 19.08 -70.14
C MET D 727 -34.31 18.73 -69.72
N LYS D 728 -34.92 19.63 -68.95
CA LYS D 728 -36.34 19.56 -68.58
C LYS D 728 -36.69 18.29 -67.79
N THR D 729 -37.97 18.13 -67.44
CA THR D 729 -38.41 17.04 -66.58
C THR D 729 -39.74 16.45 -67.06
#